data_7P09
#
_entry.id   7P09
#
_cell.length_a   1.00
_cell.length_b   1.00
_cell.length_c   1.00
_cell.angle_alpha   90.00
_cell.angle_beta   90.00
_cell.angle_gamma   90.00
#
_symmetry.space_group_name_H-M   'P 1'
#
loop_
_entity.id
_entity.type
_entity.pdbx_description
1 polymer 'Lon protease homolog, mitochondrial'
2 polymer 'Unknown peptide from human mitochondrial transcription factor A (TFAM)'
3 non-polymer "ADENOSINE-5'-TRIPHOSPHATE"
4 non-polymer 'MAGNESIUM ION'
5 non-polymer "ADENOSINE-5'-DIPHOSPHATE"
#
loop_
_entity_poly.entity_id
_entity_poly.type
_entity_poly.pdbx_seq_one_letter_code
_entity_poly.pdbx_strand_id
1 'polypeptide(L)'
;SMGFWEASSRGGGAFSGGEDASEGGAEEGAGGAGGSAGAGEGPVITALTPMTIPDVFPHLPLIAITRNPVFPRFIKIIEV
KNKKLVELLRRKVRLAQPYVGVFLKRDDSNESDVVESLDEIYHTGTFAQIHEMQDLGDKLRMIVMGHRRVHISRQLEVEP
EEPEAENKHKPRRKSKRGKKEAEDELSARHPAELAMEPTPELPAEVLMVEVENVVHEDFQVTEEVKALTAEIVKTIRDII
ALNPLYRESVLQMMQAGQRVVDNPIYLSDMGAALTGAESHELQDVLEETNIPKRLYKALSLLKKEFELSKLQQRLGREVE
EKIKQTHRKYLLQEQLKIIKKELGLEKDDKDAIEEKFRERLKELVVPKHVMDVVDEELSKLGLLDNHSSEFNVTRNYLDW
LTSIPWGKYSNENLDLARAQAVLEEDHYGMEDVKKRILEFIAVSQLRGSTQGKILCFYGPPGVGKTSIARSIARALNREY
FRFSVGGMTDVAEIKGHRRTYVGAMPGKIIQCLKKTKTENPLILIDEVDKIGRGYQGDPSSALLELLDPEQNANFLDHYL
DVPVDLSKVLFICTANVTDTIPEPLRDRMEMINVSGYVAQEKLAIAERYLVPQARALCGLDESKAKLSSDVLTLLIKQYC
RESGVRNLQKQVEKVLRKSAYKIVSGEAESVEVTPENLQDFVGKPVFTVERMYDVTPPGVVMGLAWTAMGGSTLFVETSL
RRPQDKDAKGDKDGSLEVTGQLGEVMKESARIAYTFARAFLMQHAPANDYLVTSHIHLHVPEGATPKDGPSAGCTIVTAL
LSLAMGRPVRQNLAMTGEVSLTGKILPVGGIKEKTIAAKRAGVTCIVLPAENKKDFYDLAAFITEGLEVHFVEHYREIFD
IAFPD
;
A,B,C,D,E,F
2 'polypeptide(L)' (UNK)(UNK)(UNK)(UNK)(UNK)(UNK)(UNK)(UNK)(UNK)(UNK)(UNK) G
#
loop_
_chem_comp.id
_chem_comp.type
_chem_comp.name
_chem_comp.formula
ADP non-polymer ADENOSINE-5'-DIPHOSPHATE 'C10 H15 N5 O10 P2'
ATP non-polymer ADENOSINE-5'-TRIPHOSPHATE 'C10 H16 N5 O13 P3'
MG non-polymer 'MAGNESIUM ION' 'Mg 2'
#
# COMPACT_ATOMS: atom_id res chain seq x y z
N GLU A 346 -53.26 42.31 -22.09
CA GLU A 346 -52.99 41.70 -20.80
C GLU A 346 -53.06 42.73 -19.68
N LYS A 347 -53.27 42.26 -18.44
CA LYS A 347 -53.36 43.14 -17.29
C LYS A 347 -51.97 43.44 -16.75
N ASP A 348 -51.90 44.05 -15.57
CA ASP A 348 -50.61 44.32 -14.94
C ASP A 348 -49.94 43.02 -14.52
N ASP A 349 -48.69 42.83 -14.95
CA ASP A 349 -47.99 41.58 -14.68
C ASP A 349 -47.74 41.40 -13.18
N LYS A 350 -47.33 42.47 -12.49
CA LYS A 350 -47.02 42.35 -11.07
C LYS A 350 -48.25 41.95 -10.26
N ASP A 351 -49.41 42.56 -10.55
CA ASP A 351 -50.62 42.23 -9.81
C ASP A 351 -51.03 40.79 -10.01
N ALA A 352 -50.97 40.31 -11.25
CA ALA A 352 -51.30 38.91 -11.53
C ALA A 352 -50.28 37.97 -10.90
N ILE A 353 -49.00 38.31 -10.98
CA ILE A 353 -47.95 37.46 -10.40
C ILE A 353 -48.10 37.42 -8.88
N GLU A 354 -48.30 38.58 -8.26
CA GLU A 354 -48.41 38.62 -6.80
C GLU A 354 -49.65 37.87 -6.31
N GLU A 355 -50.78 38.07 -6.97
CA GLU A 355 -52.02 37.44 -6.53
C GLU A 355 -51.96 35.92 -6.70
N LYS A 356 -51.41 35.45 -7.81
CA LYS A 356 -51.37 34.01 -8.05
C LYS A 356 -50.42 33.33 -7.07
N PHE A 357 -49.32 33.99 -6.71
CA PHE A 357 -48.42 33.42 -5.70
C PHE A 357 -49.06 33.40 -4.32
N ARG A 358 -49.88 34.39 -3.99
CA ARG A 358 -50.60 34.38 -2.72
C ARG A 358 -51.64 33.26 -2.68
N GLU A 359 -52.21 32.90 -3.83
CA GLU A 359 -53.19 31.83 -3.87
C GLU A 359 -52.60 30.50 -3.42
N ARG A 360 -51.36 30.23 -3.82
CA ARG A 360 -50.71 28.97 -3.43
C ARG A 360 -50.38 28.95 -1.95
N LEU A 361 -50.08 30.12 -1.36
CA LEU A 361 -49.68 30.18 0.04
C LEU A 361 -50.83 30.01 1.01
N LYS A 362 -52.07 30.22 0.56
CA LYS A 362 -53.22 30.10 1.47
C LYS A 362 -53.39 28.68 1.97
N GLU A 363 -53.22 27.69 1.09
CA GLU A 363 -53.45 26.30 1.49
C GLU A 363 -52.35 25.80 2.43
N LEU A 364 -51.14 26.33 2.30
CA LEU A 364 -50.01 25.85 3.08
C LEU A 364 -49.99 26.51 4.47
N VAL A 365 -49.24 25.89 5.37
CA VAL A 365 -48.99 26.45 6.70
C VAL A 365 -47.61 27.08 6.62
N VAL A 366 -47.57 28.35 6.24
CA VAL A 366 -46.29 29.03 5.98
C VAL A 366 -45.65 29.42 7.31
N PRO A 367 -44.39 29.03 7.55
CA PRO A 367 -43.70 29.51 8.75
C PRO A 367 -43.51 31.01 8.70
N LYS A 368 -43.42 31.62 9.90
CA LYS A 368 -43.33 33.07 9.99
C LYS A 368 -42.09 33.62 9.29
N HIS A 369 -40.95 32.97 9.48
CA HIS A 369 -39.72 33.44 8.82
C HIS A 369 -39.81 33.24 7.32
N VAL A 370 -40.42 32.15 6.87
CA VAL A 370 -40.61 31.94 5.44
C VAL A 370 -41.55 32.99 4.86
N MET A 371 -42.63 33.30 5.60
CA MET A 371 -43.58 34.30 5.13
C MET A 371 -42.93 35.67 5.01
N ASP A 372 -42.05 36.02 5.94
CA ASP A 372 -41.35 37.30 5.86
C ASP A 372 -40.45 37.34 4.63
N VAL A 373 -39.76 36.24 4.33
CA VAL A 373 -38.90 36.20 3.16
C VAL A 373 -39.70 36.36 1.88
N VAL A 374 -40.86 35.70 1.80
CA VAL A 374 -41.73 35.85 0.64
C VAL A 374 -42.24 37.28 0.53
N ASP A 375 -42.63 37.87 1.67
CA ASP A 375 -43.19 39.23 1.65
C ASP A 375 -42.15 40.24 1.18
N GLU A 376 -40.92 40.13 1.67
CA GLU A 376 -39.90 41.12 1.33
C GLU A 376 -39.47 41.02 -0.12
N GLU A 377 -39.43 39.81 -0.68
CA GLU A 377 -39.04 39.65 -2.08
C GLU A 377 -40.17 40.04 -3.02
N LEU A 378 -41.42 39.93 -2.59
CA LEU A 378 -42.53 40.44 -3.39
C LEU A 378 -42.52 41.96 -3.44
N SER A 379 -42.03 42.60 -2.38
CA SER A 379 -41.93 44.06 -2.38
C SER A 379 -40.94 44.54 -3.44
N LYS A 380 -39.79 43.86 -3.55
CA LYS A 380 -38.82 44.22 -4.57
C LYS A 380 -39.21 43.75 -5.95
N LEU A 381 -40.14 42.79 -6.05
CA LEU A 381 -40.61 42.35 -7.36
C LEU A 381 -41.37 43.46 -8.08
N GLY A 382 -42.18 44.22 -7.34
CA GLY A 382 -42.95 45.29 -7.95
C GLY A 382 -42.08 46.41 -8.50
N LEU A 383 -41.05 46.79 -7.76
CA LEU A 383 -40.20 47.92 -8.18
C LEU A 383 -39.32 47.56 -9.36
N LEU A 384 -39.01 46.27 -9.55
CA LEU A 384 -38.17 45.86 -10.67
C LEU A 384 -38.92 45.97 -11.98
N ASP A 385 -38.18 46.12 -13.07
CA ASP A 385 -38.77 46.24 -14.39
C ASP A 385 -39.33 44.90 -14.85
N ASN A 386 -40.17 44.96 -15.89
CA ASN A 386 -40.79 43.75 -16.41
C ASN A 386 -39.77 42.84 -17.08
N HIS A 387 -38.93 43.40 -17.94
CA HIS A 387 -37.96 42.62 -18.71
C HIS A 387 -36.59 42.54 -18.04
N SER A 388 -36.44 43.10 -16.84
CA SER A 388 -35.15 43.08 -16.17
C SER A 388 -34.74 41.66 -15.81
N SER A 389 -33.42 41.42 -15.87
CA SER A 389 -32.90 40.10 -15.53
C SER A 389 -33.17 39.75 -14.07
N GLU A 390 -33.02 40.72 -13.17
CA GLU A 390 -33.28 40.47 -11.76
C GLU A 390 -34.73 40.10 -11.51
N PHE A 391 -35.65 40.60 -12.33
CA PHE A 391 -37.06 40.25 -12.18
C PHE A 391 -37.28 38.76 -12.44
N ASN A 392 -36.63 38.21 -13.46
CA ASN A 392 -36.77 36.79 -13.75
C ASN A 392 -36.08 35.93 -12.71
N VAL A 393 -34.97 36.42 -12.15
CA VAL A 393 -34.25 35.65 -11.14
C VAL A 393 -35.11 35.47 -9.88
N THR A 394 -35.72 36.58 -9.42
CA THR A 394 -36.55 36.51 -8.23
C THR A 394 -37.91 35.88 -8.49
N ARG A 395 -38.39 35.90 -9.74
CA ARG A 395 -39.66 35.23 -10.05
C ARG A 395 -39.55 33.72 -9.85
N ASN A 396 -38.45 33.13 -10.31
CA ASN A 396 -38.21 31.71 -10.07
C ASN A 396 -38.05 31.43 -8.58
N TYR A 397 -37.42 32.34 -7.85
CA TYR A 397 -37.29 32.18 -6.41
C TYR A 397 -38.65 32.19 -5.73
N LEU A 398 -39.56 33.06 -6.20
CA LEU A 398 -40.94 33.04 -5.70
C LEU A 398 -41.61 31.72 -6.01
N ASP A 399 -41.44 31.21 -7.23
CA ASP A 399 -42.12 29.98 -7.63
C ASP A 399 -41.64 28.79 -6.80
N TRP A 400 -40.33 28.69 -6.57
CA TRP A 400 -39.80 27.56 -5.81
C TRP A 400 -40.29 27.59 -4.36
N LEU A 401 -40.31 28.77 -3.75
CA LEU A 401 -40.73 28.87 -2.35
C LEU A 401 -42.21 28.49 -2.19
N THR A 402 -43.06 28.96 -3.08
CA THR A 402 -44.48 28.63 -2.98
C THR A 402 -44.74 27.18 -3.32
N SER A 403 -43.90 26.58 -4.17
CA SER A 403 -44.11 25.19 -4.57
C SER A 403 -43.84 24.24 -3.42
N ILE A 404 -43.00 24.64 -2.47
CA ILE A 404 -42.68 23.75 -1.34
C ILE A 404 -43.93 23.51 -0.50
N PRO A 405 -44.28 22.27 -0.18
CA PRO A 405 -45.43 22.03 0.70
C PRO A 405 -45.10 22.39 2.14
N TRP A 406 -45.70 23.48 2.64
CA TRP A 406 -45.45 23.95 3.99
C TRP A 406 -46.56 23.46 4.91
N GLY A 407 -46.19 22.63 5.87
CA GLY A 407 -47.17 22.08 6.80
C GLY A 407 -48.21 21.20 6.15
N LYS A 408 -47.79 20.44 5.13
CA LYS A 408 -48.68 19.52 4.41
C LYS A 408 -48.14 18.11 4.56
N TYR A 409 -48.97 17.20 5.06
CA TYR A 409 -48.57 15.82 5.29
C TYR A 409 -49.57 14.88 4.65
N SER A 410 -49.07 13.73 4.21
CA SER A 410 -49.93 12.72 3.59
C SER A 410 -50.80 12.04 4.65
N ASN A 411 -51.95 11.54 4.20
CA ASN A 411 -52.84 10.78 5.06
C ASN A 411 -52.33 9.35 5.13
N GLU A 412 -51.42 9.11 6.09
CA GLU A 412 -50.82 7.80 6.21
C GLU A 412 -51.84 6.76 6.67
N ASN A 413 -51.61 5.52 6.27
CA ASN A 413 -52.49 4.40 6.62
C ASN A 413 -52.03 3.82 7.95
N LEU A 414 -52.66 4.25 9.03
CA LEU A 414 -52.35 3.74 10.37
C LEU A 414 -53.27 2.57 10.72
N ASP A 415 -53.21 1.54 9.87
CA ASP A 415 -54.02 0.34 10.03
C ASP A 415 -53.10 -0.87 9.96
N LEU A 416 -52.90 -1.54 11.10
CA LEU A 416 -51.96 -2.66 11.14
C LEU A 416 -52.45 -3.82 10.27
N ALA A 417 -53.76 -4.08 10.27
CA ALA A 417 -54.29 -5.16 9.45
C ALA A 417 -54.11 -4.87 7.96
N ARG A 418 -54.38 -3.64 7.53
CA ARG A 418 -54.23 -3.29 6.13
C ARG A 418 -52.75 -3.22 5.73
N ALA A 419 -51.90 -2.72 6.63
CA ALA A 419 -50.48 -2.62 6.32
C ALA A 419 -49.86 -3.99 6.08
N GLN A 420 -50.28 -5.00 6.84
CA GLN A 420 -49.78 -6.35 6.62
C GLN A 420 -50.16 -6.87 5.25
N ALA A 421 -51.40 -6.63 4.82
CA ALA A 421 -51.87 -7.17 3.55
C ALA A 421 -51.06 -6.62 2.39
N VAL A 422 -50.72 -5.33 2.43
CA VAL A 422 -49.91 -4.73 1.36
C VAL A 422 -48.52 -5.35 1.34
N LEU A 423 -47.93 -5.56 2.52
CA LEU A 423 -46.55 -6.06 2.57
C LEU A 423 -46.43 -7.48 2.06
N GLU A 424 -47.36 -8.36 2.44
CA GLU A 424 -47.24 -9.77 2.08
C GLU A 424 -47.50 -9.99 0.59
N GLU A 425 -48.37 -9.21 -0.03
CA GLU A 425 -48.66 -9.43 -1.44
C GLU A 425 -47.49 -9.03 -2.34
N ASP A 426 -46.75 -7.98 -1.96
CA ASP A 426 -45.64 -7.53 -2.80
C ASP A 426 -44.43 -8.45 -2.69
N HIS A 427 -44.09 -8.91 -1.48
CA HIS A 427 -42.87 -9.65 -1.25
C HIS A 427 -43.14 -10.83 -0.34
N TYR A 428 -42.27 -11.83 -0.42
CA TYR A 428 -42.33 -13.03 0.41
C TYR A 428 -41.20 -13.00 1.41
N GLY A 429 -41.47 -13.52 2.61
CA GLY A 429 -40.44 -13.53 3.64
C GLY A 429 -40.13 -12.12 4.12
N MET A 430 -38.85 -11.88 4.42
CA MET A 430 -38.37 -10.60 4.94
C MET A 430 -39.14 -10.21 6.20
N GLU A 431 -39.23 -11.16 7.14
CA GLU A 431 -39.98 -10.93 8.37
C GLU A 431 -39.34 -9.83 9.21
N ASP A 432 -38.01 -9.78 9.24
CA ASP A 432 -37.33 -8.77 10.05
C ASP A 432 -37.64 -7.36 9.55
N VAL A 433 -37.67 -7.17 8.23
CA VAL A 433 -38.01 -5.86 7.69
C VAL A 433 -39.48 -5.55 7.90
N LYS A 434 -40.35 -6.53 7.66
CA LYS A 434 -41.79 -6.31 7.81
C LYS A 434 -42.16 -6.04 9.26
N LYS A 435 -41.57 -6.80 10.19
CA LYS A 435 -41.87 -6.58 11.61
C LYS A 435 -41.42 -5.21 12.07
N ARG A 436 -40.25 -4.75 11.60
CA ARG A 436 -39.79 -3.42 11.95
C ARG A 436 -40.73 -2.35 11.39
N ILE A 437 -41.26 -2.55 10.18
CA ILE A 437 -42.18 -1.59 9.60
C ILE A 437 -43.48 -1.56 10.40
N LEU A 438 -44.01 -2.74 10.77
CA LEU A 438 -45.24 -2.77 11.55
C LEU A 438 -45.06 -2.11 12.91
N GLU A 439 -43.92 -2.35 13.55
CA GLU A 439 -43.65 -1.71 14.84
C GLU A 439 -43.51 -0.19 14.68
N PHE A 440 -43.01 0.26 13.53
CA PHE A 440 -42.95 1.69 13.26
C PHE A 440 -44.35 2.29 13.18
N ILE A 441 -45.29 1.56 12.59
CA ILE A 441 -46.66 2.04 12.48
C ILE A 441 -47.31 2.12 13.86
N ALA A 442 -47.09 1.10 14.70
CA ALA A 442 -47.70 1.08 16.03
C ALA A 442 -47.20 2.22 16.89
N VAL A 443 -45.91 2.54 16.80
CA VAL A 443 -45.36 3.64 17.58
C VAL A 443 -46.02 4.96 17.17
N SER A 444 -46.23 5.16 15.87
CA SER A 444 -46.88 6.38 15.41
C SER A 444 -48.30 6.51 15.94
N GLN A 445 -49.00 5.39 16.12
CA GLN A 445 -50.34 5.44 16.69
C GLN A 445 -50.32 5.91 18.14
N LEU A 446 -49.45 5.30 18.96
CA LEU A 446 -49.41 5.64 20.38
C LEU A 446 -48.89 7.06 20.59
N ARG A 447 -47.88 7.47 19.81
CA ARG A 447 -47.42 8.85 19.88
C ARG A 447 -48.52 9.80 19.42
N GLY A 448 -49.41 9.35 18.55
CA GLY A 448 -50.53 10.15 18.09
C GLY A 448 -50.21 11.10 16.96
N SER A 449 -48.96 11.13 16.49
CA SER A 449 -48.56 12.02 15.41
C SER A 449 -47.57 11.29 14.51
N THR A 450 -47.48 11.75 13.26
CA THR A 450 -46.54 11.17 12.32
C THR A 450 -45.10 11.43 12.76
N GLN A 451 -44.21 10.51 12.39
CA GLN A 451 -42.81 10.62 12.77
C GLN A 451 -41.95 10.07 11.64
N GLY A 452 -40.68 10.49 11.64
CA GLY A 452 -39.72 10.05 10.66
C GLY A 452 -38.63 9.21 11.32
N LYS A 453 -38.12 8.24 10.57
CA LYS A 453 -37.12 7.32 11.08
C LYS A 453 -36.02 7.15 10.06
N ILE A 454 -34.84 6.75 10.55
CA ILE A 454 -33.69 6.46 9.72
C ILE A 454 -33.49 4.95 9.75
N LEU A 455 -33.67 4.31 8.60
CA LEU A 455 -33.51 2.87 8.48
C LEU A 455 -32.54 2.55 7.36
N CYS A 456 -31.75 1.50 7.56
CA CYS A 456 -30.81 1.03 6.55
C CYS A 456 -30.94 -0.48 6.40
N PHE A 457 -31.10 -0.94 5.17
CA PHE A 457 -31.17 -2.35 4.85
C PHE A 457 -29.87 -2.77 4.16
N TYR A 458 -29.19 -3.76 4.72
CA TYR A 458 -27.94 -4.24 4.16
C TYR A 458 -27.98 -5.75 4.02
N GLY A 459 -27.29 -6.25 3.00
CA GLY A 459 -27.24 -7.67 2.75
C GLY A 459 -26.69 -7.97 1.36
N PRO A 460 -26.77 -9.24 0.97
CA PRO A 460 -26.28 -9.62 -0.36
C PRO A 460 -27.15 -9.01 -1.44
N PRO A 461 -26.62 -8.82 -2.65
CA PRO A 461 -27.43 -8.24 -3.73
C PRO A 461 -28.57 -9.16 -4.13
N GLY A 462 -29.67 -8.55 -4.57
CA GLY A 462 -30.80 -9.31 -5.05
C GLY A 462 -31.66 -9.97 -3.99
N VAL A 463 -31.70 -9.41 -2.78
CA VAL A 463 -32.53 -9.95 -1.71
C VAL A 463 -33.80 -9.14 -1.49
N GLY A 464 -34.00 -8.06 -2.24
CA GLY A 464 -35.20 -7.28 -2.14
C GLY A 464 -35.09 -5.96 -1.41
N LYS A 465 -33.92 -5.40 -1.27
CA LYS A 465 -33.79 -4.16 -0.48
C LYS A 465 -34.41 -3.00 -1.22
N THR A 466 -34.09 -2.76 -2.47
CA THR A 466 -34.61 -1.63 -3.27
C THR A 466 -36.06 -1.86 -3.65
N SER A 467 -36.53 -3.09 -3.61
CA SER A 467 -37.89 -3.35 -4.12
C SER A 467 -38.87 -3.29 -2.98
N ILE A 468 -38.39 -3.56 -1.79
CA ILE A 468 -39.28 -3.45 -0.63
C ILE A 468 -39.55 -1.99 -0.28
N ALA A 469 -38.68 -1.06 -0.69
CA ALA A 469 -38.89 0.34 -0.37
C ALA A 469 -40.18 0.87 -1.00
N ARG A 470 -40.45 0.49 -2.24
CA ARG A 470 -41.69 0.90 -2.87
C ARG A 470 -42.90 0.25 -2.19
N SER A 471 -42.76 -1.01 -1.79
CA SER A 471 -43.86 -1.70 -1.11
C SER A 471 -44.16 -1.06 0.24
N ILE A 472 -43.13 -0.63 0.96
CA ILE A 472 -43.33 0.00 2.26
C ILE A 472 -44.11 1.31 2.10
N ALA A 473 -43.81 2.06 1.05
CA ALA A 473 -44.51 3.33 0.82
C ALA A 473 -46.00 3.10 0.58
N ARG A 474 -46.34 2.04 -0.15
CA ARG A 474 -47.75 1.70 -0.36
C ARG A 474 -48.43 1.36 0.96
N ALA A 475 -47.76 0.58 1.81
CA ALA A 475 -48.34 0.20 3.09
C ALA A 475 -48.54 1.42 3.98
N LEU A 476 -47.56 2.31 4.02
CA LEU A 476 -47.65 3.52 4.84
C LEU A 476 -48.43 4.65 4.17
N ASN A 477 -48.86 4.47 2.93
CA ASN A 477 -49.58 5.49 2.18
C ASN A 477 -48.76 6.78 2.04
N ARG A 478 -47.44 6.64 1.95
CA ARG A 478 -46.54 7.76 1.75
C ARG A 478 -46.07 7.80 0.31
N GLU A 479 -45.94 9.00 -0.25
CA GLU A 479 -45.41 9.13 -1.60
C GLU A 479 -43.93 8.74 -1.63
N TYR A 480 -43.54 8.03 -2.68
CA TYR A 480 -42.24 7.39 -2.75
C TYR A 480 -41.34 8.15 -3.73
N PHE A 481 -40.11 8.41 -3.30
CA PHE A 481 -39.10 9.03 -4.13
C PHE A 481 -37.80 8.25 -3.99
N ARG A 482 -37.13 8.00 -5.11
CA ARG A 482 -35.89 7.24 -5.12
C ARG A 482 -34.76 8.11 -5.64
N PHE A 483 -33.62 8.05 -4.94
CA PHE A 483 -32.42 8.76 -5.37
C PHE A 483 -31.21 7.96 -4.93
N SER A 484 -30.38 7.57 -5.89
CA SER A 484 -29.18 6.79 -5.62
C SER A 484 -27.97 7.70 -5.55
N VAL A 485 -27.06 7.40 -4.63
CA VAL A 485 -25.85 8.18 -4.41
C VAL A 485 -24.62 7.44 -4.89
N GLY A 486 -24.78 6.33 -5.61
CA GLY A 486 -23.66 5.61 -6.15
C GLY A 486 -22.88 6.41 -7.17
N GLY A 487 -21.57 6.52 -6.98
CA GLY A 487 -20.74 7.31 -7.89
C GLY A 487 -21.11 8.77 -7.92
N MET A 488 -21.39 9.35 -6.75
CA MET A 488 -21.82 10.74 -6.65
C MET A 488 -20.65 11.58 -6.16
N THR A 489 -20.30 12.61 -6.94
CA THR A 489 -19.18 13.47 -6.62
C THR A 489 -19.52 14.95 -6.55
N ASP A 490 -20.77 15.31 -6.78
CA ASP A 490 -21.19 16.71 -6.78
C ASP A 490 -22.10 16.97 -5.58
N VAL A 491 -21.74 17.97 -4.77
CA VAL A 491 -22.55 18.34 -3.61
C VAL A 491 -23.76 19.17 -4.02
N ALA A 492 -23.68 19.90 -5.14
CA ALA A 492 -24.79 20.73 -5.60
C ALA A 492 -26.00 19.90 -6.00
N GLU A 493 -25.86 18.59 -6.17
CA GLU A 493 -27.02 17.74 -6.44
C GLU A 493 -27.97 17.73 -5.26
N ILE A 494 -27.44 17.77 -4.04
CA ILE A 494 -28.27 17.77 -2.85
C ILE A 494 -28.59 19.19 -2.38
N LYS A 495 -27.57 20.06 -2.33
CA LYS A 495 -27.75 21.40 -1.76
C LYS A 495 -28.02 22.48 -2.79
N GLY A 496 -27.95 22.17 -4.09
CA GLY A 496 -28.25 23.15 -5.10
C GLY A 496 -27.14 24.19 -5.26
N HIS A 497 -27.44 25.18 -6.08
CA HIS A 497 -26.53 26.29 -6.35
C HIS A 497 -27.13 27.59 -5.86
N ARG A 498 -26.25 28.55 -5.55
CA ARG A 498 -26.70 29.86 -5.11
C ARG A 498 -27.51 30.56 -6.19
N ARG A 499 -28.54 31.28 -5.77
CA ARG A 499 -29.47 31.91 -6.70
C ARG A 499 -28.79 32.89 -7.64
N THR A 500 -27.63 33.44 -7.26
CA THR A 500 -26.95 34.41 -8.11
C THR A 500 -26.43 33.77 -9.40
N TYR A 501 -26.06 32.50 -9.35
CA TYR A 501 -25.52 31.83 -10.53
C TYR A 501 -26.56 31.72 -11.62
N VAL A 502 -26.13 31.88 -12.87
CA VAL A 502 -27.03 31.75 -14.01
C VAL A 502 -27.42 30.29 -14.18
N GLY A 503 -28.72 30.02 -14.22
CA GLY A 503 -29.21 28.66 -14.33
C GLY A 503 -29.16 27.85 -13.06
N ALA A 504 -28.96 28.51 -11.92
CA ALA A 504 -28.85 27.80 -10.65
C ALA A 504 -30.20 27.24 -10.21
N MET A 505 -30.17 26.05 -9.63
CA MET A 505 -31.37 25.34 -9.25
C MET A 505 -31.20 24.70 -7.89
N PRO A 506 -32.29 24.47 -7.17
CA PRO A 506 -32.18 23.83 -5.85
C PRO A 506 -31.73 22.38 -5.99
N GLY A 507 -31.34 21.81 -4.84
CA GLY A 507 -31.06 20.40 -4.78
C GLY A 507 -32.32 19.58 -4.97
N LYS A 508 -32.13 18.33 -5.41
CA LYS A 508 -33.26 17.50 -5.73
C LYS A 508 -34.03 17.03 -4.50
N ILE A 509 -33.47 17.19 -3.30
CA ILE A 509 -34.26 17.00 -2.09
C ILE A 509 -35.38 18.02 -2.02
N ILE A 510 -35.07 19.27 -2.38
CA ILE A 510 -36.10 20.29 -2.54
C ILE A 510 -37.00 19.94 -3.72
N GLN A 511 -36.40 19.49 -4.83
CA GLN A 511 -37.19 19.03 -5.95
C GLN A 511 -38.00 17.79 -5.59
N CYS A 512 -37.53 17.01 -4.62
CA CYS A 512 -38.33 15.91 -4.10
C CYS A 512 -39.63 16.40 -3.48
N LEU A 513 -39.54 17.44 -2.65
CA LEU A 513 -40.73 17.95 -1.96
C LEU A 513 -41.73 18.55 -2.94
N LYS A 514 -41.24 19.28 -3.95
CA LYS A 514 -42.14 19.87 -4.94
C LYS A 514 -42.88 18.79 -5.73
N LYS A 515 -42.16 17.74 -6.13
CA LYS A 515 -42.80 16.66 -6.88
C LYS A 515 -43.69 15.82 -5.96
N THR A 516 -43.22 15.53 -4.74
CA THR A 516 -44.03 14.76 -3.79
C THR A 516 -45.23 15.57 -3.31
N LYS A 517 -45.09 16.89 -3.20
CA LYS A 517 -46.14 17.82 -2.79
C LYS A 517 -46.55 17.64 -1.34
N THR A 518 -45.83 16.83 -0.57
CA THR A 518 -46.09 16.68 0.86
C THR A 518 -44.78 16.74 1.61
N GLU A 519 -44.85 17.13 2.89
CA GLU A 519 -43.68 17.22 3.74
C GLU A 519 -43.29 15.88 4.36
N ASN A 520 -44.00 14.81 4.01
CA ASN A 520 -43.73 13.47 4.54
C ASN A 520 -43.58 12.47 3.40
N PRO A 521 -42.48 12.52 2.67
CA PRO A 521 -42.22 11.53 1.62
C PRO A 521 -41.56 10.30 2.22
N LEU A 522 -41.21 9.36 1.35
CA LEU A 522 -40.40 8.19 1.69
C LEU A 522 -39.22 8.18 0.72
N ILE A 523 -38.16 8.88 1.09
CA ILE A 523 -37.00 9.04 0.22
C ILE A 523 -36.09 7.83 0.42
N LEU A 524 -35.81 7.11 -0.67
CA LEU A 524 -34.91 5.97 -0.65
C LEU A 524 -33.55 6.41 -1.17
N ILE A 525 -32.56 6.45 -0.28
CA ILE A 525 -31.20 6.81 -0.65
C ILE A 525 -30.48 5.51 -0.97
N ASP A 526 -30.37 5.21 -2.26
CA ASP A 526 -29.85 3.92 -2.70
C ASP A 526 -28.33 3.95 -2.80
N GLU A 527 -27.71 2.83 -2.41
CA GLU A 527 -26.26 2.63 -2.51
C GLU A 527 -25.49 3.70 -1.72
N VAL A 528 -25.79 3.77 -0.42
CA VAL A 528 -25.11 4.73 0.45
C VAL A 528 -23.64 4.35 0.62
N ASP A 529 -23.32 3.05 0.60
CA ASP A 529 -21.95 2.61 0.80
C ASP A 529 -21.05 2.95 -0.38
N LYS A 530 -21.60 3.40 -1.50
CA LYS A 530 -20.81 3.72 -2.69
C LYS A 530 -20.83 5.22 -2.99
N ILE A 531 -20.86 6.04 -1.96
CA ILE A 531 -20.78 7.49 -2.13
C ILE A 531 -19.37 7.88 -2.54
N GLY A 532 -19.26 8.79 -3.49
CA GLY A 532 -17.97 9.27 -3.93
C GLY A 532 -17.46 10.42 -3.09
N ARG A 533 -16.27 10.88 -3.44
CA ARG A 533 -15.60 11.99 -2.73
C ARG A 533 -15.20 13.03 -3.77
N GLY A 534 -16.01 14.08 -3.91
CA GLY A 534 -15.71 15.12 -4.86
C GLY A 534 -14.50 15.94 -4.45
N TYR A 535 -13.86 16.53 -5.47
CA TYR A 535 -12.65 17.30 -5.21
C TYR A 535 -12.96 18.59 -4.46
N GLN A 536 -13.96 19.35 -4.92
CA GLN A 536 -14.30 20.61 -4.27
C GLN A 536 -14.98 20.38 -2.92
N GLY A 537 -15.93 19.46 -2.87
CA GLY A 537 -16.65 19.19 -1.64
C GLY A 537 -17.00 17.72 -1.54
N ASP A 538 -17.15 17.25 -0.32
CA ASP A 538 -17.49 15.85 -0.06
C ASP A 538 -19.00 15.69 -0.03
N PRO A 539 -19.60 14.91 -0.93
CA PRO A 539 -21.06 14.70 -0.88
C PRO A 539 -21.50 14.00 0.40
N SER A 540 -20.63 13.26 1.06
CA SER A 540 -21.00 12.62 2.31
C SER A 540 -21.28 13.63 3.42
N SER A 541 -20.59 14.78 3.39
CA SER A 541 -20.83 15.81 4.38
C SER A 541 -22.25 16.37 4.26
N ALA A 542 -22.69 16.63 3.02
CA ALA A 542 -24.05 17.10 2.82
C ALA A 542 -25.08 16.04 3.18
N LEU A 543 -24.79 14.77 2.86
CA LEU A 543 -25.71 13.69 3.20
C LEU A 543 -25.84 13.53 4.71
N LEU A 544 -24.84 13.97 5.47
CA LEU A 544 -24.91 13.89 6.93
C LEU A 544 -25.98 14.81 7.48
N GLU A 545 -26.16 15.99 6.87
CA GLU A 545 -27.17 16.93 7.35
C GLU A 545 -28.57 16.36 7.20
N LEU A 546 -28.84 15.68 6.10
CA LEU A 546 -30.16 15.08 5.89
C LEU A 546 -30.43 13.96 6.91
N LEU A 547 -29.39 13.19 7.24
CA LEU A 547 -29.57 12.01 8.08
C LEU A 547 -29.37 12.28 9.56
N ASP A 548 -29.12 13.54 9.93
CA ASP A 548 -28.94 13.89 11.34
C ASP A 548 -30.17 14.63 11.84
N PRO A 549 -30.91 14.10 12.81
CA PRO A 549 -32.14 14.76 13.26
C PRO A 549 -31.92 16.16 13.81
N GLU A 550 -30.73 16.45 14.35
CA GLU A 550 -30.48 17.77 14.93
C GLU A 550 -30.57 18.87 13.89
N GLN A 551 -30.00 18.64 12.70
CA GLN A 551 -30.08 19.60 11.60
C GLN A 551 -31.29 19.36 10.71
N ASN A 552 -32.10 18.35 11.00
CA ASN A 552 -33.30 18.10 10.20
C ASN A 552 -34.35 19.19 10.38
N ALA A 553 -34.39 19.82 11.56
CA ALA A 553 -35.33 20.89 11.80
C ALA A 553 -35.08 22.07 10.87
N ASN A 554 -33.81 22.41 10.66
CA ASN A 554 -33.40 23.50 9.77
C ASN A 554 -32.37 23.03 8.75
N PHE A 555 -32.85 22.45 7.66
CA PHE A 555 -32.01 22.00 6.56
C PHE A 555 -31.93 23.11 5.52
N LEU A 556 -30.72 23.55 5.21
CA LEU A 556 -30.49 24.69 4.34
C LEU A 556 -29.84 24.26 3.04
N ASP A 557 -30.38 24.75 1.93
CA ASP A 557 -29.79 24.58 0.62
C ASP A 557 -29.33 25.93 0.09
N HIS A 558 -28.43 25.90 -0.89
CA HIS A 558 -27.87 27.14 -1.42
C HIS A 558 -28.92 27.99 -2.12
N TYR A 559 -29.83 27.35 -2.86
CA TYR A 559 -30.81 28.10 -3.63
C TYR A 559 -31.80 28.83 -2.72
N LEU A 560 -32.34 28.14 -1.72
CA LEU A 560 -33.37 28.69 -0.86
C LEU A 560 -32.74 29.07 0.48
N ASP A 561 -32.86 30.35 0.85
CA ASP A 561 -32.29 30.80 2.11
C ASP A 561 -33.10 30.29 3.30
N VAL A 562 -34.38 30.00 3.09
CA VAL A 562 -35.21 29.55 4.20
C VAL A 562 -34.85 28.11 4.57
N PRO A 563 -34.75 27.77 5.85
CA PRO A 563 -34.57 26.36 6.22
C PRO A 563 -35.82 25.54 5.95
N VAL A 564 -35.61 24.24 5.74
CA VAL A 564 -36.69 23.30 5.47
C VAL A 564 -36.61 22.18 6.49
N ASP A 565 -37.75 21.87 7.11
CA ASP A 565 -37.81 20.83 8.15
C ASP A 565 -37.93 19.47 7.48
N LEU A 566 -36.85 18.69 7.53
CA LEU A 566 -36.85 17.33 6.98
C LEU A 566 -37.25 16.29 8.01
N SER A 567 -37.69 16.70 9.19
CA SER A 567 -38.24 15.75 10.14
C SER A 567 -39.54 15.17 9.61
N LYS A 568 -39.97 14.07 10.22
CA LYS A 568 -41.14 13.27 9.84
C LYS A 568 -40.94 12.58 8.50
N VAL A 569 -39.79 12.72 7.85
CA VAL A 569 -39.52 12.10 6.56
C VAL A 569 -38.85 10.75 6.82
N LEU A 570 -39.43 9.69 6.26
CA LEU A 570 -38.85 8.35 6.41
C LEU A 570 -37.74 8.18 5.40
N PHE A 571 -36.53 7.94 5.89
CA PHE A 571 -35.35 7.74 5.04
C PHE A 571 -35.00 6.25 5.06
N ILE A 572 -34.92 5.66 3.86
CA ILE A 572 -34.53 4.27 3.70
C ILE A 572 -33.24 4.23 2.91
N CYS A 573 -32.24 3.53 3.42
CA CYS A 573 -30.93 3.45 2.80
C CYS A 573 -30.56 1.99 2.57
N THR A 574 -29.89 1.74 1.45
CA THR A 574 -29.46 0.40 1.07
C THR A 574 -27.96 0.38 0.86
N ALA A 575 -27.31 -0.68 1.34
CA ALA A 575 -25.87 -0.81 1.19
C ALA A 575 -25.53 -2.30 1.15
N ASN A 576 -24.68 -2.68 0.19
CA ASN A 576 -24.27 -4.09 0.10
C ASN A 576 -23.46 -4.50 1.33
N VAL A 577 -22.56 -3.64 1.79
CA VAL A 577 -21.74 -3.91 2.96
C VAL A 577 -21.68 -2.64 3.80
N THR A 578 -21.74 -2.81 5.12
CA THR A 578 -21.72 -1.68 6.04
C THR A 578 -20.33 -1.24 6.45
N ASP A 579 -19.29 -1.99 6.07
CA ASP A 579 -17.93 -1.64 6.47
C ASP A 579 -17.47 -0.33 5.85
N THR A 580 -17.84 -0.10 4.59
CA THR A 580 -17.39 1.09 3.87
C THR A 580 -18.33 2.28 4.01
N ILE A 581 -19.41 2.14 4.77
CA ILE A 581 -20.27 3.30 5.06
C ILE A 581 -19.50 4.29 5.92
N PRO A 582 -19.62 5.60 5.66
CA PRO A 582 -18.91 6.57 6.50
C PRO A 582 -19.30 6.45 7.96
N GLU A 583 -18.31 6.63 8.85
CA GLU A 583 -18.54 6.46 10.28
C GLU A 583 -19.60 7.42 10.84
N PRO A 584 -19.59 8.73 10.52
CA PRO A 584 -20.67 9.59 11.04
C PRO A 584 -22.05 9.15 10.59
N LEU A 585 -22.17 8.64 9.36
CA LEU A 585 -23.46 8.15 8.89
C LEU A 585 -23.83 6.81 9.53
N ARG A 586 -22.84 5.94 9.74
CA ARG A 586 -23.12 4.60 10.26
C ARG A 586 -23.68 4.66 11.67
N ASP A 587 -23.14 5.53 12.51
CA ASP A 587 -23.56 5.56 13.92
C ASP A 587 -25.00 6.01 14.07
N ARG A 588 -25.41 7.03 13.32
CA ARG A 588 -26.73 7.63 13.46
C ARG A 588 -27.78 6.99 12.55
N MET A 589 -27.47 5.85 11.94
CA MET A 589 -28.37 5.18 11.02
C MET A 589 -28.66 3.78 11.56
N GLU A 590 -29.95 3.46 11.70
CA GLU A 590 -30.35 2.15 12.18
C GLU A 590 -30.09 1.11 11.10
N MET A 591 -29.49 -0.01 11.49
CA MET A 591 -29.07 -1.06 10.56
C MET A 591 -29.99 -2.26 10.70
N ILE A 592 -30.56 -2.69 9.58
CA ILE A 592 -31.38 -3.88 9.51
C ILE A 592 -30.77 -4.82 8.49
N ASN A 593 -30.54 -6.07 8.89
CA ASN A 593 -29.89 -7.04 8.02
C ASN A 593 -30.95 -7.84 7.26
N VAL A 594 -30.94 -7.72 5.94
CA VAL A 594 -31.80 -8.50 5.06
C VAL A 594 -30.99 -9.70 4.61
N SER A 595 -31.19 -10.84 5.26
CA SER A 595 -30.44 -12.04 4.96
C SER A 595 -30.95 -12.70 3.69
N GLY A 596 -30.22 -13.71 3.23
CA GLY A 596 -30.59 -14.45 2.05
C GLY A 596 -31.74 -15.40 2.31
N TYR A 597 -32.18 -16.06 1.24
CA TYR A 597 -33.30 -16.99 1.29
C TYR A 597 -32.82 -18.42 1.11
N VAL A 598 -33.45 -19.33 1.83
CA VAL A 598 -33.15 -20.76 1.72
C VAL A 598 -33.89 -21.31 0.49
N ALA A 599 -33.57 -22.55 0.12
CA ALA A 599 -34.18 -23.15 -1.07
C ALA A 599 -35.70 -23.20 -0.92
N GLN A 600 -36.20 -23.48 0.29
CA GLN A 600 -37.64 -23.49 0.51
C GLN A 600 -38.25 -22.10 0.30
N GLU A 601 -37.57 -21.06 0.78
CA GLU A 601 -38.07 -19.71 0.58
C GLU A 601 -38.03 -19.30 -0.89
N LYS A 602 -36.97 -19.69 -1.60
CA LYS A 602 -36.86 -19.34 -3.02
C LYS A 602 -37.94 -20.01 -3.85
N LEU A 603 -38.31 -21.24 -3.50
CA LEU A 603 -39.34 -21.95 -4.25
C LEU A 603 -40.68 -21.21 -4.16
N ALA A 604 -41.02 -20.70 -2.98
CA ALA A 604 -42.22 -19.90 -2.84
C ALA A 604 -42.11 -18.61 -3.64
N ILE A 605 -40.95 -17.96 -3.61
CA ILE A 605 -40.76 -16.73 -4.37
C ILE A 605 -40.86 -16.99 -5.86
N ALA A 606 -40.23 -18.06 -6.34
CA ALA A 606 -40.29 -18.38 -7.77
C ALA A 606 -41.70 -18.76 -8.18
N GLU A 607 -42.40 -19.56 -7.37
CA GLU A 607 -43.72 -20.04 -7.74
C GLU A 607 -44.76 -18.95 -7.72
N ARG A 608 -44.54 -17.87 -6.98
CA ARG A 608 -45.51 -16.80 -6.83
C ARG A 608 -45.13 -15.51 -7.53
N TYR A 609 -43.85 -15.17 -7.59
CA TYR A 609 -43.41 -13.89 -8.13
C TYR A 609 -42.56 -14.04 -9.38
N LEU A 610 -41.47 -14.81 -9.32
CA LEU A 610 -40.50 -14.82 -10.42
C LEU A 610 -41.09 -15.43 -11.68
N VAL A 611 -41.67 -16.63 -11.57
CA VAL A 611 -42.21 -17.33 -12.73
C VAL A 611 -43.39 -16.58 -13.33
N PRO A 612 -44.40 -16.15 -12.54
CA PRO A 612 -45.50 -15.38 -13.16
C PRO A 612 -45.05 -14.10 -13.85
N GLN A 613 -44.06 -13.40 -13.28
CA GLN A 613 -43.58 -12.18 -13.91
C GLN A 613 -42.75 -12.49 -15.16
N ALA A 614 -41.98 -13.57 -15.13
CA ALA A 614 -41.19 -13.95 -16.30
C ALA A 614 -42.09 -14.34 -17.46
N ARG A 615 -43.21 -15.00 -17.17
CA ARG A 615 -44.14 -15.39 -18.23
C ARG A 615 -44.74 -14.17 -18.91
N ALA A 616 -45.08 -13.14 -18.13
CA ALA A 616 -45.64 -11.92 -18.72
C ALA A 616 -44.64 -11.24 -19.64
N LEU A 617 -43.37 -11.19 -19.23
CA LEU A 617 -42.36 -10.56 -20.08
C LEU A 617 -42.08 -11.40 -21.32
N CYS A 618 -41.97 -12.72 -21.17
CA CYS A 618 -41.70 -13.59 -22.31
C CYS A 618 -42.93 -13.83 -23.17
N GLY A 619 -44.13 -13.58 -22.65
CA GLY A 619 -45.34 -13.78 -23.41
C GLY A 619 -45.83 -15.21 -23.48
N LEU A 620 -45.17 -16.14 -22.79
CA LEU A 620 -45.56 -17.54 -22.85
C LEU A 620 -46.66 -17.82 -21.83
N ASP A 621 -47.73 -18.48 -22.27
CA ASP A 621 -48.80 -18.86 -21.37
C ASP A 621 -48.38 -20.09 -20.57
N GLU A 622 -49.14 -20.36 -19.50
CA GLU A 622 -48.85 -21.51 -18.65
C GLU A 622 -49.05 -22.82 -19.41
N SER A 623 -50.07 -22.87 -20.28
CA SER A 623 -50.30 -24.08 -21.06
C SER A 623 -49.17 -24.35 -22.03
N LYS A 624 -48.65 -23.30 -22.68
CA LYS A 624 -47.61 -23.48 -23.69
C LYS A 624 -46.31 -23.99 -23.05
N ALA A 625 -45.90 -23.39 -21.93
CA ALA A 625 -44.69 -23.79 -21.22
C ALA A 625 -45.05 -24.06 -19.77
N LYS A 626 -44.73 -25.26 -19.30
CA LYS A 626 -45.10 -25.69 -17.95
C LYS A 626 -43.84 -25.82 -17.09
N LEU A 627 -43.85 -25.15 -15.95
CA LEU A 627 -42.76 -25.21 -14.97
C LEU A 627 -43.33 -25.81 -13.69
N SER A 628 -43.20 -27.13 -13.55
CA SER A 628 -43.75 -27.82 -12.39
C SER A 628 -42.95 -27.48 -11.14
N SER A 629 -43.55 -27.78 -9.98
CA SER A 629 -42.91 -27.48 -8.71
C SER A 629 -41.62 -28.28 -8.52
N ASP A 630 -41.65 -29.56 -8.90
CA ASP A 630 -40.45 -30.39 -8.73
C ASP A 630 -39.32 -29.94 -9.64
N VAL A 631 -39.64 -29.46 -10.85
CA VAL A 631 -38.60 -28.95 -11.74
C VAL A 631 -37.95 -27.71 -11.14
N LEU A 632 -38.75 -26.80 -10.58
CA LEU A 632 -38.20 -25.62 -9.94
C LEU A 632 -37.39 -26.00 -8.71
N THR A 633 -37.84 -27.02 -7.97
CA THR A 633 -37.08 -27.50 -6.82
C THR A 633 -35.71 -28.01 -7.24
N LEU A 634 -35.67 -28.78 -8.33
CA LEU A 634 -34.39 -29.30 -8.83
C LEU A 634 -33.51 -28.18 -9.35
N LEU A 635 -34.10 -27.19 -10.01
CA LEU A 635 -33.32 -26.07 -10.53
C LEU A 635 -32.64 -25.29 -9.41
N ILE A 636 -33.37 -25.04 -8.32
CA ILE A 636 -32.78 -24.31 -7.20
C ILE A 636 -31.71 -25.14 -6.51
N LYS A 637 -31.94 -26.44 -6.36
CA LYS A 637 -31.01 -27.30 -5.64
C LYS A 637 -29.67 -27.40 -6.36
N GLN A 638 -29.70 -27.51 -7.70
CA GLN A 638 -28.49 -27.78 -8.47
C GLN A 638 -27.90 -26.56 -9.15
N TYR A 639 -28.63 -25.46 -9.24
CA TYR A 639 -28.11 -24.33 -10.00
C TYR A 639 -28.09 -23.03 -9.22
N CYS A 640 -29.08 -22.79 -8.35
CA CYS A 640 -29.25 -21.51 -7.67
C CYS A 640 -29.08 -21.73 -6.17
N ARG A 641 -27.85 -21.65 -5.70
CA ARG A 641 -27.54 -21.75 -4.27
C ARG A 641 -27.03 -20.43 -3.69
N GLU A 642 -27.21 -19.33 -4.41
CA GLU A 642 -26.82 -18.03 -3.89
C GLU A 642 -27.76 -17.58 -2.78
N SER A 643 -27.39 -16.50 -2.10
CA SER A 643 -28.28 -15.94 -1.09
C SER A 643 -29.44 -15.18 -1.72
N GLY A 644 -29.21 -14.52 -2.86
CA GLY A 644 -30.23 -13.73 -3.52
C GLY A 644 -31.11 -14.54 -4.44
N VAL A 645 -31.86 -13.84 -5.29
CA VAL A 645 -32.84 -14.48 -6.22
C VAL A 645 -32.65 -13.89 -7.61
N ARG A 646 -31.57 -13.16 -7.87
CA ARG A 646 -31.43 -12.49 -9.19
C ARG A 646 -30.81 -13.45 -10.17
N ASN A 647 -30.31 -14.59 -9.71
CA ASN A 647 -29.71 -15.60 -10.59
C ASN A 647 -30.76 -16.64 -10.79
N LEU A 648 -31.56 -16.87 -9.76
CA LEU A 648 -32.69 -17.78 -9.96
C LEU A 648 -33.65 -17.23 -11.00
N GLN A 649 -33.88 -15.92 -10.98
CA GLN A 649 -34.73 -15.30 -12.00
C GLN A 649 -34.14 -15.47 -13.39
N LYS A 650 -32.82 -15.32 -13.51
CA LYS A 650 -32.16 -15.48 -14.80
C LYS A 650 -32.29 -16.92 -15.31
N GLN A 651 -32.13 -17.89 -14.42
CA GLN A 651 -32.28 -19.29 -14.82
C GLN A 651 -33.72 -19.58 -15.25
N VAL A 652 -34.70 -19.00 -14.54
CA VAL A 652 -36.10 -19.18 -14.93
C VAL A 652 -36.35 -18.55 -16.30
N GLU A 653 -35.83 -17.35 -16.52
CA GLU A 653 -35.97 -16.72 -17.83
C GLU A 653 -35.21 -17.49 -18.91
N LYS A 654 -34.12 -18.15 -18.55
CA LYS A 654 -33.38 -18.95 -19.52
C LYS A 654 -34.22 -20.14 -20.00
N VAL A 655 -34.98 -20.76 -19.09
CA VAL A 655 -35.85 -21.86 -19.49
C VAL A 655 -36.95 -21.36 -20.42
N LEU A 656 -37.54 -20.20 -20.09
CA LEU A 656 -38.62 -19.67 -20.93
C LEU A 656 -38.12 -19.17 -22.27
N ARG A 657 -36.86 -18.71 -22.34
CA ARG A 657 -36.30 -18.26 -23.61
C ARG A 657 -36.21 -19.42 -24.60
N LYS A 658 -35.65 -20.55 -24.18
CA LYS A 658 -35.50 -21.67 -25.09
C LYS A 658 -36.85 -22.32 -25.39
N SER A 659 -37.77 -22.29 -24.42
CA SER A 659 -39.13 -22.75 -24.70
C SER A 659 -39.80 -21.89 -25.76
N ALA A 660 -39.59 -20.58 -25.69
CA ALA A 660 -40.14 -19.68 -26.70
C ALA A 660 -39.52 -19.93 -28.07
N TYR A 661 -38.22 -20.20 -28.10
CA TYR A 661 -37.54 -20.44 -29.37
C TYR A 661 -38.08 -21.69 -30.06
N LYS A 662 -38.32 -22.75 -29.28
CA LYS A 662 -38.88 -23.97 -29.85
C LYS A 662 -40.28 -23.72 -30.41
N ILE A 663 -41.08 -22.92 -29.71
CA ILE A 663 -42.43 -22.64 -30.16
C ILE A 663 -42.42 -21.79 -31.43
N VAL A 664 -41.59 -20.75 -31.43
CA VAL A 664 -41.56 -19.83 -32.57
C VAL A 664 -41.01 -20.52 -33.81
N SER A 665 -39.90 -21.25 -33.66
CA SER A 665 -39.28 -21.90 -34.81
C SER A 665 -40.04 -23.13 -35.28
N GLY A 666 -41.00 -23.61 -34.50
CA GLY A 666 -41.85 -24.70 -34.94
C GLY A 666 -41.42 -26.09 -34.54
N GLU A 667 -40.40 -26.23 -33.67
CA GLU A 667 -40.00 -27.56 -33.22
C GLU A 667 -41.13 -28.23 -32.44
N ALA A 668 -41.80 -27.48 -31.58
CA ALA A 668 -42.91 -28.02 -30.80
C ALA A 668 -43.88 -26.89 -30.48
N GLU A 669 -45.17 -27.14 -30.69
CA GLU A 669 -46.18 -26.13 -30.37
C GLU A 669 -46.23 -25.85 -28.87
N SER A 670 -46.12 -26.89 -28.05
CA SER A 670 -46.07 -26.76 -26.60
C SER A 670 -44.79 -27.41 -26.09
N VAL A 671 -44.10 -26.70 -25.20
CA VAL A 671 -42.82 -27.17 -24.65
C VAL A 671 -43.05 -27.49 -23.18
N GLU A 672 -42.73 -28.72 -22.80
CA GLU A 672 -42.83 -29.18 -21.42
C GLU A 672 -41.45 -29.61 -20.94
N VAL A 673 -41.01 -29.05 -19.82
CA VAL A 673 -39.70 -29.33 -19.25
C VAL A 673 -39.86 -30.29 -18.08
N THR A 674 -39.01 -31.30 -18.03
CA THR A 674 -39.02 -32.34 -17.02
C THR A 674 -37.64 -32.43 -16.38
N PRO A 675 -37.55 -32.96 -15.16
CA PRO A 675 -36.24 -33.02 -14.50
C PRO A 675 -35.19 -33.80 -15.25
N GLU A 676 -35.59 -34.77 -16.08
CA GLU A 676 -34.60 -35.53 -16.84
C GLU A 676 -33.95 -34.70 -17.94
N ASN A 677 -34.70 -33.79 -18.57
CA ASN A 677 -34.19 -32.97 -19.66
C ASN A 677 -33.97 -31.52 -19.26
N LEU A 678 -33.91 -31.24 -17.95
CA LEU A 678 -33.70 -29.87 -17.50
C LEU A 678 -32.33 -29.35 -17.91
N GLN A 679 -31.31 -30.21 -17.91
CA GLN A 679 -29.96 -29.79 -18.27
C GLN A 679 -29.88 -29.29 -19.71
N ASP A 680 -30.77 -29.75 -20.58
CA ASP A 680 -30.77 -29.25 -21.95
C ASP A 680 -31.13 -27.77 -22.00
N PHE A 681 -32.10 -27.35 -21.20
CA PHE A 681 -32.55 -25.96 -21.23
C PHE A 681 -31.57 -25.03 -20.51
N VAL A 682 -30.94 -25.51 -19.45
CA VAL A 682 -30.18 -24.63 -18.57
C VAL A 682 -28.69 -24.95 -18.52
N GLY A 683 -28.26 -26.16 -18.85
CA GLY A 683 -26.86 -26.50 -18.92
C GLY A 683 -26.43 -27.49 -17.86
N LYS A 684 -25.11 -27.55 -17.66
CA LYS A 684 -24.54 -28.46 -16.68
C LYS A 684 -24.89 -27.99 -15.26
N PRO A 685 -25.25 -28.91 -14.36
CA PRO A 685 -25.50 -28.52 -12.98
C PRO A 685 -24.23 -28.00 -12.31
N VAL A 686 -24.38 -26.88 -11.60
CA VAL A 686 -23.25 -26.33 -10.85
C VAL A 686 -22.91 -27.25 -9.67
N PHE A 687 -23.93 -27.82 -9.03
CA PHE A 687 -23.77 -28.76 -7.93
C PHE A 687 -24.43 -30.07 -8.32
N THR A 688 -23.64 -31.15 -8.30
CA THR A 688 -24.11 -32.45 -8.75
C THR A 688 -24.22 -33.48 -7.64
N VAL A 689 -23.15 -33.69 -6.88
CA VAL A 689 -23.12 -34.69 -5.82
C VAL A 689 -23.24 -33.98 -4.47
N GLU A 690 -24.04 -34.54 -3.57
CA GLU A 690 -24.24 -33.97 -2.24
C GLU A 690 -23.25 -34.55 -1.23
N ARG A 691 -23.25 -35.87 -1.07
CA ARG A 691 -22.35 -36.55 -0.15
C ARG A 691 -21.40 -37.43 -0.95
N MET A 692 -20.10 -37.29 -0.67
CA MET A 692 -19.10 -38.06 -1.39
C MET A 692 -19.24 -39.55 -1.12
N TYR A 693 -19.49 -39.93 0.12
CA TYR A 693 -19.61 -41.32 0.51
C TYR A 693 -21.06 -41.65 0.79
N ASP A 694 -21.61 -42.63 0.06
CA ASP A 694 -22.94 -43.12 0.38
C ASP A 694 -22.92 -43.95 1.64
N VAL A 695 -21.89 -44.78 1.82
CA VAL A 695 -21.67 -45.54 3.04
C VAL A 695 -20.25 -45.25 3.50
N THR A 696 -20.10 -44.77 4.73
CA THR A 696 -18.80 -44.36 5.23
C THR A 696 -18.02 -45.58 5.69
N PRO A 697 -16.83 -45.83 5.15
CA PRO A 697 -15.99 -46.91 5.65
C PRO A 697 -15.39 -46.54 7.00
N PRO A 698 -14.82 -47.49 7.73
CA PRO A 698 -14.20 -47.16 9.02
C PRO A 698 -13.08 -46.13 8.85
N GLY A 699 -13.03 -45.18 9.77
CA GLY A 699 -12.08 -44.09 9.71
C GLY A 699 -12.55 -42.87 8.95
N VAL A 700 -13.71 -42.93 8.31
CA VAL A 700 -14.25 -41.82 7.54
C VAL A 700 -15.52 -41.35 8.24
N VAL A 701 -15.54 -40.08 8.64
CA VAL A 701 -16.66 -39.48 9.34
C VAL A 701 -17.06 -38.21 8.62
N MET A 702 -18.36 -38.04 8.38
CA MET A 702 -18.88 -36.87 7.68
C MET A 702 -19.13 -35.74 8.65
N GLY A 703 -18.61 -34.56 8.33
CA GLY A 703 -18.85 -33.36 9.09
C GLY A 703 -19.69 -32.36 8.32
N LEU A 704 -19.74 -31.15 8.86
CA LEU A 704 -20.49 -30.06 8.25
C LEU A 704 -19.62 -28.81 8.21
N ALA A 705 -19.82 -28.01 7.16
CA ALA A 705 -19.01 -26.81 6.95
C ALA A 705 -19.92 -25.65 6.55
N TRP A 706 -19.42 -24.45 6.79
CA TRP A 706 -20.10 -23.22 6.39
C TRP A 706 -19.53 -22.74 5.06
N THR A 707 -20.42 -22.50 4.11
CA THR A 707 -20.04 -22.02 2.79
C THR A 707 -21.01 -20.92 2.37
N ALA A 708 -20.50 -19.93 1.64
CA ALA A 708 -21.35 -18.84 1.18
C ALA A 708 -22.42 -19.34 0.22
N MET A 709 -22.20 -20.48 -0.43
CA MET A 709 -23.18 -21.06 -1.33
C MET A 709 -24.08 -22.07 -0.62
N GLY A 710 -24.70 -21.64 0.47
CA GLY A 710 -25.65 -22.47 1.17
C GLY A 710 -25.06 -23.56 2.03
N GLY A 711 -23.76 -23.51 2.30
CA GLY A 711 -23.12 -24.51 3.13
C GLY A 711 -22.85 -25.80 2.38
N SER A 712 -22.04 -26.66 2.99
CA SER A 712 -21.68 -27.93 2.38
C SER A 712 -21.21 -28.88 3.46
N THR A 713 -21.25 -30.17 3.14
CA THR A 713 -20.78 -31.21 4.05
C THR A 713 -19.35 -31.59 3.68
N LEU A 714 -18.57 -31.94 4.71
CA LEU A 714 -17.20 -32.40 4.53
C LEU A 714 -17.02 -33.75 5.19
N PHE A 715 -16.05 -34.51 4.71
CA PHE A 715 -15.69 -35.79 5.29
C PHE A 715 -14.29 -35.71 5.88
N VAL A 716 -14.05 -36.48 6.93
CA VAL A 716 -12.75 -36.58 7.56
C VAL A 716 -12.32 -38.04 7.45
N GLU A 717 -11.38 -38.32 6.55
CA GLU A 717 -10.93 -39.68 6.29
C GLU A 717 -9.51 -39.86 6.82
N THR A 718 -9.27 -40.98 7.49
CA THR A 718 -7.96 -41.29 8.04
C THR A 718 -7.55 -42.69 7.60
N SER A 719 -6.25 -42.89 7.42
CA SER A 719 -5.73 -44.21 7.10
C SER A 719 -4.32 -44.34 7.63
N LEU A 720 -3.85 -45.57 7.71
CA LEU A 720 -2.53 -45.85 8.26
C LEU A 720 -1.45 -45.55 7.23
N ARG A 721 -0.43 -44.79 7.66
CA ARG A 721 0.69 -44.48 6.77
C ARG A 721 1.68 -45.63 6.71
N ARG A 722 1.98 -46.24 7.87
CA ARG A 722 2.94 -47.31 7.96
C ARG A 722 2.30 -48.55 8.56
N PRO A 723 2.68 -49.76 8.11
CA PRO A 723 2.12 -51.00 8.63
C PRO A 723 2.70 -51.38 9.99
N GLY A 730 11.26 -49.60 20.20
CA GLY A 730 10.30 -50.24 21.08
C GLY A 730 9.28 -49.26 21.66
N ASP A 731 9.77 -48.12 22.15
CA ASP A 731 8.91 -47.09 22.73
C ASP A 731 8.58 -45.98 21.74
N LYS A 732 8.95 -46.14 20.47
CA LYS A 732 8.64 -45.12 19.48
C LYS A 732 7.15 -44.93 19.33
N ASP A 733 6.70 -43.68 19.32
CA ASP A 733 5.29 -43.34 19.25
C ASP A 733 4.89 -43.04 17.82
N GLY A 734 3.57 -42.99 17.60
CA GLY A 734 3.03 -42.65 16.31
C GLY A 734 3.01 -41.16 16.07
N SER A 735 2.54 -40.78 14.88
CA SER A 735 2.45 -39.39 14.49
C SER A 735 1.24 -39.20 13.60
N LEU A 736 0.75 -37.96 13.57
CA LEU A 736 -0.40 -37.60 12.74
C LEU A 736 0.04 -36.58 11.70
N GLU A 737 -0.19 -36.90 10.44
CA GLU A 737 0.04 -35.99 9.33
C GLU A 737 -1.31 -35.57 8.76
N VAL A 738 -1.51 -34.27 8.63
CA VAL A 738 -2.77 -33.71 8.14
C VAL A 738 -2.52 -33.03 6.80
N THR A 739 -3.34 -33.37 5.81
CA THR A 739 -3.29 -32.76 4.49
C THR A 739 -4.63 -32.07 4.20
N GLY A 740 -4.73 -31.51 3.01
CA GLY A 740 -5.81 -30.59 2.74
C GLY A 740 -5.42 -29.17 3.11
N GLN A 741 -6.06 -28.21 2.44
CA GLN A 741 -5.70 -26.80 2.61
C GLN A 741 -6.28 -26.27 3.92
N LEU A 742 -5.83 -26.88 5.02
CA LEU A 742 -6.28 -26.51 6.34
C LEU A 742 -5.61 -25.24 6.81
N GLY A 743 -6.35 -24.42 7.56
CA GLY A 743 -5.81 -23.23 8.16
C GLY A 743 -5.04 -23.52 9.42
N GLU A 744 -4.46 -22.47 9.99
CA GLU A 744 -3.69 -22.62 11.22
C GLU A 744 -4.58 -23.06 12.37
N VAL A 745 -5.79 -22.50 12.45
CA VAL A 745 -6.72 -22.88 13.50
C VAL A 745 -7.16 -24.33 13.34
N MET A 746 -7.43 -24.75 12.10
CA MET A 746 -7.86 -26.13 11.86
C MET A 746 -6.73 -27.11 12.13
N LYS A 747 -5.49 -26.74 11.81
CA LYS A 747 -4.36 -27.60 12.10
C LYS A 747 -4.19 -27.77 13.61
N GLU A 748 -4.34 -26.69 14.37
CA GLU A 748 -4.28 -26.80 15.83
C GLU A 748 -5.41 -27.66 16.36
N SER A 749 -6.61 -27.53 15.77
CA SER A 749 -7.74 -28.34 16.19
C SER A 749 -7.47 -29.82 16.01
N ALA A 750 -6.77 -30.18 14.92
CA ALA A 750 -6.40 -31.57 14.71
C ALA A 750 -5.45 -32.07 15.79
N ARG A 751 -4.48 -31.23 16.18
CA ARG A 751 -3.56 -31.62 17.25
C ARG A 751 -4.28 -31.79 18.58
N ILE A 752 -5.19 -30.87 18.90
CA ILE A 752 -5.98 -31.01 20.12
C ILE A 752 -6.83 -32.26 20.05
N ALA A 753 -7.46 -32.51 18.91
CA ALA A 753 -8.27 -33.71 18.74
C ALA A 753 -7.42 -34.97 18.82
N TYR A 754 -6.22 -34.93 18.27
CA TYR A 754 -5.32 -36.09 18.35
C TYR A 754 -4.93 -36.40 19.79
N THR A 755 -4.63 -35.37 20.57
CA THR A 755 -4.27 -35.58 21.96
C THR A 755 -5.45 -36.13 22.76
N PHE A 756 -6.64 -35.58 22.55
CA PHE A 756 -7.82 -36.07 23.27
C PHE A 756 -8.17 -37.48 22.85
N ALA A 757 -8.03 -37.79 21.55
CA ALA A 757 -8.34 -39.14 21.07
C ALA A 757 -7.43 -40.17 21.72
N ARG A 758 -6.15 -39.83 21.90
CA ARG A 758 -5.24 -40.72 22.61
C ARG A 758 -5.69 -40.93 24.05
N ALA A 759 -6.06 -39.84 24.73
CA ALA A 759 -6.48 -39.93 26.13
C ALA A 759 -7.79 -40.69 26.27
N PHE A 760 -8.74 -40.46 25.35
CA PHE A 760 -10.03 -41.12 25.43
C PHE A 760 -9.89 -42.62 25.26
N LEU A 761 -9.03 -43.06 24.34
CA LEU A 761 -8.87 -44.50 24.10
C LEU A 761 -8.19 -45.19 25.27
N MET A 762 -7.38 -44.47 26.04
CA MET A 762 -6.71 -45.08 27.18
C MET A 762 -7.71 -45.57 28.22
N GLN A 763 -8.66 -44.72 28.60
CA GLN A 763 -9.64 -45.10 29.61
C GLN A 763 -10.70 -46.03 29.05
N HIS A 764 -11.10 -45.85 27.79
CA HIS A 764 -12.16 -46.69 27.21
C HIS A 764 -11.66 -48.09 26.93
N ALA A 765 -10.42 -48.23 26.46
CA ALA A 765 -9.86 -49.53 26.12
C ALA A 765 -8.35 -49.47 26.29
N PRO A 766 -7.85 -49.76 27.49
CA PRO A 766 -6.39 -49.75 27.69
C PRO A 766 -5.65 -50.76 26.84
N ALA A 767 -6.31 -51.84 26.43
CA ALA A 767 -5.65 -52.86 25.60
C ALA A 767 -5.28 -52.30 24.24
N ASN A 768 -6.13 -51.46 23.66
CA ASN A 768 -5.87 -50.92 22.33
C ASN A 768 -4.64 -50.00 22.36
N ASP A 769 -3.78 -50.15 21.37
CA ASP A 769 -2.57 -49.34 21.25
C ASP A 769 -2.45 -48.74 19.85
N TYR A 770 -3.58 -48.54 19.18
CA TYR A 770 -3.57 -48.09 17.80
C TYR A 770 -3.15 -46.63 17.69
N LEU A 771 -3.69 -45.77 18.56
CA LEU A 771 -3.47 -44.34 18.44
C LEU A 771 -2.15 -43.87 19.04
N VAL A 772 -1.39 -44.74 19.68
CA VAL A 772 -0.13 -44.36 20.32
C VAL A 772 1.07 -44.72 19.44
N THR A 773 1.08 -45.94 18.90
CA THR A 773 2.24 -46.42 18.15
C THR A 773 2.11 -46.23 16.65
N SER A 774 0.91 -46.39 16.09
CA SER A 774 0.73 -46.32 14.65
C SER A 774 0.77 -44.87 14.15
N HIS A 775 1.18 -44.72 12.90
CA HIS A 775 1.23 -43.41 12.24
C HIS A 775 -0.01 -43.25 11.37
N ILE A 776 -0.77 -42.19 11.60
CA ILE A 776 -2.06 -41.98 10.97
C ILE A 776 -1.98 -40.74 10.08
N HIS A 777 -2.52 -40.86 8.87
CA HIS A 777 -2.64 -39.76 7.93
C HIS A 777 -4.10 -39.31 7.90
N LEU A 778 -4.32 -38.02 8.14
CA LEU A 778 -5.65 -37.44 8.12
C LEU A 778 -5.78 -36.47 6.95
N HIS A 779 -6.90 -36.54 6.25
CA HIS A 779 -7.10 -35.70 5.08
C HIS A 779 -8.58 -35.39 4.93
N VAL A 780 -8.86 -34.21 4.38
CA VAL A 780 -10.21 -33.79 3.99
C VAL A 780 -10.30 -33.82 2.47
N PRO A 781 -11.24 -34.57 1.89
CA PRO A 781 -11.17 -34.87 0.45
C PRO A 781 -11.27 -33.66 -0.46
N GLU A 782 -11.78 -32.52 0.00
CA GLU A 782 -11.81 -31.32 -0.83
C GLU A 782 -10.40 -30.71 -0.80
N GLY A 783 -9.53 -31.27 -1.64
CA GLY A 783 -8.12 -30.95 -1.55
C GLY A 783 -7.79 -29.51 -1.90
N ALA A 784 -8.42 -28.98 -2.96
CA ALA A 784 -8.08 -27.66 -3.47
C ALA A 784 -8.82 -26.53 -2.75
N THR A 785 -9.80 -26.84 -1.91
CA THR A 785 -10.58 -25.80 -1.24
C THR A 785 -9.98 -25.50 0.13
N PRO A 786 -9.58 -24.25 0.40
CA PRO A 786 -9.07 -23.91 1.72
C PRO A 786 -10.13 -24.10 2.80
N LYS A 787 -9.68 -24.56 3.97
CA LYS A 787 -10.57 -24.79 5.10
C LYS A 787 -9.94 -24.23 6.37
N ASP A 788 -10.80 -23.76 7.27
CA ASP A 788 -10.34 -23.15 8.51
C ASP A 788 -11.46 -23.27 9.54
N GLY A 789 -11.11 -23.01 10.79
CA GLY A 789 -12.06 -23.04 11.88
C GLY A 789 -11.97 -24.31 12.70
N PRO A 790 -12.32 -24.21 13.99
CA PRO A 790 -12.28 -25.38 14.87
C PRO A 790 -13.55 -26.20 14.89
N SER A 791 -14.49 -25.95 13.98
CA SER A 791 -15.78 -26.65 13.99
C SER A 791 -15.66 -28.13 13.69
N ALA A 792 -14.53 -28.59 13.17
CA ALA A 792 -14.34 -30.00 12.83
C ALA A 792 -13.61 -30.76 13.93
N GLY A 793 -13.62 -30.25 15.15
CA GLY A 793 -12.91 -30.93 16.23
C GLY A 793 -13.49 -32.28 16.57
N CYS A 794 -14.82 -32.38 16.66
CA CYS A 794 -15.43 -33.63 17.10
C CYS A 794 -15.37 -34.70 16.01
N THR A 795 -15.52 -34.30 14.75
CA THR A 795 -15.47 -35.27 13.67
C THR A 795 -14.07 -35.82 13.46
N ILE A 796 -13.04 -35.05 13.82
CA ILE A 796 -11.68 -35.57 13.76
C ILE A 796 -11.45 -36.61 14.85
N VAL A 797 -11.97 -36.34 16.06
CA VAL A 797 -11.85 -37.32 17.15
C VAL A 797 -12.58 -38.61 16.79
N THR A 798 -13.79 -38.48 16.23
CA THR A 798 -14.56 -39.66 15.87
C THR A 798 -13.88 -40.44 14.77
N ALA A 799 -13.30 -39.76 13.79
CA ALA A 799 -12.59 -40.43 12.72
C ALA A 799 -11.39 -41.21 13.25
N LEU A 800 -10.63 -40.62 14.16
CA LEU A 800 -9.48 -41.31 14.74
C LEU A 800 -9.92 -42.53 15.54
N LEU A 801 -10.98 -42.40 16.33
CA LEU A 801 -11.46 -43.53 17.13
C LEU A 801 -12.05 -44.62 16.24
N SER A 802 -12.76 -44.22 15.17
CA SER A 802 -13.33 -45.21 14.26
C SER A 802 -12.24 -46.04 13.59
N LEU A 803 -11.16 -45.38 13.15
CA LEU A 803 -10.05 -46.11 12.55
C LEU A 803 -9.36 -47.02 13.55
N ALA A 804 -9.16 -46.53 14.78
CA ALA A 804 -8.48 -47.34 15.79
C ALA A 804 -9.27 -48.58 16.15
N MET A 805 -10.59 -48.43 16.32
CA MET A 805 -11.43 -49.56 16.70
C MET A 805 -11.82 -50.43 15.50
N GLY A 806 -11.61 -49.94 14.27
CA GLY A 806 -12.05 -50.67 13.11
C GLY A 806 -13.54 -50.77 12.96
N ARG A 807 -14.30 -49.86 13.57
CA ARG A 807 -15.75 -49.88 13.54
C ARG A 807 -16.26 -48.64 12.83
N PRO A 808 -17.01 -48.77 11.73
CA PRO A 808 -17.58 -47.59 11.09
C PRO A 808 -18.65 -46.95 11.95
N VAL A 809 -18.80 -45.63 11.79
CA VAL A 809 -19.78 -44.87 12.56
C VAL A 809 -21.18 -45.17 12.03
N ARG A 810 -22.20 -44.76 12.78
CA ARG A 810 -23.57 -44.93 12.32
C ARG A 810 -23.81 -44.11 11.05
N GLN A 811 -24.52 -44.71 10.10
CA GLN A 811 -24.71 -44.09 8.80
C GLN A 811 -25.62 -42.87 8.89
N ASN A 812 -25.45 -41.96 7.94
CA ASN A 812 -26.26 -40.75 7.82
C ASN A 812 -26.18 -39.90 9.08
N LEU A 813 -24.98 -39.83 9.67
CA LEU A 813 -24.74 -39.05 10.88
C LEU A 813 -23.75 -37.93 10.57
N ALA A 814 -24.12 -36.71 10.94
CA ALA A 814 -23.27 -35.54 10.74
C ALA A 814 -23.08 -34.85 12.08
N MET A 815 -21.84 -34.51 12.41
CA MET A 815 -21.51 -33.89 13.68
C MET A 815 -20.61 -32.68 13.46
N THR A 816 -20.73 -31.71 14.36
CA THR A 816 -19.89 -30.52 14.33
C THR A 816 -19.71 -30.00 15.74
N GLY A 817 -18.64 -29.24 15.96
CA GLY A 817 -18.39 -28.66 17.26
C GLY A 817 -16.93 -28.67 17.67
N GLU A 818 -16.47 -27.57 18.25
CA GLU A 818 -15.10 -27.48 18.73
C GLU A 818 -14.91 -28.36 19.96
N VAL A 819 -13.77 -29.03 20.03
CA VAL A 819 -13.46 -29.97 21.10
C VAL A 819 -12.18 -29.54 21.77
N SER A 820 -12.22 -29.36 23.10
CA SER A 820 -11.02 -29.15 23.87
C SER A 820 -10.41 -30.50 24.26
N LEU A 821 -9.12 -30.49 24.62
CA LEU A 821 -8.42 -31.73 24.89
C LEU A 821 -8.97 -32.42 26.14
N THR A 822 -9.66 -31.69 27.01
CA THR A 822 -10.37 -32.33 28.11
C THR A 822 -11.53 -33.17 27.58
N GLY A 823 -12.23 -32.67 26.55
CA GLY A 823 -13.31 -33.41 25.94
C GLY A 823 -14.63 -32.67 25.85
N LYS A 824 -14.72 -31.46 26.41
CA LYS A 824 -15.97 -30.72 26.34
C LYS A 824 -16.19 -30.15 24.95
N ILE A 825 -17.43 -30.18 24.48
CA ILE A 825 -17.80 -29.65 23.17
C ILE A 825 -18.14 -28.18 23.32
N LEU A 826 -17.57 -27.34 22.46
CA LEU A 826 -17.78 -25.91 22.49
C LEU A 826 -18.65 -25.47 21.32
N PRO A 827 -19.41 -24.39 21.48
CA PRO A 827 -20.32 -23.96 20.40
C PRO A 827 -19.56 -23.51 19.17
N VAL A 828 -20.24 -23.61 18.02
CA VAL A 828 -19.69 -23.21 16.74
C VAL A 828 -20.70 -22.33 16.01
N GLY A 829 -20.20 -21.53 15.08
CA GLY A 829 -21.04 -20.65 14.30
C GLY A 829 -21.55 -21.29 13.02
N GLY A 830 -22.41 -20.55 12.32
CA GLY A 830 -22.98 -21.04 11.07
C GLY A 830 -23.85 -22.26 11.23
N ILE A 831 -24.69 -22.29 12.27
CA ILE A 831 -25.56 -23.45 12.48
C ILE A 831 -26.60 -23.55 11.37
N LYS A 832 -27.10 -22.41 10.90
CA LYS A 832 -28.12 -22.42 9.85
C LYS A 832 -27.59 -23.06 8.58
N GLU A 833 -26.38 -22.68 8.16
CA GLU A 833 -25.80 -23.25 6.94
C GLU A 833 -25.50 -24.73 7.10
N LYS A 834 -24.97 -25.12 8.26
CA LYS A 834 -24.69 -26.54 8.49
C LYS A 834 -25.96 -27.36 8.54
N THR A 835 -27.02 -26.84 9.16
CA THR A 835 -28.28 -27.57 9.22
C THR A 835 -28.90 -27.73 7.83
N ILE A 836 -28.84 -26.69 7.01
CA ILE A 836 -29.38 -26.77 5.65
C ILE A 836 -28.62 -27.81 4.84
N ALA A 837 -27.28 -27.78 4.93
CA ALA A 837 -26.48 -28.76 4.21
C ALA A 837 -26.71 -30.17 4.70
N ALA A 838 -27.06 -30.34 5.97
CA ALA A 838 -27.35 -31.67 6.51
C ALA A 838 -28.60 -32.25 5.85
N LYS A 839 -29.65 -31.46 5.71
CA LYS A 839 -30.86 -31.92 5.06
C LYS A 839 -30.62 -32.18 3.58
N ARG A 840 -29.80 -31.33 2.93
CA ARG A 840 -29.54 -31.50 1.50
C ARG A 840 -28.87 -32.83 1.21
N ALA A 841 -27.99 -33.27 2.11
CA ALA A 841 -27.39 -34.60 2.01
C ALA A 841 -28.32 -35.70 2.48
N GLY A 842 -29.51 -35.35 2.98
CA GLY A 842 -30.48 -36.33 3.41
C GLY A 842 -30.05 -37.12 4.63
N VAL A 843 -29.47 -36.45 5.62
CA VAL A 843 -29.03 -37.13 6.83
C VAL A 843 -30.21 -37.33 7.77
N THR A 844 -30.06 -38.30 8.67
CA THR A 844 -31.10 -38.63 9.64
C THR A 844 -30.85 -38.01 11.01
N CYS A 845 -29.61 -38.09 11.50
CA CYS A 845 -29.25 -37.57 12.82
C CYS A 845 -28.13 -36.56 12.70
N ILE A 846 -28.23 -35.49 13.46
CA ILE A 846 -27.21 -34.44 13.51
C ILE A 846 -26.82 -34.21 14.96
N VAL A 847 -25.52 -34.08 15.20
CA VAL A 847 -24.97 -33.88 16.54
C VAL A 847 -24.44 -32.46 16.62
N LEU A 848 -24.89 -31.72 17.63
CA LEU A 848 -24.53 -30.33 17.83
C LEU A 848 -24.11 -30.13 19.28
N PRO A 849 -23.29 -29.11 19.55
CA PRO A 849 -22.96 -28.77 20.94
C PRO A 849 -24.20 -28.30 21.69
N ALA A 850 -24.22 -28.57 23.00
CA ALA A 850 -25.37 -28.17 23.82
C ALA A 850 -25.52 -26.66 23.88
N GLU A 851 -24.41 -25.93 23.77
CA GLU A 851 -24.48 -24.46 23.76
C GLU A 851 -25.13 -23.91 22.50
N ASN A 852 -25.31 -24.74 21.47
CA ASN A 852 -25.97 -24.34 20.24
C ASN A 852 -27.44 -24.72 20.20
N LYS A 853 -28.01 -25.11 21.35
CA LYS A 853 -29.41 -25.51 21.39
C LYS A 853 -30.33 -24.36 20.98
N LYS A 854 -30.04 -23.15 21.45
CA LYS A 854 -30.85 -22.00 21.07
C LYS A 854 -30.75 -21.72 19.58
N ASP A 855 -29.55 -21.89 19.00
CA ASP A 855 -29.36 -21.59 17.58
C ASP A 855 -30.18 -22.54 16.72
N PHE A 856 -30.23 -23.82 17.08
CA PHE A 856 -30.98 -24.79 16.28
C PHE A 856 -32.47 -24.48 16.29
N TYR A 857 -33.01 -24.16 17.46
CA TYR A 857 -34.44 -23.92 17.58
C TYR A 857 -34.86 -22.53 17.14
N ASP A 858 -33.91 -21.62 16.93
CA ASP A 858 -34.22 -20.31 16.37
C ASP A 858 -34.45 -20.35 14.87
N LEU A 859 -34.09 -21.45 14.21
CA LEU A 859 -34.26 -21.57 12.77
C LEU A 859 -35.74 -21.70 12.42
N ALA A 860 -36.02 -21.59 11.12
CA ALA A 860 -37.38 -21.71 10.64
C ALA A 860 -37.90 -23.13 10.83
N ALA A 861 -39.22 -23.27 10.83
CA ALA A 861 -39.85 -24.56 11.10
C ALA A 861 -39.50 -25.58 10.02
N PHE A 862 -39.50 -25.16 8.75
CA PHE A 862 -39.32 -26.10 7.65
C PHE A 862 -37.88 -26.61 7.51
N ILE A 863 -36.93 -26.04 8.26
CA ILE A 863 -35.54 -26.49 8.20
C ILE A 863 -35.23 -27.53 9.26
N THR A 864 -36.19 -27.91 10.09
CA THR A 864 -35.94 -28.76 11.25
C THR A 864 -36.54 -30.15 11.15
N GLU A 865 -37.70 -30.31 10.52
CA GLU A 865 -38.39 -31.59 10.53
C GLU A 865 -37.55 -32.65 9.81
N GLY A 866 -37.72 -33.90 10.24
CA GLY A 866 -36.97 -35.00 9.69
C GLY A 866 -35.56 -35.14 10.21
N LEU A 867 -35.14 -34.29 11.14
CA LEU A 867 -33.79 -34.31 11.70
C LEU A 867 -33.88 -34.68 13.17
N GLU A 868 -33.19 -35.75 13.56
CA GLU A 868 -33.08 -36.15 14.96
C GLU A 868 -31.80 -35.51 15.50
N VAL A 869 -31.95 -34.40 16.18
CA VAL A 869 -30.81 -33.62 16.66
C VAL A 869 -30.44 -34.09 18.06
N HIS A 870 -29.14 -34.21 18.31
CA HIS A 870 -28.61 -34.55 19.63
C HIS A 870 -27.70 -33.42 20.09
N PHE A 871 -27.99 -32.89 21.28
CA PHE A 871 -27.21 -31.81 21.85
C PHE A 871 -26.31 -32.36 22.96
N VAL A 872 -25.01 -32.09 22.86
CA VAL A 872 -24.02 -32.68 23.74
C VAL A 872 -23.15 -31.57 24.31
N GLU A 873 -22.60 -31.82 25.50
CA GLU A 873 -21.61 -30.94 26.10
C GLU A 873 -20.25 -31.60 26.31
N HIS A 874 -20.19 -32.93 26.33
CA HIS A 874 -18.93 -33.66 26.40
C HIS A 874 -18.91 -34.70 25.29
N TYR A 875 -17.70 -35.04 24.84
CA TYR A 875 -17.56 -35.97 23.73
C TYR A 875 -18.03 -37.37 24.07
N ARG A 876 -18.01 -37.77 25.35
CA ARG A 876 -18.44 -39.11 25.72
C ARG A 876 -19.88 -39.37 25.34
N GLU A 877 -20.70 -38.33 25.18
CA GLU A 877 -22.05 -38.50 24.67
C GLU A 877 -22.04 -38.73 23.15
N ILE A 878 -21.12 -38.09 22.44
CA ILE A 878 -21.00 -38.31 20.99
C ILE A 878 -20.55 -39.75 20.72
N PHE A 879 -19.67 -40.27 21.56
CA PHE A 879 -19.16 -41.63 21.35
C PHE A 879 -20.28 -42.65 21.41
N ASP A 880 -21.19 -42.51 22.37
CA ASP A 880 -22.33 -43.42 22.46
C ASP A 880 -23.25 -43.28 21.26
N ILE A 881 -23.46 -42.05 20.78
CA ILE A 881 -24.32 -41.83 19.63
C ILE A 881 -23.68 -42.39 18.36
N ALA A 882 -22.40 -42.10 18.15
CA ALA A 882 -21.73 -42.53 16.93
C ALA A 882 -21.47 -44.03 16.93
N PHE A 883 -21.31 -44.64 18.10
CA PHE A 883 -21.05 -46.08 18.23
C PHE A 883 -22.09 -46.66 19.18
N PRO A 884 -23.30 -46.92 18.69
CA PRO A 884 -24.35 -47.42 19.59
C PRO A 884 -24.03 -48.79 20.18
N ASP A 885 -23.70 -49.77 19.33
CA ASP A 885 -23.38 -51.14 19.74
C ASP A 885 -24.60 -51.86 20.34
N GLU B 346 -39.32 40.25 -30.44
CA GLU B 346 -39.03 39.16 -29.50
C GLU B 346 -40.09 38.07 -29.56
N LYS B 347 -41.36 38.48 -29.58
CA LYS B 347 -42.46 37.52 -29.60
C LYS B 347 -42.43 36.68 -30.87
N ASP B 348 -42.14 37.30 -32.01
CA ASP B 348 -42.02 36.55 -33.26
C ASP B 348 -40.88 35.55 -33.20
N ASP B 349 -39.75 35.95 -32.61
CA ASP B 349 -38.63 35.03 -32.46
C ASP B 349 -39.00 33.85 -31.56
N LYS B 350 -39.70 34.12 -30.45
CA LYS B 350 -40.14 33.05 -29.58
C LYS B 350 -41.12 32.13 -30.29
N ASP B 351 -42.06 32.70 -31.04
CA ASP B 351 -43.08 31.90 -31.71
C ASP B 351 -42.45 30.92 -32.70
N ALA B 352 -41.47 31.38 -33.48
CA ALA B 352 -40.79 30.49 -34.40
C ALA B 352 -40.00 29.42 -33.65
N ILE B 353 -39.38 29.80 -32.53
CA ILE B 353 -38.55 28.85 -31.78
C ILE B 353 -39.41 27.76 -31.16
N GLU B 354 -40.50 28.14 -30.49
CA GLU B 354 -41.32 27.13 -29.81
C GLU B 354 -42.02 26.23 -30.81
N GLU B 355 -42.48 26.79 -31.93
CA GLU B 355 -43.10 25.97 -32.98
C GLU B 355 -42.10 24.96 -33.53
N LYS B 356 -40.83 25.38 -33.66
CA LYS B 356 -39.78 24.43 -34.07
C LYS B 356 -39.62 23.33 -33.03
N PHE B 357 -39.68 23.68 -31.74
CA PHE B 357 -39.61 22.68 -30.69
C PHE B 357 -40.84 21.78 -30.71
N ARG B 358 -42.03 22.35 -30.88
CA ARG B 358 -43.25 21.56 -30.87
C ARG B 358 -43.33 20.65 -32.08
N GLU B 359 -42.94 21.13 -33.26
CA GLU B 359 -42.98 20.28 -34.45
C GLU B 359 -41.95 19.16 -34.36
N ARG B 360 -40.85 19.39 -33.63
CA ARG B 360 -39.90 18.32 -33.39
C ARG B 360 -40.40 17.32 -32.35
N LEU B 361 -41.39 17.72 -31.54
CA LEU B 361 -41.86 16.91 -30.44
C LEU B 361 -43.16 16.18 -30.76
N LYS B 362 -43.81 16.49 -31.87
CA LYS B 362 -45.12 15.92 -32.18
C LYS B 362 -45.05 14.52 -32.79
N GLU B 363 -43.87 14.07 -33.18
CA GLU B 363 -43.71 12.71 -33.71
C GLU B 363 -43.31 11.70 -32.64
N LEU B 364 -43.26 12.12 -31.38
CA LEU B 364 -42.79 11.27 -30.29
C LEU B 364 -43.91 11.01 -29.31
N VAL B 365 -43.86 9.83 -28.67
CA VAL B 365 -44.80 9.48 -27.61
C VAL B 365 -44.20 10.03 -26.32
N VAL B 366 -44.48 11.30 -26.04
CA VAL B 366 -43.83 12.00 -24.94
C VAL B 366 -44.48 11.57 -23.62
N PRO B 367 -43.71 11.13 -22.64
CA PRO B 367 -44.28 10.83 -21.32
C PRO B 367 -44.83 12.08 -20.66
N LYS B 368 -45.79 11.88 -19.77
CA LYS B 368 -46.46 13.00 -19.11
C LYS B 368 -45.48 13.82 -18.29
N HIS B 369 -44.60 13.17 -17.54
CA HIS B 369 -43.62 13.91 -16.74
C HIS B 369 -42.62 14.64 -17.64
N VAL B 370 -42.26 14.04 -18.77
CA VAL B 370 -41.40 14.74 -19.74
C VAL B 370 -42.13 15.94 -20.31
N MET B 371 -43.40 15.77 -20.67
CA MET B 371 -44.15 16.84 -21.32
C MET B 371 -44.40 18.00 -20.36
N ASP B 372 -44.56 17.71 -19.06
CA ASP B 372 -44.78 18.78 -18.09
C ASP B 372 -43.55 19.68 -17.97
N VAL B 373 -42.36 19.09 -17.96
CA VAL B 373 -41.14 19.90 -17.87
C VAL B 373 -40.96 20.73 -19.13
N VAL B 374 -41.28 20.16 -20.29
CA VAL B 374 -41.14 20.90 -21.55
C VAL B 374 -42.04 22.12 -21.57
N ASP B 375 -43.30 21.96 -21.14
CA ASP B 375 -44.24 23.07 -21.13
C ASP B 375 -43.78 24.19 -20.20
N GLU B 376 -43.24 23.82 -19.03
CA GLU B 376 -42.75 24.84 -18.11
C GLU B 376 -41.60 25.63 -18.72
N GLU B 377 -40.67 24.95 -19.40
CA GLU B 377 -39.56 25.65 -20.03
C GLU B 377 -40.02 26.52 -21.19
N LEU B 378 -40.94 26.00 -22.02
CA LEU B 378 -41.45 26.79 -23.14
C LEU B 378 -42.20 28.02 -22.64
N SER B 379 -43.00 27.87 -21.59
CA SER B 379 -43.63 29.04 -20.98
C SER B 379 -42.59 29.99 -20.41
N LYS B 380 -41.56 29.43 -19.76
CA LYS B 380 -40.47 30.25 -19.25
C LYS B 380 -39.67 30.89 -20.39
N LEU B 381 -39.45 30.14 -21.48
CA LEU B 381 -38.67 30.66 -22.59
C LEU B 381 -39.32 31.87 -23.22
N GLY B 382 -40.65 31.92 -23.24
CA GLY B 382 -41.36 33.04 -23.81
C GLY B 382 -41.21 34.34 -23.05
N LEU B 383 -40.71 34.29 -21.81
CA LEU B 383 -40.56 35.49 -21.00
C LEU B 383 -39.13 36.02 -20.94
N LEU B 384 -38.13 35.14 -21.09
CA LEU B 384 -36.75 35.60 -21.06
C LEU B 384 -36.42 36.37 -22.34
N ASP B 385 -35.40 37.23 -22.23
CA ASP B 385 -34.94 38.03 -23.36
C ASP B 385 -33.83 37.30 -24.11
N ASN B 386 -33.77 37.56 -25.42
CA ASN B 386 -32.83 36.83 -26.27
C ASN B 386 -31.38 37.09 -25.86
N HIS B 387 -31.05 38.34 -25.52
CA HIS B 387 -29.69 38.67 -25.15
C HIS B 387 -29.27 38.07 -23.81
N SER B 388 -30.23 37.63 -23.00
CA SER B 388 -29.91 37.10 -21.68
C SER B 388 -29.17 35.78 -21.79
N SER B 389 -28.27 35.54 -20.83
CA SER B 389 -27.54 34.29 -20.78
C SER B 389 -28.42 33.15 -20.28
N GLU B 390 -29.41 33.45 -19.44
CA GLU B 390 -30.34 32.43 -18.97
C GLU B 390 -31.17 31.87 -20.12
N PHE B 391 -31.52 32.73 -21.09
CA PHE B 391 -32.29 32.26 -22.23
C PHE B 391 -31.52 31.24 -23.05
N ASN B 392 -30.22 31.47 -23.24
CA ASN B 392 -29.40 30.52 -24.00
C ASN B 392 -29.29 29.19 -23.26
N VAL B 393 -29.21 29.23 -21.93
CA VAL B 393 -29.18 28.00 -21.15
C VAL B 393 -30.50 27.24 -21.29
N THR B 394 -31.62 27.97 -21.22
CA THR B 394 -32.92 27.33 -21.36
C THR B 394 -33.10 26.77 -22.77
N ARG B 395 -32.65 27.50 -23.79
CA ARG B 395 -32.79 27.02 -25.16
C ARG B 395 -32.00 25.75 -25.38
N ASN B 396 -30.80 25.66 -24.80
CA ASN B 396 -30.00 24.44 -24.91
C ASN B 396 -30.71 23.26 -24.26
N TYR B 397 -31.34 23.48 -23.10
CA TYR B 397 -32.07 22.42 -22.43
C TYR B 397 -33.24 21.94 -23.27
N LEU B 398 -34.01 22.86 -23.84
CA LEU B 398 -35.16 22.47 -24.66
C LEU B 398 -34.71 21.72 -25.90
N ASP B 399 -33.59 22.14 -26.50
CA ASP B 399 -33.07 21.45 -27.68
C ASP B 399 -32.70 20.01 -27.36
N TRP B 400 -32.06 19.77 -26.21
CA TRP B 400 -31.71 18.41 -25.83
C TRP B 400 -32.95 17.58 -25.52
N LEU B 401 -33.93 18.16 -24.82
CA LEU B 401 -35.13 17.42 -24.47
C LEU B 401 -35.91 17.00 -25.70
N THR B 402 -36.05 17.91 -26.66
CA THR B 402 -36.78 17.58 -27.89
C THR B 402 -35.99 16.59 -28.75
N SER B 403 -34.66 16.64 -28.68
CA SER B 403 -33.84 15.74 -29.49
C SER B 403 -33.96 14.29 -29.03
N ILE B 404 -34.27 14.08 -27.75
CA ILE B 404 -34.35 12.71 -27.22
C ILE B 404 -35.49 11.97 -27.92
N PRO B 405 -35.26 10.77 -28.44
CA PRO B 405 -36.34 10.02 -29.09
C PRO B 405 -37.30 9.39 -28.10
N TRP B 406 -38.27 10.17 -27.61
CA TRP B 406 -39.24 9.68 -26.63
C TRP B 406 -40.20 8.73 -27.32
N GLY B 407 -40.12 7.44 -26.98
CA GLY B 407 -41.05 6.47 -27.52
C GLY B 407 -40.88 6.18 -29.00
N LYS B 408 -39.70 6.39 -29.56
CA LYS B 408 -39.43 6.09 -30.95
C LYS B 408 -38.54 4.85 -31.01
N TYR B 409 -38.98 3.85 -31.76
CA TYR B 409 -38.26 2.59 -31.90
C TYR B 409 -37.95 2.33 -33.36
N SER B 410 -36.75 1.84 -33.64
CA SER B 410 -36.40 1.48 -35.00
C SER B 410 -37.15 0.23 -35.44
N ASN B 411 -37.28 0.08 -36.75
CA ASN B 411 -37.93 -1.10 -37.32
C ASN B 411 -37.02 -2.31 -37.16
N GLU B 412 -37.20 -3.05 -36.07
CA GLU B 412 -36.36 -4.19 -35.76
C GLU B 412 -36.92 -5.44 -36.42
N ASN B 413 -36.14 -6.05 -37.30
CA ASN B 413 -36.58 -7.28 -37.96
C ASN B 413 -36.68 -8.40 -36.94
N LEU B 414 -37.73 -9.22 -37.06
CA LEU B 414 -38.02 -10.30 -36.15
C LEU B 414 -38.24 -11.59 -36.91
N ASP B 415 -37.33 -11.90 -37.84
CA ASP B 415 -37.38 -13.14 -38.61
C ASP B 415 -36.17 -13.98 -38.25
N LEU B 416 -36.42 -15.22 -37.81
CA LEU B 416 -35.31 -16.11 -37.45
C LEU B 416 -34.51 -16.54 -38.66
N ALA B 417 -35.14 -16.62 -39.83
CA ALA B 417 -34.46 -17.15 -41.01
C ALA B 417 -33.29 -16.27 -41.43
N ARG B 418 -33.55 -14.97 -41.62
CA ARG B 418 -32.47 -14.07 -42.05
C ARG B 418 -31.67 -13.51 -40.89
N ALA B 419 -32.10 -13.72 -39.65
CA ALA B 419 -31.28 -13.32 -38.51
C ALA B 419 -30.00 -14.16 -38.45
N GLN B 420 -30.13 -15.47 -38.69
CA GLN B 420 -28.95 -16.33 -38.72
C GLN B 420 -28.02 -15.97 -39.87
N ALA B 421 -28.59 -15.70 -41.05
CA ALA B 421 -27.76 -15.43 -42.22
C ALA B 421 -26.80 -14.27 -41.96
N VAL B 422 -27.24 -13.28 -41.20
CA VAL B 422 -26.33 -12.22 -40.77
C VAL B 422 -25.32 -12.74 -39.75
N LEU B 423 -25.78 -13.60 -38.84
CA LEU B 423 -24.93 -14.01 -37.71
C LEU B 423 -23.75 -14.86 -38.18
N GLU B 424 -24.02 -15.91 -38.95
CA GLU B 424 -22.94 -16.71 -39.54
C GLU B 424 -22.36 -16.09 -40.81
N GLU B 425 -22.51 -14.80 -40.98
CA GLU B 425 -21.90 -14.14 -42.14
C GLU B 425 -20.51 -13.72 -41.75
N ASP B 426 -20.38 -12.87 -40.74
CA ASP B 426 -19.02 -12.37 -40.39
C ASP B 426 -18.34 -13.18 -39.28
N HIS B 427 -19.00 -14.17 -38.70
CA HIS B 427 -18.37 -14.90 -37.58
C HIS B 427 -18.64 -16.40 -37.68
N TYR B 428 -17.68 -17.22 -37.33
CA TYR B 428 -17.86 -18.68 -37.31
C TYR B 428 -18.06 -19.12 -35.88
N GLY B 429 -18.87 -20.14 -35.65
CA GLY B 429 -19.06 -20.70 -34.31
C GLY B 429 -19.69 -19.71 -33.40
N MET B 430 -19.17 -19.55 -32.19
CA MET B 430 -19.80 -18.65 -31.22
C MET B 430 -21.26 -19.05 -31.15
N GLU B 431 -21.54 -20.34 -30.94
CA GLU B 431 -22.93 -20.84 -30.98
C GLU B 431 -23.63 -20.53 -29.68
N ASP B 432 -22.91 -20.37 -28.59
CA ASP B 432 -23.53 -19.93 -27.34
C ASP B 432 -24.05 -18.51 -27.46
N VAL B 433 -23.27 -17.63 -28.07
CA VAL B 433 -23.73 -16.25 -28.25
C VAL B 433 -24.84 -16.18 -29.29
N LYS B 434 -24.71 -16.94 -30.38
CA LYS B 434 -25.71 -16.90 -31.44
C LYS B 434 -27.05 -17.46 -30.99
N LYS B 435 -27.04 -18.49 -30.13
CA LYS B 435 -28.29 -19.02 -29.60
C LYS B 435 -29.01 -17.98 -28.76
N ARG B 436 -28.27 -17.19 -27.97
CA ARG B 436 -28.88 -16.18 -27.13
C ARG B 436 -29.59 -15.12 -27.97
N ILE B 437 -28.98 -14.71 -29.08
CA ILE B 437 -29.60 -13.72 -29.95
C ILE B 437 -30.83 -14.29 -30.62
N LEU B 438 -30.78 -15.56 -31.04
CA LEU B 438 -31.95 -16.19 -31.64
C LEU B 438 -33.08 -16.31 -30.63
N GLU B 439 -32.76 -16.66 -29.39
CA GLU B 439 -33.77 -16.67 -28.33
C GLU B 439 -34.31 -15.28 -28.06
N PHE B 440 -33.46 -14.26 -28.20
CA PHE B 440 -33.90 -12.88 -28.03
C PHE B 440 -34.96 -12.50 -29.06
N ILE B 441 -34.77 -12.93 -30.31
CA ILE B 441 -35.72 -12.61 -31.36
C ILE B 441 -37.02 -13.37 -31.17
N ALA B 442 -36.92 -14.64 -30.77
CA ALA B 442 -38.12 -15.46 -30.57
C ALA B 442 -39.00 -14.89 -29.47
N VAL B 443 -38.39 -14.43 -28.38
CA VAL B 443 -39.15 -13.83 -27.29
C VAL B 443 -39.84 -12.55 -27.76
N SER B 444 -39.14 -11.78 -28.61
CA SER B 444 -39.71 -10.51 -29.08
C SER B 444 -40.94 -10.73 -29.94
N GLN B 445 -40.97 -11.80 -30.73
CA GLN B 445 -42.14 -12.09 -31.55
C GLN B 445 -43.35 -12.40 -30.69
N LEU B 446 -43.19 -13.29 -29.71
CA LEU B 446 -44.30 -13.67 -28.85
C LEU B 446 -44.80 -12.48 -28.03
N ARG B 447 -43.87 -11.68 -27.51
CA ARG B 447 -44.27 -10.50 -26.75
C ARG B 447 -44.97 -9.47 -27.62
N GLY B 448 -44.59 -9.39 -28.90
CA GLY B 448 -45.20 -8.44 -29.80
C GLY B 448 -44.74 -7.01 -29.60
N SER B 449 -43.60 -6.80 -28.95
CA SER B 449 -43.09 -5.45 -28.69
C SER B 449 -41.58 -5.54 -28.53
N THR B 450 -40.94 -4.38 -28.57
CA THR B 450 -39.50 -4.31 -28.41
C THR B 450 -39.09 -4.78 -27.02
N GLN B 451 -37.85 -5.27 -26.93
CA GLN B 451 -37.36 -5.87 -25.70
C GLN B 451 -35.90 -5.44 -25.49
N GLY B 452 -35.53 -5.30 -24.22
CA GLY B 452 -34.16 -4.94 -23.88
C GLY B 452 -33.62 -5.86 -22.80
N LYS B 453 -32.31 -6.11 -22.88
CA LYS B 453 -31.65 -7.00 -21.94
C LYS B 453 -30.24 -6.49 -21.69
N ILE B 454 -29.63 -6.97 -20.61
CA ILE B 454 -28.25 -6.66 -20.26
C ILE B 454 -27.45 -7.96 -20.35
N LEU B 455 -26.47 -7.99 -21.24
CA LEU B 455 -25.66 -9.17 -21.48
C LEU B 455 -24.20 -8.85 -21.27
N CYS B 456 -23.42 -9.88 -20.94
CA CYS B 456 -21.98 -9.75 -20.74
C CYS B 456 -21.29 -10.97 -21.33
N PHE B 457 -20.44 -10.75 -22.32
CA PHE B 457 -19.66 -11.80 -22.94
C PHE B 457 -18.25 -11.77 -22.33
N TYR B 458 -17.83 -12.88 -21.73
CA TYR B 458 -16.53 -12.97 -21.12
C TYR B 458 -15.77 -14.18 -21.65
N GLY B 459 -14.48 -14.02 -21.89
CA GLY B 459 -13.70 -15.12 -22.45
C GLY B 459 -12.30 -14.68 -22.77
N PRO B 460 -11.46 -15.52 -23.38
CA PRO B 460 -10.09 -15.18 -23.60
C PRO B 460 -9.96 -14.03 -24.61
N PRO B 461 -8.85 -13.29 -24.74
CA PRO B 461 -8.75 -12.24 -25.77
C PRO B 461 -8.64 -12.74 -27.21
N GLY B 462 -9.20 -12.03 -28.20
CA GLY B 462 -9.22 -12.45 -29.61
C GLY B 462 -10.30 -13.43 -29.99
N VAL B 463 -11.37 -13.54 -29.24
CA VAL B 463 -12.40 -14.58 -29.46
C VAL B 463 -13.69 -14.04 -30.11
N GLY B 464 -13.78 -12.76 -30.43
CA GLY B 464 -14.95 -12.28 -31.14
C GLY B 464 -15.93 -11.48 -30.34
N LYS B 465 -15.63 -11.14 -29.10
CA LYS B 465 -16.58 -10.46 -28.20
C LYS B 465 -16.93 -9.06 -28.66
N THR B 466 -15.98 -8.22 -29.02
CA THR B 466 -16.23 -6.84 -29.47
C THR B 466 -16.81 -6.84 -30.85
N SER B 467 -16.31 -7.71 -31.70
CA SER B 467 -16.76 -7.79 -33.11
C SER B 467 -18.18 -8.33 -33.27
N ILE B 468 -18.60 -9.34 -32.52
CA ILE B 468 -19.97 -9.85 -32.77
C ILE B 468 -20.94 -8.73 -32.43
N ALA B 469 -20.57 -7.77 -31.61
CA ALA B 469 -21.56 -6.79 -31.20
C ALA B 469 -22.12 -6.03 -32.40
N ARG B 470 -21.25 -5.64 -33.33
CA ARG B 470 -21.73 -4.94 -34.52
C ARG B 470 -22.56 -5.86 -35.40
N SER B 471 -22.20 -7.14 -35.48
CA SER B 471 -22.97 -8.09 -36.28
C SER B 471 -24.35 -8.32 -35.68
N ILE B 472 -24.44 -8.34 -34.35
CA ILE B 472 -25.74 -8.52 -33.70
C ILE B 472 -26.65 -7.34 -34.01
N ALA B 473 -26.09 -6.12 -34.00
CA ALA B 473 -26.90 -4.94 -34.28
C ALA B 473 -27.49 -4.98 -35.68
N ARG B 474 -26.71 -5.43 -36.66
CA ARG B 474 -27.22 -5.56 -38.03
C ARG B 474 -28.31 -6.61 -38.12
N ALA B 475 -28.16 -7.71 -37.37
CA ALA B 475 -29.17 -8.76 -37.39
C ALA B 475 -30.51 -8.25 -36.84
N LEU B 476 -30.46 -7.45 -35.79
CA LEU B 476 -31.66 -6.90 -35.17
C LEU B 476 -32.09 -5.56 -35.78
N ASN B 477 -31.31 -5.02 -36.70
CA ASN B 477 -31.56 -3.70 -37.28
C ASN B 477 -31.65 -2.63 -36.19
N ARG B 478 -30.79 -2.75 -35.18
CA ARG B 478 -30.70 -1.78 -34.11
C ARG B 478 -29.50 -0.88 -34.32
N GLU B 479 -29.65 0.39 -33.98
CA GLU B 479 -28.55 1.33 -34.08
C GLU B 479 -27.43 0.93 -33.11
N TYR B 480 -26.20 0.96 -33.61
CA TYR B 480 -25.04 0.47 -32.87
C TYR B 480 -24.26 1.62 -32.29
N PHE B 481 -23.88 1.51 -31.02
CA PHE B 481 -23.07 2.52 -30.35
C PHE B 481 -22.03 1.81 -29.49
N ARG B 482 -20.83 2.36 -29.47
CA ARG B 482 -19.72 1.80 -28.70
C ARG B 482 -19.40 2.71 -27.53
N PHE B 483 -19.20 2.09 -26.36
CA PHE B 483 -19.01 2.81 -25.10
C PHE B 483 -17.86 2.16 -24.35
N SER B 484 -16.65 2.64 -24.57
CA SER B 484 -15.46 2.04 -24.00
C SER B 484 -15.15 2.68 -22.65
N VAL B 485 -14.94 1.84 -21.63
CA VAL B 485 -14.66 2.31 -20.28
C VAL B 485 -13.27 1.89 -19.82
N GLY B 486 -12.39 1.57 -20.76
CA GLY B 486 -11.04 1.18 -20.39
C GLY B 486 -10.27 2.28 -19.69
N GLY B 487 -9.96 2.07 -18.41
CA GLY B 487 -9.27 3.08 -17.64
C GLY B 487 -10.06 4.34 -17.41
N MET B 488 -11.37 4.30 -17.59
CA MET B 488 -12.22 5.47 -17.45
C MET B 488 -12.57 5.66 -15.98
N THR B 489 -12.27 6.84 -15.44
CA THR B 489 -12.53 7.15 -14.05
C THR B 489 -13.45 8.34 -13.86
N ASP B 490 -13.90 8.98 -14.93
CA ASP B 490 -14.76 10.16 -14.83
C ASP B 490 -16.22 9.72 -14.84
N VAL B 491 -16.85 9.76 -13.66
CA VAL B 491 -18.26 9.39 -13.55
C VAL B 491 -19.15 10.35 -14.33
N ALA B 492 -18.71 11.58 -14.57
CA ALA B 492 -19.51 12.53 -15.32
C ALA B 492 -19.69 12.11 -16.77
N GLU B 493 -18.89 11.17 -17.26
CA GLU B 493 -19.08 10.69 -18.63
C GLU B 493 -20.34 9.85 -18.75
N ILE B 494 -20.80 9.24 -17.66
CA ILE B 494 -22.00 8.43 -17.67
C ILE B 494 -23.23 9.27 -17.37
N LYS B 495 -23.20 10.05 -16.30
CA LYS B 495 -24.36 10.81 -15.86
C LYS B 495 -24.44 12.19 -16.49
N GLY B 496 -23.34 12.93 -16.50
CA GLY B 496 -23.32 14.28 -17.02
C GLY B 496 -23.09 15.30 -15.92
N HIS B 497 -23.36 16.56 -16.26
CA HIS B 497 -23.17 17.67 -15.35
C HIS B 497 -24.45 18.48 -15.24
N ARG B 498 -24.59 19.18 -14.11
CA ARG B 498 -25.76 20.02 -13.90
C ARG B 498 -25.79 21.13 -14.94
N ARG B 499 -27.00 21.53 -15.32
CA ARG B 499 -27.18 22.56 -16.34
C ARG B 499 -26.70 23.93 -15.85
N THR B 500 -26.48 24.10 -14.54
CA THR B 500 -25.94 25.36 -14.05
C THR B 500 -24.56 25.64 -14.63
N TYR B 501 -23.73 24.60 -14.74
CA TYR B 501 -22.36 24.77 -15.22
C TYR B 501 -22.33 25.21 -16.67
N VAL B 502 -21.31 26.01 -17.00
CA VAL B 502 -21.15 26.51 -18.37
C VAL B 502 -20.64 25.39 -19.25
N GLY B 503 -21.26 25.23 -20.42
CA GLY B 503 -20.86 24.18 -21.35
C GLY B 503 -21.13 22.79 -20.81
N ALA B 504 -22.26 22.61 -20.12
CA ALA B 504 -22.61 21.31 -19.56
C ALA B 504 -23.35 20.48 -20.61
N MET B 505 -23.09 19.18 -20.57
CA MET B 505 -23.69 18.22 -21.49
C MET B 505 -24.09 16.99 -20.71
N PRO B 506 -25.07 16.24 -21.19
CA PRO B 506 -25.44 14.98 -20.53
C PRO B 506 -24.37 13.92 -20.77
N GLY B 507 -24.49 12.82 -20.03
CA GLY B 507 -23.66 11.67 -20.28
C GLY B 507 -23.88 11.14 -21.68
N LYS B 508 -22.86 10.47 -22.21
CA LYS B 508 -22.94 10.02 -23.60
C LYS B 508 -23.97 8.93 -23.79
N ILE B 509 -24.50 8.35 -22.71
CA ILE B 509 -25.67 7.48 -22.83
C ILE B 509 -26.85 8.27 -23.36
N ILE B 510 -27.07 9.48 -22.82
CA ILE B 510 -28.08 10.37 -23.37
C ILE B 510 -27.66 10.85 -24.75
N GLN B 511 -26.37 11.14 -24.95
CA GLN B 511 -25.88 11.52 -26.26
C GLN B 511 -26.01 10.37 -27.26
N CYS B 512 -26.05 9.13 -26.77
CA CYS B 512 -26.30 7.99 -27.64
C CYS B 512 -27.69 8.07 -28.26
N LEU B 513 -28.71 8.41 -27.47
CA LEU B 513 -30.06 8.46 -27.99
C LEU B 513 -30.22 9.57 -29.01
N LYS B 514 -29.58 10.72 -28.77
CA LYS B 514 -29.69 11.83 -29.72
C LYS B 514 -29.04 11.47 -31.06
N LYS B 515 -27.86 10.83 -31.03
CA LYS B 515 -27.18 10.50 -32.28
C LYS B 515 -27.87 9.36 -33.01
N THR B 516 -28.26 8.31 -32.29
CA THR B 516 -28.95 7.20 -32.93
C THR B 516 -30.39 7.54 -33.29
N LYS B 517 -30.97 8.57 -32.65
CA LYS B 517 -32.35 8.98 -32.92
C LYS B 517 -33.33 7.83 -32.71
N THR B 518 -33.06 7.01 -31.70
CA THR B 518 -33.88 5.85 -31.42
C THR B 518 -33.75 5.47 -29.95
N GLU B 519 -34.89 5.22 -29.30
CA GLU B 519 -34.91 4.78 -27.92
C GLU B 519 -34.44 3.33 -27.76
N ASN B 520 -34.22 2.62 -28.87
CA ASN B 520 -33.87 1.21 -28.86
C ASN B 520 -32.57 0.99 -29.63
N PRO B 521 -31.43 1.45 -29.10
CA PRO B 521 -30.15 1.15 -29.73
C PRO B 521 -29.50 -0.11 -29.15
N LEU B 522 -28.33 -0.47 -29.69
CA LEU B 522 -27.52 -1.55 -29.13
C LEU B 522 -26.24 -0.91 -28.59
N ILE B 523 -26.23 -0.65 -27.28
CA ILE B 523 -25.10 0.02 -26.65
C ILE B 523 -24.14 -1.05 -26.15
N LEU B 524 -22.90 -0.98 -26.63
CA LEU B 524 -21.86 -1.94 -26.27
C LEU B 524 -20.88 -1.26 -25.32
N ILE B 525 -20.63 -1.89 -24.18
CA ILE B 525 -19.71 -1.39 -23.17
C ILE B 525 -18.47 -2.27 -23.18
N ASP B 526 -17.36 -1.73 -23.69
CA ASP B 526 -16.13 -2.50 -23.81
C ASP B 526 -15.36 -2.51 -22.51
N GLU B 527 -14.70 -3.64 -22.24
CA GLU B 527 -13.80 -3.85 -21.10
C GLU B 527 -14.36 -3.24 -19.82
N VAL B 528 -15.52 -3.76 -19.40
CA VAL B 528 -16.11 -3.34 -18.14
C VAL B 528 -15.20 -3.74 -16.97
N ASP B 529 -14.52 -4.88 -17.08
CA ASP B 529 -13.59 -5.29 -16.03
C ASP B 529 -12.35 -4.40 -15.97
N LYS B 530 -12.10 -3.61 -17.02
CA LYS B 530 -10.96 -2.70 -17.06
C LYS B 530 -11.34 -1.28 -16.68
N ILE B 531 -12.55 -1.07 -16.16
CA ILE B 531 -12.94 0.27 -15.73
C ILE B 531 -12.06 0.70 -14.56
N GLY B 532 -11.83 2.02 -14.47
CA GLY B 532 -10.92 2.54 -13.47
C GLY B 532 -11.58 2.77 -12.12
N ARG B 533 -11.38 1.83 -11.20
CA ARG B 533 -11.90 1.95 -9.84
C ARG B 533 -10.85 2.59 -8.93
N GLY B 534 -10.42 3.79 -9.32
CA GLY B 534 -9.38 4.49 -8.60
C GLY B 534 -9.86 5.03 -7.27
N TYR B 535 -8.90 5.55 -6.50
CA TYR B 535 -9.23 6.12 -5.21
C TYR B 535 -10.13 7.34 -5.35
N GLN B 536 -9.85 8.20 -6.32
CA GLN B 536 -10.64 9.41 -6.51
C GLN B 536 -11.97 9.13 -7.20
N GLY B 537 -11.99 8.17 -8.13
CA GLY B 537 -13.20 7.91 -8.89
C GLY B 537 -13.53 6.45 -9.06
N ASP B 538 -14.82 6.12 -9.05
CA ASP B 538 -15.29 4.74 -9.20
C ASP B 538 -16.58 4.74 -10.00
N PRO B 539 -16.48 4.81 -11.34
CA PRO B 539 -17.70 4.82 -12.16
C PRO B 539 -18.44 3.50 -12.19
N SER B 540 -17.84 2.41 -11.68
CA SER B 540 -18.55 1.13 -11.65
C SER B 540 -19.77 1.19 -10.75
N SER B 541 -19.77 2.09 -9.76
CA SER B 541 -20.94 2.26 -8.92
C SER B 541 -22.07 2.95 -9.66
N ALA B 542 -21.74 3.84 -10.61
CA ALA B 542 -22.77 4.48 -11.41
C ALA B 542 -23.39 3.51 -12.41
N LEU B 543 -22.66 2.48 -12.82
CA LEU B 543 -23.19 1.49 -13.74
C LEU B 543 -24.27 0.63 -13.09
N LEU B 544 -24.34 0.60 -11.77
CA LEU B 544 -25.37 -0.19 -11.09
C LEU B 544 -26.76 0.33 -11.42
N GLU B 545 -26.92 1.66 -11.46
CA GLU B 545 -28.22 2.24 -11.81
C GLU B 545 -28.52 2.04 -13.30
N LEU B 546 -27.50 2.12 -14.14
CA LEU B 546 -27.71 1.97 -15.57
C LEU B 546 -28.05 0.54 -15.95
N LEU B 547 -27.50 -0.44 -15.24
CA LEU B 547 -27.65 -1.85 -15.57
C LEU B 547 -28.55 -2.60 -14.60
N ASP B 548 -29.31 -1.89 -13.78
CA ASP B 548 -30.27 -2.54 -12.89
C ASP B 548 -31.46 -3.03 -13.69
N PRO B 549 -31.77 -4.33 -13.69
CA PRO B 549 -32.89 -4.81 -14.51
C PRO B 549 -34.23 -4.16 -14.20
N GLU B 550 -34.46 -3.80 -12.93
CA GLU B 550 -35.75 -3.21 -12.54
C GLU B 550 -35.72 -1.69 -12.56
N GLN B 551 -34.63 -1.08 -12.11
CA GLN B 551 -34.53 0.37 -12.05
C GLN B 551 -34.03 0.99 -13.35
N ASN B 552 -33.83 0.19 -14.39
CA ASN B 552 -33.38 0.72 -15.67
C ASN B 552 -34.45 1.61 -16.29
N ALA B 553 -35.72 1.32 -16.03
CA ALA B 553 -36.82 2.05 -16.66
C ALA B 553 -36.83 3.53 -16.29
N ASN B 554 -36.23 3.90 -15.16
CA ASN B 554 -36.12 5.30 -14.74
C ASN B 554 -34.66 5.59 -14.42
N PHE B 555 -33.90 5.95 -15.45
CA PHE B 555 -32.51 6.35 -15.30
C PHE B 555 -32.43 7.87 -15.26
N LEU B 556 -31.75 8.39 -14.24
CA LEU B 556 -31.67 9.82 -14.01
C LEU B 556 -30.26 10.32 -14.30
N ASP B 557 -30.16 11.33 -15.17
CA ASP B 557 -28.90 11.99 -15.48
C ASP B 557 -28.95 13.42 -14.99
N HIS B 558 -27.77 13.96 -14.67
CA HIS B 558 -27.72 15.27 -14.00
C HIS B 558 -28.16 16.40 -14.92
N TYR B 559 -27.82 16.33 -16.21
CA TYR B 559 -28.18 17.41 -17.12
C TYR B 559 -29.69 17.49 -17.31
N LEU B 560 -30.34 16.36 -17.57
CA LEU B 560 -31.78 16.30 -17.79
C LEU B 560 -32.45 15.90 -16.48
N ASP B 561 -33.13 16.85 -15.84
CA ASP B 561 -33.78 16.57 -14.57
C ASP B 561 -34.84 15.48 -14.72
N VAL B 562 -35.42 15.37 -15.90
CA VAL B 562 -36.46 14.34 -16.14
C VAL B 562 -35.78 13.00 -16.35
N PRO B 563 -36.31 11.91 -15.80
CA PRO B 563 -35.74 10.59 -16.08
C PRO B 563 -36.10 10.11 -17.48
N VAL B 564 -35.30 9.18 -17.98
CA VAL B 564 -35.47 8.61 -19.31
C VAL B 564 -35.67 7.11 -19.19
N ASP B 565 -36.48 6.56 -20.10
CA ASP B 565 -36.76 5.12 -20.12
C ASP B 565 -35.67 4.43 -20.93
N LEU B 566 -34.63 3.99 -20.23
CA LEU B 566 -33.53 3.28 -20.88
C LEU B 566 -33.79 1.77 -20.98
N SER B 567 -34.96 1.31 -20.55
CA SER B 567 -35.37 -0.05 -20.86
C SER B 567 -35.56 -0.19 -22.37
N LYS B 568 -35.77 -1.43 -22.81
CA LYS B 568 -35.83 -1.77 -24.23
C LYS B 568 -34.53 -1.42 -24.96
N VAL B 569 -33.41 -1.42 -24.24
CA VAL B 569 -32.09 -1.16 -24.80
C VAL B 569 -31.23 -2.38 -24.54
N LEU B 570 -30.62 -2.91 -25.59
CA LEU B 570 -29.78 -4.11 -25.47
C LEU B 570 -28.38 -3.68 -25.05
N PHE B 571 -28.06 -3.88 -23.77
CA PHE B 571 -26.75 -3.55 -23.24
C PHE B 571 -25.86 -4.79 -23.33
N ILE B 572 -24.73 -4.66 -24.01
CA ILE B 572 -23.76 -5.74 -24.17
C ILE B 572 -22.44 -5.29 -23.57
N CYS B 573 -21.87 -6.12 -22.71
CA CYS B 573 -20.60 -5.82 -22.06
C CYS B 573 -19.59 -6.91 -22.39
N THR B 574 -18.33 -6.52 -22.46
CA THR B 574 -17.23 -7.43 -22.72
C THR B 574 -16.20 -7.32 -21.60
N ALA B 575 -15.67 -8.45 -21.19
CA ALA B 575 -14.66 -8.46 -20.13
C ALA B 575 -13.83 -9.72 -20.30
N ASN B 576 -12.51 -9.65 -20.21
CA ASN B 576 -11.71 -10.90 -20.26
C ASN B 576 -11.89 -11.69 -18.98
N VAL B 577 -11.90 -11.02 -17.84
CA VAL B 577 -12.00 -11.72 -16.53
C VAL B 577 -13.15 -11.13 -15.74
N THR B 578 -13.92 -11.97 -15.05
CA THR B 578 -15.09 -11.53 -14.31
C THR B 578 -14.80 -11.28 -12.83
N ASP B 579 -13.63 -11.69 -12.33
CA ASP B 579 -13.33 -11.51 -10.92
C ASP B 579 -13.19 -10.04 -10.53
N THR B 580 -12.61 -9.21 -11.41
CA THR B 580 -12.45 -7.80 -11.10
C THR B 580 -13.76 -7.04 -11.17
N ILE B 581 -14.78 -7.61 -11.80
CA ILE B 581 -16.09 -6.95 -11.86
C ILE B 581 -16.73 -6.99 -10.48
N PRO B 582 -17.28 -5.88 -9.98
CA PRO B 582 -17.87 -5.87 -8.64
C PRO B 582 -19.03 -6.85 -8.52
N GLU B 583 -19.18 -7.41 -7.32
CA GLU B 583 -20.24 -8.38 -7.08
C GLU B 583 -21.63 -7.84 -7.35
N PRO B 584 -22.01 -6.63 -6.90
CA PRO B 584 -23.33 -6.11 -7.29
C PRO B 584 -23.49 -5.94 -8.80
N LEU B 585 -22.41 -5.61 -9.51
CA LEU B 585 -22.49 -5.46 -10.96
C LEU B 585 -22.55 -6.81 -11.67
N ARG B 586 -21.90 -7.83 -11.13
CA ARG B 586 -21.95 -9.16 -11.73
C ARG B 586 -23.36 -9.74 -11.68
N ASP B 587 -24.10 -9.50 -10.60
CA ASP B 587 -25.44 -10.13 -10.43
C ASP B 587 -26.48 -9.50 -11.35
N ARG B 588 -26.30 -8.23 -11.72
CA ARG B 588 -27.28 -7.51 -12.55
C ARG B 588 -27.02 -7.83 -14.01
N MET B 589 -25.98 -8.60 -14.32
CA MET B 589 -25.60 -8.89 -15.71
C MET B 589 -25.79 -10.37 -15.96
N GLU B 590 -25.97 -10.74 -17.19
CA GLU B 590 -26.13 -12.12 -17.64
C GLU B 590 -24.83 -12.53 -18.34
N MET B 591 -24.09 -13.44 -17.72
CA MET B 591 -22.75 -13.79 -18.18
C MET B 591 -22.82 -14.93 -19.19
N ILE B 592 -22.29 -14.68 -20.38
CA ILE B 592 -22.15 -15.71 -21.42
C ILE B 592 -20.67 -15.92 -21.67
N ASN B 593 -20.22 -17.16 -21.58
CA ASN B 593 -18.81 -17.50 -21.73
C ASN B 593 -18.49 -17.76 -23.19
N VAL B 594 -17.64 -16.91 -23.76
CA VAL B 594 -17.18 -17.08 -25.14
C VAL B 594 -15.84 -17.81 -25.06
N SER B 595 -15.90 -19.13 -25.12
CA SER B 595 -14.69 -19.95 -25.00
C SER B 595 -13.84 -19.84 -26.27
N GLY B 596 -12.62 -20.28 -26.18
CA GLY B 596 -11.72 -20.21 -27.34
C GLY B 596 -12.01 -21.22 -28.41
N TYR B 597 -11.27 -21.15 -29.52
CA TYR B 597 -11.52 -22.03 -30.66
C TYR B 597 -10.48 -23.13 -30.72
N VAL B 598 -10.92 -24.38 -30.85
CA VAL B 598 -10.02 -25.54 -31.04
C VAL B 598 -9.30 -25.43 -32.37
N ALA B 599 -8.31 -26.27 -32.63
CA ALA B 599 -7.53 -26.20 -33.87
C ALA B 599 -8.41 -26.45 -35.09
N GLN B 600 -9.36 -27.39 -34.99
CA GLN B 600 -10.26 -27.66 -36.09
C GLN B 600 -11.13 -26.45 -36.41
N GLU B 601 -11.62 -25.77 -35.38
CA GLU B 601 -12.42 -24.56 -35.60
C GLU B 601 -11.56 -23.43 -36.15
N LYS B 602 -10.30 -23.35 -35.75
CA LYS B 602 -9.42 -22.29 -36.25
C LYS B 602 -9.19 -22.45 -37.75
N LEU B 603 -9.15 -23.69 -38.23
CA LEU B 603 -8.97 -23.90 -39.67
C LEU B 603 -10.15 -23.36 -40.47
N ALA B 604 -11.32 -23.27 -39.88
CA ALA B 604 -12.44 -22.82 -40.71
C ALA B 604 -12.65 -21.33 -40.52
N ILE B 605 -12.00 -20.74 -39.54
CA ILE B 605 -12.08 -19.28 -39.31
C ILE B 605 -10.98 -18.68 -40.15
N ALA B 606 -10.03 -19.47 -40.61
CA ALA B 606 -8.90 -18.90 -41.35
C ALA B 606 -9.24 -18.95 -42.80
N GLU B 607 -9.70 -20.10 -43.24
CA GLU B 607 -10.03 -20.31 -44.63
C GLU B 607 -11.15 -19.38 -45.09
N ARG B 608 -12.15 -19.18 -44.26
CA ARG B 608 -13.32 -18.42 -44.74
C ARG B 608 -13.32 -16.98 -44.30
N TYR B 609 -12.63 -16.63 -43.25
CA TYR B 609 -12.74 -15.22 -42.80
C TYR B 609 -11.41 -14.54 -42.65
N LEU B 610 -10.34 -15.25 -42.32
CA LEU B 610 -9.08 -14.53 -42.01
C LEU B 610 -8.18 -14.42 -43.23
N VAL B 611 -8.02 -15.48 -44.00
CA VAL B 611 -7.23 -15.43 -45.23
C VAL B 611 -7.90 -14.52 -46.27
N PRO B 612 -9.21 -14.65 -46.55
CA PRO B 612 -9.81 -13.73 -47.53
C PRO B 612 -9.72 -12.27 -47.12
N GLN B 613 -9.87 -11.97 -45.83
CA GLN B 613 -9.74 -10.58 -45.38
C GLN B 613 -8.30 -10.11 -45.49
N ALA B 614 -7.34 -10.98 -45.18
CA ALA B 614 -5.93 -10.61 -45.30
C ALA B 614 -5.56 -10.34 -46.75
N ARG B 615 -6.07 -11.14 -47.67
CA ARG B 615 -5.79 -10.91 -49.09
C ARG B 615 -6.35 -9.57 -49.55
N ALA B 616 -7.56 -9.23 -49.09
CA ALA B 616 -8.14 -7.94 -49.45
C ALA B 616 -7.31 -6.78 -48.91
N LEU B 617 -6.83 -6.90 -47.67
CA LEU B 617 -5.99 -5.85 -47.11
C LEU B 617 -4.61 -5.82 -47.77
N CYS B 618 -4.04 -7.00 -48.03
CA CYS B 618 -2.72 -7.05 -48.66
C CYS B 618 -2.77 -6.77 -50.16
N GLY B 619 -3.95 -6.89 -50.78
CA GLY B 619 -4.05 -6.66 -52.20
C GLY B 619 -3.54 -7.78 -53.07
N LEU B 620 -3.37 -8.97 -52.51
CA LEU B 620 -2.85 -10.12 -53.25
C LEU B 620 -4.00 -11.04 -53.64
N ASP B 621 -4.09 -11.34 -54.93
CA ASP B 621 -5.11 -12.27 -55.41
C ASP B 621 -4.73 -13.70 -55.01
N GLU B 622 -5.71 -14.60 -55.13
CA GLU B 622 -5.47 -15.99 -54.78
C GLU B 622 -4.45 -16.64 -55.70
N SER B 623 -4.39 -16.21 -56.96
CA SER B 623 -3.44 -16.78 -57.90
C SER B 623 -2.01 -16.35 -57.56
N LYS B 624 -1.83 -15.09 -57.13
CA LYS B 624 -0.49 -14.60 -56.84
C LYS B 624 0.13 -15.34 -55.66
N ALA B 625 -0.65 -15.56 -54.59
CA ALA B 625 -0.18 -16.27 -53.42
C ALA B 625 -1.27 -17.21 -52.94
N LYS B 626 -0.94 -18.49 -52.80
CA LYS B 626 -1.90 -19.52 -52.43
C LYS B 626 -1.50 -20.16 -51.12
N LEU B 627 -2.43 -20.19 -50.17
CA LEU B 627 -2.23 -20.83 -48.88
C LEU B 627 -3.13 -22.07 -48.83
N SER B 628 -2.52 -23.24 -48.97
CA SER B 628 -3.28 -24.48 -48.98
C SER B 628 -3.80 -24.80 -47.58
N SER B 629 -4.76 -25.73 -47.52
CA SER B 629 -5.30 -26.16 -46.24
C SER B 629 -4.25 -26.84 -45.40
N ASP B 630 -3.39 -27.65 -46.02
CA ASP B 630 -2.33 -28.32 -45.27
C ASP B 630 -1.35 -27.32 -44.68
N VAL B 631 -1.05 -26.24 -45.41
CA VAL B 631 -0.17 -25.20 -44.89
C VAL B 631 -0.82 -24.53 -43.69
N LEU B 632 -2.11 -24.20 -43.79
CA LEU B 632 -2.81 -23.56 -42.68
C LEU B 632 -2.91 -24.50 -41.49
N THR B 633 -3.12 -25.80 -41.74
CA THR B 633 -3.16 -26.76 -40.64
C THR B 633 -1.82 -26.83 -39.90
N LEU B 634 -0.72 -26.83 -40.66
CA LEU B 634 0.60 -26.83 -40.04
C LEU B 634 0.84 -25.53 -39.28
N LEU B 635 0.40 -24.40 -39.84
CA LEU B 635 0.60 -23.11 -39.17
C LEU B 635 -0.13 -23.06 -37.84
N ILE B 636 -1.37 -23.57 -37.79
CA ILE B 636 -2.11 -23.57 -36.54
C ILE B 636 -1.49 -24.54 -35.54
N LYS B 637 -1.09 -25.72 -36.03
CA LYS B 637 -0.58 -26.76 -35.13
C LYS B 637 0.72 -26.33 -34.46
N GLN B 638 1.62 -25.67 -35.20
CA GLN B 638 2.96 -25.43 -34.72
C GLN B 638 3.21 -23.99 -34.28
N TYR B 639 2.30 -23.05 -34.56
CA TYR B 639 2.58 -21.65 -34.28
C TYR B 639 1.48 -20.98 -33.47
N CYS B 640 0.23 -21.39 -33.67
CA CYS B 640 -0.92 -20.68 -33.11
C CYS B 640 -1.75 -21.65 -32.26
N ARG B 641 -1.44 -21.70 -30.97
CA ARG B 641 -2.18 -22.53 -30.03
C ARG B 641 -2.94 -21.72 -28.98
N GLU B 642 -3.07 -20.40 -29.20
CA GLU B 642 -3.81 -19.57 -28.27
C GLU B 642 -5.31 -19.83 -28.39
N SER B 643 -6.07 -19.29 -27.43
CA SER B 643 -7.52 -19.42 -27.49
C SER B 643 -8.13 -18.52 -28.55
N GLY B 644 -7.53 -17.37 -28.81
CA GLY B 644 -8.08 -16.43 -29.79
C GLY B 644 -7.50 -16.56 -31.16
N VAL B 645 -7.96 -15.75 -32.10
CA VAL B 645 -7.54 -15.85 -33.50
C VAL B 645 -6.67 -14.65 -33.86
N ARG B 646 -6.29 -13.83 -32.90
CA ARG B 646 -5.42 -12.67 -33.17
C ARG B 646 -4.02 -13.08 -33.59
N ASN B 647 -3.43 -14.11 -32.99
CA ASN B 647 -2.13 -14.63 -33.45
C ASN B 647 -2.22 -15.26 -34.84
N LEU B 648 -3.25 -16.04 -35.13
CA LEU B 648 -3.40 -16.59 -36.48
C LEU B 648 -3.53 -15.44 -37.45
N GLN B 649 -4.21 -14.38 -37.11
CA GLN B 649 -4.38 -13.33 -38.11
C GLN B 649 -3.03 -12.76 -38.44
N LYS B 650 -2.19 -12.58 -37.45
CA LYS B 650 -0.88 -11.93 -37.65
C LYS B 650 0.11 -12.92 -38.24
N GLN B 651 -0.08 -14.20 -38.03
CA GLN B 651 0.79 -15.16 -38.70
C GLN B 651 0.39 -15.32 -40.16
N VAL B 652 -0.91 -15.31 -40.45
CA VAL B 652 -1.37 -15.40 -41.83
C VAL B 652 -0.96 -14.15 -42.61
N GLU B 653 -1.11 -12.97 -42.00
CA GLU B 653 -0.66 -11.74 -42.65
C GLU B 653 0.84 -11.74 -42.86
N LYS B 654 1.58 -12.36 -41.95
CA LYS B 654 3.04 -12.44 -42.11
C LYS B 654 3.41 -13.23 -43.36
N VAL B 655 2.71 -14.33 -43.63
CA VAL B 655 2.96 -15.10 -44.84
C VAL B 655 2.61 -14.29 -46.08
N LEU B 656 1.46 -13.62 -46.06
CA LEU B 656 1.08 -12.80 -47.20
C LEU B 656 1.96 -11.56 -47.34
N ARG B 657 2.43 -11.01 -46.23
CA ARG B 657 3.29 -9.83 -46.28
C ARG B 657 4.60 -10.14 -46.98
N LYS B 658 5.22 -11.28 -46.67
CA LYS B 658 6.46 -11.66 -47.32
C LYS B 658 6.23 -12.05 -48.77
N SER B 659 5.09 -12.64 -49.09
CA SER B 659 4.77 -12.95 -50.48
C SER B 659 4.63 -11.69 -51.31
N ALA B 660 4.02 -10.65 -50.73
CA ALA B 660 3.87 -9.39 -51.46
C ALA B 660 5.23 -8.75 -51.75
N TYR B 661 6.15 -8.83 -50.80
CA TYR B 661 7.48 -8.27 -51.02
C TYR B 661 8.21 -9.00 -52.13
N LYS B 662 8.08 -10.32 -52.19
CA LYS B 662 8.76 -11.09 -53.23
C LYS B 662 8.25 -10.71 -54.61
N ILE B 663 6.94 -10.50 -54.74
CA ILE B 663 6.36 -10.15 -56.04
C ILE B 663 6.84 -8.76 -56.48
N VAL B 664 6.82 -7.80 -55.56
CA VAL B 664 7.23 -6.43 -55.90
C VAL B 664 8.73 -6.37 -56.17
N SER B 665 9.53 -7.08 -55.38
CA SER B 665 10.97 -7.08 -55.54
C SER B 665 11.43 -7.74 -56.84
N GLY B 666 10.55 -8.46 -57.52
CA GLY B 666 10.93 -9.15 -58.74
C GLY B 666 11.57 -10.50 -58.54
N GLU B 667 11.65 -10.99 -57.30
CA GLU B 667 12.23 -12.30 -57.06
C GLU B 667 11.41 -13.39 -57.75
N ALA B 668 10.08 -13.28 -57.68
CA ALA B 668 9.21 -14.23 -58.35
C ALA B 668 7.90 -13.54 -58.68
N GLU B 669 7.20 -14.08 -59.69
CA GLU B 669 5.89 -13.56 -60.06
C GLU B 669 4.77 -14.21 -59.25
N SER B 670 4.88 -15.51 -58.98
CA SER B 670 3.91 -16.22 -58.16
C SER B 670 4.63 -16.85 -56.99
N VAL B 671 4.02 -16.74 -55.80
CA VAL B 671 4.59 -17.26 -54.56
C VAL B 671 3.72 -18.42 -54.10
N GLU B 672 4.34 -19.59 -53.92
CA GLU B 672 3.64 -20.77 -53.45
C GLU B 672 4.22 -21.17 -52.09
N VAL B 673 3.34 -21.34 -51.11
CA VAL B 673 3.73 -21.68 -49.75
C VAL B 673 3.47 -23.16 -49.52
N THR B 674 4.47 -23.87 -49.01
CA THR B 674 4.40 -25.29 -48.75
C THR B 674 4.81 -25.57 -47.32
N PRO B 675 4.40 -26.70 -46.75
CA PRO B 675 4.82 -27.03 -45.38
C PRO B 675 6.33 -27.12 -45.24
N GLU B 676 7.05 -27.46 -46.30
CA GLU B 676 8.50 -27.56 -46.22
C GLU B 676 9.16 -26.19 -46.10
N ASN B 677 8.72 -25.22 -46.90
CA ASN B 677 9.32 -23.89 -46.91
C ASN B 677 8.53 -22.88 -46.09
N LEU B 678 7.56 -23.35 -45.28
CA LEU B 678 6.84 -22.44 -44.39
C LEU B 678 7.76 -21.82 -43.35
N GLN B 679 8.87 -22.47 -43.04
CA GLN B 679 9.79 -21.95 -42.03
C GLN B 679 10.36 -20.60 -42.45
N ASP B 680 10.69 -20.44 -43.73
CA ASP B 680 11.23 -19.18 -44.20
C ASP B 680 10.22 -18.06 -44.13
N PHE B 681 8.93 -18.37 -44.30
CA PHE B 681 7.89 -17.35 -44.36
C PHE B 681 7.44 -16.87 -42.98
N VAL B 682 7.52 -17.72 -41.96
CA VAL B 682 6.98 -17.38 -40.65
C VAL B 682 7.99 -17.51 -39.52
N GLY B 683 9.07 -18.28 -39.68
CA GLY B 683 10.07 -18.44 -38.64
C GLY B 683 10.20 -19.88 -38.20
N LYS B 684 10.54 -20.05 -36.92
CA LYS B 684 10.71 -21.41 -36.43
C LYS B 684 9.49 -21.84 -35.62
N PRO B 685 9.17 -23.14 -35.63
CA PRO B 685 8.01 -23.62 -34.87
C PRO B 685 8.17 -23.34 -33.38
N VAL B 686 7.05 -23.01 -32.75
CA VAL B 686 7.04 -22.79 -31.30
C VAL B 686 6.81 -24.11 -30.55
N PHE B 687 5.91 -24.95 -31.07
CA PHE B 687 5.62 -26.25 -30.48
C PHE B 687 6.03 -27.33 -31.49
N THR B 688 7.02 -28.13 -31.13
CA THR B 688 7.53 -29.17 -32.01
C THR B 688 7.29 -30.57 -31.44
N VAL B 689 7.73 -30.82 -30.21
CA VAL B 689 7.55 -32.12 -29.58
C VAL B 689 6.25 -32.12 -28.79
N GLU B 690 5.53 -33.24 -28.85
CA GLU B 690 4.25 -33.38 -28.17
C GLU B 690 4.36 -34.20 -26.90
N ARG B 691 4.94 -35.40 -26.98
CA ARG B 691 5.12 -36.27 -25.82
C ARG B 691 6.60 -36.51 -25.60
N MET B 692 7.04 -36.34 -24.34
CA MET B 692 8.45 -36.47 -24.03
C MET B 692 8.92 -37.91 -24.17
N TYR B 693 8.12 -38.86 -23.71
CA TYR B 693 8.43 -40.28 -23.77
C TYR B 693 7.54 -40.94 -24.82
N ASP B 694 8.15 -41.40 -25.91
CA ASP B 694 7.39 -42.20 -26.88
C ASP B 694 6.97 -43.53 -26.27
N VAL B 695 7.87 -44.16 -25.50
CA VAL B 695 7.55 -45.37 -24.74
C VAL B 695 7.94 -45.12 -23.30
N THR B 696 6.97 -45.23 -22.40
CA THR B 696 7.22 -44.89 -21.00
C THR B 696 7.93 -46.03 -20.29
N PRO B 697 9.09 -45.79 -19.68
CA PRO B 697 9.71 -46.81 -18.84
C PRO B 697 8.95 -46.99 -17.54
N PRO B 698 9.26 -48.03 -16.76
CA PRO B 698 8.58 -48.19 -15.47
C PRO B 698 8.79 -46.98 -14.58
N GLY B 699 7.73 -46.59 -13.88
CA GLY B 699 7.76 -45.43 -13.02
C GLY B 699 7.40 -44.12 -13.70
N VAL B 700 7.15 -44.13 -15.00
CA VAL B 700 6.82 -42.92 -15.75
C VAL B 700 5.41 -43.07 -16.30
N VAL B 701 4.53 -42.13 -15.95
CA VAL B 701 3.14 -42.16 -16.36
C VAL B 701 2.80 -40.83 -17.02
N MET B 702 2.14 -40.89 -18.18
CA MET B 702 1.69 -39.68 -18.84
C MET B 702 0.49 -39.09 -18.11
N GLY B 703 0.53 -37.78 -17.88
CA GLY B 703 -0.58 -37.05 -17.31
C GLY B 703 -1.07 -35.97 -18.26
N LEU B 704 -2.17 -35.34 -17.85
CA LEU B 704 -2.77 -34.26 -18.62
C LEU B 704 -2.87 -33.02 -17.75
N ALA B 705 -2.51 -31.87 -18.31
CA ALA B 705 -2.51 -30.61 -17.59
C ALA B 705 -3.23 -29.55 -18.40
N TRP B 706 -3.83 -28.60 -17.70
CA TRP B 706 -4.48 -27.45 -18.33
C TRP B 706 -3.45 -26.36 -18.55
N THR B 707 -3.36 -25.88 -19.79
CA THR B 707 -2.46 -24.81 -20.17
C THR B 707 -3.23 -23.81 -21.02
N ALA B 708 -2.90 -22.53 -20.87
CA ALA B 708 -3.58 -21.50 -21.65
C ALA B 708 -3.35 -21.69 -23.14
N MET B 709 -2.25 -22.32 -23.52
CA MET B 709 -1.93 -22.55 -24.93
C MET B 709 -2.42 -23.91 -25.40
N GLY B 710 -3.71 -24.18 -25.20
CA GLY B 710 -4.32 -25.40 -25.69
C GLY B 710 -4.04 -26.65 -24.89
N GLY B 711 -3.52 -26.52 -23.67
CA GLY B 711 -3.24 -27.67 -22.85
C GLY B 711 -1.93 -28.36 -23.21
N SER B 712 -1.52 -29.28 -22.34
CA SER B 712 -0.27 -30.01 -22.54
C SER B 712 -0.35 -31.30 -21.74
N THR B 713 0.57 -32.21 -22.07
CA THR B 713 0.68 -33.50 -21.39
C THR B 713 1.88 -33.47 -20.46
N LEU B 714 1.67 -33.78 -19.19
CA LEU B 714 2.75 -33.87 -18.22
C LEU B 714 3.15 -35.32 -18.00
N PHE B 715 4.31 -35.50 -17.40
CA PHE B 715 4.82 -36.81 -17.04
C PHE B 715 5.18 -36.83 -15.57
N VAL B 716 4.99 -37.98 -14.93
CA VAL B 716 5.40 -38.18 -13.55
C VAL B 716 6.41 -39.32 -13.55
N GLU B 717 7.66 -39.01 -13.20
CA GLU B 717 8.74 -39.98 -13.21
C GLU B 717 9.27 -40.16 -11.80
N THR B 718 9.52 -41.41 -11.42
CA THR B 718 10.01 -41.75 -10.09
C THR B 718 11.24 -42.65 -10.22
N SER B 719 12.13 -42.55 -9.24
CA SER B 719 13.32 -43.37 -9.19
C SER B 719 13.75 -43.53 -7.75
N LEU B 720 14.65 -44.49 -7.52
CA LEU B 720 15.19 -44.74 -6.18
C LEU B 720 16.25 -43.70 -5.86
N ARG B 721 15.91 -42.76 -4.97
CA ARG B 721 16.91 -41.82 -4.50
C ARG B 721 18.02 -42.53 -3.72
N ARG B 722 17.64 -43.51 -2.91
CA ARG B 722 18.52 -44.33 -2.09
C ARG B 722 18.55 -45.76 -2.62
N PRO B 723 19.70 -46.43 -2.58
CA PRO B 723 19.73 -47.84 -2.94
C PRO B 723 18.87 -48.67 -2.00
N GLN B 724 18.32 -49.75 -2.53
CA GLN B 724 17.36 -50.58 -1.79
C GLN B 724 18.11 -51.34 -0.70
N ASP B 725 18.09 -50.79 0.51
CA ASP B 725 18.78 -51.41 1.64
C ASP B 725 18.12 -52.73 2.01
N LYS B 726 18.93 -53.64 2.56
CA LYS B 726 18.48 -54.96 2.98
C LYS B 726 17.83 -55.72 1.82
N ASP B 731 13.79 -46.84 12.38
CA ASP B 731 13.27 -47.93 11.55
C ASP B 731 13.40 -47.60 10.07
N LYS B 732 13.36 -48.63 9.23
CA LYS B 732 13.45 -48.45 7.78
C LYS B 732 12.12 -47.91 7.28
N ASP B 733 11.98 -46.59 7.31
CA ASP B 733 10.77 -45.91 6.85
C ASP B 733 11.08 -45.17 5.56
N GLY B 734 10.28 -45.43 4.53
CA GLY B 734 10.49 -44.79 3.25
C GLY B 734 10.17 -43.31 3.28
N SER B 735 10.74 -42.59 2.32
CA SER B 735 10.54 -41.15 2.19
C SER B 735 10.27 -40.83 0.73
N LEU B 736 9.56 -39.73 0.51
CA LEU B 736 9.22 -39.27 -0.84
C LEU B 736 9.64 -37.81 -0.97
N GLU B 737 10.64 -37.56 -1.81
CA GLU B 737 11.05 -36.21 -2.16
C GLU B 737 10.45 -35.86 -3.51
N VAL B 738 9.77 -34.72 -3.59
CA VAL B 738 9.12 -34.27 -4.82
C VAL B 738 9.83 -33.01 -5.30
N THR B 739 10.23 -33.01 -6.56
CA THR B 739 10.88 -31.86 -7.18
C THR B 739 10.00 -31.34 -8.32
N GLY B 740 10.52 -30.35 -9.01
CA GLY B 740 9.70 -29.53 -9.90
C GLY B 740 9.03 -28.40 -9.15
N GLN B 741 8.57 -27.41 -9.91
CA GLN B 741 7.97 -26.22 -9.31
C GLN B 741 6.51 -26.50 -8.95
N LEU B 742 6.33 -27.53 -8.14
CA LEU B 742 4.99 -27.92 -7.68
C LEU B 742 4.48 -26.91 -6.66
N GLY B 743 3.17 -26.66 -6.71
CA GLY B 743 2.53 -25.79 -5.76
C GLY B 743 2.19 -26.50 -4.46
N GLU B 744 1.63 -25.73 -3.53
CA GLU B 744 1.24 -26.30 -2.24
C GLU B 744 0.14 -27.35 -2.40
N VAL B 745 -0.84 -27.08 -3.26
CA VAL B 745 -1.91 -28.04 -3.50
C VAL B 745 -1.37 -29.30 -4.14
N MET B 746 -0.48 -29.16 -5.13
CA MET B 746 0.06 -30.33 -5.81
C MET B 746 1.01 -31.12 -4.91
N LYS B 747 1.77 -30.42 -4.06
CA LYS B 747 2.66 -31.14 -3.14
C LYS B 747 1.86 -31.96 -2.13
N GLU B 748 0.74 -31.41 -1.66
CA GLU B 748 -0.11 -32.17 -0.74
C GLU B 748 -0.69 -33.40 -1.41
N SER B 749 -1.12 -33.26 -2.67
CA SER B 749 -1.69 -34.40 -3.39
C SER B 749 -0.67 -35.51 -3.58
N ALA B 750 0.61 -35.16 -3.69
CA ALA B 750 1.65 -36.18 -3.74
C ALA B 750 1.74 -36.95 -2.42
N ARG B 751 1.61 -36.23 -1.29
CA ARG B 751 1.60 -36.90 0.00
C ARG B 751 0.38 -37.80 0.16
N ILE B 752 -0.78 -37.32 -0.31
CA ILE B 752 -1.99 -38.14 -0.28
C ILE B 752 -1.82 -39.36 -1.17
N ALA B 753 -1.26 -39.16 -2.36
CA ALA B 753 -1.02 -40.26 -3.27
C ALA B 753 -0.03 -41.26 -2.69
N TYR B 754 1.00 -40.77 -2.00
CA TYR B 754 1.98 -41.65 -1.38
C TYR B 754 1.34 -42.52 -0.30
N THR B 755 0.47 -41.93 0.53
CA THR B 755 -0.19 -42.70 1.58
C THR B 755 -1.11 -43.76 0.98
N PHE B 756 -1.88 -43.41 -0.05
CA PHE B 756 -2.79 -44.38 -0.65
C PHE B 756 -2.02 -45.48 -1.36
N ALA B 757 -0.90 -45.15 -2.00
CA ALA B 757 -0.11 -46.15 -2.70
C ALA B 757 0.42 -47.20 -1.74
N ARG B 758 0.85 -46.77 -0.55
CA ARG B 758 1.29 -47.73 0.47
C ARG B 758 0.14 -48.65 0.89
N ALA B 759 -1.04 -48.08 1.10
CA ALA B 759 -2.20 -48.88 1.51
C ALA B 759 -2.66 -49.81 0.40
N PHE B 760 -2.71 -49.30 -0.84
CA PHE B 760 -3.17 -50.13 -1.96
C PHE B 760 -2.24 -51.31 -2.19
N LEU B 761 -0.93 -51.09 -2.13
CA LEU B 761 0.02 -52.18 -2.32
C LEU B 761 -0.01 -53.16 -1.16
N MET B 762 -0.32 -52.68 0.05
CA MET B 762 -0.38 -53.56 1.21
C MET B 762 -1.49 -54.61 1.05
N GLN B 763 -2.67 -54.19 0.62
CA GLN B 763 -3.77 -55.13 0.45
C GLN B 763 -3.63 -55.97 -0.82
N HIS B 764 -2.97 -55.44 -1.85
CA HIS B 764 -2.83 -56.17 -3.10
C HIS B 764 -1.65 -57.13 -3.06
N ALA B 765 -0.48 -56.65 -2.66
CA ALA B 765 0.74 -57.44 -2.59
C ALA B 765 1.35 -57.26 -1.20
N PRO B 766 0.86 -58.01 -0.20
CA PRO B 766 1.42 -57.88 1.15
C PRO B 766 2.91 -58.19 1.23
N ALA B 767 3.39 -59.11 0.40
CA ALA B 767 4.82 -59.45 0.43
C ALA B 767 5.67 -58.27 -0.03
N ASN B 768 5.18 -57.50 -1.00
CA ASN B 768 5.94 -56.37 -1.52
C ASN B 768 6.07 -55.28 -0.46
N ASP B 769 7.31 -54.96 -0.10
CA ASP B 769 7.62 -53.90 0.85
C ASP B 769 8.39 -52.76 0.19
N TYR B 770 8.13 -52.52 -1.10
CA TYR B 770 8.87 -51.52 -1.85
C TYR B 770 8.55 -50.11 -1.39
N LEU B 771 7.26 -49.79 -1.25
CA LEU B 771 6.85 -48.43 -0.95
C LEU B 771 7.00 -48.05 0.52
N VAL B 772 7.21 -49.02 1.41
CA VAL B 772 7.28 -48.73 2.84
C VAL B 772 8.71 -48.60 3.35
N THR B 773 9.71 -49.09 2.61
CA THR B 773 11.09 -49.05 3.05
C THR B 773 12.03 -48.29 2.12
N SER B 774 11.68 -48.14 0.85
CA SER B 774 12.56 -47.49 -0.12
C SER B 774 12.35 -45.98 -0.13
N HIS B 775 13.42 -45.25 -0.41
CA HIS B 775 13.37 -43.80 -0.56
C HIS B 775 13.18 -43.47 -2.03
N ILE B 776 12.11 -42.74 -2.35
CA ILE B 776 11.67 -42.52 -3.71
C ILE B 776 11.72 -41.03 -4.02
N HIS B 777 12.28 -40.68 -5.17
CA HIS B 777 12.29 -39.32 -5.67
C HIS B 777 11.27 -39.19 -6.78
N LEU B 778 10.37 -38.22 -6.66
CA LEU B 778 9.33 -37.98 -7.65
C LEU B 778 9.59 -36.63 -8.32
N HIS B 779 9.43 -36.60 -9.64
CA HIS B 779 9.74 -35.39 -10.40
C HIS B 779 8.80 -35.28 -11.58
N VAL B 780 8.47 -34.04 -11.93
CA VAL B 780 7.74 -33.70 -13.15
C VAL B 780 8.73 -33.01 -14.08
N PRO B 781 9.02 -33.57 -15.27
CA PRO B 781 10.24 -33.19 -16.00
C PRO B 781 10.35 -31.72 -16.33
N GLU B 782 9.23 -30.99 -16.48
CA GLU B 782 9.34 -29.57 -16.74
C GLU B 782 9.78 -28.84 -15.48
N GLY B 783 11.11 -28.64 -15.35
CA GLY B 783 11.63 -28.12 -14.10
C GLY B 783 11.27 -26.68 -13.82
N ALA B 784 11.26 -25.84 -14.84
CA ALA B 784 11.11 -24.40 -14.66
C ALA B 784 9.66 -23.92 -14.78
N THR B 785 8.71 -24.83 -15.03
CA THR B 785 7.32 -24.43 -15.19
C THR B 785 6.57 -24.68 -13.89
N PRO B 786 6.01 -23.64 -13.26
CA PRO B 786 5.22 -23.87 -12.04
C PRO B 786 4.01 -24.76 -12.32
N LYS B 787 3.72 -25.64 -11.36
CA LYS B 787 2.59 -26.55 -11.45
C LYS B 787 1.81 -26.53 -10.16
N ASP B 788 0.49 -26.71 -10.27
CA ASP B 788 -0.38 -26.71 -9.11
C ASP B 788 -1.67 -27.44 -9.46
N GLY B 789 -2.43 -27.79 -8.42
CA GLY B 789 -3.68 -28.47 -8.59
C GLY B 789 -3.59 -29.96 -8.34
N PRO B 790 -4.67 -30.56 -7.87
CA PRO B 790 -4.68 -32.00 -7.58
C PRO B 790 -5.06 -32.88 -8.76
N SER B 791 -5.07 -32.35 -9.98
CA SER B 791 -5.50 -33.14 -11.14
C SER B 791 -4.57 -34.30 -11.44
N ALA B 792 -3.35 -34.29 -10.92
CA ALA B 792 -2.38 -35.34 -11.17
C ALA B 792 -2.30 -36.35 -10.04
N GLY B 793 -3.30 -36.37 -9.15
CA GLY B 793 -3.26 -37.28 -8.03
C GLY B 793 -3.24 -38.74 -8.45
N CYS B 794 -4.13 -39.11 -9.38
CA CYS B 794 -4.16 -40.49 -9.85
C CYS B 794 -2.92 -40.84 -10.65
N THR B 795 -2.35 -39.87 -11.37
CA THR B 795 -1.11 -40.10 -12.11
C THR B 795 0.03 -40.45 -11.16
N ILE B 796 0.11 -39.75 -10.03
CA ILE B 796 1.18 -40.00 -9.08
C ILE B 796 1.05 -41.39 -8.46
N VAL B 797 -0.19 -41.83 -8.19
CA VAL B 797 -0.40 -43.16 -7.63
C VAL B 797 0.08 -44.23 -8.59
N THR B 798 -0.22 -44.06 -9.88
CA THR B 798 0.19 -45.04 -10.88
C THR B 798 1.70 -45.10 -11.00
N ALA B 799 2.37 -43.94 -10.95
CA ALA B 799 3.82 -43.92 -11.05
C ALA B 799 4.48 -44.63 -9.87
N LEU B 800 3.97 -44.39 -8.66
CA LEU B 800 4.53 -45.07 -7.49
C LEU B 800 4.29 -46.56 -7.54
N LEU B 801 3.10 -46.99 -7.97
CA LEU B 801 2.80 -48.41 -8.06
C LEU B 801 3.61 -49.08 -9.17
N SER B 802 3.80 -48.38 -10.30
CA SER B 802 4.56 -48.96 -11.40
C SER B 802 6.01 -49.20 -11.00
N LEU B 803 6.61 -48.25 -10.27
CA LEU B 803 7.98 -48.43 -9.82
C LEU B 803 8.10 -49.58 -8.83
N ALA B 804 7.14 -49.70 -7.91
CA ALA B 804 7.19 -50.77 -6.92
C ALA B 804 7.07 -52.15 -7.56
N MET B 805 6.15 -52.29 -8.51
CA MET B 805 5.95 -53.58 -9.17
C MET B 805 6.97 -53.83 -10.28
N GLY B 806 7.66 -52.80 -10.74
CA GLY B 806 8.59 -52.96 -11.84
C GLY B 806 7.94 -53.22 -13.18
N ARG B 807 6.65 -52.89 -13.32
CA ARG B 807 5.91 -53.13 -14.55
C ARG B 807 5.60 -51.81 -15.24
N PRO B 808 6.03 -51.62 -16.49
CA PRO B 808 5.68 -50.38 -17.20
C PRO B 808 4.17 -50.26 -17.40
N VAL B 809 3.69 -49.03 -17.38
CA VAL B 809 2.27 -48.76 -17.56
C VAL B 809 1.87 -49.05 -19.01
N ARG B 810 0.59 -49.31 -19.22
CA ARG B 810 0.07 -49.56 -20.55
C ARG B 810 0.40 -48.38 -21.47
N GLN B 811 0.87 -48.69 -22.67
CA GLN B 811 1.33 -47.66 -23.59
C GLN B 811 0.16 -46.85 -24.14
N ASN B 812 0.46 -45.60 -24.51
CA ASN B 812 -0.52 -44.68 -25.08
C ASN B 812 -1.71 -44.49 -24.16
N LEU B 813 -1.45 -44.42 -22.86
CA LEU B 813 -2.48 -44.23 -21.85
C LEU B 813 -2.21 -42.94 -21.09
N ALA B 814 -3.22 -42.08 -21.02
CA ALA B 814 -3.14 -40.84 -20.26
C ALA B 814 -4.30 -40.80 -19.26
N MET B 815 -4.01 -40.38 -18.04
CA MET B 815 -5.01 -40.33 -16.99
C MET B 815 -4.90 -39.02 -16.24
N THR B 816 -6.04 -38.57 -15.71
CA THR B 816 -6.08 -37.39 -14.86
C THR B 816 -7.25 -37.54 -13.88
N GLY B 817 -7.14 -36.84 -12.76
CA GLY B 817 -8.18 -36.90 -11.74
C GLY B 817 -7.64 -36.88 -10.33
N GLU B 818 -8.28 -36.10 -9.46
CA GLU B 818 -7.87 -36.03 -8.07
C GLU B 818 -8.25 -37.31 -7.35
N VAL B 819 -7.34 -37.80 -6.50
CA VAL B 819 -7.55 -39.02 -5.73
C VAL B 819 -7.48 -38.69 -4.25
N SER B 820 -8.37 -39.29 -3.48
CA SER B 820 -8.32 -39.23 -2.03
C SER B 820 -7.61 -40.48 -1.50
N LEU B 821 -7.03 -40.34 -0.31
CA LEU B 821 -6.24 -41.44 0.25
C LEU B 821 -7.09 -42.66 0.56
N THR B 822 -8.41 -42.52 0.62
CA THR B 822 -9.28 -43.68 0.65
C THR B 822 -9.21 -44.45 -0.67
N GLY B 823 -9.13 -43.72 -1.79
CA GLY B 823 -9.00 -44.35 -3.09
C GLY B 823 -9.97 -43.81 -4.12
N LYS B 824 -10.88 -42.93 -3.70
CA LYS B 824 -11.88 -42.40 -4.61
C LYS B 824 -11.27 -41.39 -5.57
N ILE B 825 -11.78 -41.38 -6.80
CA ILE B 825 -11.35 -40.45 -7.83
C ILE B 825 -12.36 -39.31 -7.90
N LEU B 826 -11.87 -38.08 -7.78
CA LEU B 826 -12.73 -36.91 -7.74
C LEU B 826 -12.62 -36.11 -9.03
N PRO B 827 -13.68 -35.38 -9.40
CA PRO B 827 -13.66 -34.65 -10.68
C PRO B 827 -12.62 -33.54 -10.69
N VAL B 828 -12.15 -33.23 -11.90
CA VAL B 828 -11.17 -32.17 -12.12
C VAL B 828 -11.67 -31.27 -13.23
N GLY B 829 -11.12 -30.05 -13.28
CA GLY B 829 -11.51 -29.09 -14.29
C GLY B 829 -10.63 -29.14 -15.53
N GLY B 830 -11.02 -28.34 -16.52
CA GLY B 830 -10.28 -28.27 -17.77
C GLY B 830 -10.28 -29.56 -18.56
N ILE B 831 -11.43 -30.22 -18.65
CA ILE B 831 -11.52 -31.49 -19.39
C ILE B 831 -11.31 -31.24 -20.87
N LYS B 832 -11.82 -30.13 -21.40
CA LYS B 832 -11.67 -29.83 -22.82
C LYS B 832 -10.21 -29.70 -23.21
N GLU B 833 -9.43 -28.96 -22.42
CA GLU B 833 -8.03 -28.76 -22.74
C GLU B 833 -7.24 -30.05 -22.56
N LYS B 834 -7.55 -30.83 -21.52
CA LYS B 834 -6.84 -32.09 -21.31
C LYS B 834 -7.13 -33.07 -22.44
N THR B 835 -8.39 -33.15 -22.88
CA THR B 835 -8.73 -34.05 -23.98
C THR B 835 -8.07 -33.62 -25.28
N ILE B 836 -8.05 -32.31 -25.55
CA ILE B 836 -7.41 -31.81 -26.77
C ILE B 836 -5.92 -32.13 -26.76
N ALA B 837 -5.26 -31.90 -25.62
CA ALA B 837 -3.83 -32.21 -25.52
C ALA B 837 -3.57 -33.71 -25.65
N ALA B 838 -4.54 -34.54 -25.25
CA ALA B 838 -4.37 -35.98 -25.39
C ALA B 838 -4.29 -36.38 -26.86
N LYS B 839 -5.16 -35.81 -27.70
CA LYS B 839 -5.12 -36.14 -29.13
C LYS B 839 -3.82 -35.67 -29.78
N ARG B 840 -3.32 -34.50 -29.39
CA ARG B 840 -2.07 -34.00 -29.94
C ARG B 840 -0.90 -34.90 -29.57
N ALA B 841 -0.97 -35.58 -28.42
CA ALA B 841 0.07 -36.52 -28.03
C ALA B 841 -0.11 -37.90 -28.65
N GLY B 842 -1.17 -38.11 -29.40
CA GLY B 842 -1.40 -39.38 -30.05
C GLY B 842 -1.65 -40.54 -29.12
N VAL B 843 -2.50 -40.34 -28.11
CA VAL B 843 -2.86 -41.41 -27.18
C VAL B 843 -4.19 -42.01 -27.62
N THR B 844 -4.41 -43.26 -27.24
CA THR B 844 -5.62 -43.99 -27.60
C THR B 844 -6.60 -44.13 -26.45
N CYS B 845 -6.12 -44.27 -25.22
CA CYS B 845 -6.97 -44.46 -24.05
C CYS B 845 -6.77 -43.30 -23.09
N ILE B 846 -7.89 -42.74 -22.62
CA ILE B 846 -7.88 -41.66 -21.64
C ILE B 846 -8.77 -42.07 -20.47
N VAL B 847 -8.28 -41.88 -19.25
CA VAL B 847 -9.01 -42.24 -18.04
C VAL B 847 -9.44 -40.96 -17.35
N LEU B 848 -10.74 -40.86 -17.06
CA LEU B 848 -11.32 -39.69 -16.45
C LEU B 848 -12.19 -40.08 -15.26
N PRO B 849 -12.38 -39.18 -14.30
CA PRO B 849 -13.34 -39.46 -13.22
C PRO B 849 -14.75 -39.57 -13.76
N ALA B 850 -15.55 -40.40 -13.11
CA ALA B 850 -16.93 -40.60 -13.56
C ALA B 850 -17.77 -39.34 -13.39
N GLU B 851 -17.40 -38.44 -12.49
CA GLU B 851 -18.11 -37.18 -12.35
C GLU B 851 -17.84 -36.22 -13.50
N ASN B 852 -16.84 -36.51 -14.33
CA ASN B 852 -16.54 -35.71 -15.51
C ASN B 852 -17.14 -36.29 -16.78
N LYS B 853 -18.04 -37.28 -16.65
CA LYS B 853 -18.65 -37.88 -17.83
C LYS B 853 -19.48 -36.86 -18.60
N LYS B 854 -20.22 -36.01 -17.89
CA LYS B 854 -20.99 -34.97 -18.56
C LYS B 854 -20.09 -33.95 -19.25
N ASP B 855 -18.96 -33.61 -18.63
CA ASP B 855 -18.03 -32.68 -19.26
C ASP B 855 -17.46 -33.24 -20.56
N PHE B 856 -17.10 -34.51 -20.56
CA PHE B 856 -16.51 -35.12 -21.75
C PHE B 856 -17.50 -35.18 -22.90
N TYR B 857 -18.76 -35.51 -22.60
CA TYR B 857 -19.76 -35.67 -23.66
C TYR B 857 -20.35 -34.33 -24.12
N ASP B 858 -20.05 -33.23 -23.44
CA ASP B 858 -20.43 -31.92 -23.94
C ASP B 858 -19.46 -31.38 -24.99
N LEU B 859 -18.34 -32.06 -25.19
CA LEU B 859 -17.37 -31.64 -26.21
C LEU B 859 -17.90 -31.94 -27.61
N ALA B 860 -17.24 -31.37 -28.60
CA ALA B 860 -17.63 -31.58 -29.98
C ALA B 860 -17.38 -33.02 -30.40
N ALA B 861 -18.04 -33.44 -31.49
CA ALA B 861 -17.93 -34.81 -31.95
C ALA B 861 -16.51 -35.15 -32.36
N PHE B 862 -15.83 -34.23 -33.07
CA PHE B 862 -14.49 -34.52 -33.56
C PHE B 862 -13.47 -34.56 -32.42
N ILE B 863 -13.71 -33.81 -31.35
CA ILE B 863 -12.78 -33.81 -30.22
C ILE B 863 -12.79 -35.17 -29.54
N THR B 864 -13.98 -35.73 -29.30
CA THR B 864 -14.09 -37.02 -28.63
C THR B 864 -13.98 -38.20 -29.58
N GLU B 865 -13.90 -37.96 -30.88
CA GLU B 865 -13.82 -39.04 -31.85
C GLU B 865 -12.48 -39.75 -31.75
N GLY B 866 -12.52 -41.09 -31.79
CA GLY B 866 -11.32 -41.89 -31.83
C GLY B 866 -10.66 -42.12 -30.49
N LEU B 867 -11.23 -41.64 -29.40
CA LEU B 867 -10.65 -41.78 -28.07
C LEU B 867 -11.41 -42.84 -27.28
N GLU B 868 -10.69 -43.82 -26.76
CA GLU B 868 -11.25 -44.85 -25.89
C GLU B 868 -11.20 -44.32 -24.46
N VAL B 869 -12.31 -43.76 -23.99
CA VAL B 869 -12.38 -43.08 -22.71
C VAL B 869 -12.96 -44.02 -21.67
N HIS B 870 -12.32 -44.09 -20.50
CA HIS B 870 -12.80 -44.86 -19.37
C HIS B 870 -13.13 -43.91 -18.23
N PHE B 871 -14.34 -44.05 -17.68
CA PHE B 871 -14.79 -43.23 -16.57
C PHE B 871 -14.78 -44.08 -15.30
N VAL B 872 -14.15 -43.56 -14.25
CA VAL B 872 -13.89 -44.34 -13.05
C VAL B 872 -14.36 -43.56 -11.82
N GLU B 873 -14.62 -44.30 -10.75
CA GLU B 873 -14.96 -43.73 -9.44
C GLU B 873 -13.93 -44.05 -8.37
N HIS B 874 -13.27 -45.21 -8.46
CA HIS B 874 -12.25 -45.61 -7.51
C HIS B 874 -10.99 -45.98 -8.28
N TYR B 875 -9.85 -45.86 -7.59
CA TYR B 875 -8.57 -46.14 -8.25
C TYR B 875 -8.42 -47.62 -8.61
N ARG B 876 -9.15 -48.51 -7.94
CA ARG B 876 -9.05 -49.93 -8.25
C ARG B 876 -9.44 -50.21 -9.70
N GLU B 877 -10.29 -49.37 -10.29
CA GLU B 877 -10.63 -49.53 -11.70
C GLU B 877 -9.50 -49.03 -12.60
N ILE B 878 -8.80 -47.97 -12.18
CA ILE B 878 -7.67 -47.48 -12.95
C ILE B 878 -6.52 -48.49 -12.93
N PHE B 879 -6.34 -49.18 -11.81
CA PHE B 879 -5.26 -50.15 -11.69
C PHE B 879 -5.44 -51.28 -12.71
N ASP B 880 -6.67 -51.75 -12.89
CA ASP B 880 -6.92 -52.80 -13.88
C ASP B 880 -6.66 -52.30 -15.29
N ILE B 881 -7.04 -51.06 -15.58
CA ILE B 881 -6.83 -50.51 -16.92
C ILE B 881 -5.34 -50.32 -17.19
N ALA B 882 -4.62 -49.73 -16.23
CA ALA B 882 -3.20 -49.44 -16.44
C ALA B 882 -2.36 -50.70 -16.44
N PHE B 883 -2.77 -51.73 -15.70
CA PHE B 883 -2.03 -52.99 -15.60
C PHE B 883 -3.00 -54.13 -15.94
N PRO B 884 -3.21 -54.38 -17.23
CA PRO B 884 -4.18 -55.42 -17.62
C PRO B 884 -3.79 -56.81 -17.15
N ASP B 885 -2.59 -57.25 -17.51
CA ASP B 885 -2.11 -58.56 -17.11
C ASP B 885 -0.59 -58.67 -17.30
N GLU C 346 -12.03 43.31 -35.46
CA GLU C 346 -12.78 43.68 -34.26
C GLU C 346 -13.16 42.44 -33.46
N LYS C 347 -13.44 42.64 -32.17
CA LYS C 347 -13.86 41.53 -31.31
C LYS C 347 -15.21 40.97 -31.76
N ASP C 348 -16.16 41.84 -32.12
CA ASP C 348 -17.48 41.41 -32.56
C ASP C 348 -17.44 41.18 -34.07
N ASP C 349 -16.92 40.03 -34.44
CA ASP C 349 -16.75 39.63 -35.84
C ASP C 349 -17.24 38.20 -36.05
N LYS C 350 -18.46 37.93 -35.55
CA LYS C 350 -19.04 36.59 -35.70
C LYS C 350 -19.15 36.18 -37.16
N ASP C 351 -19.39 37.14 -38.06
CA ASP C 351 -19.38 36.82 -39.49
C ASP C 351 -18.01 36.35 -39.93
N ALA C 352 -16.94 37.00 -39.45
CA ALA C 352 -15.59 36.56 -39.77
C ALA C 352 -15.27 35.21 -39.15
N ILE C 353 -15.72 34.98 -37.91
CA ILE C 353 -15.44 33.72 -37.24
C ILE C 353 -16.13 32.56 -37.95
N GLU C 354 -17.38 32.75 -38.37
CA GLU C 354 -18.10 31.69 -39.05
C GLU C 354 -17.45 31.34 -40.39
N GLU C 355 -17.07 32.37 -41.17
CA GLU C 355 -16.47 32.10 -42.47
C GLU C 355 -15.06 31.55 -42.33
N LYS C 356 -14.34 31.93 -41.28
CA LYS C 356 -12.95 31.48 -41.12
C LYS C 356 -12.87 29.97 -41.03
N PHE C 357 -13.77 29.35 -40.27
CA PHE C 357 -13.81 27.89 -40.18
C PHE C 357 -14.17 27.25 -41.51
N ARG C 358 -14.80 28.00 -42.43
CA ARG C 358 -15.22 27.39 -43.69
C ARG C 358 -14.05 27.11 -44.62
N GLU C 359 -13.10 28.04 -44.73
CA GLU C 359 -11.93 27.77 -45.57
C GLU C 359 -11.11 26.61 -45.02
N ARG C 360 -11.08 26.45 -43.70
CA ARG C 360 -10.36 25.33 -43.11
C ARG C 360 -10.95 24.00 -43.53
N LEU C 361 -12.26 23.96 -43.80
CA LEU C 361 -12.93 22.73 -44.19
C LEU C 361 -12.99 22.54 -45.70
N LYS C 362 -12.58 23.54 -46.49
CA LYS C 362 -12.62 23.39 -47.94
C LYS C 362 -11.65 22.32 -48.43
N GLU C 363 -10.44 22.30 -47.88
CA GLU C 363 -9.39 21.41 -48.36
C GLU C 363 -9.34 20.08 -47.61
N LEU C 364 -10.33 19.80 -46.77
CA LEU C 364 -10.40 18.55 -46.02
C LEU C 364 -11.64 17.77 -46.44
N VAL C 365 -11.50 16.45 -46.51
CA VAL C 365 -12.62 15.56 -46.84
C VAL C 365 -13.31 15.24 -45.52
N VAL C 366 -14.21 16.11 -45.11
CA VAL C 366 -14.86 15.98 -43.80
C VAL C 366 -15.86 14.84 -43.84
N PRO C 367 -15.87 13.95 -42.85
CA PRO C 367 -16.87 12.88 -42.83
C PRO C 367 -18.26 13.43 -42.57
N LYS C 368 -19.26 12.60 -42.89
CA LYS C 368 -20.65 13.01 -42.72
C LYS C 368 -20.99 13.28 -41.26
N HIS C 369 -20.57 12.40 -40.36
CA HIS C 369 -20.91 12.57 -38.95
C HIS C 369 -20.19 13.77 -38.35
N VAL C 370 -18.95 14.02 -38.77
CA VAL C 370 -18.24 15.21 -38.31
C VAL C 370 -18.91 16.47 -38.84
N MET C 371 -19.37 16.43 -40.08
CA MET C 371 -20.00 17.60 -40.69
C MET C 371 -21.31 17.95 -39.99
N ASP C 372 -22.02 16.96 -39.46
CA ASP C 372 -23.26 17.23 -38.73
C ASP C 372 -22.99 18.01 -37.45
N VAL C 373 -21.94 17.62 -36.71
CA VAL C 373 -21.66 18.26 -35.42
C VAL C 373 -21.17 19.69 -35.61
N VAL C 374 -20.29 19.91 -36.59
CA VAL C 374 -19.77 21.25 -36.81
C VAL C 374 -20.88 22.19 -37.28
N ASP C 375 -21.83 21.67 -38.07
CA ASP C 375 -22.98 22.48 -38.47
C ASP C 375 -23.84 22.84 -37.28
N GLU C 376 -24.04 21.89 -36.35
CA GLU C 376 -24.80 22.17 -35.14
C GLU C 376 -24.08 23.22 -34.28
N GLU C 377 -22.75 23.11 -34.18
CA GLU C 377 -22.00 24.06 -33.36
C GLU C 377 -21.92 25.42 -34.04
N LEU C 378 -21.87 25.47 -35.37
CA LEU C 378 -21.84 26.74 -36.08
C LEU C 378 -23.11 27.53 -35.83
N SER C 379 -24.27 26.87 -35.90
CA SER C 379 -25.54 27.55 -35.61
C SER C 379 -25.61 27.97 -34.16
N LYS C 380 -25.13 27.12 -33.25
CA LYS C 380 -25.15 27.46 -31.82
C LYS C 380 -24.26 28.65 -31.53
N LEU C 381 -23.09 28.72 -32.17
CA LEU C 381 -22.19 29.84 -31.95
C LEU C 381 -22.77 31.15 -32.48
N GLY C 382 -23.44 31.10 -33.63
CA GLY C 382 -23.97 32.32 -34.21
C GLY C 382 -25.06 32.96 -33.39
N LEU C 383 -25.99 32.15 -32.87
CA LEU C 383 -27.11 32.68 -32.10
C LEU C 383 -26.70 33.12 -30.70
N LEU C 384 -25.49 32.78 -30.27
CA LEU C 384 -25.05 33.03 -28.91
C LEU C 384 -24.09 34.21 -28.87
N ASP C 385 -24.25 35.07 -27.86
CA ASP C 385 -23.47 36.30 -27.77
C ASP C 385 -22.00 35.99 -27.53
N ASN C 386 -21.15 36.86 -28.09
CA ASN C 386 -19.70 36.62 -28.07
C ASN C 386 -19.05 36.95 -26.74
N HIS C 387 -19.72 37.69 -25.86
CA HIS C 387 -19.11 38.14 -24.62
C HIS C 387 -19.33 37.19 -23.46
N SER C 388 -20.07 36.11 -23.66
CA SER C 388 -20.34 35.16 -22.59
C SER C 388 -19.31 34.04 -22.58
N SER C 389 -19.16 33.41 -21.42
CA SER C 389 -18.20 32.32 -21.26
C SER C 389 -18.56 31.10 -22.11
N GLU C 390 -19.84 30.93 -22.45
CA GLU C 390 -20.24 29.81 -23.30
C GLU C 390 -19.71 29.98 -24.72
N PHE C 391 -19.59 31.22 -25.19
CA PHE C 391 -19.06 31.47 -26.52
C PHE C 391 -17.63 30.97 -26.66
N ASN C 392 -16.80 31.19 -25.64
CA ASN C 392 -15.42 30.74 -25.69
C ASN C 392 -15.34 29.22 -25.74
N VAL C 393 -16.19 28.54 -24.97
CA VAL C 393 -16.18 27.08 -24.95
C VAL C 393 -16.54 26.51 -26.32
N THR C 394 -17.55 27.09 -26.96
CA THR C 394 -17.97 26.59 -28.27
C THR C 394 -16.93 26.90 -29.34
N ARG C 395 -16.34 28.09 -29.31
CA ARG C 395 -15.37 28.45 -30.34
C ARG C 395 -14.10 27.61 -30.22
N ASN C 396 -13.67 27.34 -28.99
CA ASN C 396 -12.53 26.44 -28.79
C ASN C 396 -12.84 25.05 -29.34
N TYR C 397 -14.08 24.59 -29.16
CA TYR C 397 -14.50 23.33 -29.75
C TYR C 397 -14.45 23.40 -31.28
N LEU C 398 -14.87 24.53 -31.85
CA LEU C 398 -14.84 24.69 -33.31
C LEU C 398 -13.42 24.78 -33.82
N ASP C 399 -12.51 25.38 -33.04
CA ASP C 399 -11.12 25.45 -33.45
C ASP C 399 -10.51 24.06 -33.59
N TRP C 400 -10.79 23.18 -32.62
CA TRP C 400 -10.20 21.85 -32.66
C TRP C 400 -10.79 21.02 -33.79
N LEU C 401 -12.10 21.12 -34.01
CA LEU C 401 -12.74 20.30 -35.05
C LEU C 401 -12.19 20.63 -36.43
N THR C 402 -12.03 21.92 -36.73
CA THR C 402 -11.52 22.31 -38.04
C THR C 402 -10.02 22.03 -38.15
N SER C 403 -9.30 22.07 -37.03
CA SER C 403 -7.86 21.87 -37.07
C SER C 403 -7.49 20.44 -37.42
N ILE C 404 -8.35 19.49 -37.08
CA ILE C 404 -8.05 18.08 -37.37
C ILE C 404 -8.00 17.88 -38.87
N PRO C 405 -6.93 17.31 -39.43
CA PRO C 405 -6.84 17.13 -40.88
C PRO C 405 -7.73 16.01 -41.39
N TRP C 406 -9.02 16.28 -41.51
CA TRP C 406 -9.97 15.25 -41.95
C TRP C 406 -9.68 14.84 -43.38
N GLY C 407 -9.27 13.59 -43.58
CA GLY C 407 -9.03 13.09 -44.91
C GLY C 407 -7.78 13.62 -45.58
N LYS C 408 -6.82 14.12 -44.82
CA LYS C 408 -5.57 14.65 -45.35
C LYS C 408 -4.44 13.68 -45.03
N TYR C 409 -3.69 13.30 -46.06
CA TYR C 409 -2.61 12.33 -45.92
C TYR C 409 -1.31 12.91 -46.47
N SER C 410 -0.20 12.29 -46.07
CA SER C 410 1.11 12.68 -46.56
C SER C 410 1.48 11.83 -47.78
N ASN C 411 2.21 12.44 -48.71
CA ASN C 411 2.65 11.71 -49.90
C ASN C 411 3.75 10.73 -49.53
N GLU C 412 3.36 9.50 -49.23
CA GLU C 412 4.33 8.48 -48.86
C GLU C 412 5.23 8.12 -50.03
N ASN C 413 6.45 7.73 -49.72
CA ASN C 413 7.41 7.28 -50.72
C ASN C 413 7.41 5.77 -50.74
N LEU C 414 7.14 5.18 -51.90
CA LEU C 414 7.01 3.74 -52.07
C LEU C 414 8.09 3.19 -52.98
N ASP C 415 9.30 3.70 -52.85
CA ASP C 415 10.45 3.20 -53.60
C ASP C 415 11.28 2.30 -52.68
N LEU C 416 11.37 1.02 -53.04
CA LEU C 416 12.11 0.08 -52.21
C LEU C 416 13.60 0.38 -52.20
N ALA C 417 14.15 0.78 -53.35
CA ALA C 417 15.57 1.07 -53.43
C ALA C 417 15.94 2.27 -52.56
N ARG C 418 15.14 3.34 -52.64
CA ARG C 418 15.42 4.53 -51.85
C ARG C 418 15.23 4.25 -50.35
N ALA C 419 14.20 3.49 -50.00
CA ALA C 419 13.95 3.18 -48.59
C ALA C 419 15.06 2.34 -47.99
N GLN C 420 15.62 1.41 -48.78
CA GLN C 420 16.70 0.57 -48.28
C GLN C 420 17.92 1.40 -47.92
N ALA C 421 18.27 2.37 -48.77
CA ALA C 421 19.43 3.20 -48.51
C ALA C 421 19.22 4.09 -47.29
N VAL C 422 18.01 4.64 -47.13
CA VAL C 422 17.73 5.54 -46.01
C VAL C 422 17.83 4.79 -44.69
N LEU C 423 17.32 3.56 -44.65
CA LEU C 423 17.37 2.78 -43.41
C LEU C 423 18.80 2.49 -42.99
N GLU C 424 19.67 2.20 -43.96
CA GLU C 424 21.07 1.90 -43.65
C GLU C 424 21.90 3.15 -43.38
N GLU C 425 21.35 4.35 -43.58
CA GLU C 425 22.13 5.56 -43.39
C GLU C 425 22.57 5.72 -41.95
N ASP C 426 21.68 5.46 -41.00
CA ASP C 426 21.94 5.72 -39.59
C ASP C 426 22.03 4.46 -38.74
N HIS C 427 21.80 3.28 -39.32
CA HIS C 427 21.74 2.06 -38.53
C HIS C 427 22.39 0.91 -39.29
N TYR C 428 22.82 -0.09 -38.52
CA TYR C 428 23.45 -1.29 -39.04
C TYR C 428 22.70 -2.51 -38.53
N GLY C 429 22.63 -3.54 -39.37
CA GLY C 429 21.95 -4.76 -38.97
C GLY C 429 20.47 -4.53 -38.76
N MET C 430 19.92 -5.20 -37.75
CA MET C 430 18.48 -5.18 -37.47
C MET C 430 17.68 -5.53 -38.72
N GLU C 431 17.97 -6.70 -39.27
CA GLU C 431 17.30 -7.14 -40.49
C GLU C 431 15.81 -7.34 -40.26
N ASP C 432 15.43 -7.88 -39.10
CA ASP C 432 14.03 -8.14 -38.83
C ASP C 432 13.21 -6.85 -38.86
N VAL C 433 13.73 -5.78 -38.26
CA VAL C 433 13.05 -4.50 -38.31
C VAL C 433 13.05 -3.95 -39.73
N LYS C 434 14.20 -4.03 -40.42
CA LYS C 434 14.31 -3.46 -41.75
C LYS C 434 13.44 -4.21 -42.76
N LYS C 435 13.41 -5.55 -42.65
CA LYS C 435 12.56 -6.32 -43.56
C LYS C 435 11.08 -6.01 -43.34
N ARG C 436 10.68 -5.80 -42.08
CA ARG C 436 9.29 -5.48 -41.79
C ARG C 436 8.87 -4.17 -42.44
N ILE C 437 9.75 -3.17 -42.41
CA ILE C 437 9.43 -1.89 -43.05
C ILE C 437 9.41 -2.05 -44.57
N LEU C 438 10.35 -2.82 -45.12
CA LEU C 438 10.35 -3.06 -46.56
C LEU C 438 9.08 -3.80 -47.00
N GLU C 439 8.67 -4.80 -46.22
CA GLU C 439 7.41 -5.48 -46.52
C GLU C 439 6.22 -4.56 -46.35
N PHE C 440 6.31 -3.59 -45.44
CA PHE C 440 5.25 -2.60 -45.27
C PHE C 440 5.08 -1.77 -46.53
N ILE C 441 6.17 -1.39 -47.17
CA ILE C 441 6.11 -0.58 -48.38
C ILE C 441 5.57 -1.40 -49.54
N ALA C 442 6.00 -2.66 -49.67
CA ALA C 442 5.58 -3.50 -50.77
C ALA C 442 4.07 -3.74 -50.72
N VAL C 443 3.53 -3.97 -49.52
CA VAL C 443 2.09 -4.14 -49.39
C VAL C 443 1.36 -2.86 -49.78
N SER C 444 1.91 -1.70 -49.40
CA SER C 444 1.27 -0.44 -49.74
C SER C 444 1.23 -0.20 -51.24
N GLN C 445 2.23 -0.68 -51.98
CA GLN C 445 2.22 -0.53 -53.42
C GLN C 445 1.07 -1.30 -54.06
N LEU C 446 0.86 -2.54 -53.61
CA LEU C 446 -0.22 -3.36 -54.19
C LEU C 446 -1.59 -2.78 -53.89
N ARG C 447 -1.79 -2.27 -52.66
CA ARG C 447 -3.07 -1.66 -52.32
C ARG C 447 -3.34 -0.41 -53.14
N GLY C 448 -2.31 0.41 -53.36
CA GLY C 448 -2.48 1.71 -53.95
C GLY C 448 -2.91 2.78 -52.97
N SER C 449 -3.02 2.46 -51.69
CA SER C 449 -3.40 3.42 -50.67
C SER C 449 -2.58 3.15 -49.42
N THR C 450 -2.57 4.14 -48.53
CA THR C 450 -1.78 4.05 -47.30
C THR C 450 -2.38 3.00 -46.36
N GLN C 451 -1.62 2.66 -45.33
CA GLN C 451 -2.06 1.68 -44.35
C GLN C 451 -1.37 1.96 -43.02
N GLY C 452 -1.92 1.39 -41.96
CA GLY C 452 -1.36 1.54 -40.63
C GLY C 452 -1.27 0.21 -39.93
N LYS C 453 -0.27 0.10 -39.05
CA LYS C 453 -0.01 -1.14 -38.33
C LYS C 453 0.43 -0.80 -36.91
N ILE C 454 0.29 -1.78 -36.03
CA ILE C 454 0.73 -1.68 -34.63
C ILE C 454 1.95 -2.56 -34.49
N LEU C 455 3.11 -1.94 -34.26
CA LEU C 455 4.37 -2.66 -34.16
C LEU C 455 4.97 -2.45 -32.77
N CYS C 456 5.71 -3.46 -32.31
CA CYS C 456 6.36 -3.41 -31.01
C CYS C 456 7.79 -3.92 -31.17
N PHE C 457 8.77 -3.03 -31.07
CA PHE C 457 10.17 -3.41 -31.08
C PHE C 457 10.63 -3.61 -29.64
N TYR C 458 10.98 -4.84 -29.29
CA TYR C 458 11.42 -5.17 -27.95
C TYR C 458 12.79 -5.82 -27.99
N GLY C 459 13.64 -5.43 -27.04
CA GLY C 459 14.99 -5.93 -26.96
C GLY C 459 15.77 -5.29 -25.84
N PRO C 460 17.04 -5.67 -25.70
CA PRO C 460 17.86 -5.10 -24.64
C PRO C 460 18.09 -3.61 -24.87
N PRO C 461 18.30 -2.84 -23.80
CA PRO C 461 18.47 -1.40 -23.97
C PRO C 461 19.75 -1.06 -24.75
N GLY C 462 19.69 0.05 -25.47
CA GLY C 462 20.82 0.50 -26.25
C GLY C 462 20.99 -0.17 -27.59
N VAL C 463 20.00 -0.94 -28.05
CA VAL C 463 20.12 -1.69 -29.29
C VAL C 463 19.57 -0.93 -30.48
N GLY C 464 19.01 0.26 -30.27
CA GLY C 464 18.54 1.10 -31.37
C GLY C 464 17.06 1.07 -31.62
N LYS C 465 16.24 0.60 -30.68
CA LYS C 465 14.81 0.55 -30.88
C LYS C 465 14.22 1.94 -31.05
N THR C 466 14.64 2.89 -30.22
CA THR C 466 14.08 4.24 -30.29
C THR C 466 14.63 5.00 -31.49
N SER C 467 15.93 4.85 -31.77
CA SER C 467 16.55 5.62 -32.84
C SER C 467 16.00 5.23 -34.21
N ILE C 468 15.74 3.94 -34.43
CA ILE C 468 15.28 3.48 -35.73
C ILE C 468 13.90 4.03 -36.05
N ALA C 469 13.11 4.37 -35.02
CA ALA C 469 11.77 4.88 -35.26
C ALA C 469 11.82 6.19 -36.04
N ARG C 470 12.78 7.06 -35.72
CA ARG C 470 12.92 8.31 -36.45
C ARG C 470 13.39 8.08 -37.88
N SER C 471 14.24 7.07 -38.10
CA SER C 471 14.71 6.78 -39.45
C SER C 471 13.65 6.09 -40.29
N ILE C 472 12.77 5.31 -39.65
CA ILE C 472 11.67 4.68 -40.39
C ILE C 472 10.72 5.75 -40.92
N ALA C 473 10.46 6.78 -40.13
CA ALA C 473 9.57 7.85 -40.58
C ALA C 473 10.15 8.58 -41.78
N ARG C 474 11.47 8.84 -41.76
CA ARG C 474 12.10 9.51 -42.89
C ARG C 474 12.10 8.63 -44.13
N ALA C 475 12.27 7.32 -43.96
CA ALA C 475 12.22 6.41 -45.09
C ALA C 475 10.83 6.38 -45.72
N LEU C 476 9.79 6.39 -44.89
CA LEU C 476 8.41 6.36 -45.36
C LEU C 476 7.86 7.74 -45.69
N ASN C 477 8.63 8.80 -45.45
CA ASN C 477 8.21 10.19 -45.65
C ASN C 477 7.01 10.54 -44.79
N ARG C 478 6.81 9.83 -43.69
CA ARG C 478 5.72 10.11 -42.76
C ARG C 478 6.20 11.09 -41.69
N GLU C 479 5.26 11.85 -41.16
CA GLU C 479 5.56 12.75 -40.05
C GLU C 479 5.86 11.93 -38.79
N TYR C 480 6.70 12.50 -37.93
CA TYR C 480 7.18 11.82 -36.74
C TYR C 480 6.64 12.50 -35.49
N PHE C 481 6.18 11.69 -34.54
CA PHE C 481 5.72 12.20 -33.25
C PHE C 481 6.07 11.18 -32.19
N ARG C 482 6.65 11.63 -31.09
CA ARG C 482 7.06 10.78 -29.98
C ARG C 482 6.12 10.97 -28.81
N PHE C 483 5.62 9.87 -28.25
CA PHE C 483 4.73 9.88 -27.09
C PHE C 483 5.34 8.98 -26.03
N SER C 484 6.07 9.57 -25.09
CA SER C 484 6.70 8.81 -24.03
C SER C 484 5.67 8.50 -22.94
N VAL C 485 5.45 7.22 -22.68
CA VAL C 485 4.49 6.78 -21.68
C VAL C 485 5.20 6.15 -20.48
N GLY C 486 6.51 6.35 -20.36
CA GLY C 486 7.25 5.79 -19.24
C GLY C 486 6.83 6.45 -17.93
N GLY C 487 6.33 5.65 -17.00
CA GLY C 487 5.89 6.19 -15.71
C GLY C 487 4.75 7.17 -15.81
N MET C 488 3.79 6.92 -16.68
CA MET C 488 2.63 7.77 -16.86
C MET C 488 1.39 7.09 -16.27
N THR C 489 0.58 7.86 -15.56
CA THR C 489 -0.65 7.35 -14.98
C THR C 489 -1.87 8.20 -15.30
N ASP C 490 -1.73 9.25 -16.11
CA ASP C 490 -2.84 10.14 -16.45
C ASP C 490 -3.57 9.57 -17.66
N VAL C 491 -4.78 9.06 -17.44
CA VAL C 491 -5.59 8.56 -18.56
C VAL C 491 -6.00 9.70 -19.47
N ALA C 492 -6.09 10.92 -18.94
CA ALA C 492 -6.46 12.07 -19.76
C ALA C 492 -5.40 12.41 -20.80
N GLU C 493 -4.18 11.91 -20.64
CA GLU C 493 -3.15 12.13 -21.65
C GLU C 493 -3.54 11.44 -22.97
N ILE C 494 -4.12 10.26 -22.88
CA ILE C 494 -4.52 9.52 -24.07
C ILE C 494 -5.89 9.96 -24.56
N LYS C 495 -6.88 9.97 -23.67
CA LYS C 495 -8.27 10.27 -24.06
C LYS C 495 -8.54 11.77 -24.01
N GLY C 496 -8.36 12.38 -22.85
CA GLY C 496 -8.63 13.81 -22.71
C GLY C 496 -9.59 14.12 -21.58
N HIS C 497 -10.20 15.29 -21.61
CA HIS C 497 -11.15 15.72 -20.61
C HIS C 497 -12.39 16.29 -21.29
N ARG C 498 -13.52 16.18 -20.61
CA ARG C 498 -14.78 16.67 -21.14
C ARG C 498 -14.72 18.17 -21.35
N ARG C 499 -15.40 18.65 -22.40
CA ARG C 499 -15.41 20.07 -22.72
C ARG C 499 -15.99 20.91 -21.59
N THR C 500 -16.79 20.33 -20.70
CA THR C 500 -17.40 21.08 -19.62
C THR C 500 -16.33 21.67 -18.70
N TYR C 501 -15.29 20.90 -18.41
CA TYR C 501 -14.23 21.38 -17.51
C TYR C 501 -13.53 22.58 -18.12
N VAL C 502 -13.16 23.54 -17.27
CA VAL C 502 -12.56 24.78 -17.74
C VAL C 502 -11.15 24.50 -18.25
N GLY C 503 -10.82 25.07 -19.40
CA GLY C 503 -9.51 24.88 -19.99
C GLY C 503 -9.22 23.45 -20.40
N ALA C 504 -10.24 22.73 -20.87
CA ALA C 504 -10.06 21.33 -21.25
C ALA C 504 -9.30 21.21 -22.56
N MET C 505 -8.54 20.13 -22.69
CA MET C 505 -7.76 19.85 -23.88
C MET C 505 -7.97 18.41 -24.30
N PRO C 506 -7.82 18.11 -25.60
CA PRO C 506 -7.91 16.70 -26.04
C PRO C 506 -6.70 15.90 -25.61
N GLY C 507 -6.66 14.62 -25.98
CA GLY C 507 -5.53 13.79 -25.65
C GLY C 507 -4.33 14.08 -26.52
N LYS C 508 -3.22 13.43 -26.19
CA LYS C 508 -1.99 13.62 -26.95
C LYS C 508 -2.14 13.17 -28.39
N ILE C 509 -2.91 12.10 -28.62
CA ILE C 509 -3.11 11.59 -29.97
C ILE C 509 -3.82 12.63 -30.83
N ILE C 510 -4.88 13.24 -30.29
CA ILE C 510 -5.58 14.29 -31.02
C ILE C 510 -4.71 15.51 -31.19
N GLN C 511 -3.95 15.88 -30.17
CA GLN C 511 -3.01 16.99 -30.29
C GLN C 511 -1.90 16.67 -31.29
N CYS C 512 -1.56 15.39 -31.45
CA CYS C 512 -0.57 15.00 -32.45
C CYS C 512 -1.07 15.33 -33.86
N LEU C 513 -2.33 15.03 -34.15
CA LEU C 513 -2.85 15.24 -35.50
C LEU C 513 -2.87 16.71 -35.87
N LYS C 514 -3.21 17.58 -34.92
CA LYS C 514 -3.21 19.01 -35.19
C LYS C 514 -1.79 19.52 -35.48
N LYS C 515 -0.81 19.07 -34.71
CA LYS C 515 0.57 19.48 -34.95
C LYS C 515 1.12 18.84 -36.22
N THR C 516 0.84 17.55 -36.42
CA THR C 516 1.29 16.86 -37.62
C THR C 516 0.63 17.42 -38.87
N LYS C 517 -0.64 17.82 -38.77
CA LYS C 517 -1.45 18.29 -39.90
C LYS C 517 -1.58 17.22 -40.98
N THR C 518 -1.68 15.96 -40.55
CA THR C 518 -1.79 14.84 -41.48
C THR C 518 -2.31 13.63 -40.72
N GLU C 519 -3.27 12.92 -41.30
CA GLU C 519 -3.79 11.68 -40.73
C GLU C 519 -2.90 10.48 -40.98
N ASN C 520 -1.65 10.70 -41.40
CA ASN C 520 -0.71 9.62 -41.71
C ASN C 520 0.61 9.85 -40.98
N PRO C 521 0.60 9.86 -39.63
CA PRO C 521 1.85 10.06 -38.90
C PRO C 521 2.50 8.75 -38.50
N LEU C 522 3.71 8.85 -37.92
CA LEU C 522 4.38 7.72 -37.31
C LEU C 522 4.49 8.02 -35.83
N ILE C 523 3.56 7.49 -35.04
CA ILE C 523 3.51 7.77 -33.61
C ILE C 523 4.32 6.69 -32.90
N LEU C 524 5.35 7.11 -32.16
CA LEU C 524 6.21 6.22 -31.41
C LEU C 524 5.80 6.25 -29.94
N ILE C 525 5.27 5.13 -29.45
CA ILE C 525 4.88 4.99 -28.05
C ILE C 525 6.07 4.34 -27.34
N ASP C 526 6.95 5.17 -26.78
CA ASP C 526 8.17 4.67 -26.18
C ASP C 526 7.92 4.22 -24.75
N GLU C 527 8.60 3.14 -24.36
CA GLU C 527 8.55 2.61 -22.99
C GLU C 527 7.14 2.19 -22.60
N VAL C 528 6.52 1.35 -23.44
CA VAL C 528 5.18 0.85 -23.13
C VAL C 528 5.20 -0.10 -21.95
N ASP C 529 6.26 -0.90 -21.81
CA ASP C 529 6.33 -1.87 -20.73
C ASP C 529 6.50 -1.23 -19.36
N LYS C 530 6.86 0.06 -19.30
CA LYS C 530 7.05 0.77 -18.04
C LYS C 530 5.98 1.83 -17.82
N ILE C 531 4.80 1.64 -18.42
CA ILE C 531 3.68 2.52 -18.13
C ILE C 531 3.20 2.27 -16.71
N GLY C 532 2.56 3.27 -16.12
CA GLY C 532 2.15 3.17 -14.74
C GLY C 532 0.91 2.32 -14.51
N ARG C 533 1.11 1.11 -14.00
CA ARG C 533 0.00 0.22 -13.61
C ARG C 533 -0.35 0.39 -12.14
N GLY C 534 -0.56 1.63 -11.72
CA GLY C 534 -0.74 1.95 -10.32
C GLY C 534 -2.19 1.94 -9.88
N TYR C 535 -2.39 2.29 -8.61
CA TYR C 535 -3.72 2.37 -8.02
C TYR C 535 -4.41 3.69 -8.30
N GLN C 536 -3.69 4.68 -8.83
CA GLN C 536 -4.29 5.98 -9.14
C GLN C 536 -4.81 6.05 -10.57
N GLY C 537 -4.04 5.55 -11.53
CA GLY C 537 -4.47 5.53 -12.91
C GLY C 537 -3.96 4.30 -13.61
N ASP C 538 -4.71 3.86 -14.63
CA ASP C 538 -4.35 2.69 -15.43
C ASP C 538 -4.46 3.06 -16.91
N PRO C 539 -3.51 3.86 -17.42
CA PRO C 539 -3.55 4.21 -18.84
C PRO C 539 -3.33 3.03 -19.77
N SER C 540 -2.78 1.92 -19.28
CA SER C 540 -2.60 0.75 -20.12
C SER C 540 -3.93 0.18 -20.58
N SER C 541 -4.98 0.34 -19.78
CA SER C 541 -6.31 -0.08 -20.20
C SER C 541 -6.90 0.86 -21.25
N ALA C 542 -6.54 2.14 -21.21
CA ALA C 542 -6.98 3.07 -22.23
C ALA C 542 -6.23 2.90 -23.54
N LEU C 543 -5.09 2.20 -23.52
CA LEU C 543 -4.35 1.96 -24.75
C LEU C 543 -5.00 0.88 -25.60
N LEU C 544 -5.89 0.06 -25.02
CA LEU C 544 -6.54 -1.00 -25.78
C LEU C 544 -7.39 -0.43 -26.90
N GLU C 545 -8.13 0.64 -26.64
CA GLU C 545 -8.88 1.30 -27.70
C GLU C 545 -7.94 1.97 -28.69
N LEU C 546 -6.83 2.53 -28.20
CA LEU C 546 -5.89 3.22 -29.06
C LEU C 546 -5.12 2.25 -29.97
N LEU C 547 -4.96 1.00 -29.56
CA LEU C 547 -4.15 0.04 -30.31
C LEU C 547 -4.97 -1.16 -30.75
N ASP C 548 -6.27 -0.97 -30.98
CA ASP C 548 -7.12 -2.04 -31.48
C ASP C 548 -7.08 -2.05 -33.00
N PRO C 549 -6.55 -3.11 -33.64
CA PRO C 549 -6.37 -3.08 -35.07
C PRO C 549 -7.66 -2.88 -35.85
N GLU C 550 -8.79 -3.00 -35.20
CA GLU C 550 -10.06 -2.92 -35.94
C GLU C 550 -10.79 -1.65 -35.54
N GLN C 551 -11.04 -1.51 -34.24
CA GLN C 551 -11.76 -0.35 -33.71
C GLN C 551 -10.93 0.93 -33.78
N ASN C 552 -9.75 0.93 -34.38
CA ASN C 552 -9.08 2.21 -34.50
C ASN C 552 -9.78 3.16 -35.46
N ALA C 553 -10.61 2.63 -36.36
CA ALA C 553 -11.29 3.48 -37.33
C ALA C 553 -12.24 4.46 -36.65
N ASN C 554 -12.74 4.12 -35.46
CA ASN C 554 -13.60 5.00 -34.67
C ASN C 554 -13.08 5.11 -33.24
N PHE C 555 -12.12 6.01 -33.05
CA PHE C 555 -11.52 6.28 -31.75
C PHE C 555 -12.18 7.50 -31.14
N LEU C 556 -12.74 7.35 -29.94
CA LEU C 556 -13.47 8.41 -29.28
C LEU C 556 -12.64 8.99 -28.14
N ASP C 557 -12.53 10.32 -28.12
CA ASP C 557 -11.87 11.04 -27.05
C ASP C 557 -12.90 11.89 -26.33
N HIS C 558 -12.63 12.18 -25.04
CA HIS C 558 -13.63 12.86 -24.23
C HIS C 558 -13.87 14.29 -24.71
N TYR C 559 -12.82 15.00 -25.13
CA TYR C 559 -12.99 16.37 -25.56
C TYR C 559 -13.78 16.46 -26.86
N LEU C 560 -13.44 15.63 -27.84
CA LEU C 560 -14.12 15.62 -29.14
C LEU C 560 -15.11 14.48 -29.18
N ASP C 561 -16.40 14.81 -29.12
CA ASP C 561 -17.43 13.77 -29.17
C ASP C 561 -17.50 13.06 -30.52
N VAL C 562 -16.84 13.59 -31.54
CA VAL C 562 -16.81 12.91 -32.84
C VAL C 562 -15.70 11.87 -32.82
N PRO C 563 -15.94 10.66 -33.34
CA PRO C 563 -14.84 9.70 -33.48
C PRO C 563 -13.86 10.13 -34.56
N VAL C 564 -12.60 9.76 -34.37
CA VAL C 564 -11.53 10.10 -35.30
C VAL C 564 -11.00 8.81 -35.91
N ASP C 565 -10.71 8.86 -37.21
CA ASP C 565 -10.22 7.70 -37.94
C ASP C 565 -8.72 7.57 -37.68
N LEU C 566 -8.37 6.75 -36.69
CA LEU C 566 -6.98 6.52 -36.34
C LEU C 566 -6.35 5.36 -37.11
N SER C 567 -7.09 4.77 -38.05
CA SER C 567 -6.47 3.83 -38.96
C SER C 567 -5.49 4.58 -39.86
N LYS C 568 -4.67 3.80 -40.58
CA LYS C 568 -3.57 4.28 -41.42
C LYS C 568 -2.45 4.92 -40.60
N VAL C 569 -2.55 4.95 -39.28
CA VAL C 569 -1.50 5.50 -38.43
C VAL C 569 -0.56 4.38 -38.03
N LEU C 570 0.73 4.57 -38.29
CA LEU C 570 1.73 3.56 -37.99
C LEU C 570 2.16 3.74 -36.53
N PHE C 571 1.64 2.88 -35.66
CA PHE C 571 2.00 2.91 -34.24
C PHE C 571 3.19 2.00 -34.01
N ILE C 572 4.23 2.53 -33.37
CA ILE C 572 5.43 1.78 -33.02
C ILE C 572 5.62 1.87 -31.51
N CYS C 573 5.78 0.72 -30.88
CA CYS C 573 5.95 0.63 -29.43
C CYS C 573 7.35 0.11 -29.11
N THR C 574 7.90 0.60 -28.00
CA THR C 574 9.23 0.24 -27.54
C THR C 574 9.14 -0.30 -26.13
N ALA C 575 9.77 -1.46 -25.91
CA ALA C 575 9.76 -2.10 -24.59
C ALA C 575 11.06 -2.86 -24.40
N ASN C 576 11.62 -2.79 -23.18
CA ASN C 576 12.83 -3.54 -22.88
C ASN C 576 12.53 -5.04 -22.77
N VAL C 577 11.49 -5.39 -22.04
CA VAL C 577 11.10 -6.79 -21.85
C VAL C 577 9.58 -6.86 -21.98
N THR C 578 9.08 -8.07 -22.29
CA THR C 578 7.71 -8.24 -22.74
C THR C 578 6.73 -8.71 -21.68
N ASP C 579 7.20 -9.31 -20.58
CA ASP C 579 6.25 -9.87 -19.62
C ASP C 579 5.46 -8.80 -18.88
N THR C 580 6.06 -7.61 -18.70
CA THR C 580 5.38 -6.56 -17.95
C THR C 580 4.17 -6.02 -18.70
N ILE C 581 4.19 -6.07 -20.03
CA ILE C 581 3.03 -5.60 -20.81
C ILE C 581 1.84 -6.50 -20.53
N PRO C 582 0.64 -5.94 -20.31
CA PRO C 582 -0.53 -6.80 -20.06
C PRO C 582 -0.82 -7.70 -21.24
N GLU C 583 -1.34 -8.88 -20.93
CA GLU C 583 -1.63 -9.87 -21.97
C GLU C 583 -2.62 -9.36 -23.02
N PRO C 584 -3.74 -8.72 -22.67
CA PRO C 584 -4.61 -8.17 -23.71
C PRO C 584 -3.92 -7.13 -24.57
N LEU C 585 -3.01 -6.35 -24.01
CA LEU C 585 -2.30 -5.33 -24.80
C LEU C 585 -1.22 -5.95 -25.68
N ARG C 586 -0.57 -7.02 -25.22
CA ARG C 586 0.40 -7.73 -26.04
C ARG C 586 -0.26 -8.37 -27.26
N ASP C 587 -1.51 -8.83 -27.15
CA ASP C 587 -2.17 -9.53 -28.28
C ASP C 587 -2.43 -8.59 -29.43
N ARG C 588 -2.76 -7.34 -29.16
CA ARG C 588 -3.10 -6.34 -30.18
C ARG C 588 -1.89 -5.93 -31.01
N MET C 589 -0.70 -5.94 -30.43
CA MET C 589 0.51 -5.43 -31.12
C MET C 589 1.36 -6.55 -31.65
N GLU C 590 1.87 -6.39 -32.85
CA GLU C 590 2.83 -7.34 -33.37
C GLU C 590 4.20 -7.07 -32.78
N MET C 591 4.87 -8.11 -32.29
CA MET C 591 6.13 -7.98 -31.60
C MET C 591 7.27 -8.36 -32.53
N ILE C 592 8.24 -7.45 -32.68
CA ILE C 592 9.44 -7.69 -33.47
C ILE C 592 10.62 -7.61 -32.52
N ASN C 593 11.44 -8.66 -32.51
CA ASN C 593 12.56 -8.76 -31.58
C ASN C 593 13.81 -8.15 -32.20
N VAL C 594 14.43 -7.22 -31.47
CA VAL C 594 15.68 -6.60 -31.88
C VAL C 594 16.76 -7.19 -30.98
N SER C 595 17.46 -8.20 -31.48
CA SER C 595 18.46 -8.90 -30.70
C SER C 595 19.73 -8.05 -30.57
N GLY C 596 20.55 -8.42 -29.59
CA GLY C 596 21.80 -7.73 -29.36
C GLY C 596 22.82 -7.99 -30.45
N TYR C 597 23.93 -7.26 -30.36
CA TYR C 597 24.97 -7.30 -31.37
C TYR C 597 26.17 -8.10 -30.85
N VAL C 598 26.64 -9.04 -31.66
CA VAL C 598 27.83 -9.81 -31.34
C VAL C 598 29.05 -8.91 -31.49
N ALA C 599 30.21 -9.39 -31.01
CA ALA C 599 31.42 -8.57 -31.09
C ALA C 599 31.77 -8.22 -32.52
N GLN C 600 31.51 -9.13 -33.47
CA GLN C 600 31.75 -8.82 -34.88
C GLN C 600 30.84 -7.70 -35.36
N GLU C 601 29.56 -7.75 -34.99
CA GLU C 601 28.64 -6.69 -35.39
C GLU C 601 29.00 -5.36 -34.71
N LYS C 602 29.47 -5.42 -33.47
CA LYS C 602 29.85 -4.19 -32.77
C LYS C 602 31.02 -3.52 -33.47
N LEU C 603 31.94 -4.30 -34.04
CA LEU C 603 33.03 -3.72 -34.81
C LEU C 603 32.51 -3.00 -36.05
N ALA C 604 31.53 -3.59 -36.74
CA ALA C 604 30.96 -2.97 -37.92
C ALA C 604 30.06 -1.79 -37.59
N ILE C 605 29.63 -1.65 -36.33
CA ILE C 605 28.87 -0.49 -35.91
C ILE C 605 29.76 0.66 -35.49
N ALA C 606 30.89 0.39 -34.83
CA ALA C 606 31.80 1.44 -34.40
C ALA C 606 32.55 2.06 -35.56
N GLU C 607 33.04 1.24 -36.49
CA GLU C 607 33.83 1.75 -37.60
C GLU C 607 33.00 2.67 -38.50
N ARG C 608 31.75 2.29 -38.79
CA ARG C 608 30.96 3.00 -39.78
C ARG C 608 29.98 4.00 -39.18
N TYR C 609 29.53 3.80 -37.95
CA TYR C 609 28.52 4.68 -37.36
C TYR C 609 29.02 5.38 -36.11
N LEU C 610 29.55 4.65 -35.12
CA LEU C 610 29.84 5.27 -33.83
C LEU C 610 31.01 6.24 -33.91
N VAL C 611 32.10 5.84 -34.55
CA VAL C 611 33.31 6.67 -34.61
C VAL C 611 33.11 7.87 -35.52
N PRO C 612 32.59 7.72 -36.74
CA PRO C 612 32.34 8.93 -37.56
C PRO C 612 31.38 9.90 -36.90
N GLN C 613 30.36 9.40 -36.20
CA GLN C 613 29.45 10.29 -35.49
C GLN C 613 30.15 10.99 -34.33
N ALA C 614 30.96 10.24 -33.57
CA ALA C 614 31.67 10.84 -32.43
C ALA C 614 32.69 11.87 -32.90
N ARG C 615 33.38 11.61 -34.02
CA ARG C 615 34.34 12.57 -34.53
C ARG C 615 33.66 13.88 -34.91
N ALA C 616 32.49 13.80 -35.55
CA ALA C 616 31.75 15.01 -35.89
C ALA C 616 31.28 15.73 -34.64
N LEU C 617 30.79 14.98 -33.65
CA LEU C 617 30.36 15.60 -32.40
C LEU C 617 31.52 16.24 -31.65
N CYS C 618 32.66 15.56 -31.60
CA CYS C 618 33.84 16.11 -30.95
C CYS C 618 34.60 17.10 -31.80
N GLY C 619 34.31 17.16 -33.10
CA GLY C 619 35.01 18.09 -33.97
C GLY C 619 36.45 17.73 -34.27
N LEU C 620 36.82 16.46 -34.13
CA LEU C 620 38.19 16.02 -34.34
C LEU C 620 38.30 15.32 -35.69
N ASP C 621 39.24 15.78 -36.51
CA ASP C 621 39.44 15.21 -37.83
C ASP C 621 40.10 13.83 -37.71
N GLU C 622 39.91 13.03 -38.76
CA GLU C 622 40.50 11.68 -38.78
C GLU C 622 42.02 11.75 -38.81
N SER C 623 42.58 12.70 -39.56
CA SER C 623 44.03 12.83 -39.66
C SER C 623 44.66 13.27 -38.34
N LYS C 624 43.87 13.82 -37.42
CA LYS C 624 44.39 14.25 -36.12
C LYS C 624 44.45 13.10 -35.13
N ALA C 625 43.32 12.41 -34.92
CA ALA C 625 43.25 11.23 -34.08
C ALA C 625 42.66 10.09 -34.89
N LYS C 626 43.38 8.96 -34.92
CA LYS C 626 42.99 7.81 -35.74
C LYS C 626 42.74 6.62 -34.84
N LEU C 627 41.60 5.96 -35.04
CA LEU C 627 41.23 4.75 -34.33
C LEU C 627 41.25 3.59 -35.32
N SER C 628 42.04 2.57 -35.02
CA SER C 628 42.23 1.46 -35.94
C SER C 628 41.25 0.33 -35.65
N SER C 629 41.19 -0.63 -36.57
CA SER C 629 40.31 -1.78 -36.39
C SER C 629 40.75 -2.64 -35.21
N ASP C 630 42.06 -2.86 -35.06
CA ASP C 630 42.54 -3.67 -33.95
C ASP C 630 42.32 -2.95 -32.62
N VAL C 631 42.48 -1.62 -32.59
CA VAL C 631 42.22 -0.86 -31.38
C VAL C 631 40.76 -0.98 -30.98
N LEU C 632 39.86 -0.83 -31.95
CA LEU C 632 38.43 -0.96 -31.67
C LEU C 632 38.06 -2.39 -31.30
N THR C 633 38.73 -3.38 -31.89
CA THR C 633 38.46 -4.77 -31.55
C THR C 633 38.80 -5.05 -30.09
N LEU C 634 39.91 -4.50 -29.61
CA LEU C 634 40.30 -4.73 -28.22
C LEU C 634 39.37 -4.01 -27.26
N LEU C 635 38.83 -2.86 -27.65
CA LEU C 635 37.85 -2.18 -26.81
C LEU C 635 36.62 -3.04 -26.59
N ILE C 636 36.11 -3.66 -27.66
CA ILE C 636 34.95 -4.53 -27.53
C ILE C 636 35.29 -5.77 -26.72
N LYS C 637 36.47 -6.34 -26.96
CA LYS C 637 36.84 -7.59 -26.29
C LYS C 637 36.96 -7.43 -24.79
N GLN C 638 37.58 -6.33 -24.33
CA GLN C 638 37.98 -6.20 -22.94
C GLN C 638 37.26 -5.11 -22.17
N TYR C 639 36.40 -4.32 -22.81
CA TYR C 639 35.77 -3.21 -22.09
C TYR C 639 34.26 -3.19 -22.25
N CYS C 640 33.75 -3.66 -23.39
CA CYS C 640 32.33 -3.56 -23.72
C CYS C 640 31.81 -4.94 -24.13
N ARG C 641 31.22 -5.66 -23.19
CA ARG C 641 30.65 -6.97 -23.46
C ARG C 641 29.13 -6.99 -23.36
N GLU C 642 28.48 -5.83 -23.27
CA GLU C 642 27.04 -5.78 -23.14
C GLU C 642 26.38 -6.19 -24.46
N SER C 643 25.05 -6.28 -24.42
CA SER C 643 24.29 -6.55 -25.64
C SER C 643 24.16 -5.30 -26.50
N GLY C 644 24.00 -4.13 -25.88
CA GLY C 644 23.84 -2.89 -26.61
C GLY C 644 25.16 -2.27 -27.02
N VAL C 645 25.08 -1.03 -27.51
CA VAL C 645 26.25 -0.30 -27.97
C VAL C 645 26.40 1.03 -27.24
N ARG C 646 25.63 1.27 -26.17
CA ARG C 646 25.73 2.53 -25.46
C ARG C 646 27.05 2.65 -24.71
N ASN C 647 27.46 1.58 -24.03
CA ASN C 647 28.75 1.60 -23.33
C ASN C 647 29.90 1.66 -24.33
N LEU C 648 29.76 1.01 -25.48
CA LEU C 648 30.77 1.15 -26.53
C LEU C 648 30.87 2.59 -27.00
N GLN C 649 29.74 3.28 -27.11
CA GLN C 649 29.77 4.68 -27.50
C GLN C 649 30.49 5.53 -26.47
N LYS C 650 30.27 5.25 -25.18
CA LYS C 650 30.92 6.02 -24.13
C LYS C 650 32.43 5.82 -24.14
N GLN C 651 32.90 4.59 -24.33
CA GLN C 651 34.33 4.34 -24.37
C GLN C 651 34.96 4.94 -25.62
N VAL C 652 34.28 4.85 -26.75
CA VAL C 652 34.80 5.46 -27.98
C VAL C 652 34.86 6.98 -27.83
N GLU C 653 33.82 7.57 -27.25
CA GLU C 653 33.82 9.00 -27.01
C GLU C 653 34.95 9.40 -26.05
N LYS C 654 35.22 8.55 -25.06
CA LYS C 654 36.29 8.84 -24.10
C LYS C 654 37.65 8.89 -24.80
N VAL C 655 37.90 7.95 -25.72
CA VAL C 655 39.18 7.92 -26.41
C VAL C 655 39.39 9.19 -27.24
N LEU C 656 38.34 9.60 -27.97
CA LEU C 656 38.44 10.83 -28.75
C LEU C 656 38.49 12.07 -27.86
N ARG C 657 37.78 12.04 -26.74
CA ARG C 657 37.79 13.17 -25.82
C ARG C 657 39.17 13.39 -25.22
N LYS C 658 39.84 12.31 -24.82
CA LYS C 658 41.21 12.43 -24.32
C LYS C 658 42.15 12.95 -25.41
N SER C 659 41.98 12.47 -26.64
CA SER C 659 42.83 12.93 -27.74
C SER C 659 42.59 14.41 -28.02
N ALA C 660 41.35 14.87 -27.89
CA ALA C 660 41.05 16.28 -28.15
C ALA C 660 41.76 17.19 -27.15
N TYR C 661 41.83 16.77 -25.89
CA TYR C 661 42.52 17.57 -24.89
C TYR C 661 44.02 17.68 -25.18
N LYS C 662 44.62 16.58 -25.65
CA LYS C 662 46.03 16.61 -25.98
C LYS C 662 46.31 17.58 -27.12
N ILE C 663 45.46 17.57 -28.15
CA ILE C 663 45.67 18.45 -29.30
C ILE C 663 45.45 19.91 -28.90
N VAL C 664 44.35 20.19 -28.18
CA VAL C 664 44.02 21.57 -27.85
C VAL C 664 45.06 22.16 -26.91
N SER C 665 45.49 21.39 -25.91
CA SER C 665 46.45 21.90 -24.93
C SER C 665 47.85 22.09 -25.51
N GLY C 666 48.10 21.62 -26.73
CA GLY C 666 49.41 21.75 -27.32
C GLY C 666 50.40 20.67 -26.92
N GLU C 667 49.96 19.65 -26.20
CA GLU C 667 50.86 18.56 -25.82
C GLU C 667 51.37 17.83 -27.06
N ALA C 668 50.49 17.60 -28.04
CA ALA C 668 50.89 16.96 -29.29
C ALA C 668 49.99 17.47 -30.40
N GLU C 669 50.49 17.37 -31.63
CA GLU C 669 49.71 17.80 -32.78
C GLU C 669 48.75 16.70 -33.23
N SER C 670 49.25 15.49 -33.41
CA SER C 670 48.45 14.34 -33.81
C SER C 670 48.54 13.26 -32.74
N VAL C 671 47.41 12.65 -32.42
CA VAL C 671 47.31 11.63 -31.40
C VAL C 671 47.07 10.28 -32.08
N GLU C 672 47.93 9.32 -31.80
CA GLU C 672 47.81 7.97 -32.35
C GLU C 672 47.48 6.99 -31.23
N VAL C 673 46.42 6.22 -31.41
CA VAL C 673 45.96 5.26 -30.41
C VAL C 673 46.37 3.86 -30.84
N THR C 674 47.02 3.15 -29.93
CA THR C 674 47.51 1.80 -30.14
C THR C 674 47.03 0.93 -28.99
N PRO C 675 46.97 -0.39 -29.18
CA PRO C 675 46.53 -1.27 -28.07
C PRO C 675 47.35 -1.08 -26.80
N GLU C 676 48.66 -0.86 -26.92
CA GLU C 676 49.47 -0.57 -25.74
C GLU C 676 49.09 0.77 -25.13
N ASN C 677 48.85 1.78 -25.96
CA ASN C 677 48.48 3.10 -25.49
C ASN C 677 47.01 3.20 -25.09
N LEU C 678 46.19 2.20 -25.44
CA LEU C 678 44.76 2.29 -25.16
C LEU C 678 44.49 2.31 -23.66
N GLN C 679 45.28 1.56 -22.88
CA GLN C 679 45.05 1.52 -21.44
C GLN C 679 45.20 2.89 -20.80
N ASP C 680 46.06 3.75 -21.36
CA ASP C 680 46.19 5.11 -20.85
C ASP C 680 44.93 5.93 -21.15
N PHE C 681 44.35 5.73 -22.34
CA PHE C 681 43.22 6.55 -22.75
C PHE C 681 41.94 6.18 -22.00
N VAL C 682 41.68 4.88 -21.86
CA VAL C 682 40.39 4.42 -21.35
C VAL C 682 40.45 3.89 -19.93
N GLY C 683 41.61 3.36 -19.49
CA GLY C 683 41.76 2.84 -18.14
C GLY C 683 42.23 1.39 -18.16
N LYS C 684 41.72 0.62 -17.19
CA LYS C 684 42.15 -0.77 -17.12
C LYS C 684 41.12 -1.69 -17.73
N PRO C 685 41.55 -2.81 -18.31
CA PRO C 685 40.60 -3.74 -18.93
C PRO C 685 39.63 -4.32 -17.90
N VAL C 686 38.34 -4.17 -18.19
CA VAL C 686 37.32 -4.69 -17.29
C VAL C 686 37.29 -6.21 -17.32
N PHE C 687 37.35 -6.80 -18.51
CA PHE C 687 37.26 -8.24 -18.68
C PHE C 687 38.62 -8.75 -19.19
N THR C 688 39.34 -9.47 -18.32
CA THR C 688 40.62 -10.07 -18.68
C THR C 688 40.58 -11.58 -18.62
N VAL C 689 40.11 -12.16 -17.52
CA VAL C 689 40.06 -13.60 -17.37
C VAL C 689 38.88 -14.15 -18.15
N GLU C 690 39.14 -15.14 -19.00
CA GLU C 690 38.09 -15.77 -19.80
C GLU C 690 37.59 -17.07 -19.22
N ARG C 691 38.42 -17.78 -18.45
CA ARG C 691 38.00 -19.01 -17.80
C ARG C 691 38.87 -19.23 -16.57
N MET C 692 38.26 -19.74 -15.50
CA MET C 692 38.98 -19.95 -14.26
C MET C 692 40.03 -21.03 -14.40
N TYR C 693 39.65 -22.20 -14.91
CA TYR C 693 40.51 -23.37 -14.93
C TYR C 693 41.03 -23.61 -16.33
N ASP C 694 42.34 -23.42 -16.53
CA ASP C 694 42.97 -23.88 -17.75
C ASP C 694 42.92 -25.40 -17.85
N VAL C 695 43.15 -26.09 -16.73
CA VAL C 695 42.96 -27.53 -16.63
C VAL C 695 42.00 -27.80 -15.46
N THR C 696 41.00 -28.64 -15.71
CA THR C 696 39.97 -28.89 -14.71
C THR C 696 40.32 -30.13 -13.90
N PRO C 697 40.46 -30.02 -12.58
CA PRO C 697 40.67 -31.22 -11.76
C PRO C 697 39.41 -32.04 -11.69
N PRO C 698 39.49 -33.30 -11.24
CA PRO C 698 38.28 -34.12 -11.12
C PRO C 698 37.27 -33.48 -10.18
N GLY C 699 36.00 -33.58 -10.55
CA GLY C 699 34.93 -32.95 -9.81
C GLY C 699 34.58 -31.55 -10.26
N VAL C 700 35.34 -30.97 -11.19
CA VAL C 700 35.08 -29.63 -11.71
C VAL C 700 34.75 -29.77 -13.19
N VAL C 701 33.57 -29.29 -13.59
CA VAL C 701 33.10 -29.38 -14.96
C VAL C 701 32.70 -28.00 -15.43
N MET C 702 33.15 -27.62 -16.62
CA MET C 702 32.82 -26.32 -17.19
C MET C 702 31.45 -26.38 -17.87
N GLY C 703 30.60 -25.40 -17.55
CA GLY C 703 29.30 -25.28 -18.18
C GLY C 703 29.13 -23.90 -18.79
N LEU C 704 27.96 -23.70 -19.38
CA LEU C 704 27.62 -22.45 -20.04
C LEU C 704 26.35 -21.88 -19.41
N ALA C 705 26.36 -20.57 -19.17
CA ALA C 705 25.24 -19.88 -18.56
C ALA C 705 24.94 -18.59 -19.31
N TRP C 706 23.67 -18.22 -19.32
CA TRP C 706 23.27 -16.96 -19.94
C TRP C 706 23.59 -15.79 -19.02
N THR C 707 24.08 -14.70 -19.60
CA THR C 707 24.44 -13.51 -18.85
C THR C 707 24.11 -12.29 -19.69
N ALA C 708 23.67 -11.22 -19.03
CA ALA C 708 23.36 -9.98 -19.72
C ALA C 708 24.60 -9.42 -20.42
N MET C 709 25.79 -9.72 -19.90
CA MET C 709 27.03 -9.28 -20.53
C MET C 709 27.45 -10.25 -21.62
N GLY C 710 26.55 -10.53 -22.56
CA GLY C 710 26.88 -11.40 -23.68
C GLY C 710 27.26 -12.80 -23.30
N GLY C 711 26.56 -13.39 -22.32
CA GLY C 711 26.84 -14.74 -21.89
C GLY C 711 28.10 -14.81 -21.03
N SER C 712 28.28 -15.97 -20.41
CA SER C 712 29.43 -16.20 -19.55
C SER C 712 29.63 -17.69 -19.37
N THR C 713 30.85 -18.05 -18.96
CA THR C 713 31.13 -19.44 -18.61
C THR C 713 30.68 -19.71 -17.18
N LEU C 714 30.57 -20.99 -16.85
CA LEU C 714 30.11 -21.41 -15.53
C LEU C 714 30.80 -22.71 -15.17
N PHE C 715 31.36 -22.77 -13.97
CA PHE C 715 31.99 -23.98 -13.47
C PHE C 715 31.17 -24.56 -12.32
N VAL C 716 31.24 -25.88 -12.17
CA VAL C 716 30.59 -26.57 -11.08
C VAL C 716 31.64 -27.42 -10.38
N GLU C 717 31.88 -27.14 -9.11
CA GLU C 717 32.93 -27.80 -8.34
C GLU C 717 32.31 -28.64 -7.24
N THR C 718 32.89 -29.80 -6.99
CA THR C 718 32.45 -30.71 -5.94
C THR C 718 33.63 -31.12 -5.09
N SER C 719 33.35 -31.41 -3.82
CA SER C 719 34.38 -31.81 -2.88
C SER C 719 33.72 -32.60 -1.75
N LEU C 720 34.56 -33.25 -0.96
CA LEU C 720 34.09 -34.05 0.17
C LEU C 720 34.04 -33.19 1.42
N ARG C 721 32.83 -33.03 1.98
CA ARG C 721 32.71 -32.34 3.26
C ARG C 721 33.39 -33.14 4.37
N ARG C 722 33.24 -34.45 4.36
CA ARG C 722 33.79 -35.34 5.37
C ARG C 722 34.61 -36.44 4.70
N PRO C 723 35.61 -37.00 5.41
CA PRO C 723 36.40 -38.11 4.87
C PRO C 723 35.57 -39.36 4.63
N LYS C 732 26.02 -44.50 6.45
CA LYS C 732 24.55 -44.55 6.46
C LYS C 732 23.98 -43.96 5.19
N ASP C 733 23.85 -42.63 5.16
CA ASP C 733 23.30 -41.91 4.01
C ASP C 733 24.21 -40.75 3.65
N GLY C 734 24.45 -40.58 2.35
CA GLY C 734 25.19 -39.45 1.88
C GLY C 734 24.33 -38.20 1.77
N SER C 735 25.00 -37.05 1.74
CA SER C 735 24.32 -35.77 1.66
C SER C 735 25.03 -34.89 0.65
N LEU C 736 24.27 -33.97 0.05
CA LEU C 736 24.80 -33.02 -0.93
C LEU C 736 24.39 -31.61 -0.51
N GLU C 737 25.38 -30.82 -0.09
CA GLU C 737 25.15 -29.41 0.23
C GLU C 737 25.44 -28.58 -1.01
N VAL C 738 24.45 -27.78 -1.42
CA VAL C 738 24.55 -26.97 -2.62
C VAL C 738 24.74 -25.53 -2.18
N THR C 739 25.84 -24.92 -2.62
CA THR C 739 26.23 -23.58 -2.20
C THR C 739 26.31 -22.66 -3.41
N GLY C 740 26.07 -21.38 -3.17
CA GLY C 740 26.01 -20.40 -4.24
C GLY C 740 24.65 -19.71 -4.22
N GLN C 741 24.59 -18.48 -4.72
CA GLN C 741 23.32 -17.76 -4.75
C GLN C 741 22.45 -18.33 -5.85
N LEU C 742 21.89 -19.52 -5.61
CA LEU C 742 21.17 -20.27 -6.62
C LEU C 742 19.68 -20.25 -6.32
N GLY C 743 18.88 -20.02 -7.35
CA GLY C 743 17.44 -19.94 -7.18
C GLY C 743 16.82 -21.28 -6.87
N GLU C 744 15.51 -21.24 -6.58
CA GLU C 744 14.78 -22.45 -6.24
C GLU C 744 14.78 -23.46 -7.38
N VAL C 745 14.62 -22.96 -8.62
CA VAL C 745 14.59 -23.85 -9.78
C VAL C 745 15.93 -24.58 -9.93
N MET C 746 17.04 -23.84 -9.77
CA MET C 746 18.35 -24.45 -9.97
C MET C 746 18.76 -25.32 -8.78
N LYS C 747 18.32 -24.97 -7.57
CA LYS C 747 18.57 -25.84 -6.42
C LYS C 747 17.85 -27.17 -6.57
N GLU C 748 16.61 -27.14 -7.09
CA GLU C 748 15.91 -28.39 -7.36
C GLU C 748 16.62 -29.18 -8.45
N SER C 749 17.14 -28.51 -9.46
CA SER C 749 17.86 -29.20 -10.53
C SER C 749 19.08 -29.95 -9.99
N ALA C 750 19.74 -29.41 -8.97
CA ALA C 750 20.83 -30.13 -8.34
C ALA C 750 20.33 -31.40 -7.66
N ARG C 751 19.17 -31.32 -6.99
CA ARG C 751 18.60 -32.52 -6.36
C ARG C 751 18.24 -33.56 -7.41
N ILE C 752 17.64 -33.13 -8.52
CA ILE C 752 17.33 -34.06 -9.60
C ILE C 752 18.60 -34.66 -10.17
N ALA C 753 19.62 -33.83 -10.39
CA ALA C 753 20.89 -34.32 -10.90
C ALA C 753 21.56 -35.26 -9.91
N TYR C 754 21.46 -34.95 -8.61
CA TYR C 754 22.05 -35.82 -7.60
C TYR C 754 21.39 -37.19 -7.60
N THR C 755 20.06 -37.23 -7.73
CA THR C 755 19.35 -38.50 -7.75
C THR C 755 19.72 -39.32 -8.98
N PHE C 756 19.79 -38.66 -10.15
CA PHE C 756 20.14 -39.37 -11.38
C PHE C 756 21.57 -39.88 -11.34
N ALA C 757 22.48 -39.09 -10.77
CA ALA C 757 23.88 -39.51 -10.70
C ALA C 757 24.05 -40.77 -9.88
N ARG C 758 23.30 -40.90 -8.79
CA ARG C 758 23.35 -42.13 -8.00
C ARG C 758 22.86 -43.32 -8.81
N ALA C 759 21.76 -43.16 -9.54
CA ALA C 759 21.24 -44.25 -10.35
C ALA C 759 22.17 -44.59 -11.51
N PHE C 760 22.74 -43.57 -12.15
CA PHE C 760 23.66 -43.82 -13.27
C PHE C 760 24.89 -44.57 -12.82
N LEU C 761 25.47 -44.18 -11.67
CA LEU C 761 26.65 -44.86 -11.16
C LEU C 761 26.32 -46.27 -10.68
N MET C 762 25.10 -46.49 -10.20
CA MET C 762 24.73 -47.80 -9.70
C MET C 762 24.77 -48.85 -10.80
N GLN C 763 24.22 -48.53 -11.97
CA GLN C 763 24.24 -49.47 -13.08
C GLN C 763 25.61 -49.53 -13.75
N HIS C 764 26.29 -48.40 -13.87
CA HIS C 764 27.59 -48.37 -14.53
C HIS C 764 28.66 -49.02 -13.67
N ALA C 765 28.73 -48.66 -12.39
CA ALA C 765 29.73 -49.19 -11.47
C ALA C 765 29.04 -49.62 -10.18
N PRO C 766 28.49 -50.83 -10.14
CA PRO C 766 27.80 -51.27 -8.91
C PRO C 766 28.72 -51.36 -7.71
N ALA C 767 30.00 -51.68 -7.92
CA ALA C 767 30.94 -51.74 -6.80
C ALA C 767 31.25 -50.38 -6.22
N ASN C 768 30.99 -49.30 -6.96
CA ASN C 768 31.30 -47.96 -6.49
C ASN C 768 30.17 -47.45 -5.60
N ASP C 769 30.49 -47.14 -4.35
CA ASP C 769 29.53 -46.60 -3.39
C ASP C 769 29.86 -45.17 -2.99
N TYR C 770 30.55 -44.45 -3.88
CA TYR C 770 30.99 -43.09 -3.57
C TYR C 770 29.80 -42.14 -3.39
N LEU C 771 28.86 -42.17 -4.33
CA LEU C 771 27.77 -41.20 -4.32
C LEU C 771 26.71 -41.48 -3.27
N VAL C 772 26.63 -42.72 -2.77
CA VAL C 772 25.57 -43.09 -1.84
C VAL C 772 25.99 -42.99 -0.37
N THR C 773 27.29 -42.99 -0.08
CA THR C 773 27.76 -42.95 1.29
C THR C 773 28.49 -41.67 1.67
N SER C 774 29.19 -41.04 0.73
CA SER C 774 30.00 -39.88 1.05
C SER C 774 29.16 -38.61 1.05
N HIS C 775 29.63 -37.61 1.80
CA HIS C 775 29.01 -36.30 1.87
C HIS C 775 29.74 -35.36 0.91
N ILE C 776 28.99 -34.74 0.01
CA ILE C 776 29.55 -33.95 -1.09
C ILE C 776 29.08 -32.52 -0.97
N HIS C 777 29.98 -31.58 -1.24
CA HIS C 777 29.67 -30.15 -1.27
C HIS C 777 29.77 -29.66 -2.70
N LEU C 778 28.70 -29.09 -3.21
CA LEU C 778 28.65 -28.55 -4.57
C LEU C 778 28.50 -27.04 -4.51
N HIS C 779 29.27 -26.34 -5.34
CA HIS C 779 29.32 -24.89 -5.29
C HIS C 779 29.66 -24.35 -6.67
N VAL C 780 28.98 -23.27 -7.06
CA VAL C 780 29.26 -22.56 -8.30
C VAL C 780 30.11 -21.34 -7.95
N PRO C 781 31.32 -21.20 -8.48
CA PRO C 781 32.32 -20.28 -7.88
C PRO C 781 31.88 -18.83 -7.78
N GLU C 782 31.03 -18.35 -8.68
CA GLU C 782 30.57 -16.96 -8.61
C GLU C 782 29.56 -16.85 -7.47
N GLY C 783 30.08 -16.75 -6.25
CA GLY C 783 29.25 -16.81 -5.06
C GLY C 783 28.43 -15.57 -4.80
N ALA C 784 28.80 -14.43 -5.37
CA ALA C 784 28.07 -13.19 -5.12
C ALA C 784 26.98 -12.92 -6.15
N THR C 785 27.12 -13.44 -7.37
CA THR C 785 26.13 -13.21 -8.41
C THR C 785 25.03 -14.25 -8.32
N PRO C 786 23.76 -13.85 -8.22
CA PRO C 786 22.68 -14.84 -8.16
C PRO C 786 22.54 -15.59 -9.47
N LYS C 787 22.14 -16.86 -9.36
CA LYS C 787 21.96 -17.71 -10.52
C LYS C 787 20.65 -18.47 -10.39
N ASP C 788 20.10 -18.88 -11.53
CA ASP C 788 18.85 -19.63 -11.56
C ASP C 788 18.77 -20.36 -12.90
N GLY C 789 17.69 -21.13 -13.07
CA GLY C 789 17.47 -21.86 -14.29
C GLY C 789 17.98 -23.29 -14.21
N PRO C 790 17.33 -24.20 -14.92
CA PRO C 790 17.75 -25.60 -14.94
C PRO C 790 18.76 -25.96 -16.02
N SER C 791 19.34 -24.97 -16.71
CA SER C 791 20.26 -25.25 -17.80
C SER C 791 21.53 -25.96 -17.35
N ALA C 792 21.85 -25.90 -16.06
CA ALA C 792 23.05 -26.54 -15.52
C ALA C 792 22.76 -27.95 -15.00
N GLY C 793 21.68 -28.58 -15.46
CA GLY C 793 21.33 -29.89 -14.95
C GLY C 793 22.35 -30.96 -15.33
N CYS C 794 22.79 -30.95 -16.59
CA CYS C 794 23.69 -32.00 -17.06
C CYS C 794 25.11 -31.80 -16.52
N THR C 795 25.56 -30.56 -16.41
CA THR C 795 26.91 -30.31 -15.93
C THR C 795 27.06 -30.67 -14.46
N ILE C 796 25.97 -30.63 -13.69
CA ILE C 796 26.02 -31.08 -12.30
C ILE C 796 26.20 -32.59 -12.23
N VAL C 797 25.54 -33.32 -13.13
CA VAL C 797 25.69 -34.77 -13.17
C VAL C 797 27.14 -35.15 -13.48
N THR C 798 27.75 -34.46 -14.45
CA THR C 798 29.13 -34.75 -14.82
C THR C 798 30.07 -34.46 -13.65
N ALA C 799 29.84 -33.36 -12.93
CA ALA C 799 30.71 -33.02 -11.81
C ALA C 799 30.64 -34.06 -10.71
N LEU C 800 29.43 -34.54 -10.39
CA LEU C 800 29.29 -35.57 -9.37
C LEU C 800 29.94 -36.89 -9.82
N LEU C 801 29.76 -37.26 -11.09
CA LEU C 801 30.34 -38.49 -11.59
C LEU C 801 31.86 -38.38 -11.70
N SER C 802 32.36 -37.21 -12.09
CA SER C 802 33.81 -37.01 -12.19
C SER C 802 34.48 -37.16 -10.82
N LEU C 803 33.86 -36.60 -9.78
CA LEU C 803 34.40 -36.73 -8.43
C LEU C 803 34.33 -38.18 -7.96
N ALA C 804 33.25 -38.88 -8.28
CA ALA C 804 33.07 -40.25 -7.80
C ALA C 804 34.13 -41.18 -8.35
N MET C 805 34.35 -41.15 -9.67
CA MET C 805 35.35 -42.01 -10.28
C MET C 805 36.74 -41.40 -10.24
N GLY C 806 36.86 -40.12 -9.90
CA GLY C 806 38.16 -39.47 -9.86
C GLY C 806 38.75 -39.17 -11.22
N ARG C 807 37.98 -39.32 -12.29
CA ARG C 807 38.48 -39.11 -13.64
C ARG C 807 38.19 -37.69 -14.08
N PRO C 808 39.19 -36.89 -14.42
CA PRO C 808 38.93 -35.55 -14.94
C PRO C 808 38.20 -35.58 -16.26
N VAL C 809 37.38 -34.56 -16.49
CA VAL C 809 36.62 -34.46 -17.72
C VAL C 809 37.51 -33.96 -18.85
N ARG C 810 37.12 -34.25 -20.09
CA ARG C 810 37.87 -33.80 -21.26
C ARG C 810 38.06 -32.29 -21.22
N GLN C 811 39.28 -31.86 -21.52
CA GLN C 811 39.59 -30.43 -21.48
C GLN C 811 38.97 -29.70 -22.65
N ASN C 812 38.75 -28.40 -22.46
CA ASN C 812 38.12 -27.54 -23.46
C ASN C 812 36.77 -28.10 -23.90
N LEU C 813 35.99 -28.57 -22.93
CA LEU C 813 34.66 -29.13 -23.18
C LEU C 813 33.65 -28.39 -22.33
N ALA C 814 32.56 -27.94 -22.96
CA ALA C 814 31.48 -27.26 -22.27
C ALA C 814 30.16 -27.94 -22.60
N MET C 815 29.26 -27.99 -21.63
CA MET C 815 27.98 -28.64 -21.82
C MET C 815 26.88 -27.83 -21.13
N THR C 816 25.67 -27.97 -21.66
CA THR C 816 24.50 -27.35 -21.06
C THR C 816 23.27 -28.15 -21.47
N GLY C 817 22.28 -28.18 -20.58
CA GLY C 817 21.05 -28.90 -20.85
C GLY C 817 20.36 -29.39 -19.60
N GLU C 818 19.04 -29.23 -19.55
CA GLU C 818 18.27 -29.70 -18.41
C GLU C 818 18.13 -31.22 -18.45
N VAL C 819 18.38 -31.87 -17.33
CA VAL C 819 18.31 -33.32 -17.23
C VAL C 819 17.08 -33.70 -16.42
N SER C 820 16.34 -34.69 -16.90
CA SER C 820 15.20 -35.21 -16.17
C SER C 820 15.66 -36.32 -15.22
N LEU C 821 14.73 -36.79 -14.40
CA LEU C 821 15.05 -37.84 -13.44
C LEU C 821 15.45 -39.14 -14.15
N THR C 822 14.78 -39.44 -15.26
CA THR C 822 15.17 -40.61 -16.06
C THR C 822 16.55 -40.42 -16.68
N GLY C 823 16.86 -39.20 -17.10
CA GLY C 823 18.15 -38.88 -17.70
C GLY C 823 18.08 -38.20 -19.05
N LYS C 824 16.90 -37.95 -19.60
CA LYS C 824 16.80 -37.28 -20.88
C LYS C 824 17.23 -35.82 -20.78
N ILE C 825 17.93 -35.35 -21.79
CA ILE C 825 18.43 -33.98 -21.84
C ILE C 825 17.39 -33.12 -22.54
N LEU C 826 16.70 -32.28 -21.78
CA LEU C 826 15.66 -31.39 -22.28
C LEU C 826 16.27 -30.12 -22.86
N PRO C 827 15.58 -29.46 -23.79
CA PRO C 827 16.13 -28.24 -24.38
C PRO C 827 16.22 -27.11 -23.38
N VAL C 828 17.17 -26.20 -23.63
CA VAL C 828 17.39 -25.02 -22.80
C VAL C 828 17.49 -23.81 -23.72
N GLY C 829 17.25 -22.63 -23.13
CA GLY C 829 17.29 -21.39 -23.88
C GLY C 829 18.66 -20.72 -23.84
N GLY C 830 18.74 -19.60 -24.53
CA GLY C 830 19.98 -18.84 -24.59
C GLY C 830 21.11 -19.58 -25.28
N ILE C 831 20.82 -20.28 -26.38
CA ILE C 831 21.85 -21.03 -27.08
C ILE C 831 22.86 -20.08 -27.73
N LYS C 832 22.38 -18.96 -28.26
CA LYS C 832 23.29 -18.01 -28.90
C LYS C 832 24.29 -17.45 -27.91
N GLU C 833 23.81 -17.02 -26.73
CA GLU C 833 24.71 -16.46 -25.72
C GLU C 833 25.69 -17.50 -25.21
N LYS C 834 25.21 -18.74 -24.99
CA LYS C 834 26.10 -19.79 -24.52
C LYS C 834 27.16 -20.12 -25.56
N THR C 835 26.78 -20.15 -26.85
CA THR C 835 27.74 -20.44 -27.90
C THR C 835 28.80 -19.35 -28.01
N ILE C 836 28.40 -18.09 -27.89
CA ILE C 836 29.34 -16.99 -27.96
C ILE C 836 30.33 -17.06 -26.80
N ALA C 837 29.83 -17.32 -25.59
CA ALA C 837 30.70 -17.42 -24.42
C ALA C 837 31.63 -18.62 -24.54
N ALA C 838 31.15 -19.72 -25.12
CA ALA C 838 31.98 -20.91 -25.27
C ALA C 838 33.16 -20.64 -26.18
N LYS C 839 32.92 -19.99 -27.33
CA LYS C 839 34.01 -19.67 -28.23
C LYS C 839 34.96 -18.67 -27.61
N ARG C 840 34.42 -17.68 -26.88
CA ARG C 840 35.27 -16.69 -26.22
C ARG C 840 36.18 -17.34 -25.19
N ALA C 841 35.75 -18.44 -24.58
CA ALA C 841 36.56 -19.17 -23.62
C ALA C 841 37.50 -20.15 -24.29
N GLY C 842 37.48 -20.26 -25.62
CA GLY C 842 38.38 -21.14 -26.33
C GLY C 842 38.16 -22.62 -26.10
N VAL C 843 36.91 -23.06 -26.08
CA VAL C 843 36.59 -24.48 -25.98
C VAL C 843 36.33 -25.01 -27.38
N THR C 844 36.73 -26.26 -27.62
CA THR C 844 36.59 -26.89 -28.93
C THR C 844 35.36 -27.78 -29.04
N CYS C 845 34.92 -28.38 -27.95
CA CYS C 845 33.78 -29.29 -27.95
C CYS C 845 32.68 -28.71 -27.08
N ILE C 846 31.46 -28.67 -27.63
CA ILE C 846 30.29 -28.17 -26.93
C ILE C 846 29.17 -29.19 -27.06
N VAL C 847 28.51 -29.50 -25.94
CA VAL C 847 27.44 -30.48 -25.90
C VAL C 847 26.12 -29.74 -25.71
N LEU C 848 25.16 -30.01 -26.58
CA LEU C 848 23.85 -29.37 -26.56
C LEU C 848 22.75 -30.42 -26.65
N PRO C 849 21.57 -30.12 -26.13
CA PRO C 849 20.44 -31.04 -26.32
C PRO C 849 20.05 -31.15 -27.79
N ALA C 850 19.55 -32.33 -28.16
CA ALA C 850 19.17 -32.55 -29.55
C ALA C 850 17.99 -31.66 -29.96
N GLU C 851 17.16 -31.26 -29.00
CA GLU C 851 16.04 -30.38 -29.30
C GLU C 851 16.46 -28.95 -29.60
N ASN C 852 17.73 -28.61 -29.39
CA ASN C 852 18.27 -27.30 -29.71
C ASN C 852 19.06 -27.30 -31.02
N LYS C 853 18.90 -28.34 -31.84
CA LYS C 853 19.67 -28.45 -33.07
C LYS C 853 19.37 -27.30 -34.03
N LYS C 854 18.09 -26.95 -34.18
CA LYS C 854 17.75 -25.85 -35.07
C LYS C 854 18.26 -24.52 -34.52
N ASP C 855 18.22 -24.34 -33.20
CA ASP C 855 18.71 -23.09 -32.62
C ASP C 855 20.19 -22.89 -32.89
N PHE C 856 20.99 -23.96 -32.79
CA PHE C 856 22.41 -23.84 -33.08
C PHE C 856 22.67 -23.53 -34.55
N TYR C 857 21.91 -24.17 -35.46
CA TYR C 857 22.14 -24.00 -36.88
C TYR C 857 21.47 -22.75 -37.45
N ASP C 858 20.73 -22.01 -36.64
CA ASP C 858 20.15 -20.75 -37.06
C ASP C 858 21.06 -19.56 -36.77
N LEU C 859 22.25 -19.79 -36.24
CA LEU C 859 23.17 -18.73 -35.90
C LEU C 859 24.06 -18.38 -37.09
N ALA C 860 24.82 -17.29 -36.94
CA ALA C 860 25.73 -16.87 -37.98
C ALA C 860 26.86 -17.88 -38.15
N ALA C 861 27.42 -17.91 -39.37
CA ALA C 861 28.50 -18.84 -39.66
C ALA C 861 29.73 -18.55 -38.80
N PHE C 862 30.06 -17.27 -38.62
CA PHE C 862 31.25 -16.91 -37.84
C PHE C 862 31.07 -17.16 -36.35
N ILE C 863 29.86 -17.43 -35.89
CA ILE C 863 29.63 -17.76 -34.49
C ILE C 863 29.88 -19.24 -34.21
N THR C 864 29.42 -20.12 -35.10
CA THR C 864 29.54 -21.56 -34.93
C THR C 864 30.76 -22.14 -35.63
N GLU C 865 31.60 -21.30 -36.24
CA GLU C 865 32.75 -21.80 -36.96
C GLU C 865 33.78 -22.39 -36.01
N GLY C 866 34.32 -23.56 -36.37
CA GLY C 866 35.36 -24.18 -35.59
C GLY C 866 34.91 -24.86 -34.32
N LEU C 867 33.61 -25.01 -34.10
CA LEU C 867 33.08 -25.63 -32.89
C LEU C 867 32.62 -27.04 -33.19
N GLU C 868 33.13 -28.00 -32.43
CA GLU C 868 32.73 -29.40 -32.54
C GLU C 868 31.52 -29.60 -31.63
N VAL C 869 30.34 -29.42 -32.20
CA VAL C 869 29.09 -29.47 -31.45
C VAL C 869 28.57 -30.90 -31.44
N HIS C 870 28.08 -31.33 -30.27
CA HIS C 870 27.47 -32.64 -30.11
C HIS C 870 26.04 -32.45 -29.61
N PHE C 871 25.10 -33.08 -30.29
CA PHE C 871 23.69 -33.01 -29.94
C PHE C 871 23.27 -34.33 -29.32
N VAL C 872 22.65 -34.26 -28.13
CA VAL C 872 22.34 -35.44 -27.34
C VAL C 872 20.88 -35.41 -26.93
N GLU C 873 20.36 -36.61 -26.64
CA GLU C 873 19.01 -36.78 -26.10
C GLU C 873 19.01 -37.37 -24.70
N HIS C 874 19.93 -38.30 -24.42
CA HIS C 874 20.06 -38.91 -23.11
C HIS C 874 21.49 -38.71 -22.60
N TYR C 875 21.64 -38.75 -21.28
CA TYR C 875 22.94 -38.48 -20.67
C TYR C 875 23.97 -39.56 -21.01
N ARG C 876 23.53 -40.73 -21.46
CA ARG C 876 24.48 -41.78 -21.85
C ARG C 876 25.44 -41.28 -22.93
N GLU C 877 24.91 -40.53 -23.89
CA GLU C 877 25.76 -39.97 -24.94
C GLU C 877 26.73 -38.94 -24.37
N ILE C 878 26.28 -38.15 -23.39
CA ILE C 878 27.16 -37.17 -22.76
C ILE C 878 28.29 -37.85 -22.00
N PHE C 879 27.97 -38.94 -21.31
CA PHE C 879 28.98 -39.64 -20.50
C PHE C 879 30.10 -40.18 -21.38
N ASP C 880 29.75 -40.72 -22.55
CA ASP C 880 30.77 -41.22 -23.47
C ASP C 880 31.66 -40.09 -23.97
N ILE C 881 31.07 -38.93 -24.28
CA ILE C 881 31.85 -37.79 -24.75
C ILE C 881 32.78 -37.28 -23.65
N ALA C 882 32.25 -37.15 -22.43
CA ALA C 882 33.04 -36.60 -21.33
C ALA C 882 34.15 -37.56 -20.90
N PHE C 883 33.90 -38.86 -20.96
CA PHE C 883 34.86 -39.88 -20.54
C PHE C 883 35.02 -40.90 -21.65
N PRO C 884 35.77 -40.57 -22.70
CA PRO C 884 35.93 -41.49 -23.83
C PRO C 884 36.54 -42.83 -23.46
N ASP C 885 37.47 -42.84 -22.50
CA ASP C 885 38.14 -44.08 -22.12
C ASP C 885 37.28 -44.89 -21.16
N GLU D 346 -4.45 54.69 -21.18
CA GLU D 346 -5.45 54.12 -20.28
C GLU D 346 -6.45 53.27 -21.06
N LYS D 347 -7.21 52.45 -20.33
CA LYS D 347 -8.19 51.54 -20.92
C LYS D 347 -7.55 50.61 -21.95
N ASP D 348 -6.35 50.12 -21.62
CA ASP D 348 -5.60 49.23 -22.49
C ASP D 348 -5.22 47.95 -21.74
N ASP D 349 -6.15 47.42 -20.94
CA ASP D 349 -5.87 46.20 -20.20
C ASP D 349 -5.62 45.03 -21.15
N LYS D 350 -6.40 44.94 -22.22
CA LYS D 350 -6.13 43.93 -23.25
C LYS D 350 -4.78 44.14 -23.89
N ASP D 351 -4.45 45.39 -24.24
CA ASP D 351 -3.17 45.67 -24.88
C ASP D 351 -2.01 45.44 -23.92
N ALA D 352 -2.18 45.84 -22.65
CA ALA D 352 -1.07 45.76 -21.70
C ALA D 352 -0.62 44.32 -21.48
N ILE D 353 -1.57 43.40 -21.33
CA ILE D 353 -1.21 41.99 -21.18
C ILE D 353 -0.60 41.46 -22.47
N GLU D 354 -1.16 41.86 -23.61
CA GLU D 354 -0.65 41.39 -24.90
C GLU D 354 0.74 41.92 -25.17
N GLU D 355 0.98 43.21 -24.92
CA GLU D 355 2.28 43.79 -25.25
C GLU D 355 3.37 43.27 -24.32
N LYS D 356 3.04 43.10 -23.02
CA LYS D 356 4.06 42.72 -22.04
C LYS D 356 4.73 41.42 -22.42
N PHE D 357 3.96 40.44 -22.90
CA PHE D 357 4.53 39.17 -23.32
C PHE D 357 5.31 39.30 -24.63
N ARG D 358 5.12 40.38 -25.38
CA ARG D 358 5.77 40.51 -26.68
C ARG D 358 7.24 40.88 -26.55
N GLU D 359 7.56 41.89 -25.72
CA GLU D 359 8.95 42.26 -25.57
C GLU D 359 9.76 41.19 -24.83
N ARG D 360 9.09 40.36 -24.02
CA ARG D 360 9.79 39.26 -23.37
C ARG D 360 10.32 38.25 -24.38
N LEU D 361 9.62 38.08 -25.49
CA LEU D 361 10.07 37.23 -26.58
C LEU D 361 10.82 37.99 -27.67
N LYS D 362 10.88 39.32 -27.57
CA LYS D 362 11.63 40.09 -28.56
C LYS D 362 13.15 39.93 -28.38
N GLU D 363 13.61 39.78 -27.13
CA GLU D 363 15.02 39.61 -26.86
C GLU D 363 15.52 38.21 -27.19
N LEU D 364 14.68 37.20 -27.04
CA LEU D 364 15.07 35.82 -27.25
C LEU D 364 14.94 35.43 -28.72
N VAL D 365 15.50 34.27 -29.05
CA VAL D 365 15.35 33.66 -30.37
C VAL D 365 14.42 32.47 -30.21
N VAL D 366 13.22 32.58 -30.77
CA VAL D 366 12.16 31.61 -30.52
C VAL D 366 12.02 30.64 -31.69
N PRO D 367 11.73 29.38 -31.44
CA PRO D 367 11.51 28.42 -32.54
C PRO D 367 10.16 28.67 -33.22
N LYS D 368 10.03 28.09 -34.41
CA LYS D 368 8.82 28.28 -35.20
C LYS D 368 7.61 27.66 -34.52
N HIS D 369 7.76 26.46 -33.94
CA HIS D 369 6.62 25.80 -33.32
C HIS D 369 6.17 26.51 -32.06
N VAL D 370 7.11 27.10 -31.31
CA VAL D 370 6.73 27.92 -30.16
C VAL D 370 5.99 29.17 -30.62
N MET D 371 6.37 29.71 -31.78
CA MET D 371 5.64 30.85 -32.35
C MET D 371 4.19 30.48 -32.65
N ASP D 372 3.95 29.26 -33.14
CA ASP D 372 2.59 28.86 -33.45
C ASP D 372 1.71 28.81 -32.20
N VAL D 373 2.23 28.26 -31.11
CA VAL D 373 1.44 28.12 -29.90
C VAL D 373 1.17 29.47 -29.25
N VAL D 374 2.18 30.32 -29.18
CA VAL D 374 1.99 31.62 -28.52
C VAL D 374 1.07 32.52 -29.34
N ASP D 375 1.13 32.42 -30.67
CA ASP D 375 0.30 33.30 -31.50
C ASP D 375 -1.18 32.92 -31.39
N GLU D 376 -1.49 31.63 -31.40
CA GLU D 376 -2.88 31.21 -31.27
C GLU D 376 -3.40 31.44 -29.86
N GLU D 377 -2.54 31.35 -28.86
CA GLU D 377 -2.96 31.61 -27.48
C GLU D 377 -3.10 33.10 -27.20
N LEU D 378 -2.28 33.93 -27.83
CA LEU D 378 -2.40 35.38 -27.64
C LEU D 378 -3.73 35.89 -28.16
N SER D 379 -4.18 35.40 -29.32
CA SER D 379 -5.49 35.78 -29.83
C SER D 379 -6.60 35.25 -28.93
N LYS D 380 -6.36 34.13 -28.25
CA LYS D 380 -7.37 33.59 -27.34
C LYS D 380 -7.60 34.52 -26.16
N LEU D 381 -6.54 35.12 -25.62
CA LEU D 381 -6.70 36.03 -24.49
C LEU D 381 -7.54 37.24 -24.86
N GLY D 382 -7.35 37.77 -26.08
CA GLY D 382 -8.13 38.92 -26.50
C GLY D 382 -9.61 38.64 -26.58
N LEU D 383 -10.00 37.44 -26.98
CA LEU D 383 -11.39 37.04 -27.09
C LEU D 383 -11.91 36.41 -25.80
N LEU D 384 -11.09 36.34 -24.76
CA LEU D 384 -11.49 35.74 -23.49
C LEU D 384 -12.02 36.82 -22.55
N ASP D 385 -12.67 36.37 -21.48
CA ASP D 385 -13.22 37.24 -20.45
C ASP D 385 -12.23 37.38 -19.31
N ASN D 386 -12.01 38.61 -18.85
CA ASN D 386 -10.99 38.86 -17.84
C ASN D 386 -11.35 38.21 -16.51
N HIS D 387 -12.63 38.25 -16.12
CA HIS D 387 -13.04 37.74 -14.82
C HIS D 387 -13.22 36.23 -14.80
N SER D 388 -13.20 35.57 -15.95
CA SER D 388 -13.44 34.13 -16.00
C SER D 388 -12.27 33.36 -15.40
N SER D 389 -12.56 32.18 -14.88
CA SER D 389 -11.52 31.30 -14.36
C SER D 389 -10.61 30.78 -15.47
N GLU D 390 -11.09 30.75 -16.71
CA GLU D 390 -10.23 30.36 -17.83
C GLU D 390 -9.14 31.40 -18.09
N PHE D 391 -9.38 32.66 -17.69
CA PHE D 391 -8.36 33.69 -17.87
C PHE D 391 -7.12 33.38 -17.05
N ASN D 392 -7.29 32.94 -15.80
CA ASN D 392 -6.15 32.66 -14.95
C ASN D 392 -5.32 31.51 -15.52
N VAL D 393 -5.97 30.47 -16.03
CA VAL D 393 -5.23 29.35 -16.61
C VAL D 393 -4.47 29.79 -17.86
N THR D 394 -5.13 30.58 -18.72
CA THR D 394 -4.49 30.97 -19.98
C THR D 394 -3.31 31.90 -19.74
N ARG D 395 -3.45 32.89 -18.85
CA ARG D 395 -2.35 33.81 -18.62
C ARG D 395 -1.20 33.12 -17.90
N ASN D 396 -1.50 32.19 -16.99
CA ASN D 396 -0.43 31.48 -16.28
C ASN D 396 0.41 30.64 -17.24
N TYR D 397 -0.25 29.93 -18.15
CA TYR D 397 0.48 29.16 -19.16
C TYR D 397 1.27 30.07 -20.09
N LEU D 398 0.65 31.17 -20.54
CA LEU D 398 1.35 32.07 -21.44
C LEU D 398 2.50 32.78 -20.76
N ASP D 399 2.38 33.00 -19.44
CA ASP D 399 3.50 33.54 -18.68
C ASP D 399 4.67 32.57 -18.68
N TRP D 400 4.40 31.28 -18.54
CA TRP D 400 5.46 30.28 -18.54
C TRP D 400 6.14 30.18 -19.90
N LEU D 401 5.37 30.35 -20.98
CA LEU D 401 5.98 30.40 -22.31
C LEU D 401 6.94 31.58 -22.42
N THR D 402 6.56 32.74 -21.89
CA THR D 402 7.43 33.91 -21.94
C THR D 402 8.57 33.82 -20.94
N SER D 403 8.50 32.91 -19.97
CA SER D 403 9.54 32.74 -18.98
C SER D 403 10.60 31.74 -19.39
N ILE D 404 10.48 31.14 -20.57
CA ILE D 404 11.48 30.18 -21.07
C ILE D 404 12.48 30.96 -21.93
N PRO D 405 13.77 30.92 -21.61
CA PRO D 405 14.78 31.67 -22.39
C PRO D 405 15.11 30.98 -23.72
N TRP D 406 14.26 31.21 -24.71
CA TRP D 406 14.41 30.56 -26.01
C TRP D 406 15.67 31.06 -26.70
N GLY D 407 16.60 30.15 -26.96
CA GLY D 407 17.83 30.50 -27.66
C GLY D 407 18.71 31.48 -26.92
N LYS D 408 18.79 31.35 -25.60
CA LYS D 408 19.63 32.21 -24.76
C LYS D 408 20.71 31.35 -24.13
N TYR D 409 21.96 31.75 -24.31
CA TYR D 409 23.11 30.99 -23.82
C TYR D 409 23.99 31.89 -22.97
N SER D 410 24.48 31.34 -21.86
CA SER D 410 25.48 32.04 -21.06
C SER D 410 26.83 31.98 -21.76
N ASN D 411 27.59 33.06 -21.65
CA ASN D 411 28.92 33.12 -22.27
C ASN D 411 29.84 32.18 -21.52
N GLU D 412 30.10 31.01 -22.11
CA GLU D 412 30.91 29.99 -21.47
C GLU D 412 32.38 30.42 -21.42
N ASN D 413 33.10 29.85 -20.45
CA ASN D 413 34.52 30.12 -20.28
C ASN D 413 35.30 29.00 -20.94
N LEU D 414 35.94 29.33 -22.07
CA LEU D 414 36.70 28.35 -22.84
C LEU D 414 38.20 28.44 -22.60
N ASP D 415 38.63 29.28 -21.66
CA ASP D 415 40.05 29.44 -21.36
C ASP D 415 40.49 28.27 -20.47
N LEU D 416 41.35 27.41 -21.01
CA LEU D 416 41.83 26.26 -20.25
C LEU D 416 42.68 26.71 -19.07
N ALA D 417 43.48 27.77 -19.25
CA ALA D 417 44.36 28.23 -18.18
C ALA D 417 43.56 28.70 -16.97
N ARG D 418 42.50 29.47 -17.20
CA ARG D 418 41.69 29.94 -16.09
C ARG D 418 40.86 28.82 -15.48
N ALA D 419 40.42 27.86 -16.31
CA ALA D 419 39.65 26.73 -15.81
C ALA D 419 40.46 25.91 -14.82
N GLN D 420 41.73 25.65 -15.13
CA GLN D 420 42.60 24.95 -14.19
C GLN D 420 42.79 25.76 -12.92
N ALA D 421 42.97 27.08 -13.05
CA ALA D 421 43.17 27.92 -11.87
C ALA D 421 41.93 27.92 -10.97
N VAL D 422 40.74 28.03 -11.56
CA VAL D 422 39.52 28.06 -10.77
C VAL D 422 39.31 26.73 -10.06
N LEU D 423 39.49 25.62 -10.78
CA LEU D 423 39.28 24.31 -10.17
C LEU D 423 40.29 24.02 -9.07
N GLU D 424 41.56 24.37 -9.30
CA GLU D 424 42.60 24.08 -8.31
C GLU D 424 42.44 24.93 -7.05
N GLU D 425 42.06 26.20 -7.21
CA GLU D 425 41.97 27.11 -6.08
C GLU D 425 40.77 26.86 -5.19
N ASP D 426 39.84 25.97 -5.59
CA ASP D 426 38.65 25.71 -4.80
C ASP D 426 38.59 24.28 -4.24
N HIS D 427 39.41 23.37 -4.74
CA HIS D 427 39.37 21.99 -4.27
C HIS D 427 40.76 21.38 -4.38
N TYR D 428 40.97 20.30 -3.64
CA TYR D 428 42.23 19.57 -3.62
C TYR D 428 42.01 18.17 -4.16
N GLY D 429 42.98 17.69 -4.94
CA GLY D 429 42.86 16.34 -5.49
C GLY D 429 41.76 16.28 -6.53
N MET D 430 41.04 15.16 -6.52
CA MET D 430 39.95 14.90 -7.48
C MET D 430 40.45 15.06 -8.92
N GLU D 431 41.54 14.37 -9.22
CA GLU D 431 42.14 14.47 -10.56
C GLU D 431 41.20 13.92 -11.62
N ASP D 432 40.48 12.84 -11.31
CA ASP D 432 39.57 12.24 -12.29
C ASP D 432 38.46 13.22 -12.68
N VAL D 433 37.89 13.92 -11.71
CA VAL D 433 36.84 14.88 -12.02
C VAL D 433 37.43 16.09 -12.73
N LYS D 434 38.59 16.56 -12.28
CA LYS D 434 39.21 17.72 -12.91
C LYS D 434 39.61 17.44 -14.35
N LYS D 435 40.09 16.22 -14.62
CA LYS D 435 40.43 15.85 -15.99
C LYS D 435 39.20 15.87 -16.89
N ARG D 436 38.06 15.37 -16.38
CA ARG D 436 36.86 15.31 -17.20
C ARG D 436 36.38 16.71 -17.58
N ILE D 437 36.44 17.66 -16.65
CA ILE D 437 36.00 19.02 -16.94
C ILE D 437 36.93 19.67 -17.95
N LEU D 438 38.24 19.47 -17.80
CA LEU D 438 39.19 20.03 -18.77
C LEU D 438 38.97 19.46 -20.15
N GLU D 439 38.70 18.14 -20.23
CA GLU D 439 38.38 17.53 -21.51
C GLU D 439 37.07 18.07 -22.08
N PHE D 440 36.11 18.38 -21.21
CA PHE D 440 34.86 18.98 -21.66
C PHE D 440 35.09 20.34 -22.30
N ILE D 441 35.98 21.15 -21.70
CA ILE D 441 36.27 22.47 -22.26
C ILE D 441 37.06 22.33 -23.57
N ALA D 442 38.01 21.40 -23.61
CA ALA D 442 38.82 21.23 -24.81
C ALA D 442 37.97 20.82 -26.00
N VAL D 443 37.01 19.92 -25.79
CA VAL D 443 36.12 19.51 -26.87
C VAL D 443 35.27 20.68 -27.32
N SER D 444 34.80 21.51 -26.39
CA SER D 444 33.98 22.66 -26.74
C SER D 444 34.75 23.67 -27.58
N GLN D 445 36.07 23.80 -27.35
CA GLN D 445 36.87 24.70 -28.18
C GLN D 445 36.91 24.22 -29.62
N LEU D 446 37.11 22.92 -29.83
CA LEU D 446 37.14 22.38 -31.18
C LEU D 446 35.78 22.49 -31.86
N ARG D 447 34.70 22.26 -31.10
CA ARG D 447 33.35 22.35 -31.67
C ARG D 447 33.03 23.76 -32.15
N GLY D 448 33.43 24.77 -31.38
CA GLY D 448 33.02 26.13 -31.65
C GLY D 448 31.66 26.50 -31.11
N SER D 449 31.03 25.61 -30.34
CA SER D 449 29.73 25.87 -29.76
C SER D 449 29.60 25.09 -28.45
N THR D 450 28.62 25.48 -27.66
CA THR D 450 28.41 24.84 -26.37
C THR D 450 27.91 23.41 -26.56
N GLN D 451 27.99 22.62 -25.48
CA GLN D 451 27.57 21.23 -25.53
C GLN D 451 27.12 20.81 -24.13
N GLY D 452 26.41 19.69 -24.08
CA GLY D 452 25.93 19.15 -22.83
C GLY D 452 26.31 17.70 -22.66
N LYS D 453 26.48 17.30 -21.40
CA LYS D 453 26.87 15.94 -21.07
C LYS D 453 26.07 15.47 -19.86
N ILE D 454 26.05 14.15 -19.67
CA ILE D 454 25.40 13.52 -18.52
C ILE D 454 26.50 12.84 -17.72
N LEU D 455 26.89 13.45 -16.61
CA LEU D 455 27.94 12.92 -15.75
C LEU D 455 27.36 12.53 -14.41
N CYS D 456 27.96 11.50 -13.81
CA CYS D 456 27.57 11.04 -12.48
C CYS D 456 28.80 10.91 -11.60
N PHE D 457 28.76 11.53 -10.43
CA PHE D 457 29.82 11.42 -9.43
C PHE D 457 29.32 10.53 -8.32
N TYR D 458 30.03 9.42 -8.08
CA TYR D 458 29.67 8.49 -7.02
C TYR D 458 30.86 8.26 -6.12
N GLY D 459 30.61 8.25 -4.80
CA GLY D 459 31.65 8.06 -3.83
C GLY D 459 31.12 8.13 -2.41
N PRO D 460 32.01 8.02 -1.43
CA PRO D 460 31.59 8.10 -0.05
C PRO D 460 31.01 9.46 0.26
N PRO D 461 30.07 9.54 1.21
CA PRO D 461 29.46 10.83 1.54
C PRO D 461 30.46 11.78 2.17
N GLY D 462 30.23 13.07 1.96
CA GLY D 462 31.13 14.09 2.47
C GLY D 462 32.50 14.09 1.85
N VAL D 463 32.58 13.92 0.53
CA VAL D 463 33.86 13.89 -0.16
C VAL D 463 34.06 15.08 -1.09
N GLY D 464 33.01 15.80 -1.47
CA GLY D 464 33.16 16.97 -2.31
C GLY D 464 32.39 16.88 -3.62
N LYS D 465 31.47 15.92 -3.72
CA LYS D 465 30.70 15.75 -4.95
C LYS D 465 29.84 16.97 -5.25
N THR D 466 29.13 17.46 -4.24
CA THR D 466 28.27 18.64 -4.43
C THR D 466 29.10 19.92 -4.48
N SER D 467 30.15 20.00 -3.67
CA SER D 467 30.95 21.23 -3.62
C SER D 467 31.66 21.49 -4.93
N ILE D 468 32.23 20.45 -5.55
CA ILE D 468 32.94 20.65 -6.81
C ILE D 468 31.97 21.00 -7.94
N ALA D 469 30.71 20.57 -7.81
CA ALA D 469 29.72 20.91 -8.83
C ALA D 469 29.51 22.41 -8.94
N ARG D 470 29.46 23.10 -7.79
CA ARG D 470 29.39 24.55 -7.80
C ARG D 470 30.66 25.17 -8.37
N SER D 471 31.81 24.56 -8.07
CA SER D 471 33.07 25.07 -8.60
C SER D 471 33.14 24.91 -10.12
N ILE D 472 32.61 23.80 -10.64
CA ILE D 472 32.61 23.58 -12.09
C ILE D 472 31.77 24.64 -12.79
N ALA D 473 30.61 24.97 -12.22
CA ALA D 473 29.75 25.99 -12.80
C ALA D 473 30.45 27.34 -12.83
N ARG D 474 31.16 27.68 -11.75
CA ARG D 474 31.94 28.91 -11.74
C ARG D 474 33.05 28.86 -12.78
N ALA D 475 33.71 27.70 -12.92
CA ALA D 475 34.77 27.58 -13.90
C ALA D 475 34.25 27.72 -15.33
N LEU D 476 33.08 27.15 -15.60
CA LEU D 476 32.49 27.19 -16.94
C LEU D 476 31.58 28.38 -17.16
N ASN D 477 31.40 29.24 -16.14
CA ASN D 477 30.52 30.41 -16.23
C ASN D 477 29.09 29.98 -16.57
N ARG D 478 28.64 28.89 -15.97
CA ARG D 478 27.29 28.38 -16.16
C ARG D 478 26.47 28.58 -14.90
N GLU D 479 25.17 28.83 -15.08
CA GLU D 479 24.26 28.96 -13.96
C GLU D 479 24.09 27.62 -13.26
N TYR D 480 24.03 27.65 -11.94
CA TYR D 480 23.99 26.43 -11.13
C TYR D 480 22.59 26.25 -10.55
N PHE D 481 22.02 25.06 -10.74
CA PHE D 481 20.74 24.70 -10.16
C PHE D 481 20.86 23.31 -9.57
N ARG D 482 20.27 23.11 -8.39
CA ARG D 482 20.32 21.83 -7.71
C ARG D 482 18.92 21.43 -7.25
N PHE D 483 18.58 20.17 -7.47
CA PHE D 483 17.37 19.58 -6.89
C PHE D 483 17.62 18.11 -6.63
N SER D 484 16.90 17.56 -5.67
CA SER D 484 17.11 16.20 -5.21
C SER D 484 16.00 15.28 -5.68
N VAL D 485 16.34 14.00 -5.84
CA VAL D 485 15.37 12.99 -6.24
C VAL D 485 15.38 11.86 -5.21
N GLY D 486 16.08 12.07 -4.11
CA GLY D 486 16.11 11.07 -3.05
C GLY D 486 14.74 10.94 -2.40
N GLY D 487 14.28 9.70 -2.27
CA GLY D 487 12.97 9.44 -1.68
C GLY D 487 11.83 10.06 -2.46
N MET D 488 11.93 10.06 -3.79
CA MET D 488 10.95 10.68 -4.66
C MET D 488 10.05 9.60 -5.27
N THR D 489 8.75 9.84 -5.28
CA THR D 489 7.81 8.82 -5.73
C THR D 489 6.89 9.33 -6.84
N ASP D 490 6.61 10.63 -6.85
CA ASP D 490 5.68 11.19 -7.83
C ASP D 490 6.39 11.61 -9.11
N VAL D 491 5.85 11.17 -10.25
CA VAL D 491 6.43 11.49 -11.55
C VAL D 491 6.20 12.95 -11.91
N ALA D 492 5.07 13.52 -11.48
CA ALA D 492 4.63 14.82 -11.99
C ALA D 492 5.60 15.94 -11.69
N GLU D 493 6.44 15.81 -10.66
CA GLU D 493 7.38 16.88 -10.34
C GLU D 493 8.41 17.05 -11.44
N ILE D 494 8.84 15.95 -12.06
CA ILE D 494 9.76 16.05 -13.19
C ILE D 494 9.04 16.63 -14.41
N LYS D 495 7.83 16.13 -14.69
CA LYS D 495 7.13 16.48 -15.92
C LYS D 495 6.20 17.67 -15.73
N GLY D 496 5.21 17.54 -14.85
CA GLY D 496 4.22 18.57 -14.62
C GLY D 496 2.83 17.98 -14.68
N HIS D 497 1.85 18.86 -14.83
CA HIS D 497 0.45 18.46 -14.94
C HIS D 497 -0.20 19.26 -16.06
N ARG D 498 -1.29 18.72 -16.58
CA ARG D 498 -2.04 19.42 -17.62
C ARG D 498 -2.64 20.70 -17.07
N ARG D 499 -2.85 21.66 -17.97
CA ARG D 499 -3.47 22.92 -17.58
C ARG D 499 -4.91 22.75 -17.11
N THR D 500 -5.54 21.61 -17.42
CA THR D 500 -6.89 21.36 -16.96
C THR D 500 -6.95 21.29 -15.45
N TYR D 501 -5.98 20.63 -14.83
CA TYR D 501 -6.03 20.40 -13.39
C TYR D 501 -5.77 21.70 -12.63
N VAL D 502 -6.44 21.83 -11.49
CA VAL D 502 -6.29 23.02 -10.65
C VAL D 502 -4.99 22.92 -9.86
N GLY D 503 -4.31 24.04 -9.71
CA GLY D 503 -3.02 24.05 -9.03
C GLY D 503 -1.96 23.23 -9.72
N ALA D 504 -1.89 23.32 -11.05
CA ALA D 504 -0.96 22.53 -11.84
C ALA D 504 0.25 23.38 -12.22
N MET D 505 1.43 22.96 -11.79
CA MET D 505 2.68 23.64 -12.04
C MET D 505 3.54 22.81 -12.99
N PRO D 506 4.42 23.46 -13.76
CA PRO D 506 5.30 22.72 -14.65
C PRO D 506 6.34 21.92 -13.86
N GLY D 507 7.08 21.10 -14.59
CA GLY D 507 8.12 20.29 -13.97
C GLY D 507 9.26 21.14 -13.45
N LYS D 508 10.14 20.46 -12.69
CA LYS D 508 11.29 21.15 -12.13
C LYS D 508 12.19 21.72 -13.21
N ILE D 509 12.38 20.98 -14.30
CA ILE D 509 13.29 21.42 -15.36
C ILE D 509 12.80 22.72 -15.99
N ILE D 510 11.48 22.86 -16.15
CA ILE D 510 10.94 24.11 -16.66
C ILE D 510 11.21 25.25 -15.70
N GLN D 511 11.15 24.99 -14.39
CA GLN D 511 11.49 26.02 -13.41
C GLN D 511 12.97 26.35 -13.44
N CYS D 512 13.82 25.38 -13.81
CA CYS D 512 15.25 25.67 -13.91
C CYS D 512 15.54 26.71 -14.97
N LEU D 513 14.89 26.61 -16.13
CA LEU D 513 15.13 27.55 -17.21
C LEU D 513 14.63 28.94 -16.84
N LYS D 514 13.50 29.03 -16.14
CA LYS D 514 12.97 30.33 -15.74
C LYS D 514 13.92 31.03 -14.76
N LYS D 515 14.43 30.31 -13.77
CA LYS D 515 15.29 30.92 -12.78
C LYS D 515 16.64 31.32 -13.37
N THR D 516 17.27 30.40 -14.12
CA THR D 516 18.59 30.67 -14.66
C THR D 516 18.55 31.62 -15.85
N LYS D 517 17.43 31.65 -16.58
CA LYS D 517 17.26 32.47 -17.77
C LYS D 517 18.32 32.15 -18.84
N THR D 518 18.71 30.89 -18.93
CA THR D 518 19.65 30.44 -19.95
C THR D 518 19.36 28.97 -20.27
N GLU D 519 19.79 28.55 -21.45
CA GLU D 519 19.59 27.18 -21.90
C GLU D 519 20.78 26.27 -21.64
N ASN D 520 21.82 26.76 -20.97
CA ASN D 520 22.99 25.95 -20.62
C ASN D 520 23.32 26.10 -19.14
N PRO D 521 22.45 25.59 -18.26
CA PRO D 521 22.78 25.60 -16.83
C PRO D 521 23.65 24.40 -16.47
N LEU D 522 23.99 24.27 -15.19
CA LEU D 522 24.63 23.08 -14.66
C LEU D 522 23.65 22.51 -13.65
N ILE D 523 22.75 21.65 -14.12
CA ILE D 523 21.72 21.08 -13.27
C ILE D 523 22.31 19.90 -12.50
N LEU D 524 22.24 19.97 -11.17
CA LEU D 524 22.75 18.91 -10.31
C LEU D 524 21.57 18.12 -9.76
N ILE D 525 21.55 16.82 -10.06
CA ILE D 525 20.52 15.92 -9.53
C ILE D 525 21.18 15.11 -8.42
N ASP D 526 20.73 15.34 -7.19
CA ASP D 526 21.36 14.74 -6.01
C ASP D 526 20.58 13.51 -5.57
N GLU D 527 21.33 12.53 -5.07
CA GLU D 527 20.75 11.30 -4.52
C GLU D 527 19.98 10.51 -5.59
N VAL D 528 20.65 10.25 -6.71
CA VAL D 528 20.03 9.42 -7.75
C VAL D 528 20.02 7.96 -7.32
N ASP D 529 20.96 7.54 -6.47
CA ASP D 529 20.99 6.16 -6.02
C ASP D 529 19.89 5.82 -5.03
N LYS D 530 19.25 6.83 -4.44
CA LYS D 530 18.17 6.64 -3.49
C LYS D 530 16.84 7.16 -4.03
N ILE D 531 16.57 6.90 -5.31
CA ILE D 531 15.28 7.23 -5.89
C ILE D 531 14.21 6.33 -5.30
N GLY D 532 13.13 6.93 -4.83
CA GLY D 532 12.09 6.16 -4.16
C GLY D 532 11.35 5.27 -5.14
N ARG D 533 11.15 4.00 -4.75
CA ARG D 533 10.37 3.09 -5.57
C ARG D 533 8.91 3.48 -5.52
N GLY D 534 8.27 3.52 -6.69
CA GLY D 534 6.89 3.96 -6.81
C GLY D 534 5.93 2.80 -6.88
N TYR D 535 5.06 2.71 -5.86
CA TYR D 535 4.01 1.70 -5.89
C TYR D 535 3.06 1.92 -7.06
N GLN D 536 2.77 3.18 -7.39
CA GLN D 536 1.91 3.53 -8.51
C GLN D 536 2.68 3.75 -9.80
N GLY D 537 3.97 4.12 -9.71
CA GLY D 537 4.78 4.35 -10.88
C GLY D 537 6.17 4.83 -10.52
N ASP D 538 7.18 4.25 -11.15
CA ASP D 538 8.56 4.64 -10.85
C ASP D 538 8.86 6.00 -11.47
N PRO D 539 9.31 6.98 -10.70
CA PRO D 539 9.67 8.29 -11.29
C PRO D 539 10.98 8.26 -12.06
N SER D 540 11.79 7.21 -11.90
CA SER D 540 13.01 7.09 -12.69
C SER D 540 12.71 6.88 -14.17
N SER D 541 11.52 6.39 -14.51
CA SER D 541 11.15 6.22 -15.91
C SER D 541 11.10 7.56 -16.62
N ALA D 542 10.55 8.59 -15.97
CA ALA D 542 10.53 9.93 -16.55
C ALA D 542 11.91 10.57 -16.57
N LEU D 543 12.81 10.13 -15.69
CA LEU D 543 14.17 10.68 -15.71
C LEU D 543 14.91 10.25 -16.97
N LEU D 544 14.55 9.11 -17.56
CA LEU D 544 15.21 8.64 -18.75
C LEU D 544 15.02 9.61 -19.91
N GLU D 545 13.80 10.12 -20.08
CA GLU D 545 13.56 11.14 -21.10
C GLU D 545 14.39 12.38 -20.82
N LEU D 546 14.62 12.70 -19.55
CA LEU D 546 15.45 13.85 -19.20
C LEU D 546 16.91 13.60 -19.53
N LEU D 547 17.39 12.36 -19.38
CA LEU D 547 18.79 12.03 -19.51
C LEU D 547 19.09 11.20 -20.75
N ASP D 548 18.24 11.30 -21.78
CA ASP D 548 18.47 10.61 -23.04
C ASP D 548 18.95 11.61 -24.07
N PRO D 549 20.19 11.49 -24.56
CA PRO D 549 20.69 12.46 -25.55
C PRO D 549 19.83 12.56 -26.79
N GLU D 550 19.26 11.45 -27.25
CA GLU D 550 18.36 11.49 -28.39
C GLU D 550 17.09 12.28 -28.07
N GLN D 551 16.53 12.07 -26.88
CA GLN D 551 15.28 12.70 -26.49
C GLN D 551 15.48 14.03 -25.79
N ASN D 552 16.73 14.41 -25.46
CA ASN D 552 16.96 15.70 -24.84
C ASN D 552 16.66 16.85 -25.80
N ALA D 553 16.85 16.64 -27.10
CA ALA D 553 16.62 17.70 -28.07
C ALA D 553 15.16 18.13 -28.10
N ASN D 554 14.24 17.22 -27.75
CA ASN D 554 12.81 17.52 -27.72
C ASN D 554 12.24 16.91 -26.44
N PHE D 555 12.25 17.69 -25.36
CA PHE D 555 11.72 17.27 -24.07
C PHE D 555 10.33 17.88 -23.91
N LEU D 556 9.29 17.04 -24.00
CA LEU D 556 7.92 17.50 -23.88
C LEU D 556 7.40 17.18 -22.49
N ASP D 557 6.84 18.19 -21.84
CA ASP D 557 6.25 18.05 -20.51
C ASP D 557 4.76 18.33 -20.59
N HIS D 558 4.04 17.90 -19.55
CA HIS D 558 2.58 17.95 -19.58
C HIS D 558 2.06 19.38 -19.60
N TYR D 559 2.63 20.26 -18.78
CA TYR D 559 2.13 21.63 -18.71
C TYR D 559 2.51 22.42 -19.95
N LEU D 560 3.76 22.31 -20.40
CA LEU D 560 4.24 23.02 -21.57
C LEU D 560 4.08 22.11 -22.78
N ASP D 561 3.10 22.41 -23.64
CA ASP D 561 2.87 21.57 -24.80
C ASP D 561 4.07 21.57 -25.74
N VAL D 562 4.72 22.71 -25.90
CA VAL D 562 5.88 22.79 -26.79
C VAL D 562 7.04 22.01 -26.18
N PRO D 563 7.84 21.31 -26.98
CA PRO D 563 9.06 20.71 -26.45
C PRO D 563 10.15 21.74 -26.26
N VAL D 564 11.12 21.41 -25.40
CA VAL D 564 12.23 22.28 -25.07
C VAL D 564 13.53 21.55 -25.36
N ASP D 565 14.47 22.25 -26.01
CA ASP D 565 15.78 21.70 -26.32
C ASP D 565 16.60 21.63 -25.05
N LEU D 566 16.64 20.45 -24.43
CA LEU D 566 17.39 20.24 -23.20
C LEU D 566 18.83 19.81 -23.47
N SER D 567 19.25 19.74 -24.72
CA SER D 567 20.66 19.57 -25.02
C SER D 567 21.42 20.84 -24.62
N LYS D 568 22.75 20.75 -24.70
CA LYS D 568 23.65 21.81 -24.26
C LYS D 568 23.49 22.13 -22.78
N VAL D 569 23.01 21.16 -21.99
CA VAL D 569 22.85 21.31 -20.56
C VAL D 569 23.75 20.28 -19.88
N LEU D 570 24.59 20.76 -18.95
CA LEU D 570 25.51 19.89 -18.24
C LEU D 570 24.79 19.27 -17.06
N PHE D 571 24.34 18.03 -17.22
CA PHE D 571 23.65 17.31 -16.17
C PHE D 571 24.68 16.55 -15.34
N ILE D 572 24.74 16.84 -14.04
CA ILE D 572 25.62 16.16 -13.10
C ILE D 572 24.77 15.48 -12.05
N CYS D 573 25.02 14.20 -11.82
CA CYS D 573 24.26 13.41 -10.86
C CYS D 573 25.17 12.99 -9.71
N THR D 574 24.61 12.97 -8.50
CA THR D 574 25.34 12.63 -7.30
C THR D 574 24.79 11.35 -6.70
N ALA D 575 25.68 10.44 -6.34
CA ALA D 575 25.28 9.17 -5.76
C ALA D 575 26.37 8.71 -4.78
N ASN D 576 26.00 7.76 -3.92
CA ASN D 576 26.94 7.16 -2.99
C ASN D 576 27.38 5.76 -3.42
N VAL D 577 26.45 4.93 -3.85
CA VAL D 577 26.75 3.60 -4.37
C VAL D 577 26.08 3.45 -5.73
N THR D 578 26.80 2.90 -6.70
CA THR D 578 26.30 2.76 -8.05
C THR D 578 25.46 1.51 -8.26
N ASP D 579 25.45 0.58 -7.30
CA ASP D 579 24.71 -0.66 -7.47
C ASP D 579 23.20 -0.41 -7.45
N THR D 580 22.73 0.47 -6.55
CA THR D 580 21.30 0.66 -6.39
C THR D 580 20.69 1.46 -7.53
N ILE D 581 21.49 2.22 -8.26
CA ILE D 581 20.97 3.02 -9.38
C ILE D 581 20.37 2.09 -10.43
N PRO D 582 19.18 2.36 -10.94
CA PRO D 582 18.57 1.46 -11.94
C PRO D 582 19.42 1.35 -13.18
N GLU D 583 19.39 0.17 -13.80
CA GLU D 583 20.20 -0.08 -14.98
C GLU D 583 19.93 0.88 -16.13
N PRO D 584 18.68 1.17 -16.52
CA PRO D 584 18.46 2.15 -17.59
C PRO D 584 19.01 3.52 -17.27
N LEU D 585 18.91 3.95 -16.01
CA LEU D 585 19.49 5.23 -15.62
C LEU D 585 21.02 5.17 -15.60
N ARG D 586 21.58 4.09 -15.07
CA ARG D 586 23.02 3.95 -15.01
C ARG D 586 23.63 3.84 -16.40
N ASP D 587 22.90 3.24 -17.34
CA ASP D 587 23.45 3.01 -18.67
C ASP D 587 23.59 4.31 -19.47
N ARG D 588 22.71 5.29 -19.21
CA ARG D 588 22.78 6.57 -19.91
C ARG D 588 23.74 7.56 -19.27
N MET D 589 24.27 7.29 -18.08
CA MET D 589 25.15 8.22 -17.39
C MET D 589 26.60 7.74 -17.49
N GLU D 590 27.51 8.67 -17.21
CA GLU D 590 28.94 8.37 -17.13
C GLU D 590 29.36 8.33 -15.67
N MET D 591 29.96 7.23 -15.25
CA MET D 591 30.30 7.00 -13.86
C MET D 591 31.72 7.49 -13.60
N ILE D 592 31.86 8.45 -12.68
CA ILE D 592 33.15 8.96 -12.24
C ILE D 592 33.25 8.76 -10.74
N ASN D 593 34.34 8.15 -10.30
CA ASN D 593 34.50 7.77 -8.90
C ASN D 593 35.22 8.87 -8.14
N VAL D 594 34.56 9.43 -7.12
CA VAL D 594 35.17 10.39 -6.22
C VAL D 594 35.38 9.72 -4.88
N SER D 595 36.57 9.14 -4.67
CA SER D 595 36.84 8.33 -3.51
C SER D 595 37.33 9.18 -2.33
N GLY D 596 37.41 8.55 -1.16
CA GLY D 596 37.83 9.22 0.04
C GLY D 596 39.32 9.50 0.04
N TYR D 597 39.77 10.17 1.09
CA TYR D 597 41.14 10.63 1.21
C TYR D 597 41.85 9.92 2.35
N VAL D 598 43.16 9.74 2.18
CA VAL D 598 44.02 9.20 3.23
C VAL D 598 44.26 10.30 4.26
N ALA D 599 44.86 9.93 5.40
CA ALA D 599 45.10 10.90 6.45
C ALA D 599 45.99 12.04 5.97
N GLN D 600 46.99 11.73 5.13
CA GLN D 600 47.86 12.76 4.60
C GLN D 600 47.09 13.75 3.73
N GLU D 601 46.17 13.24 2.90
CA GLU D 601 45.36 14.13 2.07
C GLU D 601 44.36 14.92 2.90
N LYS D 602 43.86 14.33 4.00
CA LYS D 602 42.92 15.05 4.86
C LYS D 602 43.58 16.27 5.49
N LEU D 603 44.86 16.14 5.88
CA LEU D 603 45.57 17.26 6.48
C LEU D 603 45.70 18.41 5.49
N ALA D 604 45.99 18.11 4.23
CA ALA D 604 46.10 19.16 3.21
C ALA D 604 44.77 19.86 2.99
N ILE D 605 43.67 19.10 2.99
CA ILE D 605 42.36 19.70 2.80
C ILE D 605 42.02 20.61 3.98
N ALA D 606 42.24 20.13 5.20
CA ALA D 606 41.93 20.92 6.38
C ALA D 606 42.79 22.17 6.47
N GLU D 607 44.09 22.04 6.19
CA GLU D 607 45.01 23.17 6.31
C GLU D 607 44.66 24.28 5.33
N ARG D 608 44.33 23.92 4.09
CA ARG D 608 44.14 24.90 3.03
C ARG D 608 42.70 25.37 2.87
N TYR D 609 41.73 24.50 3.11
CA TYR D 609 40.34 24.81 2.82
C TYR D 609 39.45 24.84 4.04
N LEU D 610 39.46 23.78 4.85
CA LEU D 610 38.51 23.69 5.97
C LEU D 610 38.78 24.75 7.02
N VAL D 611 40.03 24.86 7.47
CA VAL D 611 40.35 25.83 8.53
C VAL D 611 40.11 27.27 8.09
N PRO D 612 40.62 27.74 6.94
CA PRO D 612 40.33 29.13 6.54
C PRO D 612 38.84 29.40 6.35
N GLN D 613 38.08 28.43 5.84
CA GLN D 613 36.65 28.64 5.64
C GLN D 613 35.92 28.73 6.97
N ALA D 614 36.28 27.88 7.93
CA ALA D 614 35.63 27.92 9.23
C ALA D 614 35.96 29.20 9.99
N ARG D 615 37.17 29.73 9.79
CA ARG D 615 37.54 30.99 10.42
C ARG D 615 36.66 32.13 9.92
N ALA D 616 36.40 32.18 8.62
CA ALA D 616 35.53 33.21 8.07
C ALA D 616 34.11 33.07 8.59
N LEU D 617 33.62 31.83 8.71
CA LEU D 617 32.29 31.60 9.25
C LEU D 617 32.19 32.07 10.69
N CYS D 618 33.20 31.77 11.51
CA CYS D 618 33.20 32.23 12.89
C CYS D 618 33.55 33.71 13.00
N GLY D 619 34.37 34.23 12.10
CA GLY D 619 34.78 35.61 12.14
C GLY D 619 36.05 35.82 12.96
N LEU D 620 37.06 35.00 12.70
CA LEU D 620 38.32 35.06 13.42
C LEU D 620 39.46 35.27 12.45
N ASP D 621 40.38 36.17 12.82
CA ASP D 621 41.57 36.43 12.02
C ASP D 621 42.63 35.36 12.28
N GLU D 622 43.59 35.27 11.36
CA GLU D 622 44.69 34.32 11.53
C GLU D 622 45.44 34.57 12.83
N SER D 623 45.71 35.83 13.15
CA SER D 623 46.45 36.17 14.36
C SER D 623 45.66 35.93 15.63
N LYS D 624 44.36 35.67 15.53
CA LYS D 624 43.54 35.45 16.72
C LYS D 624 43.45 33.98 17.09
N ALA D 625 43.05 33.14 16.15
CA ALA D 625 42.92 31.70 16.38
C ALA D 625 43.81 30.95 15.41
N LYS D 626 44.65 30.06 15.94
CA LYS D 626 45.59 29.29 15.15
C LYS D 626 45.46 27.82 15.48
N LEU D 627 45.52 26.98 14.44
CA LEU D 627 45.50 25.53 14.59
C LEU D 627 46.72 24.95 13.88
N SER D 628 47.66 24.43 14.65
CA SER D 628 48.86 23.85 14.08
C SER D 628 48.53 22.53 13.37
N SER D 629 49.45 22.08 12.52
CA SER D 629 49.27 20.82 11.82
C SER D 629 49.23 19.64 12.78
N ASP D 630 49.91 19.76 13.93
CA ASP D 630 49.88 18.69 14.92
C ASP D 630 48.49 18.48 15.47
N VAL D 631 47.75 19.58 15.72
CA VAL D 631 46.39 19.47 16.21
C VAL D 631 45.50 18.82 15.16
N LEU D 632 45.63 19.22 13.90
CA LEU D 632 44.78 18.68 12.84
C LEU D 632 45.07 17.20 12.62
N THR D 633 46.33 16.79 12.70
CA THR D 633 46.66 15.37 12.56
C THR D 633 46.02 14.56 13.68
N LEU D 634 46.04 15.08 14.91
CA LEU D 634 45.40 14.39 16.02
C LEU D 634 43.89 14.35 15.83
N LEU D 635 43.29 15.45 15.34
CA LEU D 635 41.85 15.48 15.12
C LEU D 635 41.41 14.45 14.09
N ILE D 636 42.17 14.32 13.01
CA ILE D 636 41.84 13.33 11.97
C ILE D 636 41.99 11.92 12.52
N LYS D 637 43.08 11.66 13.25
CA LYS D 637 43.41 10.29 13.64
C LYS D 637 42.49 9.78 14.74
N GLN D 638 42.19 10.61 15.73
CA GLN D 638 41.50 10.15 16.94
C GLN D 638 40.07 10.62 17.08
N TYR D 639 39.69 11.74 16.46
CA TYR D 639 38.36 12.31 16.64
C TYR D 639 37.44 12.13 15.45
N CYS D 640 37.94 11.61 14.32
CA CYS D 640 37.11 11.45 13.12
C CYS D 640 37.47 10.12 12.47
N ARG D 641 36.52 9.19 12.46
CA ARG D 641 36.67 7.91 11.77
C ARG D 641 35.76 7.96 10.55
N GLU D 642 36.31 8.47 9.45
CA GLU D 642 35.52 8.68 8.24
C GLU D 642 36.47 8.73 7.04
N SER D 643 35.91 8.47 5.87
CA SER D 643 36.68 8.55 4.63
C SER D 643 36.66 9.95 4.02
N GLY D 644 35.63 10.73 4.28
CA GLY D 644 35.55 12.10 3.81
C GLY D 644 36.10 13.08 4.84
N VAL D 645 35.78 14.35 4.63
CA VAL D 645 36.22 15.41 5.53
C VAL D 645 35.01 16.13 6.11
N ARG D 646 33.89 15.41 6.23
CA ARG D 646 32.68 16.01 6.78
C ARG D 646 32.73 16.08 8.30
N ASN D 647 33.05 14.96 8.96
CA ASN D 647 33.15 14.97 10.41
C ASN D 647 34.31 15.83 10.89
N LEU D 648 35.39 15.90 10.11
CA LEU D 648 36.51 16.77 10.46
C LEU D 648 36.09 18.23 10.43
N GLN D 649 35.19 18.58 9.50
CA GLN D 649 34.71 19.96 9.42
C GLN D 649 33.97 20.37 10.69
N LYS D 650 33.15 19.46 11.24
CA LYS D 650 32.42 19.77 12.46
C LYS D 650 33.37 19.99 13.63
N GLN D 651 34.42 19.17 13.73
CA GLN D 651 35.39 19.34 14.81
C GLN D 651 36.14 20.66 14.67
N VAL D 652 36.50 21.04 13.44
CA VAL D 652 37.19 22.31 13.22
C VAL D 652 36.31 23.47 13.62
N GLU D 653 35.02 23.43 13.26
CA GLU D 653 34.10 24.48 13.66
C GLU D 653 33.95 24.51 15.19
N LYS D 654 33.93 23.35 15.83
CA LYS D 654 33.80 23.30 17.27
C LYS D 654 34.99 23.97 17.96
N VAL D 655 36.20 23.72 17.47
CA VAL D 655 37.38 24.32 18.06
C VAL D 655 37.36 25.83 17.89
N LEU D 656 37.02 26.30 16.70
CA LEU D 656 37.02 27.74 16.44
C LEU D 656 35.86 28.43 17.18
N ARG D 657 34.72 27.75 17.28
CA ARG D 657 33.59 28.33 18.00
C ARG D 657 33.91 28.54 19.47
N LYS D 658 34.58 27.57 20.10
CA LYS D 658 34.97 27.72 21.49
C LYS D 658 36.06 28.77 21.65
N SER D 659 36.94 28.90 20.66
CA SER D 659 37.98 29.93 20.72
C SER D 659 37.36 31.33 20.67
N ALA D 660 36.29 31.51 19.90
CA ALA D 660 35.62 32.80 19.84
C ALA D 660 35.01 33.18 21.18
N TYR D 661 34.48 32.19 21.90
CA TYR D 661 33.90 32.47 23.21
C TYR D 661 34.96 32.95 24.19
N LYS D 662 36.16 32.35 24.14
CA LYS D 662 37.22 32.78 25.03
C LYS D 662 37.66 34.21 24.74
N ILE D 663 37.71 34.59 23.45
CA ILE D 663 38.13 35.93 23.08
C ILE D 663 37.14 36.97 23.58
N VAL D 664 35.84 36.71 23.40
CA VAL D 664 34.82 37.65 23.85
C VAL D 664 34.84 37.77 25.37
N SER D 665 34.93 36.63 26.06
CA SER D 665 34.92 36.64 27.52
C SER D 665 36.17 37.29 28.11
N GLY D 666 37.21 37.53 27.30
CA GLY D 666 38.43 38.12 27.80
C GLY D 666 39.37 37.16 28.48
N GLU D 667 39.09 35.86 28.44
CA GLU D 667 39.98 34.89 29.06
C GLU D 667 41.35 34.89 28.39
N ALA D 668 41.37 34.94 27.06
CA ALA D 668 42.61 34.99 26.30
C ALA D 668 42.45 35.98 25.15
N GLU D 669 43.41 36.90 25.03
CA GLU D 669 43.37 37.87 23.93
C GLU D 669 43.50 37.17 22.58
N SER D 670 44.40 36.20 22.49
CA SER D 670 44.57 35.39 21.28
C SER D 670 44.61 33.92 21.68
N VAL D 671 43.95 33.08 20.90
CA VAL D 671 43.80 31.66 21.21
C VAL D 671 44.71 30.85 20.30
N GLU D 672 45.54 30.01 20.90
CA GLU D 672 46.40 29.09 20.17
C GLU D 672 46.09 27.68 20.62
N VAL D 673 45.74 26.82 19.68
CA VAL D 673 45.36 25.44 19.97
C VAL D 673 46.57 24.54 19.82
N THR D 674 46.84 23.76 20.86
CA THR D 674 47.98 22.85 20.92
C THR D 674 47.48 21.46 21.26
N PRO D 675 48.24 20.42 20.92
CA PRO D 675 47.79 19.05 21.26
C PRO D 675 47.57 18.81 22.74
N GLU D 676 48.32 19.50 23.60
CA GLU D 676 48.19 19.25 25.04
C GLU D 676 46.88 19.81 25.59
N ASN D 677 46.43 20.95 25.08
CA ASN D 677 45.19 21.57 25.54
C ASN D 677 44.05 21.41 24.53
N LEU D 678 44.15 20.42 23.64
CA LEU D 678 43.08 20.19 22.68
C LEU D 678 41.80 19.70 23.36
N GLN D 679 41.93 18.97 24.46
CA GLN D 679 40.76 18.44 25.15
C GLN D 679 39.88 19.55 25.72
N ASP D 680 40.43 20.74 25.95
CA ASP D 680 39.62 21.85 26.44
C ASP D 680 38.60 22.33 25.42
N PHE D 681 38.75 21.94 24.16
CA PHE D 681 37.85 22.38 23.09
C PHE D 681 36.95 21.27 22.57
N VAL D 682 37.46 20.05 22.44
CA VAL D 682 36.71 18.93 21.87
C VAL D 682 36.54 17.78 22.83
N GLY D 683 37.15 17.83 24.01
CA GLY D 683 36.98 16.77 24.98
C GLY D 683 37.89 15.57 24.73
N LYS D 684 37.54 14.47 25.39
CA LYS D 684 38.34 13.25 25.31
C LYS D 684 38.27 12.66 23.90
N PRO D 685 39.32 11.95 23.48
CA PRO D 685 39.29 11.33 22.15
C PRO D 685 38.18 10.30 22.03
N VAL D 686 37.67 10.16 20.81
CA VAL D 686 36.56 9.24 20.55
C VAL D 686 37.12 7.87 20.18
N PHE D 687 37.92 7.81 19.13
CA PHE D 687 38.47 6.55 18.63
C PHE D 687 39.91 6.43 19.11
N THR D 688 40.06 5.89 20.32
CA THR D 688 41.38 5.79 20.94
C THR D 688 42.19 4.58 20.47
N VAL D 689 41.56 3.63 19.77
CA VAL D 689 42.23 2.41 19.33
C VAL D 689 42.14 2.33 17.81
N GLU D 690 43.29 2.03 17.17
CA GLU D 690 43.31 1.89 15.73
C GLU D 690 42.69 0.57 15.28
N ARG D 691 42.90 -0.50 16.06
CA ARG D 691 42.31 -1.80 15.77
C ARG D 691 42.07 -2.54 17.07
N MET D 692 41.23 -3.57 16.99
CA MET D 692 40.84 -4.31 18.18
C MET D 692 42.01 -5.06 18.80
N TYR D 693 42.79 -5.76 17.99
CA TYR D 693 43.88 -6.61 18.47
C TYR D 693 45.20 -6.07 17.95
N ASP D 694 46.04 -5.56 18.86
CA ASP D 694 47.42 -5.27 18.49
C ASP D 694 48.18 -6.55 18.15
N VAL D 695 47.95 -7.61 18.92
CA VAL D 695 48.48 -8.94 18.64
C VAL D 695 47.30 -9.89 18.50
N THR D 696 47.33 -10.72 17.46
CA THR D 696 46.21 -11.62 17.17
C THR D 696 46.47 -12.98 17.79
N PRO D 697 45.62 -13.45 18.70
CA PRO D 697 45.77 -14.80 19.25
C PRO D 697 45.42 -15.84 18.20
N PRO D 698 45.74 -17.11 18.44
CA PRO D 698 45.39 -18.15 17.46
C PRO D 698 43.89 -18.18 17.20
N GLY D 699 43.55 -18.36 15.92
CA GLY D 699 42.17 -18.35 15.49
C GLY D 699 41.63 -16.99 15.11
N VAL D 700 42.40 -15.92 15.32
CA VAL D 700 41.97 -14.56 15.00
C VAL D 700 42.82 -14.06 13.84
N VAL D 701 42.17 -13.67 12.75
CA VAL D 701 42.84 -13.21 11.55
C VAL D 701 42.27 -11.85 11.16
N MET D 702 43.14 -10.89 10.90
CA MET D 702 42.72 -9.57 10.46
C MET D 702 42.23 -9.63 9.02
N GLY D 703 41.16 -8.88 8.74
CA GLY D 703 40.62 -8.81 7.40
C GLY D 703 40.32 -7.39 6.97
N LEU D 704 39.67 -7.23 5.81
CA LEU D 704 39.30 -5.92 5.30
C LEU D 704 37.85 -5.94 4.83
N ALA D 705 37.19 -4.81 4.98
CA ALA D 705 35.78 -4.66 4.60
C ALA D 705 35.59 -3.36 3.85
N TRP D 706 34.57 -3.33 3.00
CA TRP D 706 34.24 -2.15 2.21
C TRP D 706 32.73 -1.98 2.20
N THR D 707 32.26 -0.85 2.72
CA THR D 707 30.84 -0.55 2.81
C THR D 707 30.56 0.73 2.02
N ALA D 708 29.31 1.23 2.14
CA ALA D 708 28.96 2.49 1.50
C ALA D 708 29.72 3.65 2.12
N MET D 709 30.07 3.56 3.41
CA MET D 709 30.89 4.58 4.04
C MET D 709 32.27 4.65 3.39
N GLY D 710 32.86 3.49 3.09
CA GLY D 710 34.12 3.44 2.40
C GLY D 710 35.30 3.07 3.29
N GLY D 711 35.72 1.82 3.22
CA GLY D 711 36.89 1.38 3.96
C GLY D 711 36.59 1.07 5.41
N SER D 712 37.04 -0.09 5.88
CA SER D 712 36.82 -0.50 7.26
C SER D 712 37.66 -1.72 7.56
N THR D 713 38.19 -1.78 8.77
CA THR D 713 38.91 -2.97 9.22
C THR D 713 37.92 -4.06 9.61
N LEU D 714 38.44 -5.28 9.74
CA LEU D 714 37.60 -6.43 10.05
C LEU D 714 38.47 -7.52 10.65
N PHE D 715 37.91 -8.24 11.61
CA PHE D 715 38.59 -9.36 12.24
C PHE D 715 37.69 -10.58 12.18
N VAL D 716 38.30 -11.75 11.95
CA VAL D 716 37.59 -13.02 11.97
C VAL D 716 38.21 -13.86 13.07
N GLU D 717 37.40 -14.27 14.04
CA GLU D 717 37.86 -14.97 15.23
C GLU D 717 37.03 -16.22 15.46
N THR D 718 37.68 -17.27 15.96
CA THR D 718 37.05 -18.56 16.16
C THR D 718 37.43 -19.10 17.54
N SER D 719 36.61 -20.02 18.02
CA SER D 719 36.89 -20.69 19.28
C SER D 719 36.21 -22.06 19.29
N LEU D 720 36.73 -22.96 20.10
CA LEU D 720 36.14 -24.29 20.24
C LEU D 720 34.84 -24.20 21.02
N ARG D 721 33.74 -24.65 20.41
CA ARG D 721 32.44 -24.54 21.04
C ARG D 721 32.26 -25.57 22.16
N ARG D 722 32.90 -26.73 22.04
CA ARG D 722 32.83 -27.74 23.09
C ARG D 722 34.21 -28.02 23.68
N LYS D 732 29.59 -37.39 16.23
CA LYS D 732 30.67 -37.86 15.38
C LYS D 732 31.16 -36.74 14.46
N ASP D 733 30.31 -36.32 13.54
CA ASP D 733 30.66 -35.26 12.60
C ASP D 733 30.79 -33.92 13.32
N GLY D 734 31.74 -33.11 12.87
CA GLY D 734 31.90 -31.78 13.39
C GLY D 734 30.87 -30.82 12.83
N SER D 735 30.89 -29.59 13.36
CA SER D 735 29.95 -28.57 12.93
C SER D 735 30.59 -27.21 13.09
N LEU D 736 30.06 -26.24 12.34
CA LEU D 736 30.51 -24.86 12.41
C LEU D 736 29.31 -23.95 12.66
N GLU D 737 29.41 -23.11 13.68
CA GLU D 737 28.39 -22.14 14.01
C GLU D 737 28.95 -20.75 13.73
N VAL D 738 28.24 -19.97 12.91
CA VAL D 738 28.66 -18.63 12.54
C VAL D 738 27.67 -17.63 13.14
N THR D 739 28.20 -16.63 13.83
CA THR D 739 27.40 -15.56 14.40
C THR D 739 27.85 -14.23 13.80
N GLY D 740 27.27 -13.14 14.31
CA GLY D 740 27.40 -11.85 13.67
C GLY D 740 26.33 -11.63 12.63
N GLN D 741 26.14 -10.37 12.25
CA GLN D 741 25.08 -9.99 11.32
C GLN D 741 25.51 -10.30 9.87
N LEU D 742 25.85 -11.55 9.64
CA LEU D 742 26.32 -11.98 8.32
C LEU D 742 25.15 -12.19 7.38
N GLY D 743 25.32 -11.76 6.13
CA GLY D 743 24.31 -11.95 5.12
C GLY D 743 24.32 -13.34 4.53
N GLU D 744 23.39 -13.58 3.60
CA GLU D 744 23.30 -14.88 2.96
C GLU D 744 24.56 -15.22 2.19
N VAL D 745 25.12 -14.24 1.47
CA VAL D 745 26.32 -14.48 0.70
C VAL D 745 27.51 -14.79 1.60
N MET D 746 27.68 -14.02 2.68
CA MET D 746 28.84 -14.21 3.54
C MET D 746 28.73 -15.47 4.39
N LYS D 747 27.51 -15.83 4.80
CA LYS D 747 27.31 -17.12 5.49
C LYS D 747 27.61 -18.27 4.55
N GLU D 748 27.22 -18.16 3.28
CA GLU D 748 27.58 -19.17 2.30
C GLU D 748 29.09 -19.24 2.11
N SER D 749 29.76 -18.09 2.11
CA SER D 749 31.21 -18.07 1.99
C SER D 749 31.88 -18.80 3.14
N ALA D 750 31.29 -18.71 4.34
CA ALA D 750 31.82 -19.44 5.48
C ALA D 750 31.72 -20.95 5.27
N ARG D 751 30.61 -21.41 4.70
CA ARG D 751 30.46 -22.84 4.41
C ARG D 751 31.46 -23.31 3.38
N ILE D 752 31.71 -22.51 2.35
CA ILE D 752 32.73 -22.84 1.35
C ILE D 752 34.10 -22.88 2.00
N ALA D 753 34.39 -21.87 2.84
CA ALA D 753 35.68 -21.83 3.53
C ALA D 753 35.83 -23.00 4.48
N TYR D 754 34.75 -23.36 5.19
CA TYR D 754 34.80 -24.50 6.09
C TYR D 754 35.06 -25.79 5.33
N THR D 755 34.42 -25.96 4.17
CA THR D 755 34.65 -27.16 3.37
C THR D 755 36.07 -27.22 2.83
N PHE D 756 36.57 -26.11 2.30
CA PHE D 756 37.92 -26.09 1.76
C PHE D 756 38.97 -26.31 2.84
N ALA D 757 38.77 -25.69 4.01
CA ALA D 757 39.74 -25.83 5.10
C ALA D 757 39.85 -27.28 5.56
N ARG D 758 38.75 -28.02 5.55
CA ARG D 758 38.81 -29.44 5.87
C ARG D 758 39.66 -30.20 4.87
N ALA D 759 39.52 -29.89 3.59
CA ALA D 759 40.31 -30.57 2.57
C ALA D 759 41.77 -30.15 2.63
N PHE D 760 42.03 -28.88 2.94
CA PHE D 760 43.41 -28.40 3.00
C PHE D 760 44.21 -29.12 4.08
N LEU D 761 43.60 -29.30 5.27
CA LEU D 761 44.30 -30.02 6.34
C LEU D 761 44.43 -31.50 6.01
N MET D 762 43.46 -32.08 5.31
CA MET D 762 43.51 -33.51 5.02
C MET D 762 44.72 -33.86 4.16
N GLN D 763 44.99 -33.06 3.12
CA GLN D 763 46.14 -33.33 2.26
C GLN D 763 47.45 -32.91 2.90
N HIS D 764 47.44 -31.88 3.74
CA HIS D 764 48.66 -31.35 4.33
C HIS D 764 49.05 -32.09 5.61
N ALA D 765 48.11 -32.23 6.55
CA ALA D 765 48.35 -32.89 7.83
C ALA D 765 47.27 -33.93 8.05
N PRO D 766 47.42 -35.12 7.44
CA PRO D 766 46.41 -36.17 7.61
C PRO D 766 46.21 -36.59 9.05
N ALA D 767 47.26 -36.51 9.88
CA ALA D 767 47.11 -36.89 11.28
C ALA D 767 46.18 -35.95 12.03
N ASN D 768 46.12 -34.68 11.61
CA ASN D 768 45.25 -33.72 12.27
C ASN D 768 43.78 -34.09 12.10
N ASP D 769 43.00 -33.92 13.17
CA ASP D 769 41.58 -34.25 13.15
C ASP D 769 40.74 -33.14 13.77
N TYR D 770 41.31 -31.94 13.91
CA TYR D 770 40.59 -30.85 14.57
C TYR D 770 39.39 -30.39 13.75
N LEU D 771 39.60 -30.13 12.46
CA LEU D 771 38.54 -29.57 11.62
C LEU D 771 37.45 -30.57 11.28
N VAL D 772 37.64 -31.85 11.58
CA VAL D 772 36.68 -32.88 11.22
C VAL D 772 35.75 -33.22 12.38
N THR D 773 36.30 -33.34 13.59
CA THR D 773 35.52 -33.79 14.74
C THR D 773 35.11 -32.65 15.68
N SER D 774 35.94 -31.63 15.83
CA SER D 774 35.64 -30.56 16.77
C SER D 774 34.51 -29.67 16.27
N HIS D 775 33.78 -29.09 17.21
CA HIS D 775 32.71 -28.13 16.92
C HIS D 775 33.26 -26.73 17.12
N ILE D 776 33.19 -25.90 16.09
CA ILE D 776 33.86 -24.61 16.06
C ILE D 776 32.82 -23.51 15.92
N HIS D 777 32.98 -22.45 16.71
CA HIS D 777 32.15 -21.26 16.62
C HIS D 777 32.95 -20.16 15.94
N LEU D 778 32.38 -19.58 14.89
CA LEU D 778 33.00 -18.49 14.15
C LEU D 778 32.19 -17.22 14.33
N HIS D 779 32.88 -16.10 14.53
CA HIS D 779 32.21 -14.84 14.77
C HIS D 779 33.07 -13.69 14.28
N VAL D 780 32.42 -12.66 13.73
CA VAL D 780 33.05 -11.39 13.43
C VAL D 780 32.69 -10.43 14.56
N PRO D 781 33.67 -9.96 15.35
CA PRO D 781 33.32 -9.40 16.68
C PRO D 781 32.36 -8.22 16.65
N GLU D 782 32.45 -7.34 15.65
CA GLU D 782 31.57 -6.17 15.62
C GLU D 782 30.18 -6.65 15.20
N GLY D 783 29.37 -7.04 16.18
CA GLY D 783 28.10 -7.70 15.93
C GLY D 783 26.91 -6.81 15.67
N ALA D 784 27.10 -5.50 15.54
CA ALA D 784 25.97 -4.59 15.36
C ALA D 784 25.62 -4.41 13.88
N THR D 785 26.57 -3.90 13.08
CA THR D 785 26.27 -3.60 11.69
C THR D 785 26.23 -4.87 10.86
N PRO D 786 25.36 -4.90 9.84
CA PRO D 786 25.33 -6.06 8.95
C PRO D 786 26.61 -6.18 8.12
N LYS D 787 26.95 -7.43 7.78
CA LYS D 787 28.09 -7.72 6.94
C LYS D 787 27.66 -8.65 5.81
N ASP D 788 28.13 -8.37 4.60
CA ASP D 788 27.81 -9.20 3.45
C ASP D 788 28.95 -9.12 2.45
N GLY D 789 29.00 -10.11 1.57
CA GLY D 789 30.03 -10.17 0.55
C GLY D 789 31.01 -11.30 0.79
N PRO D 790 31.50 -11.90 -0.29
CA PRO D 790 32.46 -13.00 -0.18
C PRO D 790 33.91 -12.57 -0.02
N SER D 791 34.17 -11.28 0.23
CA SER D 791 35.53 -10.79 0.34
C SER D 791 36.28 -11.33 1.55
N ALA D 792 35.58 -11.96 2.50
CA ALA D 792 36.21 -12.50 3.70
C ALA D 792 36.41 -14.00 3.62
N GLY D 793 36.28 -14.59 2.42
CA GLY D 793 36.40 -16.04 2.31
C GLY D 793 37.77 -16.56 2.70
N CYS D 794 38.83 -15.91 2.22
CA CYS D 794 40.18 -16.36 2.54
C CYS D 794 40.53 -16.07 4.00
N THR D 795 39.94 -15.03 4.58
CA THR D 795 40.15 -14.75 5.99
C THR D 795 39.59 -15.86 6.87
N ILE D 796 38.44 -16.39 6.50
CA ILE D 796 37.82 -17.47 7.28
C ILE D 796 38.69 -18.72 7.24
N VAL D 797 39.24 -19.05 6.07
CA VAL D 797 40.09 -20.23 5.96
C VAL D 797 41.32 -20.09 6.87
N THR D 798 41.93 -18.90 6.88
CA THR D 798 43.08 -18.67 7.74
C THR D 798 42.72 -18.82 9.22
N ALA D 799 41.57 -18.28 9.61
CA ALA D 799 41.14 -18.39 11.01
C ALA D 799 40.88 -19.85 11.39
N LEU D 800 40.22 -20.60 10.52
CA LEU D 800 39.95 -22.00 10.81
C LEU D 800 41.25 -22.81 10.88
N LEU D 801 42.19 -22.55 9.97
CA LEU D 801 43.46 -23.27 9.98
C LEU D 801 44.30 -22.86 11.18
N SER D 802 44.29 -21.57 11.54
CA SER D 802 45.06 -21.11 12.69
C SER D 802 44.59 -21.76 13.98
N LEU D 803 43.27 -21.85 14.15
CA LEU D 803 42.72 -22.50 15.35
C LEU D 803 43.05 -23.98 15.37
N ALA D 804 42.93 -24.65 14.22
CA ALA D 804 43.18 -26.09 14.17
C ALA D 804 44.64 -26.41 14.44
N MET D 805 45.55 -25.67 13.81
CA MET D 805 46.98 -25.90 14.01
C MET D 805 47.48 -25.31 15.33
N GLY D 806 46.77 -24.34 15.90
CA GLY D 806 47.19 -23.71 17.13
C GLY D 806 48.27 -22.67 16.97
N ARG D 807 48.66 -22.35 15.73
CA ARG D 807 49.71 -21.37 15.47
C ARG D 807 49.11 -20.02 15.14
N PRO D 808 49.49 -18.97 15.85
CA PRO D 808 48.99 -17.63 15.50
C PRO D 808 49.48 -17.18 14.14
N VAL D 809 48.65 -16.38 13.47
CA VAL D 809 48.98 -15.86 12.15
C VAL D 809 49.99 -14.73 12.29
N ARG D 810 50.71 -14.45 11.21
CA ARG D 810 51.71 -13.38 11.20
C ARG D 810 51.09 -12.06 11.66
N GLN D 811 51.80 -11.36 12.54
CA GLN D 811 51.30 -10.13 13.11
C GLN D 811 51.22 -9.03 12.07
N ASN D 812 50.22 -8.16 12.24
CA ASN D 812 50.01 -7.00 11.36
C ASN D 812 49.84 -7.43 9.91
N LEU D 813 49.14 -8.53 9.69
CA LEU D 813 48.86 -9.06 8.37
C LEU D 813 47.36 -9.00 8.09
N ALA D 814 47.00 -8.43 6.95
CA ALA D 814 45.61 -8.33 6.53
C ALA D 814 45.45 -8.96 5.15
N MET D 815 44.27 -9.54 4.92
CA MET D 815 44.01 -10.22 3.67
C MET D 815 42.54 -10.09 3.30
N THR D 816 42.27 -10.21 2.00
CA THR D 816 40.89 -10.20 1.50
C THR D 816 40.87 -10.92 0.16
N GLY D 817 39.69 -11.41 -0.19
CA GLY D 817 39.55 -12.13 -1.45
C GLY D 817 38.63 -13.33 -1.36
N GLU D 818 37.75 -13.47 -2.35
CA GLU D 818 36.84 -14.61 -2.38
C GLU D 818 37.58 -15.88 -2.74
N VAL D 819 37.23 -16.98 -2.08
CA VAL D 819 37.86 -18.27 -2.30
C VAL D 819 36.79 -19.29 -2.66
N SER D 820 37.11 -20.12 -3.65
CA SER D 820 36.28 -21.26 -3.99
C SER D 820 36.70 -22.48 -3.18
N LEU D 821 35.83 -23.50 -3.17
CA LEU D 821 36.12 -24.68 -2.38
C LEU D 821 37.28 -25.50 -2.92
N THR D 822 37.75 -25.21 -4.14
CA THR D 822 38.98 -25.81 -4.65
C THR D 822 40.21 -25.01 -4.28
N GLY D 823 40.05 -23.83 -3.66
CA GLY D 823 41.16 -23.03 -3.20
C GLY D 823 41.56 -21.88 -4.10
N LYS D 824 40.82 -21.64 -5.18
CA LYS D 824 41.16 -20.57 -6.11
C LYS D 824 40.71 -19.23 -5.56
N ILE D 825 41.65 -18.30 -5.41
CA ILE D 825 41.34 -16.98 -4.90
C ILE D 825 40.76 -16.13 -6.02
N LEU D 826 39.61 -15.53 -5.77
CA LEU D 826 38.91 -14.73 -6.76
C LEU D 826 39.03 -13.25 -6.45
N PRO D 827 39.00 -12.39 -7.47
CA PRO D 827 39.12 -10.94 -7.21
C PRO D 827 37.91 -10.41 -6.46
N VAL D 828 38.15 -9.32 -5.72
CA VAL D 828 37.10 -8.64 -4.97
C VAL D 828 37.16 -7.16 -5.30
N GLY D 829 36.01 -6.49 -5.12
CA GLY D 829 35.90 -5.08 -5.39
C GLY D 829 36.31 -4.22 -4.20
N GLY D 830 36.32 -2.92 -4.42
CA GLY D 830 36.67 -1.97 -3.37
C GLY D 830 38.09 -2.10 -2.88
N ILE D 831 39.03 -2.41 -3.77
CA ILE D 831 40.42 -2.53 -3.37
C ILE D 831 40.97 -1.18 -2.93
N LYS D 832 40.57 -0.11 -3.61
CA LYS D 832 41.08 1.22 -3.29
C LYS D 832 40.66 1.65 -1.88
N GLU D 833 39.41 1.38 -1.51
CA GLU D 833 38.95 1.71 -0.17
C GLU D 833 39.57 0.80 0.88
N LYS D 834 39.71 -0.48 0.56
CA LYS D 834 40.30 -1.42 1.52
C LYS D 834 41.76 -1.05 1.82
N THR D 835 42.51 -0.66 0.80
CA THR D 835 43.91 -0.30 1.01
C THR D 835 44.04 0.94 1.89
N ILE D 836 43.19 1.94 1.68
CA ILE D 836 43.23 3.15 2.49
C ILE D 836 42.93 2.82 3.94
N ALA D 837 41.91 2.00 4.18
CA ALA D 837 41.59 1.59 5.55
C ALA D 837 42.70 0.76 6.17
N ALA D 838 43.45 0.03 5.35
CA ALA D 838 44.56 -0.76 5.87
C ALA D 838 45.67 0.13 6.41
N LYS D 839 45.95 1.24 5.73
CA LYS D 839 46.99 2.15 6.19
C LYS D 839 46.65 2.76 7.54
N ARG D 840 45.40 3.18 7.72
CA ARG D 840 45.00 3.77 8.99
C ARG D 840 45.10 2.77 10.14
N ALA D 841 44.98 1.48 9.83
CA ALA D 841 45.19 0.44 10.84
C ALA D 841 46.66 0.08 11.02
N GLY D 842 47.54 0.69 10.24
CA GLY D 842 48.96 0.41 10.33
C GLY D 842 49.33 -0.99 9.91
N VAL D 843 48.77 -1.44 8.79
CA VAL D 843 49.02 -2.78 8.27
C VAL D 843 50.27 -2.74 7.39
N THR D 844 51.20 -3.66 7.64
CA THR D 844 52.44 -3.72 6.88
C THR D 844 52.29 -4.56 5.61
N CYS D 845 51.88 -5.82 5.76
CA CYS D 845 51.73 -6.74 4.65
C CYS D 845 50.26 -6.97 4.36
N ILE D 846 49.87 -6.83 3.10
CA ILE D 846 48.49 -7.03 2.66
C ILE D 846 48.49 -8.05 1.54
N VAL D 847 47.59 -9.03 1.61
CA VAL D 847 47.46 -10.08 0.63
C VAL D 847 46.23 -9.83 -0.21
N LEU D 848 46.39 -9.79 -1.53
CA LEU D 848 45.30 -9.52 -2.45
C LEU D 848 45.28 -10.59 -3.54
N PRO D 849 44.12 -10.81 -4.15
CA PRO D 849 44.06 -11.75 -5.29
C PRO D 849 44.90 -11.23 -6.46
N ALA D 850 45.47 -12.18 -7.20
CA ALA D 850 46.32 -11.82 -8.33
C ALA D 850 45.55 -11.08 -9.41
N GLU D 851 44.24 -11.24 -9.48
CA GLU D 851 43.43 -10.53 -10.47
C GLU D 851 43.16 -9.09 -10.07
N ASN D 852 43.55 -8.68 -8.87
CA ASN D 852 43.40 -7.31 -8.40
C ASN D 852 44.69 -6.51 -8.51
N LYS D 853 45.66 -7.00 -9.30
CA LYS D 853 46.92 -6.29 -9.45
C LYS D 853 46.73 -4.95 -10.13
N LYS D 854 45.84 -4.88 -11.12
CA LYS D 854 45.59 -3.62 -11.82
C LYS D 854 44.94 -2.58 -10.92
N ASP D 855 44.28 -3.01 -9.83
CA ASP D 855 43.64 -2.06 -8.93
C ASP D 855 44.62 -1.52 -7.90
N PHE D 856 45.54 -2.36 -7.42
CA PHE D 856 46.50 -1.92 -6.41
C PHE D 856 47.53 -0.97 -7.02
N TYR D 857 47.99 -1.25 -8.23
CA TYR D 857 49.03 -0.45 -8.86
C TYR D 857 48.47 0.78 -9.57
N ASP D 858 47.16 0.97 -9.58
CA ASP D 858 46.53 2.19 -10.05
C ASP D 858 46.32 3.18 -8.92
N LEU D 859 46.80 2.87 -7.72
CA LEU D 859 46.64 3.72 -6.56
C LEU D 859 47.63 4.88 -6.62
N ALA D 860 47.54 5.77 -5.62
CA ALA D 860 48.49 6.85 -5.50
C ALA D 860 49.85 6.30 -5.05
N ALA D 861 50.90 7.08 -5.32
CA ALA D 861 52.25 6.63 -4.98
C ALA D 861 52.42 6.45 -3.48
N PHE D 862 51.93 7.41 -2.69
CA PHE D 862 52.16 7.38 -1.26
C PHE D 862 51.32 6.30 -0.56
N ILE D 863 50.15 5.97 -1.13
CA ILE D 863 49.27 4.98 -0.50
C ILE D 863 49.96 3.62 -0.46
N THR D 864 50.58 3.22 -1.57
CA THR D 864 51.23 1.92 -1.65
C THR D 864 52.57 1.86 -0.93
N GLU D 865 53.13 3.01 -0.55
CA GLU D 865 54.42 3.03 0.13
C GLU D 865 54.31 2.37 1.51
N GLY D 866 55.32 1.58 1.85
CA GLY D 866 55.35 0.89 3.13
C GLY D 866 54.53 -0.37 3.21
N LEU D 867 53.89 -0.79 2.12
CA LEU D 867 53.05 -1.98 2.10
C LEU D 867 53.78 -3.11 1.40
N GLU D 868 53.90 -4.25 2.08
CA GLU D 868 54.47 -5.45 1.49
C GLU D 868 53.33 -6.23 0.83
N VAL D 869 52.88 -5.72 -0.31
CA VAL D 869 51.72 -6.29 -0.99
C VAL D 869 52.07 -7.65 -1.56
N HIS D 870 51.12 -8.57 -1.51
CA HIS D 870 51.26 -9.90 -2.10
C HIS D 870 50.06 -10.19 -2.98
N PHE D 871 50.32 -10.76 -4.15
CA PHE D 871 49.27 -11.16 -5.08
C PHE D 871 49.32 -12.67 -5.25
N VAL D 872 48.17 -13.31 -5.04
CA VAL D 872 48.10 -14.77 -5.00
C VAL D 872 46.98 -15.25 -5.92
N GLU D 873 47.15 -16.48 -6.41
CA GLU D 873 46.15 -17.15 -7.24
C GLU D 873 45.43 -18.25 -6.49
N HIS D 874 46.16 -19.11 -5.80
CA HIS D 874 45.60 -20.18 -5.00
C HIS D 874 45.90 -19.94 -3.53
N TYR D 875 45.10 -20.58 -2.67
CA TYR D 875 45.26 -20.37 -1.24
C TYR D 875 46.56 -20.95 -0.70
N ARG D 876 47.15 -21.94 -1.39
CA ARG D 876 48.39 -22.53 -0.92
C ARG D 876 49.51 -21.51 -0.82
N GLU D 877 49.42 -20.43 -1.61
CA GLU D 877 50.40 -19.35 -1.49
C GLU D 877 50.15 -18.52 -0.23
N ILE D 878 48.89 -18.32 0.13
CA ILE D 878 48.58 -17.57 1.34
C ILE D 878 49.01 -18.34 2.58
N PHE D 879 48.87 -19.67 2.55
CA PHE D 879 49.25 -20.48 3.71
C PHE D 879 50.74 -20.34 4.02
N ASP D 880 51.59 -20.33 2.99
CA ASP D 880 53.01 -20.13 3.22
C ASP D 880 53.30 -18.74 3.76
N ILE D 881 52.59 -17.72 3.24
CA ILE D 881 52.81 -16.35 3.70
C ILE D 881 52.36 -16.20 5.15
N ALA D 882 51.17 -16.69 5.48
CA ALA D 882 50.64 -16.53 6.83
C ALA D 882 51.37 -17.42 7.83
N PHE D 883 51.90 -18.56 7.38
CA PHE D 883 52.59 -19.51 8.25
C PHE D 883 53.97 -19.78 7.65
N PRO D 884 54.96 -18.94 7.95
CA PRO D 884 56.28 -19.09 7.35
C PRO D 884 57.14 -20.19 7.94
N ASP D 885 56.57 -21.11 8.72
CA ASP D 885 57.34 -22.19 9.32
C ASP D 885 57.96 -23.09 8.25
N GLU E 346 -17.35 53.51 -5.39
CA GLU E 346 -17.11 52.16 -5.88
C GLU E 346 -15.64 51.96 -6.23
N LYS E 347 -15.19 52.62 -7.30
CA LYS E 347 -13.80 52.52 -7.70
C LYS E 347 -12.87 53.22 -6.70
N ASP E 348 -13.34 54.31 -6.08
CA ASP E 348 -12.52 55.00 -5.09
C ASP E 348 -12.24 54.11 -3.89
N ASP E 349 -13.16 53.21 -3.55
CA ASP E 349 -12.90 52.25 -2.48
C ASP E 349 -11.75 51.33 -2.84
N LYS E 350 -11.70 50.87 -4.09
CA LYS E 350 -10.59 50.03 -4.53
C LYS E 350 -9.27 50.78 -4.48
N ASP E 351 -9.27 52.06 -4.85
CA ASP E 351 -8.07 52.86 -4.73
C ASP E 351 -7.62 52.99 -3.29
N ALA E 352 -8.57 53.19 -2.37
CA ALA E 352 -8.22 53.22 -0.95
C ALA E 352 -7.70 51.87 -0.48
N ILE E 353 -8.24 50.78 -1.04
CA ILE E 353 -7.72 49.44 -0.74
C ILE E 353 -6.27 49.32 -1.18
N GLU E 354 -5.96 49.79 -2.39
CA GLU E 354 -4.59 49.75 -2.89
C GLU E 354 -3.68 50.67 -2.09
N GLU E 355 -4.19 51.85 -1.71
CA GLU E 355 -3.35 52.83 -1.01
C GLU E 355 -2.88 52.30 0.35
N LYS E 356 -3.78 51.63 1.08
CA LYS E 356 -3.42 51.15 2.41
C LYS E 356 -2.32 50.10 2.35
N PHE E 357 -2.40 49.18 1.37
CA PHE E 357 -1.40 48.13 1.26
C PHE E 357 -0.06 48.67 0.78
N ARG E 358 -0.07 49.71 -0.05
CA ARG E 358 1.17 50.35 -0.44
C ARG E 358 1.85 51.00 0.75
N GLU E 359 1.06 51.61 1.64
CA GLU E 359 1.62 52.23 2.84
C GLU E 359 2.26 51.19 3.76
N ARG E 360 1.64 50.02 3.88
CA ARG E 360 2.12 49.01 4.81
C ARG E 360 3.41 48.33 4.34
N LEU E 361 3.80 48.54 3.08
CA LEU E 361 5.08 48.06 2.57
C LEU E 361 6.19 49.10 2.69
N LYS E 362 5.88 50.32 3.16
CA LYS E 362 6.87 51.38 3.18
C LYS E 362 8.02 51.08 4.14
N GLU E 363 7.69 50.56 5.34
CA GLU E 363 8.72 50.34 6.35
C GLU E 363 9.58 49.11 6.05
N LEU E 364 9.03 48.12 5.36
CA LEU E 364 9.77 46.89 5.10
C LEU E 364 10.82 47.12 4.02
N VAL E 365 11.84 46.26 4.04
CA VAL E 365 12.90 46.27 3.02
C VAL E 365 12.58 45.12 2.09
N VAL E 366 11.84 45.41 1.03
CA VAL E 366 11.35 44.38 0.11
C VAL E 366 12.37 44.13 -1.00
N PRO E 367 12.69 42.86 -1.28
CA PRO E 367 13.52 42.57 -2.45
C PRO E 367 12.81 42.90 -3.75
N LYS E 368 13.60 43.01 -4.81
CA LYS E 368 13.06 43.42 -6.10
C LYS E 368 12.05 42.41 -6.63
N HIS E 369 12.33 41.12 -6.48
CA HIS E 369 11.40 40.11 -6.96
C HIS E 369 10.10 40.11 -6.18
N VAL E 370 10.11 40.61 -4.94
CA VAL E 370 8.87 40.77 -4.19
C VAL E 370 8.03 41.90 -4.77
N MET E 371 8.66 43.02 -5.12
CA MET E 371 7.92 44.19 -5.58
C MET E 371 7.18 43.91 -6.89
N ASP E 372 7.85 43.26 -7.84
CA ASP E 372 7.23 43.04 -9.15
C ASP E 372 6.00 42.14 -9.03
N VAL E 373 6.08 41.12 -8.17
CA VAL E 373 4.91 40.28 -7.90
C VAL E 373 3.81 41.12 -7.25
N VAL E 374 4.17 41.94 -6.26
CA VAL E 374 3.19 42.81 -5.63
C VAL E 374 2.66 43.84 -6.61
N ASP E 375 3.55 44.43 -7.42
CA ASP E 375 3.11 45.45 -8.37
C ASP E 375 2.16 44.88 -9.41
N GLU E 376 2.46 43.68 -9.93
CA GLU E 376 1.62 43.10 -10.96
C GLU E 376 0.27 42.65 -10.40
N GLU E 377 0.24 42.17 -9.16
CA GLU E 377 -1.04 41.79 -8.54
C GLU E 377 -1.89 43.01 -8.22
N LEU E 378 -1.24 44.14 -7.91
CA LEU E 378 -2.00 45.37 -7.69
C LEU E 378 -2.73 45.81 -8.96
N SER E 379 -2.07 45.68 -10.11
CA SER E 379 -2.73 46.00 -11.38
C SER E 379 -3.89 45.04 -11.64
N LYS E 380 -3.70 43.75 -11.35
CA LYS E 380 -4.79 42.80 -11.50
C LYS E 380 -5.95 43.14 -10.55
N LEU E 381 -5.63 43.52 -9.31
CA LEU E 381 -6.67 43.91 -8.37
C LEU E 381 -7.41 45.16 -8.85
N GLY E 382 -6.69 46.08 -9.51
CA GLY E 382 -7.34 47.28 -10.00
C GLY E 382 -8.34 47.02 -11.11
N LEU E 383 -8.02 46.09 -12.00
CA LEU E 383 -8.89 45.80 -13.14
C LEU E 383 -10.01 44.83 -12.82
N LEU E 384 -10.04 44.27 -11.61
CA LEU E 384 -11.08 43.33 -11.24
C LEU E 384 -12.33 44.08 -10.79
N ASP E 385 -13.28 43.34 -10.20
CA ASP E 385 -14.50 43.92 -9.66
C ASP E 385 -14.61 43.58 -8.18
N ASN E 386 -15.36 44.42 -7.46
CA ASN E 386 -15.45 44.27 -6.01
C ASN E 386 -16.08 42.94 -5.62
N HIS E 387 -17.15 42.53 -6.31
CA HIS E 387 -17.87 41.31 -6.00
C HIS E 387 -17.36 40.09 -6.77
N SER E 388 -16.09 40.10 -7.16
CA SER E 388 -15.51 38.98 -7.89
C SER E 388 -14.88 37.99 -6.92
N SER E 389 -15.06 36.69 -7.18
CA SER E 389 -14.47 35.67 -6.33
C SER E 389 -12.95 35.72 -6.37
N GLU E 390 -12.37 35.89 -7.57
CA GLU E 390 -10.92 35.99 -7.69
C GLU E 390 -10.39 37.28 -7.12
N PHE E 391 -11.22 38.32 -7.03
CA PHE E 391 -10.81 39.56 -6.37
C PHE E 391 -10.48 39.31 -4.91
N ASN E 392 -11.29 38.50 -4.23
CA ASN E 392 -10.97 38.12 -2.85
C ASN E 392 -9.70 37.30 -2.80
N VAL E 393 -9.49 36.40 -3.77
CA VAL E 393 -8.27 35.61 -3.82
C VAL E 393 -7.06 36.53 -4.01
N THR E 394 -7.18 37.49 -4.93
CA THR E 394 -6.10 38.46 -5.12
C THR E 394 -5.89 39.30 -3.87
N ARG E 395 -6.99 39.72 -3.23
CA ARG E 395 -6.88 40.48 -1.99
C ARG E 395 -6.26 39.65 -0.89
N ASN E 396 -6.65 38.38 -0.77
CA ASN E 396 -6.08 37.51 0.25
C ASN E 396 -4.60 37.26 0.01
N TYR E 397 -4.23 37.00 -1.25
CA TYR E 397 -2.82 36.77 -1.57
C TYR E 397 -1.99 38.02 -1.33
N LEU E 398 -2.49 39.19 -1.73
CA LEU E 398 -1.73 40.41 -1.58
C LEU E 398 -1.61 40.82 -0.12
N ASP E 399 -2.64 40.51 0.68
CA ASP E 399 -2.56 40.77 2.11
C ASP E 399 -1.44 39.96 2.75
N TRP E 400 -1.29 38.70 2.37
CA TRP E 400 -0.24 37.86 2.95
C TRP E 400 1.15 38.38 2.59
N LEU E 401 1.34 38.80 1.33
CA LEU E 401 2.65 39.25 0.89
C LEU E 401 3.10 40.47 1.70
N THR E 402 2.22 41.44 1.89
CA THR E 402 2.59 42.64 2.63
C THR E 402 2.73 42.36 4.12
N SER E 403 1.90 41.45 4.65
CA SER E 403 1.97 41.14 6.07
C SER E 403 3.30 40.48 6.43
N ILE E 404 3.86 39.68 5.51
CA ILE E 404 5.15 39.06 5.78
C ILE E 404 6.21 40.14 5.91
N PRO E 405 7.04 40.12 6.96
CA PRO E 405 8.09 41.14 7.08
C PRO E 405 9.21 40.91 6.08
N TRP E 406 9.70 42.01 5.51
CA TRP E 406 10.77 41.98 4.53
C TRP E 406 11.91 42.86 5.03
N GLY E 407 13.06 42.25 5.31
CA GLY E 407 14.20 43.00 5.79
C GLY E 407 14.11 43.44 7.23
N LYS E 408 13.11 42.97 7.97
CA LYS E 408 12.92 43.34 9.38
C LYS E 408 13.49 42.24 10.26
N TYR E 409 14.54 42.57 10.99
CA TYR E 409 15.17 41.65 11.94
C TYR E 409 14.98 42.17 13.35
N SER E 410 14.59 41.29 14.26
CA SER E 410 14.42 41.67 15.66
C SER E 410 15.78 42.02 16.27
N ASN E 411 15.76 42.97 17.21
CA ASN E 411 16.98 43.39 17.87
C ASN E 411 17.48 42.28 18.80
N GLU E 412 18.64 41.73 18.48
CA GLU E 412 19.20 40.62 19.24
C GLU E 412 19.88 41.11 20.51
N ASN E 413 20.10 40.19 21.43
CA ASN E 413 20.85 40.45 22.65
C ASN E 413 22.24 39.82 22.51
N LEU E 414 23.27 40.66 22.53
CA LEU E 414 24.64 40.21 22.28
C LEU E 414 25.53 40.52 23.48
N ASP E 415 25.03 40.23 24.69
CA ASP E 415 25.81 40.39 25.92
C ASP E 415 25.86 39.05 26.63
N LEU E 416 27.07 38.53 26.86
CA LEU E 416 27.21 37.23 27.49
C LEU E 416 26.75 37.25 28.94
N ALA E 417 27.02 38.34 29.66
CA ALA E 417 26.72 38.39 31.08
C ALA E 417 25.22 38.26 31.36
N ARG E 418 24.41 39.09 30.69
CA ARG E 418 22.97 39.05 30.94
C ARG E 418 22.35 37.80 30.35
N ALA E 419 22.86 37.34 29.19
CA ALA E 419 22.31 36.14 28.58
C ALA E 419 22.55 34.90 29.45
N GLN E 420 23.76 34.79 30.01
CA GLN E 420 24.04 33.67 30.90
C GLN E 420 23.17 33.73 32.15
N ALA E 421 22.99 34.93 32.71
CA ALA E 421 22.14 35.07 33.88
C ALA E 421 20.69 34.68 33.57
N VAL E 422 20.19 35.08 32.40
CA VAL E 422 18.83 34.73 32.00
C VAL E 422 18.68 33.22 31.89
N LEU E 423 19.67 32.55 31.27
CA LEU E 423 19.59 31.11 31.09
C LEU E 423 19.62 30.37 32.42
N GLU E 424 20.44 30.83 33.37
CA GLU E 424 20.55 30.15 34.65
C GLU E 424 19.25 30.19 35.44
N GLU E 425 18.56 31.34 35.42
CA GLU E 425 17.32 31.45 36.18
C GLU E 425 16.22 30.56 35.61
N ASP E 426 16.20 30.35 34.30
CA ASP E 426 15.10 29.64 33.68
C ASP E 426 15.17 28.14 33.95
N HIS E 427 16.36 27.56 33.89
CA HIS E 427 16.49 26.11 33.95
C HIS E 427 17.67 25.73 34.84
N TYR E 428 17.65 24.48 35.28
CA TYR E 428 18.70 23.91 36.12
C TYR E 428 19.51 22.91 35.31
N GLY E 429 20.83 22.97 35.46
CA GLY E 429 21.68 22.07 34.70
C GLY E 429 21.76 22.48 33.23
N MET E 430 21.75 21.48 32.36
CA MET E 430 21.81 21.70 30.90
C MET E 430 23.05 22.49 30.51
N GLU E 431 24.20 22.15 31.12
CA GLU E 431 25.42 22.90 30.86
C GLU E 431 25.88 22.74 29.41
N ASP E 432 25.66 21.57 28.81
CA ASP E 432 26.04 21.38 27.40
C ASP E 432 25.27 22.31 26.49
N VAL E 433 23.96 22.47 26.72
CA VAL E 433 23.17 23.39 25.93
C VAL E 433 23.57 24.84 26.21
N LYS E 434 23.78 25.17 27.49
CA LYS E 434 24.12 26.54 27.85
C LYS E 434 25.46 26.97 27.26
N LYS E 435 26.44 26.05 27.25
CA LYS E 435 27.73 26.39 26.67
C LYS E 435 27.61 26.68 25.18
N ARG E 436 26.78 25.92 24.46
CA ARG E 436 26.62 26.15 23.04
C ARG E 436 25.97 27.50 22.75
N ILE E 437 24.98 27.88 23.57
CA ILE E 437 24.31 29.15 23.36
C ILE E 437 25.25 30.32 23.63
N LEU E 438 26.06 30.20 24.70
CA LEU E 438 27.05 31.25 24.97
C LEU E 438 28.06 31.35 23.84
N GLU E 439 28.47 30.21 23.27
CA GLU E 439 29.34 30.23 22.10
C GLU E 439 28.63 30.81 20.88
N PHE E 440 27.32 30.59 20.78
CA PHE E 440 26.56 31.16 19.67
C PHE E 440 26.58 32.67 19.69
N ILE E 441 26.44 33.27 20.87
CA ILE E 441 26.41 34.73 20.97
C ILE E 441 27.79 35.31 20.66
N ALA E 442 28.86 34.65 21.14
CA ALA E 442 30.21 35.16 20.91
C ALA E 442 30.55 35.17 19.43
N VAL E 443 30.09 34.16 18.69
CA VAL E 443 30.34 34.12 17.25
C VAL E 443 29.67 35.30 16.57
N SER E 444 28.45 35.63 16.98
CA SER E 444 27.72 36.74 16.38
C SER E 444 28.43 38.07 16.60
N GLN E 445 29.14 38.22 17.72
CA GLN E 445 29.85 39.47 17.99
C GLN E 445 31.03 39.65 17.03
N LEU E 446 31.80 38.59 16.81
CA LEU E 446 32.93 38.68 15.88
C LEU E 446 32.46 38.98 14.46
N ARG E 447 31.38 38.31 14.03
CA ARG E 447 30.86 38.56 12.70
C ARG E 447 30.33 39.97 12.55
N GLY E 448 29.76 40.53 13.62
CA GLY E 448 29.16 41.84 13.57
C GLY E 448 27.75 41.88 13.06
N SER E 449 27.20 40.73 12.65
CA SER E 449 25.84 40.65 12.15
C SER E 449 25.20 39.36 12.66
N THR E 450 23.87 39.37 12.70
CA THR E 450 23.14 38.20 13.16
C THR E 450 23.38 37.01 12.23
N GLN E 451 23.43 35.82 12.81
CA GLN E 451 23.63 34.60 12.06
C GLN E 451 22.75 33.50 12.62
N GLY E 452 22.47 32.51 11.78
CA GLY E 452 21.61 31.40 12.16
C GLY E 452 22.33 30.07 12.19
N LYS E 453 21.84 29.13 13.00
CA LYS E 453 22.44 27.81 13.11
C LYS E 453 21.35 26.77 13.27
N ILE E 454 21.69 25.53 12.95
CA ILE E 454 20.80 24.39 13.10
C ILE E 454 21.32 23.54 14.25
N LEU E 455 20.53 23.43 15.31
CA LEU E 455 20.92 22.71 16.51
C LEU E 455 19.90 21.61 16.80
N CYS E 456 20.38 20.54 17.43
CA CYS E 456 19.55 19.40 17.78
C CYS E 456 19.69 19.10 19.26
N PHE E 457 18.56 18.95 19.95
CA PHE E 457 18.53 18.56 21.35
C PHE E 457 17.85 17.19 21.42
N TYR E 458 18.62 16.16 21.76
CA TYR E 458 18.10 14.81 21.87
C TYR E 458 18.31 14.28 23.27
N GLY E 459 17.30 13.59 23.79
CA GLY E 459 17.35 13.04 25.12
C GLY E 459 16.04 12.41 25.54
N PRO E 460 15.97 11.96 26.80
CA PRO E 460 14.74 11.34 27.28
C PRO E 460 13.60 12.33 27.28
N PRO E 461 12.36 11.86 27.11
CA PRO E 461 11.22 12.78 27.09
C PRO E 461 10.99 13.43 28.44
N GLY E 462 10.49 14.67 28.41
CA GLY E 462 10.19 15.40 29.61
C GLY E 462 11.40 15.94 30.34
N VAL E 463 12.59 15.86 29.75
CA VAL E 463 13.79 16.30 30.43
C VAL E 463 13.95 17.82 30.37
N GLY E 464 13.44 18.46 29.31
CA GLY E 464 13.55 19.90 29.21
C GLY E 464 13.97 20.40 27.84
N LYS E 465 13.94 19.51 26.84
CA LYS E 465 14.36 19.89 25.50
C LYS E 465 13.49 20.99 24.92
N THR E 466 12.17 20.88 25.08
CA THR E 466 11.27 21.90 24.54
C THR E 466 11.29 23.16 25.40
N SER E 467 11.39 23.01 26.72
CA SER E 467 11.32 24.16 27.61
C SER E 467 12.55 25.04 27.49
N ILE E 468 13.73 24.44 27.28
CA ILE E 468 14.96 25.23 27.22
C ILE E 468 14.96 26.14 26.01
N ALA E 469 14.37 25.71 24.89
CA ALA E 469 14.36 26.54 23.69
C ALA E 469 13.55 27.82 23.92
N ARG E 470 12.46 27.72 24.70
CA ARG E 470 11.72 28.93 25.05
C ARG E 470 12.57 29.89 25.86
N SER E 471 13.39 29.34 26.77
CA SER E 471 14.32 30.18 27.51
C SER E 471 15.38 30.77 26.60
N ILE E 472 15.80 30.02 25.57
CA ILE E 472 16.78 30.53 24.63
C ILE E 472 16.26 31.75 23.89
N ALA E 473 14.99 31.70 23.47
CA ALA E 473 14.42 32.82 22.72
C ALA E 473 14.41 34.11 23.54
N ARG E 474 14.04 34.02 24.82
CA ARG E 474 14.01 35.22 25.64
C ARG E 474 15.42 35.75 25.92
N ALA E 475 16.40 34.86 26.05
CA ALA E 475 17.77 35.30 26.28
C ALA E 475 18.32 36.02 25.05
N LEU E 476 17.91 35.60 23.86
CA LEU E 476 18.34 36.21 22.62
C LEU E 476 17.40 37.30 22.12
N ASN E 477 16.32 37.58 22.85
CA ASN E 477 15.31 38.57 22.47
C ASN E 477 14.64 38.23 21.15
N ARG E 478 14.64 36.96 20.75
CA ARG E 478 14.00 36.54 19.52
C ARG E 478 12.52 36.26 19.76
N GLU E 479 11.83 35.83 18.70
CA GLU E 479 10.43 35.46 18.78
C GLU E 479 10.33 33.94 18.66
N TYR E 480 9.55 33.34 19.54
CA TYR E 480 9.46 31.89 19.64
C TYR E 480 8.24 31.39 18.85
N PHE E 481 8.47 30.38 18.01
CA PHE E 481 7.40 29.70 17.29
C PHE E 481 7.69 28.21 17.31
N ARG E 482 6.66 27.41 17.51
CA ARG E 482 6.81 25.97 17.66
C ARG E 482 5.85 25.24 16.74
N PHE E 483 6.34 24.20 16.07
CA PHE E 483 5.51 23.28 15.33
C PHE E 483 6.14 21.90 15.40
N SER E 484 5.30 20.87 15.33
CA SER E 484 5.73 19.49 15.49
C SER E 484 5.62 18.74 14.17
N VAL E 485 6.54 17.79 13.98
CA VAL E 485 6.57 16.95 12.79
C VAL E 485 6.48 15.47 13.17
N GLY E 486 5.92 15.16 14.34
CA GLY E 486 5.79 13.77 14.75
C GLY E 486 4.89 12.98 13.84
N GLY E 487 5.47 12.09 13.03
CA GLY E 487 4.70 11.31 12.09
C GLY E 487 4.03 12.14 11.02
N MET E 488 4.79 13.00 10.34
CA MET E 488 4.22 13.83 9.30
C MET E 488 3.69 12.98 8.16
N THR E 489 2.60 13.44 7.54
CA THR E 489 1.97 12.69 6.46
C THR E 489 1.78 13.57 5.22
N ASP E 490 1.60 14.86 5.41
CA ASP E 490 1.33 15.79 4.31
C ASP E 490 2.46 16.81 4.22
N VAL E 491 3.00 16.95 3.00
CA VAL E 491 4.01 17.98 2.75
C VAL E 491 3.40 19.37 2.66
N ALA E 492 2.06 19.46 2.57
CA ALA E 492 1.40 20.75 2.46
C ALA E 492 1.50 21.56 3.75
N GLU E 493 1.81 20.93 4.88
CA GLU E 493 1.96 21.68 6.13
C GLU E 493 3.11 22.68 6.05
N ILE E 494 4.25 22.25 5.48
CA ILE E 494 5.42 23.10 5.47
C ILE E 494 5.24 24.27 4.50
N LYS E 495 4.74 23.99 3.30
CA LYS E 495 4.72 24.99 2.23
C LYS E 495 3.31 25.39 1.79
N GLY E 496 2.28 24.97 2.52
CA GLY E 496 0.93 25.40 2.18
C GLY E 496 0.41 24.76 0.90
N HIS E 497 -0.68 25.33 0.41
CA HIS E 497 -1.31 24.91 -0.84
C HIS E 497 -1.04 25.94 -1.93
N ARG E 498 -1.28 25.52 -3.17
CA ARG E 498 -1.12 26.41 -4.30
C ARG E 498 -2.15 27.53 -4.26
N ARG E 499 -1.77 28.69 -4.76
CA ARG E 499 -2.62 29.88 -4.72
C ARG E 499 -3.91 29.72 -5.51
N THR E 500 -3.95 28.82 -6.48
CA THR E 500 -5.15 28.65 -7.29
C THR E 500 -6.23 27.89 -6.53
N TYR E 501 -5.83 27.02 -5.60
CA TYR E 501 -6.80 26.26 -4.81
C TYR E 501 -7.70 27.21 -4.01
N VAL E 502 -8.99 26.88 -3.95
CA VAL E 502 -9.94 27.68 -3.20
C VAL E 502 -9.69 27.51 -1.71
N GLY E 503 -9.69 28.62 -0.98
CA GLY E 503 -9.45 28.57 0.45
C GLY E 503 -8.07 28.08 0.82
N ALA E 504 -7.06 28.40 0.01
CA ALA E 504 -5.70 27.96 0.28
C ALA E 504 -5.06 28.85 1.35
N MET E 505 -4.01 28.31 1.96
CA MET E 505 -3.28 29.02 3.01
C MET E 505 -1.78 28.83 2.79
N PRO E 506 -0.97 29.79 3.22
CA PRO E 506 0.48 29.62 3.14
C PRO E 506 0.97 28.59 4.13
N GLY E 507 2.25 28.21 3.97
CA GLY E 507 2.84 27.23 4.85
C GLY E 507 2.99 27.74 6.27
N LYS E 508 3.17 26.79 7.20
CA LYS E 508 3.30 27.14 8.61
C LYS E 508 4.52 28.03 8.85
N ILE E 509 5.61 27.81 8.12
CA ILE E 509 6.78 28.67 8.24
C ILE E 509 6.42 30.08 7.79
N ILE E 510 5.71 30.21 6.67
CA ILE E 510 5.28 31.54 6.22
C ILE E 510 4.31 32.14 7.21
N GLN E 511 3.41 31.33 7.77
CA GLN E 511 2.50 31.81 8.80
C GLN E 511 3.25 32.25 10.06
N CYS E 512 4.46 31.74 10.27
CA CYS E 512 5.24 32.15 11.43
C CYS E 512 5.72 33.59 11.30
N LEU E 513 6.16 33.99 10.10
CA LEU E 513 6.62 35.36 9.91
C LEU E 513 5.49 36.37 10.11
N LYS E 514 4.25 35.98 9.78
CA LYS E 514 3.12 36.89 9.97
C LYS E 514 2.88 37.14 11.46
N LYS E 515 2.86 36.08 12.26
CA LYS E 515 2.60 36.23 13.69
C LYS E 515 3.79 36.81 14.43
N THR E 516 5.00 36.39 14.07
CA THR E 516 6.20 36.91 14.74
C THR E 516 6.54 38.33 14.27
N LYS E 517 6.12 38.70 13.05
CA LYS E 517 6.34 40.04 12.50
C LYS E 517 7.83 40.37 12.42
N THR E 518 8.68 39.37 12.21
CA THR E 518 10.10 39.58 12.03
C THR E 518 10.67 38.45 11.20
N GLU E 519 11.79 38.72 10.53
CA GLU E 519 12.46 37.74 9.71
C GLU E 519 13.56 37.00 10.45
N ASN E 520 13.67 37.20 11.77
CA ASN E 520 14.67 36.53 12.59
C ASN E 520 13.99 35.89 13.80
N PRO E 521 13.16 34.86 13.58
CA PRO E 521 12.54 34.17 14.72
C PRO E 521 13.33 32.96 15.15
N LEU E 522 12.90 32.32 16.25
CA LEU E 522 13.44 31.05 16.68
C LEU E 522 12.42 29.97 16.35
N ILE E 523 12.82 29.02 15.51
CA ILE E 523 11.92 27.97 15.03
C ILE E 523 12.25 26.68 15.77
N LEU E 524 11.23 26.04 16.33
CA LEU E 524 11.39 24.79 17.06
C LEU E 524 10.69 23.68 16.28
N ILE E 525 11.34 22.52 16.22
CA ILE E 525 10.82 21.34 15.55
C ILE E 525 10.80 20.20 16.56
N ASP E 526 9.67 19.50 16.65
CA ASP E 526 9.47 18.46 17.63
C ASP E 526 9.50 17.08 16.97
N GLU E 527 10.21 16.15 17.59
CA GLU E 527 10.22 14.73 17.22
C GLU E 527 10.71 14.53 15.79
N VAL E 528 11.97 14.92 15.55
CA VAL E 528 12.61 14.59 14.28
C VAL E 528 12.98 13.12 14.19
N ASP E 529 12.95 12.39 15.30
CA ASP E 529 13.16 10.95 15.32
C ASP E 529 11.85 10.18 15.21
N LYS E 530 10.72 10.88 15.04
CA LYS E 530 9.43 10.24 14.85
C LYS E 530 8.84 10.64 13.50
N ILE E 531 9.68 10.61 12.46
CA ILE E 531 9.23 11.02 11.13
C ILE E 531 8.19 10.03 10.61
N GLY E 532 7.25 10.56 9.83
CA GLY E 532 6.24 9.73 9.20
C GLY E 532 6.58 9.40 7.76
N ARG E 533 6.89 8.14 7.49
CA ARG E 533 7.25 7.69 6.14
C ARG E 533 5.98 7.62 5.31
N GLY E 534 5.59 8.77 4.76
CA GLY E 534 4.41 8.82 3.93
C GLY E 534 4.67 8.25 2.54
N TYR E 535 3.59 7.81 1.90
CA TYR E 535 3.64 7.24 0.56
C TYR E 535 3.13 8.19 -0.50
N GLN E 536 1.91 8.71 -0.31
CA GLN E 536 1.37 9.68 -1.26
C GLN E 536 2.12 11.01 -1.19
N GLY E 537 2.67 11.35 -0.02
CA GLY E 537 3.44 12.55 0.14
C GLY E 537 4.56 12.40 1.15
N ASP E 538 5.77 12.83 0.79
CA ASP E 538 6.94 12.69 1.65
C ASP E 538 7.46 14.08 2.02
N PRO E 539 7.11 14.59 3.20
CA PRO E 539 7.63 15.91 3.62
C PRO E 539 9.06 15.89 4.12
N SER E 540 9.73 14.74 4.11
CA SER E 540 11.12 14.69 4.53
C SER E 540 12.03 15.49 3.61
N SER E 541 11.66 15.63 2.34
CA SER E 541 12.47 16.41 1.40
C SER E 541 12.50 17.87 1.81
N ALA E 542 11.37 18.41 2.27
CA ALA E 542 11.33 19.82 2.68
C ALA E 542 12.26 20.09 3.85
N LEU E 543 12.31 19.17 4.82
CA LEU E 543 13.21 19.34 5.95
C LEU E 543 14.67 19.31 5.50
N LEU E 544 15.01 18.40 4.57
CA LEU E 544 16.38 18.33 4.08
C LEU E 544 16.78 19.62 3.37
N GLU E 545 15.86 20.21 2.62
CA GLU E 545 16.13 21.52 2.03
C GLU E 545 16.35 22.58 3.10
N LEU E 546 15.53 22.54 4.17
CA LEU E 546 15.67 23.51 5.24
C LEU E 546 16.94 23.28 6.05
N LEU E 547 17.34 22.02 6.23
CA LEU E 547 18.55 21.73 6.99
C LEU E 547 19.81 22.14 6.23
N ASP E 548 19.79 22.08 4.90
CA ASP E 548 20.96 22.47 4.12
C ASP E 548 21.14 23.98 4.19
N PRO E 549 22.27 24.48 4.72
CA PRO E 549 22.45 25.93 4.79
C PRO E 549 22.43 26.60 3.42
N GLU E 550 22.95 25.94 2.39
CA GLU E 550 22.93 26.52 1.05
C GLU E 550 21.51 26.60 0.51
N GLN E 551 20.71 25.54 0.69
CA GLN E 551 19.32 25.58 0.26
C GLN E 551 18.45 26.38 1.23
N ASN E 552 18.90 26.56 2.47
CA ASN E 552 18.11 27.29 3.45
C ASN E 552 18.01 28.77 3.08
N ALA E 553 19.03 29.31 2.41
CA ALA E 553 19.03 30.73 2.08
C ALA E 553 17.86 31.08 1.16
N ASN E 554 17.59 30.25 0.17
CA ASN E 554 16.50 30.48 -0.78
C ASN E 554 15.44 29.39 -0.55
N PHE E 555 14.33 29.77 0.08
CA PHE E 555 13.24 28.86 0.38
C PHE E 555 12.00 29.32 -0.38
N LEU E 556 11.35 28.38 -1.06
CA LEU E 556 10.17 28.68 -1.87
C LEU E 556 9.00 27.83 -1.39
N ASP E 557 7.80 28.41 -1.46
CA ASP E 557 6.57 27.73 -1.07
C ASP E 557 5.58 27.76 -2.22
N HIS E 558 4.53 26.94 -2.08
CA HIS E 558 3.54 26.83 -3.15
C HIS E 558 2.68 28.08 -3.22
N TYR E 559 2.20 28.57 -2.07
CA TYR E 559 1.29 29.72 -2.08
C TYR E 559 1.99 30.98 -2.56
N LEU E 560 3.21 31.22 -2.09
CA LEU E 560 4.00 32.37 -2.50
C LEU E 560 5.11 31.91 -3.43
N ASP E 561 5.00 32.28 -4.71
CA ASP E 561 6.02 31.88 -5.68
C ASP E 561 7.36 32.53 -5.37
N VAL E 562 7.33 33.73 -4.77
CA VAL E 562 8.58 34.46 -4.49
C VAL E 562 9.38 33.71 -3.44
N PRO E 563 10.70 33.59 -3.59
CA PRO E 563 11.52 32.99 -2.53
C PRO E 563 11.65 33.92 -1.33
N VAL E 564 11.90 33.31 -0.18
CA VAL E 564 12.03 34.04 1.08
C VAL E 564 13.29 33.58 1.80
N ASP E 565 14.02 34.53 2.36
CA ASP E 565 15.29 34.25 3.03
C ASP E 565 15.03 33.69 4.42
N LEU E 566 15.25 32.39 4.59
CA LEU E 566 15.13 31.73 5.88
C LEU E 566 16.46 31.59 6.60
N SER E 567 17.54 32.14 6.05
CA SER E 567 18.80 32.15 6.74
C SER E 567 18.75 33.10 7.93
N LYS E 568 19.82 33.11 8.72
CA LYS E 568 19.91 33.92 9.94
C LYS E 568 18.80 33.58 10.92
N VAL E 569 18.30 32.35 10.88
CA VAL E 569 17.22 31.88 11.74
C VAL E 569 17.73 30.68 12.54
N LEU E 570 17.57 30.75 13.86
CA LEU E 570 18.10 29.72 14.75
C LEU E 570 17.07 28.58 14.84
N PHE E 571 17.43 27.41 14.34
CA PHE E 571 16.53 26.27 14.25
C PHE E 571 16.86 25.27 15.35
N ILE E 572 15.83 24.86 16.09
CA ILE E 572 15.95 23.86 17.15
C ILE E 572 15.05 22.68 16.79
N CYS E 573 15.63 21.48 16.83
CA CYS E 573 14.87 20.25 16.61
C CYS E 573 15.10 19.31 17.79
N THR E 574 14.05 18.63 18.21
CA THR E 574 14.09 17.77 19.38
C THR E 574 13.84 16.32 18.98
N ALA E 575 14.45 15.39 19.71
CA ALA E 575 14.32 13.97 19.44
C ALA E 575 14.62 13.21 20.73
N ASN E 576 14.49 11.90 20.66
CA ASN E 576 14.77 11.01 21.80
C ASN E 576 15.98 10.13 21.56
N VAL E 577 16.03 9.43 20.44
CA VAL E 577 17.16 8.59 20.07
C VAL E 577 17.53 8.89 18.62
N THR E 578 18.82 9.06 18.35
CA THR E 578 19.26 9.68 17.11
C THR E 578 19.22 8.75 15.91
N ASP E 579 19.26 7.43 16.11
CA ASP E 579 19.46 6.53 14.97
C ASP E 579 18.29 6.58 14.00
N THR E 580 17.06 6.73 14.52
CA THR E 580 15.89 6.79 13.66
C THR E 580 15.90 8.01 12.74
N ILE E 581 16.58 9.08 13.15
CA ILE E 581 16.69 10.27 12.29
C ILE E 581 17.38 9.90 10.99
N PRO E 582 16.87 10.31 9.83
CA PRO E 582 17.50 9.91 8.56
C PRO E 582 18.94 10.42 8.46
N GLU E 583 19.76 9.62 7.78
CA GLU E 583 21.16 10.00 7.56
C GLU E 583 21.32 11.36 6.90
N PRO E 584 20.56 11.74 5.85
CA PRO E 584 20.67 13.12 5.35
C PRO E 584 20.24 14.17 6.37
N LEU E 585 19.44 13.80 7.37
CA LEU E 585 19.02 14.75 8.39
C LEU E 585 20.03 14.85 9.53
N ARG E 586 20.61 13.72 9.95
CA ARG E 586 21.66 13.77 10.96
C ARG E 586 22.88 14.52 10.46
N ASP E 587 23.03 14.60 9.13
CA ASP E 587 24.21 15.25 8.56
C ASP E 587 24.26 16.74 8.91
N ARG E 588 23.12 17.43 8.81
CA ARG E 588 23.07 18.88 8.93
C ARG E 588 22.69 19.34 10.33
N MET E 589 22.56 18.43 11.29
CA MET E 589 22.17 18.77 12.64
C MET E 589 23.38 18.73 13.57
N GLU E 590 23.52 19.76 14.41
CA GLU E 590 24.52 19.77 15.46
C GLU E 590 23.93 19.08 16.68
N MET E 591 24.39 17.85 16.94
CA MET E 591 23.82 17.03 18.00
C MET E 591 24.28 17.55 19.35
N ILE E 592 23.37 18.23 20.06
CA ILE E 592 23.60 18.67 21.43
C ILE E 592 22.80 17.74 22.34
N ASN E 593 23.48 17.17 23.32
CA ASN E 593 22.94 16.07 24.11
C ASN E 593 22.41 16.58 25.44
N VAL E 594 21.20 16.14 25.79
CA VAL E 594 20.52 16.56 27.01
C VAL E 594 20.21 15.30 27.80
N SER E 595 20.96 15.05 28.87
CA SER E 595 20.85 13.81 29.62
C SER E 595 19.77 13.93 30.70
N GLY E 596 19.50 12.80 31.35
CA GLY E 596 18.48 12.72 32.36
C GLY E 596 18.95 13.26 33.70
N TYR E 597 18.09 13.11 34.71
CA TYR E 597 18.32 13.66 36.04
C TYR E 597 18.35 12.57 37.08
N VAL E 598 19.23 12.72 38.06
CA VAL E 598 19.29 11.85 39.24
C VAL E 598 18.23 12.31 40.22
N ALA E 599 17.99 11.51 41.27
CA ALA E 599 16.92 11.80 42.21
C ALA E 599 17.13 13.14 42.89
N GLN E 600 18.36 13.45 43.31
CA GLN E 600 18.61 14.73 43.97
C GLN E 600 18.49 15.89 43.00
N GLU E 601 18.79 15.67 41.71
CA GLU E 601 18.57 16.72 40.72
C GLU E 601 17.09 17.01 40.54
N LYS E 602 16.25 15.97 40.57
CA LYS E 602 14.82 16.16 40.37
C LYS E 602 14.21 17.01 41.48
N LEU E 603 14.68 16.83 42.72
CA LEU E 603 14.15 17.62 43.83
C LEU E 603 14.45 19.10 43.63
N ALA E 604 15.66 19.43 43.19
CA ALA E 604 16.01 20.82 42.95
C ALA E 604 15.15 21.42 41.84
N ILE E 605 14.90 20.65 40.79
CA ILE E 605 13.99 21.10 39.73
C ILE E 605 12.58 21.24 40.28
N ALA E 606 12.12 20.27 41.07
CA ALA E 606 10.75 20.32 41.57
C ALA E 606 10.57 21.44 42.59
N GLU E 607 11.52 21.58 43.52
CA GLU E 607 11.37 22.60 44.56
C GLU E 607 11.41 24.00 43.99
N ARG E 608 12.28 24.24 43.02
CA ARG E 608 12.49 25.59 42.50
C ARG E 608 11.64 25.93 41.29
N TYR E 609 11.34 24.95 40.44
CA TYR E 609 10.64 25.21 39.19
C TYR E 609 9.26 24.58 39.13
N LEU E 610 9.16 23.26 39.35
CA LEU E 610 7.88 22.58 39.14
C LEU E 610 6.82 23.03 40.15
N VAL E 611 7.17 23.02 41.43
CA VAL E 611 6.20 23.40 42.46
C VAL E 611 5.76 24.85 42.34
N PRO E 612 6.67 25.84 42.24
CA PRO E 612 6.19 27.23 42.09
C PRO E 612 5.37 27.45 40.84
N GLN E 613 5.70 26.78 39.73
CA GLN E 613 4.94 26.96 38.50
C GLN E 613 3.54 26.37 38.62
N ALA E 614 3.44 25.12 39.11
CA ALA E 614 2.14 24.49 39.24
C ALA E 614 1.26 25.25 40.23
N ARG E 615 1.87 25.81 41.28
CA ARG E 615 1.12 26.64 42.21
C ARG E 615 0.57 27.89 41.53
N ALA E 616 1.36 28.50 40.64
CA ALA E 616 0.90 29.69 39.94
C ALA E 616 -0.25 29.39 38.99
N LEU E 617 -0.16 28.30 38.24
CA LEU E 617 -1.23 27.94 37.31
C LEU E 617 -2.51 27.53 38.03
N CYS E 618 -2.44 27.20 39.32
CA CYS E 618 -3.63 26.91 40.10
C CYS E 618 -4.17 28.12 40.84
N GLY E 619 -3.52 29.28 40.71
CA GLY E 619 -3.99 30.49 41.36
C GLY E 619 -3.64 30.62 42.82
N LEU E 620 -2.74 29.80 43.33
CA LEU E 620 -2.35 29.84 44.73
C LEU E 620 -1.01 30.55 44.90
N ASP E 621 -0.72 30.92 46.14
CA ASP E 621 0.56 31.50 46.52
C ASP E 621 1.17 30.65 47.63
N GLU E 622 2.44 30.95 47.95
CA GLU E 622 3.18 30.15 48.91
C GLU E 622 2.62 30.20 50.32
N SER E 623 1.72 31.15 50.61
CA SER E 623 1.14 31.25 51.94
C SER E 623 -0.01 30.26 52.17
N LYS E 624 -0.53 29.64 51.11
CA LYS E 624 -1.68 28.74 51.23
C LYS E 624 -1.28 27.27 51.12
N ALA E 625 -0.60 26.90 50.03
CA ALA E 625 -0.23 25.51 49.79
C ALA E 625 1.29 25.38 49.86
N LYS E 626 1.75 24.46 50.72
CA LYS E 626 3.17 24.22 50.93
C LYS E 626 3.47 22.74 50.70
N LEU E 627 4.47 22.47 49.87
CA LEU E 627 4.95 21.11 49.64
C LEU E 627 6.33 20.98 50.26
N SER E 628 6.46 20.05 51.21
CA SER E 628 7.71 19.88 51.93
C SER E 628 8.76 19.21 51.04
N SER E 629 10.00 19.25 51.50
CA SER E 629 11.09 18.63 50.74
C SER E 629 10.99 17.11 50.80
N ASP E 630 10.59 16.56 51.95
CA ASP E 630 10.55 15.11 52.10
C ASP E 630 9.40 14.50 51.29
N VAL E 631 8.26 15.20 51.23
CA VAL E 631 7.14 14.67 50.45
C VAL E 631 7.47 14.67 48.96
N LEU E 632 8.30 15.61 48.51
CA LEU E 632 8.76 15.58 47.13
C LEU E 632 9.70 14.40 46.89
N THR E 633 10.51 14.06 47.89
CA THR E 633 11.37 12.88 47.78
C THR E 633 10.54 11.62 47.64
N LEU E 634 9.45 11.51 48.42
CA LEU E 634 8.61 10.33 48.34
C LEU E 634 7.90 10.25 46.98
N LEU E 635 7.53 11.40 46.41
CA LEU E 635 6.93 11.41 45.08
C LEU E 635 7.92 10.92 44.03
N ILE E 636 9.18 11.33 44.13
CA ILE E 636 10.18 10.96 43.13
C ILE E 636 10.49 9.46 43.22
N LYS E 637 10.70 8.96 44.43
CA LYS E 637 11.18 7.59 44.61
C LYS E 637 10.06 6.55 44.56
N GLN E 638 8.81 6.95 44.60
CA GLN E 638 7.73 5.97 44.59
C GLN E 638 6.70 6.21 43.51
N TYR E 639 6.39 7.46 43.20
CA TYR E 639 5.38 7.79 42.20
C TYR E 639 5.98 8.13 40.85
N CYS E 640 7.28 7.95 40.67
CA CYS E 640 7.96 8.30 39.43
C CYS E 640 9.03 7.26 39.12
N ARG E 641 9.15 6.92 37.84
CA ARG E 641 10.22 6.05 37.37
C ARG E 641 10.90 6.54 36.10
N GLU E 642 10.32 7.51 35.39
CA GLU E 642 10.91 8.01 34.17
C GLU E 642 12.16 8.84 34.47
N SER E 643 13.06 8.92 33.49
CA SER E 643 14.26 9.73 33.63
C SER E 643 13.97 11.22 33.60
N GLY E 644 12.86 11.62 32.98
CA GLY E 644 12.46 13.01 32.92
C GLY E 644 11.68 13.43 34.15
N VAL E 645 10.98 14.55 34.03
CA VAL E 645 10.18 15.08 35.12
C VAL E 645 8.78 15.41 34.65
N ARG E 646 8.40 14.89 33.48
CA ARG E 646 7.04 15.09 32.97
C ARG E 646 6.00 14.44 33.89
N ASN E 647 6.25 13.19 34.29
CA ASN E 647 5.32 12.52 35.19
C ASN E 647 5.28 13.19 36.55
N LEU E 648 6.44 13.63 37.05
CA LEU E 648 6.49 14.34 38.32
C LEU E 648 5.72 15.65 38.25
N GLN E 649 5.79 16.34 37.11
CA GLN E 649 5.07 17.59 36.95
C GLN E 649 3.57 17.39 37.05
N LYS E 650 3.05 16.31 36.47
CA LYS E 650 1.62 16.03 36.56
C LYS E 650 1.20 15.75 38.00
N GLN E 651 2.02 14.98 38.74
CA GLN E 651 1.69 14.69 40.13
C GLN E 651 1.67 15.95 40.97
N VAL E 652 2.62 16.85 40.75
CA VAL E 652 2.62 18.13 41.46
C VAL E 652 1.38 18.94 41.10
N GLU E 653 1.01 18.95 39.82
CA GLU E 653 -0.19 19.66 39.39
C GLU E 653 -1.44 19.08 40.06
N LYS E 654 -1.52 17.75 40.14
CA LYS E 654 -2.69 17.11 40.74
C LYS E 654 -2.80 17.44 42.22
N VAL E 655 -1.67 17.48 42.92
CA VAL E 655 -1.68 17.80 44.35
C VAL E 655 -2.21 19.23 44.56
N LEU E 656 -1.75 20.16 43.74
CA LEU E 656 -2.21 21.55 43.87
C LEU E 656 -3.69 21.68 43.51
N ARG E 657 -4.17 20.89 42.55
CA ARG E 657 -5.59 20.93 42.20
C ARG E 657 -6.45 20.50 43.38
N LYS E 658 -6.06 19.43 44.06
CA LYS E 658 -6.80 18.98 45.23
C LYS E 658 -6.70 19.99 46.37
N SER E 659 -5.52 20.62 46.52
CA SER E 659 -5.35 21.62 47.55
C SER E 659 -6.25 22.82 47.33
N ALA E 660 -6.40 23.26 46.07
CA ALA E 660 -7.27 24.38 45.76
C ALA E 660 -8.72 24.05 46.08
N TYR E 661 -9.16 22.84 45.77
CA TYR E 661 -10.53 22.45 46.08
C TYR E 661 -10.78 22.42 47.58
N LYS E 662 -9.80 21.97 48.36
CA LYS E 662 -10.00 21.81 49.79
C LYS E 662 -10.22 23.16 50.47
N ILE E 663 -9.43 24.17 50.10
CA ILE E 663 -9.52 25.45 50.80
C ILE E 663 -10.82 26.17 50.44
N VAL E 664 -11.22 26.13 49.17
CA VAL E 664 -12.43 26.84 48.76
C VAL E 664 -13.68 26.16 49.31
N SER E 665 -13.71 24.82 49.28
CA SER E 665 -14.87 24.08 49.75
C SER E 665 -14.96 23.98 51.27
N GLY E 666 -14.12 24.72 52.00
CA GLY E 666 -14.25 24.81 53.44
C GLY E 666 -13.61 23.69 54.23
N GLU E 667 -12.90 22.77 53.58
CA GLU E 667 -12.22 21.72 54.33
C GLU E 667 -11.09 22.27 55.18
N ALA E 668 -10.45 23.35 54.74
CA ALA E 668 -9.35 23.97 55.46
C ALA E 668 -9.14 25.37 54.88
N GLU E 669 -8.18 26.09 55.45
CA GLU E 669 -7.77 27.40 54.95
C GLU E 669 -6.37 27.42 54.37
N SER E 670 -5.52 26.46 54.77
CA SER E 670 -4.17 26.36 54.23
C SER E 670 -3.79 24.89 54.22
N VAL E 671 -3.42 24.37 53.05
CA VAL E 671 -3.15 22.95 52.87
C VAL E 671 -1.64 22.73 52.98
N GLU E 672 -1.25 21.85 53.88
CA GLU E 672 0.15 21.42 54.01
C GLU E 672 0.21 19.94 53.67
N VAL E 673 1.02 19.60 52.66
CA VAL E 673 1.09 18.23 52.14
C VAL E 673 2.25 17.54 52.85
N THR E 674 1.95 16.94 54.00
CA THR E 674 2.91 16.12 54.69
C THR E 674 2.99 14.73 54.05
N PRO E 675 4.07 13.99 54.28
CA PRO E 675 4.11 12.60 53.78
C PRO E 675 3.02 11.73 54.36
N GLU E 676 2.55 12.03 55.57
CA GLU E 676 1.54 11.20 56.21
C GLU E 676 0.22 11.26 55.45
N ASN E 677 -0.22 12.45 55.05
CA ASN E 677 -1.50 12.63 54.38
C ASN E 677 -1.36 12.78 52.87
N LEU E 678 -0.19 12.44 52.31
CA LEU E 678 -0.04 12.50 50.86
C LEU E 678 -0.92 11.48 50.16
N GLN E 679 -1.15 10.32 50.78
CA GLN E 679 -1.97 9.28 50.16
C GLN E 679 -3.38 9.76 49.89
N ASP E 680 -3.86 10.76 50.64
CA ASP E 680 -5.16 11.33 50.35
C ASP E 680 -5.17 12.02 48.98
N PHE E 681 -4.11 12.76 48.68
CA PHE E 681 -4.08 13.56 47.46
C PHE E 681 -3.83 12.72 46.21
N VAL E 682 -2.95 11.73 46.29
CA VAL E 682 -2.53 10.99 45.12
C VAL E 682 -2.86 9.50 45.19
N GLY E 683 -3.17 8.95 46.35
CA GLY E 683 -3.46 7.54 46.46
C GLY E 683 -2.24 6.72 46.85
N LYS E 684 -2.34 5.42 46.60
CA LYS E 684 -1.26 4.51 46.94
C LYS E 684 -0.08 4.71 45.98
N PRO E 685 1.14 4.41 46.43
CA PRO E 685 2.31 4.56 45.55
C PRO E 685 2.20 3.67 44.32
N VAL E 686 2.55 4.23 43.16
CA VAL E 686 2.53 3.46 41.92
C VAL E 686 3.65 2.42 41.92
N PHE E 687 4.85 2.82 42.33
CA PHE E 687 6.02 1.95 42.35
C PHE E 687 6.50 1.82 43.78
N THR E 688 6.66 0.58 44.25
CA THR E 688 7.10 0.32 45.61
C THR E 688 8.48 -0.31 45.71
N VAL E 689 8.99 -0.90 44.63
CA VAL E 689 10.30 -1.54 44.61
C VAL E 689 11.18 -0.80 43.61
N GLU E 690 12.38 -0.41 44.05
CA GLU E 690 13.32 0.26 43.15
C GLU E 690 14.00 -0.74 42.21
N ARG E 691 14.16 -1.98 42.64
CA ARG E 691 14.83 -3.00 41.85
C ARG E 691 14.17 -4.34 42.09
N MET E 692 14.07 -5.15 41.04
CA MET E 692 13.32 -6.41 41.13
C MET E 692 13.96 -7.37 42.12
N TYR E 693 15.29 -7.46 42.12
CA TYR E 693 16.02 -8.31 43.06
C TYR E 693 16.83 -7.44 44.00
N ASP E 694 16.66 -7.66 45.30
CA ASP E 694 17.49 -7.00 46.31
C ASP E 694 18.70 -7.84 46.68
N VAL E 695 18.55 -9.16 46.73
CA VAL E 695 19.65 -10.08 46.95
C VAL E 695 19.60 -11.08 45.80
N THR E 696 20.50 -10.92 44.84
CA THR E 696 20.45 -11.75 43.64
C THR E 696 20.86 -13.18 43.96
N PRO E 697 20.05 -14.17 43.62
CA PRO E 697 20.46 -15.57 43.80
C PRO E 697 21.48 -15.96 42.75
N PRO E 698 22.10 -17.14 42.88
CA PRO E 698 23.03 -17.59 41.83
C PRO E 698 22.34 -17.69 40.49
N GLY E 699 23.06 -17.28 39.44
CA GLY E 699 22.52 -17.28 38.10
C GLY E 699 21.78 -16.02 37.70
N VAL E 700 21.62 -15.06 38.61
CA VAL E 700 20.92 -13.81 38.34
C VAL E 700 21.94 -12.68 38.46
N VAL E 701 22.09 -11.90 37.40
CA VAL E 701 23.05 -10.79 37.35
C VAL E 701 22.33 -9.56 36.85
N MET E 702 22.48 -8.45 37.57
CA MET E 702 21.87 -7.19 37.18
C MET E 702 22.64 -6.55 36.03
N GLY E 703 21.91 -6.09 35.02
CA GLY E 703 22.51 -5.39 33.91
C GLY E 703 21.92 -4.01 33.71
N LEU E 704 22.26 -3.36 32.61
CA LEU E 704 21.76 -2.03 32.31
C LEU E 704 21.23 -1.99 30.89
N ALA E 705 20.22 -1.15 30.68
CA ALA E 705 19.57 -1.02 29.38
C ALA E 705 19.45 0.46 29.02
N TRP E 706 19.10 0.71 27.76
CA TRP E 706 18.96 2.07 27.25
C TRP E 706 17.94 2.06 26.12
N THR E 707 16.85 2.78 26.31
CA THR E 707 15.77 2.80 25.31
C THR E 707 15.41 4.23 24.92
N ALA E 708 14.33 4.39 24.16
CA ALA E 708 13.87 5.72 23.80
C ALA E 708 13.42 6.51 25.02
N MET E 709 12.81 5.83 25.99
CA MET E 709 12.44 6.48 27.24
C MET E 709 13.67 6.96 27.98
N GLY E 710 14.75 6.17 27.96
CA GLY E 710 16.01 6.59 28.53
C GLY E 710 16.34 5.91 29.85
N GLY E 711 17.20 4.91 29.80
CA GLY E 711 17.70 4.27 31.01
C GLY E 711 16.72 3.30 31.63
N SER E 712 17.23 2.15 32.09
CA SER E 712 16.40 1.12 32.70
C SER E 712 17.32 0.04 33.26
N THR E 713 16.83 -0.66 34.27
CA THR E 713 17.49 -1.85 34.77
C THR E 713 17.07 -3.05 33.93
N LEU E 714 17.95 -4.05 33.87
CA LEU E 714 17.69 -5.22 33.04
C LEU E 714 18.40 -6.41 33.68
N PHE E 715 17.64 -7.20 34.43
CA PHE E 715 18.20 -8.41 35.03
C PHE E 715 18.28 -9.53 34.00
N VAL E 716 19.08 -10.54 34.32
CA VAL E 716 19.22 -11.73 33.50
C VAL E 716 19.11 -12.95 34.40
N GLU E 717 18.14 -13.81 34.14
CA GLU E 717 17.89 -15.00 34.93
C GLU E 717 18.26 -16.24 34.15
N THR E 718 19.04 -17.12 34.76
CA THR E 718 19.41 -18.41 34.16
C THR E 718 19.02 -19.51 35.12
N SER E 719 18.34 -20.53 34.60
CA SER E 719 17.90 -21.66 35.40
C SER E 719 18.19 -22.95 34.65
N LEU E 720 18.34 -24.03 35.41
CA LEU E 720 18.62 -25.34 34.84
C LEU E 720 17.33 -25.94 34.31
N ARG E 721 17.28 -26.20 33.00
CA ARG E 721 16.07 -26.70 32.36
C ARG E 721 15.85 -28.19 32.58
N ARG E 722 16.89 -28.92 32.97
CA ARG E 722 16.80 -30.35 33.20
C ARG E 722 17.66 -30.73 34.38
N PRO E 723 17.32 -31.82 35.09
CA PRO E 723 18.12 -32.26 36.24
C PRO E 723 19.48 -32.81 35.82
N LYS E 732 24.01 -35.59 24.49
CA LYS E 732 25.36 -35.47 25.04
C LYS E 732 25.71 -34.01 25.30
N ASP E 733 25.59 -33.18 24.27
CA ASP E 733 25.90 -31.77 24.39
C ASP E 733 24.81 -31.04 25.18
N GLY E 734 25.23 -30.03 25.94
CA GLY E 734 24.30 -29.15 26.58
C GLY E 734 23.69 -28.16 25.59
N SER E 735 22.59 -27.54 26.02
CA SER E 735 21.87 -26.60 25.17
C SER E 735 21.50 -25.37 25.99
N LEU E 736 21.33 -24.25 25.29
CA LEU E 736 20.90 -23.01 25.91
C LEU E 736 19.66 -22.50 25.19
N GLU E 737 18.59 -22.28 25.94
CA GLU E 737 17.36 -21.69 25.43
C GLU E 737 17.23 -20.29 26.01
N VAL E 738 16.99 -19.31 25.14
CA VAL E 738 16.85 -17.92 25.53
C VAL E 738 15.42 -17.48 25.25
N THR E 739 14.77 -16.90 26.25
CA THR E 739 13.42 -16.38 26.13
C THR E 739 13.43 -14.87 26.37
N GLY E 740 12.25 -14.28 26.38
CA GLY E 740 12.12 -12.84 26.32
C GLY E 740 12.10 -12.34 24.88
N GLN E 741 11.57 -11.14 24.71
CA GLN E 741 11.43 -10.56 23.37
C GLN E 741 12.79 -10.01 22.89
N LEU E 742 13.74 -10.93 22.76
CA LEU E 742 15.08 -10.58 22.34
C LEU E 742 15.16 -10.45 20.82
N GLY E 743 15.89 -9.44 20.36
CA GLY E 743 16.11 -9.26 18.95
C GLY E 743 17.14 -10.21 18.40
N GLU E 744 17.34 -10.12 17.08
CA GLU E 744 18.31 -11.00 16.43
C GLU E 744 19.72 -10.73 16.93
N VAL E 745 20.07 -9.45 17.10
CA VAL E 745 21.41 -9.11 17.58
C VAL E 745 21.64 -9.64 18.99
N MET E 746 20.65 -9.47 19.86
CA MET E 746 20.82 -9.93 21.24
C MET E 746 20.79 -11.45 21.35
N LYS E 747 20.02 -12.11 20.49
CA LYS E 747 20.03 -13.57 20.46
C LYS E 747 21.41 -14.10 20.07
N GLU E 748 22.03 -13.48 19.07
CA GLU E 748 23.38 -13.88 18.68
C GLU E 748 24.38 -13.62 19.79
N SER E 749 24.24 -12.50 20.49
CA SER E 749 25.14 -12.19 21.59
C SER E 749 25.06 -13.22 22.71
N ALA E 750 23.87 -13.79 22.93
CA ALA E 750 23.75 -14.88 23.89
C ALA E 750 24.53 -16.10 23.43
N ARG E 751 24.48 -16.41 22.13
CA ARG E 751 25.27 -17.52 21.61
C ARG E 751 26.76 -17.26 21.73
N ILE E 752 27.19 -16.03 21.45
CA ILE E 752 28.58 -15.66 21.62
C ILE E 752 28.97 -15.77 23.10
N ALA E 753 28.12 -15.27 23.98
CA ALA E 753 28.39 -15.35 25.42
C ALA E 753 28.40 -16.79 25.90
N TYR E 754 27.48 -17.62 25.36
CA TYR E 754 27.44 -19.02 25.76
C TYR E 754 28.72 -19.75 25.38
N THR E 755 29.24 -19.49 24.17
CA THR E 755 30.49 -20.12 23.75
C THR E 755 31.66 -19.64 24.60
N PHE E 756 31.76 -18.34 24.85
CA PHE E 756 32.85 -17.81 25.65
C PHE E 756 32.79 -18.31 27.08
N ALA E 757 31.58 -18.40 27.65
CA ALA E 757 31.44 -18.89 29.02
C ALA E 757 31.92 -20.34 29.13
N ARG E 758 31.63 -21.16 28.12
CA ARG E 758 32.14 -22.52 28.11
C ARG E 758 33.66 -22.53 28.08
N ALA E 759 34.27 -21.68 27.24
CA ALA E 759 35.71 -21.62 27.16
C ALA E 759 36.33 -21.06 28.43
N PHE E 760 35.67 -20.08 29.06
CA PHE E 760 36.21 -19.49 30.28
C PHE E 760 36.30 -20.52 31.39
N LEU E 761 35.28 -21.37 31.54
CA LEU E 761 35.34 -22.41 32.56
C LEU E 761 36.42 -23.44 32.24
N MET E 762 36.69 -23.69 30.96
CA MET E 762 37.69 -24.67 30.58
C MET E 762 39.08 -24.26 31.08
N GLN E 763 39.44 -22.99 30.90
CA GLN E 763 40.74 -22.51 31.33
C GLN E 763 40.81 -22.28 32.83
N HIS E 764 39.67 -21.98 33.46
CA HIS E 764 39.65 -21.65 34.89
C HIS E 764 39.43 -22.88 35.76
N ALA E 765 38.33 -23.60 35.53
CA ALA E 765 37.95 -24.77 36.32
C ALA E 765 37.68 -25.93 35.38
N PRO E 766 38.72 -26.62 34.91
CA PRO E 766 38.50 -27.74 33.98
C PRO E 766 37.63 -28.84 34.55
N ALA E 767 37.65 -29.04 35.87
CA ALA E 767 36.82 -30.08 36.49
C ALA E 767 35.34 -29.78 36.29
N ASN E 768 34.95 -28.51 36.42
CA ASN E 768 33.54 -28.13 36.31
C ASN E 768 33.06 -28.33 34.88
N ASP E 769 32.17 -29.30 34.69
CA ASP E 769 31.56 -29.58 33.39
C ASP E 769 30.09 -29.16 33.35
N TYR E 770 29.74 -28.12 34.12
CA TYR E 770 28.35 -27.69 34.20
C TYR E 770 27.87 -27.11 32.88
N LEU E 771 28.64 -26.21 32.27
CA LEU E 771 28.19 -25.49 31.09
C LEU E 771 28.20 -26.36 29.83
N VAL E 772 28.90 -27.50 29.85
CA VAL E 772 29.04 -28.31 28.64
C VAL E 772 28.07 -29.49 28.60
N THR E 773 27.47 -29.86 29.73
CA THR E 773 26.60 -31.04 29.77
C THR E 773 25.19 -30.75 30.29
N SER E 774 24.91 -29.52 30.72
CA SER E 774 23.62 -29.18 31.32
C SER E 774 22.84 -28.25 30.40
N HIS E 775 21.56 -28.56 30.23
CA HIS E 775 20.67 -27.70 29.45
C HIS E 775 20.21 -26.54 30.33
N ILE E 776 20.47 -25.32 29.89
CA ILE E 776 20.27 -24.12 30.68
C ILE E 776 19.29 -23.21 29.96
N HIS E 777 18.27 -22.74 30.69
CA HIS E 777 17.32 -21.77 30.18
C HIS E 777 17.72 -20.38 30.64
N LEU E 778 17.78 -19.43 29.70
CA LEU E 778 18.15 -18.06 30.00
C LEU E 778 16.95 -17.17 29.71
N HIS E 779 16.63 -16.29 30.65
CA HIS E 779 15.45 -15.44 30.54
C HIS E 779 15.78 -14.04 31.03
N VAL E 780 15.22 -13.04 30.36
CA VAL E 780 15.26 -11.65 30.81
C VAL E 780 13.87 -11.31 31.35
N PRO E 781 13.74 -10.98 32.64
CA PRO E 781 12.42 -11.04 33.29
C PRO E 781 11.33 -10.20 32.63
N GLU E 782 11.68 -9.06 32.04
CA GLU E 782 10.68 -8.22 31.38
C GLU E 782 10.31 -8.89 30.06
N GLY E 783 9.40 -9.86 30.14
CA GLY E 783 9.06 -10.70 29.01
C GLY E 783 8.12 -10.10 27.99
N ALA E 784 7.63 -8.87 28.20
CA ALA E 784 6.71 -8.25 27.26
C ALA E 784 7.36 -7.18 26.39
N THR E 785 8.40 -6.50 26.89
CA THR E 785 8.97 -5.44 26.08
C THR E 785 10.10 -5.99 25.21
N PRO E 786 10.18 -5.56 23.95
CA PRO E 786 11.26 -6.02 23.08
C PRO E 786 12.61 -5.50 23.54
N LYS E 787 13.64 -6.31 23.30
CA LYS E 787 15.01 -5.95 23.67
C LYS E 787 15.94 -6.30 22.51
N ASP E 788 16.88 -5.39 22.23
CA ASP E 788 17.84 -5.61 21.17
C ASP E 788 19.15 -4.91 21.54
N GLY E 789 20.24 -5.37 20.93
CA GLY E 789 21.55 -4.81 21.17
C GLY E 789 22.46 -5.78 21.89
N PRO E 790 23.77 -5.68 21.61
CA PRO E 790 24.72 -6.58 22.25
C PRO E 790 25.23 -6.04 23.58
N SER E 791 24.54 -5.03 24.13
CA SER E 791 25.00 -4.37 25.34
C SER E 791 24.98 -5.28 26.56
N ALA E 792 24.28 -6.41 26.49
CA ALA E 792 24.17 -7.32 27.62
C ALA E 792 25.08 -8.53 27.49
N GLY E 793 26.16 -8.42 26.70
CA GLY E 793 27.03 -9.56 26.48
C GLY E 793 27.72 -10.02 27.76
N CYS E 794 28.28 -9.07 28.51
CA CYS E 794 28.99 -9.44 29.73
C CYS E 794 28.05 -9.90 30.83
N THR E 795 26.83 -9.37 30.86
CA THR E 795 25.85 -9.79 31.86
C THR E 795 25.49 -11.26 31.68
N ILE E 796 25.35 -11.70 30.42
CA ILE E 796 25.01 -13.09 30.15
C ILE E 796 26.15 -14.01 30.59
N VAL E 797 27.40 -13.62 30.32
CA VAL E 797 28.54 -14.45 30.72
C VAL E 797 28.59 -14.57 32.25
N THR E 798 28.38 -13.45 32.95
CA THR E 798 28.39 -13.49 34.40
C THR E 798 27.25 -14.35 34.94
N ALA E 799 26.06 -14.23 34.34
CA ALA E 799 24.93 -15.04 34.78
C ALA E 799 25.19 -16.53 34.56
N LEU E 800 25.74 -16.89 33.40
CA LEU E 800 26.05 -18.29 33.13
C LEU E 800 27.13 -18.81 34.06
N LEU E 801 28.17 -18.01 34.31
CA LEU E 801 29.24 -18.45 35.21
C LEU E 801 28.74 -18.56 36.64
N SER E 802 27.88 -17.64 37.08
CA SER E 802 27.35 -17.69 38.44
C SER E 802 26.54 -18.95 38.67
N LEU E 803 25.70 -19.33 37.71
CA LEU E 803 24.90 -20.53 37.85
C LEU E 803 25.77 -21.79 37.89
N ALA E 804 26.80 -21.83 37.05
CA ALA E 804 27.65 -23.03 36.97
C ALA E 804 28.41 -23.27 38.27
N MET E 805 28.99 -22.21 38.84
CA MET E 805 29.76 -22.34 40.08
C MET E 805 28.91 -22.22 41.33
N GLY E 806 27.64 -21.86 41.20
CA GLY E 806 26.78 -21.73 42.37
C GLY E 806 27.10 -20.57 43.28
N ARG E 807 27.82 -19.58 42.78
CA ARG E 807 28.20 -18.41 43.58
C ARG E 807 27.44 -17.20 43.09
N PRO E 808 26.62 -16.56 43.92
CA PRO E 808 25.91 -15.36 43.48
C PRO E 808 26.88 -14.21 43.23
N VAL E 809 26.51 -13.35 42.27
CA VAL E 809 27.33 -12.18 41.97
C VAL E 809 27.31 -11.21 43.15
N ARG E 810 28.35 -10.38 43.22
CA ARG E 810 28.43 -9.38 44.28
C ARG E 810 27.22 -8.44 44.21
N GLN E 811 26.67 -8.14 45.37
CA GLN E 811 25.44 -7.36 45.43
C GLN E 811 25.69 -5.92 45.01
N ASN E 812 24.63 -5.28 44.50
CA ASN E 812 24.66 -3.88 44.06
C ASN E 812 25.72 -3.68 42.97
N LEU E 813 25.84 -4.65 42.07
CA LEU E 813 26.79 -4.59 40.97
C LEU E 813 26.04 -4.65 39.65
N ALA E 814 26.33 -3.70 38.76
CA ALA E 814 25.74 -3.65 37.43
C ALA E 814 26.86 -3.55 36.40
N MET E 815 26.67 -4.22 35.26
CA MET E 815 27.68 -4.26 34.21
C MET E 815 27.01 -4.16 32.86
N THR E 816 27.76 -3.63 31.89
CA THR E 816 27.29 -3.55 30.52
C THR E 816 28.50 -3.58 29.59
N GLY E 817 28.25 -3.95 28.34
CA GLY E 817 29.32 -4.00 27.35
C GLY E 817 29.27 -5.22 26.46
N GLU E 818 29.47 -5.01 25.15
CA GLU E 818 29.48 -6.10 24.20
C GLU E 818 30.73 -6.97 24.41
N VAL E 819 30.55 -8.28 24.34
CA VAL E 819 31.61 -9.24 24.58
C VAL E 819 31.79 -10.11 23.35
N SER E 820 33.02 -10.22 22.87
CA SER E 820 33.39 -11.16 21.83
C SER E 820 33.79 -12.49 22.45
N LEU E 821 33.64 -13.57 21.68
CA LEU E 821 33.91 -14.89 22.21
C LEU E 821 35.39 -15.09 22.54
N THR E 822 36.26 -14.22 22.00
CA THR E 822 37.64 -14.18 22.46
C THR E 822 37.71 -13.72 23.91
N GLY E 823 36.89 -12.74 24.28
CA GLY E 823 36.86 -12.21 25.62
C GLY E 823 37.00 -10.70 25.71
N LYS E 824 37.22 -9.99 24.61
CA LYS E 824 37.39 -8.55 24.67
C LYS E 824 36.05 -7.86 24.88
N ILE E 825 36.07 -6.78 25.65
CA ILE E 825 34.89 -5.99 25.93
C ILE E 825 34.83 -4.82 24.95
N LEU E 826 33.69 -4.62 24.32
CA LEU E 826 33.55 -3.59 23.31
C LEU E 826 32.69 -2.43 23.81
N PRO E 827 32.90 -1.23 23.30
CA PRO E 827 32.10 -0.08 23.75
C PRO E 827 30.63 -0.23 23.39
N VAL E 828 29.79 0.39 24.22
CA VAL E 828 28.35 0.41 24.01
C VAL E 828 27.86 1.85 24.14
N GLY E 829 26.70 2.11 23.55
CA GLY E 829 26.11 3.43 23.60
C GLY E 829 25.26 3.65 24.84
N GLY E 830 24.89 4.92 25.06
CA GLY E 830 24.05 5.27 26.18
C GLY E 830 24.68 5.04 27.54
N ILE E 831 25.98 5.29 27.67
CA ILE E 831 26.64 5.17 28.97
C ILE E 831 26.12 6.24 29.91
N LYS E 832 25.77 7.42 29.38
CA LYS E 832 25.26 8.50 30.22
C LYS E 832 23.98 8.09 30.94
N GLU E 833 23.11 7.34 30.27
CA GLU E 833 21.80 7.02 30.80
C GLU E 833 21.78 5.70 31.54
N LYS E 834 22.68 4.77 31.20
CA LYS E 834 22.81 3.54 31.97
C LYS E 834 23.29 3.83 33.38
N THR E 835 24.24 4.77 33.52
CA THR E 835 24.74 5.14 34.84
C THR E 835 23.66 5.83 35.67
N ILE E 836 22.87 6.71 35.03
CA ILE E 836 21.82 7.40 35.76
C ILE E 836 20.78 6.41 36.28
N ALA E 837 20.39 5.46 35.43
CA ALA E 837 19.47 4.41 35.88
C ALA E 837 20.11 3.54 36.94
N ALA E 838 21.42 3.28 36.82
CA ALA E 838 22.11 2.52 37.85
C ALA E 838 22.10 3.23 39.19
N LYS E 839 22.34 4.55 39.18
CA LYS E 839 22.31 5.31 40.42
C LYS E 839 20.91 5.31 41.04
N ARG E 840 19.88 5.43 40.21
CA ARG E 840 18.51 5.41 40.71
C ARG E 840 18.17 4.06 41.34
N ALA E 841 18.60 2.97 40.70
CA ALA E 841 18.31 1.63 41.22
C ALA E 841 19.09 1.30 42.48
N GLY E 842 20.11 2.08 42.83
CA GLY E 842 20.84 1.86 44.06
C GLY E 842 21.90 0.79 43.99
N VAL E 843 22.88 0.97 43.10
CA VAL E 843 24.01 0.06 42.98
C VAL E 843 25.28 0.83 43.35
N THR E 844 26.16 0.17 44.10
CA THR E 844 27.39 0.80 44.56
C THR E 844 28.53 0.70 43.56
N CYS E 845 28.59 -0.38 42.78
CA CYS E 845 29.65 -0.59 41.81
C CYS E 845 29.06 -0.78 40.43
N ILE E 846 29.71 -0.19 39.43
CA ILE E 846 29.29 -0.30 38.04
C ILE E 846 30.52 -0.63 37.19
N VAL E 847 30.37 -1.59 36.29
CA VAL E 847 31.46 -2.03 35.42
C VAL E 847 31.17 -1.54 34.01
N LEU E 848 32.16 -0.88 33.40
CA LEU E 848 32.02 -0.30 32.08
C LEU E 848 33.21 -0.71 31.22
N PRO E 849 33.03 -0.76 29.89
CA PRO E 849 34.17 -1.01 29.01
C PRO E 849 35.18 0.13 29.09
N ALA E 850 36.46 -0.23 28.91
CA ALA E 850 37.51 0.77 28.98
C ALA E 850 37.36 1.83 27.90
N GLU E 851 36.83 1.46 26.74
CA GLU E 851 36.60 2.43 25.67
C GLU E 851 35.52 3.44 26.00
N ASN E 852 34.61 3.11 26.93
CA ASN E 852 33.55 4.02 27.34
C ASN E 852 33.97 4.92 28.49
N LYS E 853 35.28 5.02 28.75
CA LYS E 853 35.74 5.89 29.83
C LYS E 853 35.43 7.35 29.56
N LYS E 854 35.41 7.75 28.28
CA LYS E 854 35.11 9.14 27.96
C LYS E 854 33.68 9.51 28.34
N ASP E 855 32.72 8.65 28.02
CA ASP E 855 31.32 8.97 28.26
C ASP E 855 31.02 9.08 29.75
N PHE E 856 31.58 8.18 30.55
CA PHE E 856 31.27 8.18 31.99
C PHE E 856 31.81 9.44 32.67
N TYR E 857 33.02 9.86 32.32
CA TYR E 857 33.62 11.02 32.96
C TYR E 857 33.05 12.34 32.46
N ASP E 858 32.30 12.33 31.36
CA ASP E 858 31.61 13.52 30.91
C ASP E 858 30.40 13.86 31.78
N LEU E 859 29.98 12.95 32.65
CA LEU E 859 28.85 13.21 33.53
C LEU E 859 29.25 14.14 34.66
N ALA E 860 28.24 14.65 35.37
CA ALA E 860 28.47 15.57 36.46
C ALA E 860 29.22 14.88 37.60
N ALA E 861 29.97 15.68 38.36
CA ALA E 861 30.82 15.12 39.41
C ALA E 861 29.99 14.43 40.49
N PHE E 862 28.89 15.06 40.92
CA PHE E 862 28.09 14.47 41.99
C PHE E 862 27.37 13.21 41.55
N ILE E 863 27.11 13.04 40.25
CA ILE E 863 26.54 11.80 39.76
C ILE E 863 27.52 10.65 39.94
N THR E 864 28.82 10.92 39.77
CA THR E 864 29.85 9.90 39.88
C THR E 864 30.51 9.89 41.26
N GLU E 865 29.75 10.23 42.30
CA GLU E 865 30.22 10.14 43.68
C GLU E 865 29.50 8.99 44.36
N GLY E 866 30.26 8.14 45.06
CA GLY E 866 29.71 6.95 45.66
C GLY E 866 29.56 5.77 44.73
N LEU E 867 29.90 5.94 43.46
CA LEU E 867 29.81 4.88 42.46
C LEU E 867 31.24 4.38 42.18
N GLU E 868 31.57 3.22 42.73
CA GLU E 868 32.90 2.63 42.52
C GLU E 868 32.91 2.04 41.12
N VAL E 869 33.33 2.86 40.15
CA VAL E 869 33.32 2.45 38.75
C VAL E 869 34.56 1.63 38.45
N HIS E 870 34.41 0.66 37.54
CA HIS E 870 35.51 -0.15 37.05
C HIS E 870 35.50 -0.13 35.54
N PHE E 871 36.64 0.24 34.94
CA PHE E 871 36.80 0.25 33.51
C PHE E 871 37.64 -0.96 33.10
N VAL E 872 37.10 -1.78 32.20
CA VAL E 872 37.69 -3.06 31.85
C VAL E 872 37.82 -3.15 30.33
N GLU E 873 38.79 -3.95 29.89
CA GLU E 873 38.98 -4.25 28.47
C GLU E 873 38.82 -5.73 28.15
N HIS E 874 39.03 -6.63 29.11
CA HIS E 874 38.81 -8.05 28.93
C HIS E 874 37.90 -8.55 30.05
N TYR E 875 37.15 -9.61 29.75
CA TYR E 875 36.19 -10.12 30.73
C TYR E 875 36.86 -10.68 31.97
N ARG E 876 38.12 -11.11 31.87
CA ARG E 876 38.80 -11.64 33.05
C ARG E 876 38.88 -10.62 34.17
N GLU E 877 38.90 -9.34 33.83
CA GLU E 877 38.83 -8.30 34.85
C GLU E 877 37.46 -8.29 35.52
N ILE E 878 36.39 -8.50 34.74
CA ILE E 878 35.05 -8.52 35.30
C ILE E 878 34.86 -9.71 36.23
N PHE E 879 35.46 -10.85 35.88
CA PHE E 879 35.33 -12.03 36.72
C PHE E 879 35.92 -11.79 38.11
N ASP E 880 37.06 -11.08 38.18
CA ASP E 880 37.63 -10.74 39.48
C ASP E 880 36.71 -9.82 40.27
N ILE E 881 36.11 -8.84 39.59
CA ILE E 881 35.23 -7.89 40.28
C ILE E 881 33.94 -8.60 40.73
N ALA E 882 33.34 -9.38 39.83
CA ALA E 882 32.07 -10.02 40.14
C ALA E 882 32.22 -11.10 41.21
N PHE E 883 33.38 -11.73 41.27
CA PHE E 883 33.66 -12.80 42.24
C PHE E 883 34.97 -12.47 42.95
N PRO E 884 34.95 -11.53 43.90
CA PRO E 884 36.20 -11.16 44.59
C PRO E 884 36.84 -12.32 45.34
N ASP E 885 36.04 -13.24 45.86
CA ASP E 885 36.57 -14.38 46.61
C ASP E 885 37.35 -15.32 45.71
N GLU F 346 -39.70 56.90 -1.21
CA GLU F 346 -39.70 57.46 0.13
C GLU F 346 -38.79 56.67 1.06
N LYS F 347 -38.18 57.36 2.02
CA LYS F 347 -37.31 56.73 3.01
C LYS F 347 -37.78 56.95 4.43
N ASP F 348 -38.96 57.54 4.63
CA ASP F 348 -39.48 57.74 5.98
C ASP F 348 -39.72 56.41 6.68
N ASP F 349 -40.26 55.42 5.96
CA ASP F 349 -40.38 54.09 6.52
C ASP F 349 -39.01 53.48 6.81
N LYS F 350 -38.05 53.69 5.91
CA LYS F 350 -36.69 53.25 6.17
C LYS F 350 -36.09 53.96 7.37
N ASP F 351 -36.35 55.27 7.50
CA ASP F 351 -35.85 56.02 8.65
C ASP F 351 -36.41 55.47 9.95
N ALA F 352 -37.71 55.13 9.96
CA ALA F 352 -38.32 54.60 11.18
C ALA F 352 -37.71 53.26 11.58
N ILE F 353 -37.12 52.54 10.62
CA ILE F 353 -36.52 51.24 10.93
C ILE F 353 -35.25 51.40 11.76
N GLU F 354 -34.43 52.40 11.43
CA GLU F 354 -33.09 52.47 12.02
C GLU F 354 -33.10 52.87 13.48
N GLU F 355 -34.20 53.47 13.99
CA GLU F 355 -34.27 53.67 15.44
C GLU F 355 -34.57 52.36 16.15
N LYS F 356 -35.32 51.45 15.51
CA LYS F 356 -35.57 50.15 16.11
C LYS F 356 -34.27 49.38 16.29
N PHE F 357 -33.37 49.44 15.30
CA PHE F 357 -32.03 48.90 15.49
C PHE F 357 -31.26 49.71 16.53
N ARG F 358 -31.44 51.04 16.52
CA ARG F 358 -30.74 51.88 17.49
C ARG F 358 -31.28 51.70 18.90
N GLU F 359 -32.60 51.48 19.04
CA GLU F 359 -33.15 51.25 20.37
C GLU F 359 -32.65 49.94 20.97
N ARG F 360 -32.38 48.94 20.12
CA ARG F 360 -31.76 47.72 20.60
C ARG F 360 -30.28 47.95 20.90
N LEU F 361 -29.62 48.80 20.12
CA LEU F 361 -28.21 49.06 20.32
C LEU F 361 -27.96 49.76 21.65
N LYS F 362 -28.81 50.72 22.01
CA LYS F 362 -28.64 51.47 23.25
C LYS F 362 -29.02 50.66 24.49
N GLU F 363 -29.64 49.49 24.33
CA GLU F 363 -29.98 48.67 25.47
C GLU F 363 -28.75 47.99 26.09
N LEU F 364 -27.66 47.89 25.34
CA LEU F 364 -26.46 47.19 25.78
C LEU F 364 -25.23 48.01 25.44
N VAL F 365 -24.16 47.78 26.20
CA VAL F 365 -22.92 48.52 26.01
C VAL F 365 -22.32 48.18 24.65
N VAL F 366 -21.93 49.20 23.90
CA VAL F 366 -21.38 49.04 22.56
C VAL F 366 -19.95 49.57 22.58
N PRO F 367 -18.96 48.77 22.17
CA PRO F 367 -17.59 49.29 22.10
C PRO F 367 -17.48 50.43 21.11
N LYS F 368 -16.60 51.39 21.43
CA LYS F 368 -16.41 52.55 20.56
C LYS F 368 -15.85 52.15 19.21
N HIS F 369 -14.92 51.20 19.20
CA HIS F 369 -14.33 50.75 17.93
C HIS F 369 -15.39 50.15 17.02
N VAL F 370 -16.30 49.35 17.57
CA VAL F 370 -17.36 48.77 16.76
C VAL F 370 -18.47 49.77 16.49
N MET F 371 -18.65 50.75 17.37
CA MET F 371 -19.72 51.73 17.20
C MET F 371 -19.52 52.55 15.92
N ASP F 372 -18.28 52.95 15.64
CA ASP F 372 -18.00 53.70 14.43
C ASP F 372 -18.32 52.87 13.19
N VAL F 373 -17.97 51.59 13.20
CA VAL F 373 -18.34 50.70 12.10
C VAL F 373 -19.85 50.57 11.99
N VAL F 374 -20.52 50.42 13.14
CA VAL F 374 -21.98 50.36 13.14
C VAL F 374 -22.57 51.69 12.67
N ASP F 375 -21.99 52.80 13.12
CA ASP F 375 -22.53 54.11 12.76
C ASP F 375 -22.48 54.34 11.25
N GLU F 376 -21.37 53.97 10.61
CA GLU F 376 -21.26 54.18 9.18
C GLU F 376 -22.18 53.27 8.39
N GLU F 377 -22.50 52.09 8.93
CA GLU F 377 -23.41 51.18 8.24
C GLU F 377 -24.80 51.76 8.11
N LEU F 378 -25.28 52.44 9.16
CA LEU F 378 -26.56 53.12 9.07
C LEU F 378 -26.51 54.25 8.05
N SER F 379 -25.38 54.94 7.96
CA SER F 379 -25.25 56.05 7.03
C SER F 379 -25.40 55.57 5.58
N LYS F 380 -24.74 54.46 5.24
CA LYS F 380 -24.88 53.92 3.89
C LYS F 380 -26.28 53.38 3.67
N LEU F 381 -26.84 52.68 4.65
CA LEU F 381 -28.14 52.03 4.47
C LEU F 381 -29.25 53.04 4.21
N GLY F 382 -29.15 54.23 4.83
CA GLY F 382 -30.15 55.25 4.57
C GLY F 382 -30.18 55.68 3.12
N LEU F 383 -29.02 55.76 2.48
CA LEU F 383 -28.95 56.13 1.07
C LEU F 383 -29.33 54.98 0.14
N LEU F 384 -29.32 53.75 0.64
CA LEU F 384 -29.66 52.60 -0.20
C LEU F 384 -31.17 52.46 -0.34
N ASP F 385 -31.58 51.70 -1.34
CA ASP F 385 -32.99 51.40 -1.58
C ASP F 385 -33.44 50.12 -0.88
N ASN F 386 -32.52 49.43 -0.19
CA ASN F 386 -32.80 48.25 0.63
C ASN F 386 -33.30 47.07 -0.18
N HIS F 387 -33.35 47.17 -1.51
CA HIS F 387 -33.82 46.07 -2.37
C HIS F 387 -32.80 45.87 -3.50
N SER F 388 -31.77 45.07 -3.22
CA SER F 388 -30.76 44.70 -4.21
C SER F 388 -29.84 43.66 -3.56
N SER F 389 -28.86 43.20 -4.34
CA SER F 389 -27.86 42.30 -3.78
C SER F 389 -27.01 42.99 -2.72
N GLU F 390 -26.61 44.24 -2.98
CA GLU F 390 -25.85 45.01 -2.01
C GLU F 390 -26.74 45.83 -1.08
N PHE F 391 -27.98 46.13 -1.48
CA PHE F 391 -28.88 46.88 -0.63
C PHE F 391 -29.50 46.03 0.48
N ASN F 392 -29.46 44.71 0.35
CA ASN F 392 -29.96 43.81 1.37
C ASN F 392 -28.86 43.24 2.27
N VAL F 393 -27.63 43.14 1.76
CA VAL F 393 -26.55 42.61 2.58
C VAL F 393 -26.17 43.58 3.68
N THR F 394 -26.33 44.89 3.45
CA THR F 394 -26.03 45.87 4.48
C THR F 394 -26.96 45.71 5.67
N ARG F 395 -28.25 45.48 5.43
CA ARG F 395 -29.17 45.17 6.51
C ARG F 395 -28.80 43.86 7.19
N ASN F 396 -28.42 42.85 6.39
CA ASN F 396 -27.94 41.60 6.95
C ASN F 396 -26.67 41.82 7.75
N TYR F 397 -25.75 42.63 7.23
CA TYR F 397 -24.55 42.98 7.98
C TYR F 397 -24.89 43.74 9.25
N LEU F 398 -25.82 44.69 9.15
CA LEU F 398 -26.20 45.48 10.33
C LEU F 398 -26.96 44.63 11.35
N ASP F 399 -27.90 43.80 10.88
CA ASP F 399 -28.69 42.99 11.80
C ASP F 399 -27.82 42.00 12.54
N TRP F 400 -26.85 41.39 11.84
CA TRP F 400 -25.94 40.47 12.51
C TRP F 400 -25.07 41.20 13.53
N LEU F 401 -24.75 42.47 13.27
CA LEU F 401 -23.98 43.25 14.23
C LEU F 401 -24.78 43.48 15.51
N THR F 402 -26.00 44.00 15.39
CA THR F 402 -26.80 44.27 16.58
C THR F 402 -27.25 43.00 17.27
N SER F 403 -27.29 41.88 16.54
CA SER F 403 -27.68 40.62 17.18
C SER F 403 -26.59 40.11 18.12
N ILE F 404 -25.32 40.43 17.84
CA ILE F 404 -24.22 39.96 18.68
C ILE F 404 -24.29 40.64 20.04
N PRO F 405 -24.32 39.88 21.15
CA PRO F 405 -24.30 40.52 22.46
C PRO F 405 -22.97 41.19 22.75
N TRP F 406 -23.03 42.26 23.54
CA TRP F 406 -21.84 42.98 23.98
C TRP F 406 -22.12 43.48 25.39
N GLY F 407 -21.34 43.00 26.37
CA GLY F 407 -21.55 43.40 27.74
C GLY F 407 -22.68 42.71 28.44
N LYS F 408 -23.34 41.76 27.78
CA LYS F 408 -24.42 40.98 28.38
C LYS F 408 -23.88 39.59 28.72
N TYR F 409 -24.04 39.19 29.98
CA TYR F 409 -23.46 37.93 30.43
C TYR F 409 -24.32 37.37 31.56
N SER F 410 -24.18 36.06 31.77
CA SER F 410 -24.85 35.36 32.86
C SER F 410 -23.84 35.13 33.98
N ASN F 411 -24.30 35.26 35.22
CA ASN F 411 -23.42 35.13 36.37
C ASN F 411 -22.78 33.74 36.38
N GLU F 412 -21.47 33.71 36.57
CA GLU F 412 -20.68 32.48 36.51
C GLU F 412 -20.20 32.10 37.89
N ASN F 413 -20.00 30.80 38.08
CA ASN F 413 -19.52 30.23 39.34
C ASN F 413 -20.43 30.65 40.50
N LEU F 414 -21.68 30.19 40.42
CA LEU F 414 -22.68 30.57 41.44
C LEU F 414 -22.26 30.10 42.82
N ASP F 415 -21.80 28.86 42.94
CA ASP F 415 -21.37 28.31 44.22
C ASP F 415 -20.65 27.00 43.94
N LEU F 416 -20.18 26.35 45.01
CA LEU F 416 -19.59 25.03 44.93
C LEU F 416 -20.45 23.93 45.54
N ALA F 417 -21.30 24.26 46.51
CA ALA F 417 -22.14 23.26 47.14
C ALA F 417 -23.17 22.71 46.16
N ARG F 418 -23.90 23.59 45.47
CA ARG F 418 -24.91 23.17 44.51
C ARG F 418 -24.37 23.07 43.09
N ALA F 419 -23.09 23.39 42.88
CA ALA F 419 -22.45 23.02 41.62
C ALA F 419 -22.34 21.51 41.50
N GLN F 420 -22.01 20.84 42.61
CA GLN F 420 -22.02 19.38 42.62
C GLN F 420 -23.42 18.83 42.40
N ALA F 421 -24.42 19.45 43.05
CA ALA F 421 -25.78 18.92 43.04
C ALA F 421 -26.33 18.80 41.63
N VAL F 422 -25.88 19.67 40.71
CA VAL F 422 -26.29 19.53 39.31
C VAL F 422 -25.74 18.25 38.71
N LEU F 423 -24.51 17.86 39.10
CA LEU F 423 -23.86 16.72 38.46
C LEU F 423 -24.52 15.40 38.84
N GLU F 424 -24.80 15.20 40.13
CA GLU F 424 -25.31 13.90 40.58
C GLU F 424 -26.70 13.61 40.00
N GLU F 425 -27.56 14.62 39.91
CA GLU F 425 -28.89 14.40 39.36
C GLU F 425 -28.90 14.37 37.84
N ASP F 426 -27.82 14.79 37.19
CA ASP F 426 -27.76 14.73 35.74
C ASP F 426 -27.12 13.44 35.25
N HIS F 427 -26.17 12.90 36.00
CA HIS F 427 -25.44 11.71 35.58
C HIS F 427 -25.16 10.82 36.79
N TYR F 428 -25.01 9.53 36.53
CA TYR F 428 -24.71 8.55 37.55
C TYR F 428 -23.26 8.09 37.41
N GLY F 429 -22.64 7.77 38.54
CA GLY F 429 -21.26 7.33 38.51
C GLY F 429 -20.31 8.47 38.16
N MET F 430 -19.23 8.10 37.46
CA MET F 430 -18.20 9.05 37.03
C MET F 430 -17.69 9.86 38.22
N GLU F 431 -17.41 9.17 39.33
CA GLU F 431 -16.95 9.84 40.53
C GLU F 431 -15.63 10.56 40.29
N ASP F 432 -14.69 9.89 39.61
CA ASP F 432 -13.40 10.52 39.30
C ASP F 432 -13.58 11.68 38.33
N VAL F 433 -14.44 11.51 37.33
CA VAL F 433 -14.70 12.59 36.38
C VAL F 433 -15.36 13.77 37.08
N LYS F 434 -16.36 13.50 37.93
CA LYS F 434 -17.03 14.57 38.65
C LYS F 434 -16.07 15.30 39.59
N LYS F 435 -15.22 14.55 40.29
CA LYS F 435 -14.26 15.18 41.20
C LYS F 435 -13.28 16.06 40.44
N ARG F 436 -12.88 15.62 39.24
CA ARG F 436 -11.94 16.42 38.45
C ARG F 436 -12.56 17.75 38.03
N ILE F 437 -13.84 17.74 37.67
CA ILE F 437 -14.51 18.98 37.27
C ILE F 437 -14.54 19.97 38.44
N LEU F 438 -14.88 19.48 39.64
CA LEU F 438 -14.87 20.36 40.80
C LEU F 438 -13.48 20.91 41.08
N GLU F 439 -12.44 20.14 40.77
CA GLU F 439 -11.09 20.67 40.85
C GLU F 439 -10.87 21.79 39.84
N PHE F 440 -11.39 21.62 38.63
CA PHE F 440 -11.27 22.68 37.62
C PHE F 440 -12.10 23.89 38.00
N ILE F 441 -13.27 23.68 38.59
CA ILE F 441 -14.11 24.81 38.99
C ILE F 441 -13.45 25.57 40.14
N ALA F 442 -12.87 24.85 41.10
CA ALA F 442 -12.25 25.50 42.25
C ALA F 442 -11.06 26.37 41.83
N VAL F 443 -10.20 25.84 40.95
CA VAL F 443 -9.04 26.62 40.52
C VAL F 443 -9.48 27.80 39.66
N SER F 444 -10.58 27.66 38.93
CA SER F 444 -11.07 28.76 38.11
C SER F 444 -11.52 29.93 38.97
N GLN F 445 -12.20 29.66 40.08
CA GLN F 445 -12.66 30.73 40.95
C GLN F 445 -11.50 31.47 41.58
N LEU F 446 -10.47 30.74 42.02
CA LEU F 446 -9.31 31.38 42.62
C LEU F 446 -8.55 32.21 41.59
N ARG F 447 -8.39 31.68 40.37
CA ARG F 447 -7.63 32.38 39.35
C ARG F 447 -8.34 33.65 38.88
N GLY F 448 -9.67 33.69 38.96
CA GLY F 448 -10.40 34.85 38.48
C GLY F 448 -10.47 34.95 36.98
N SER F 449 -10.11 33.89 36.26
CA SER F 449 -10.14 33.87 34.80
C SER F 449 -11.04 32.73 34.35
N THR F 450 -11.89 33.01 33.35
CA THR F 450 -12.82 32.00 32.87
C THR F 450 -12.08 30.84 32.20
N GLN F 451 -11.33 31.14 31.14
CA GLN F 451 -10.62 30.12 30.38
C GLN F 451 -9.18 30.05 30.88
N GLY F 452 -8.87 29.02 31.66
CA GLY F 452 -7.52 28.78 32.11
C GLY F 452 -6.78 27.84 31.18
N LYS F 453 -7.37 26.68 30.91
CA LYS F 453 -6.79 25.72 29.99
C LYS F 453 -7.91 24.91 29.35
N ILE F 454 -7.60 24.29 28.22
CA ILE F 454 -8.60 23.56 27.45
C ILE F 454 -8.86 22.21 28.11
N LEU F 455 -10.13 21.87 28.28
CA LEU F 455 -10.54 20.60 28.85
C LEU F 455 -10.98 19.65 27.75
N CYS F 456 -10.48 18.41 27.80
CA CYS F 456 -10.89 17.39 26.84
C CYS F 456 -11.18 16.10 27.57
N PHE F 457 -12.09 15.32 27.01
CA PHE F 457 -12.49 14.02 27.56
C PHE F 457 -12.31 12.96 26.49
N TYR F 458 -11.58 11.90 26.84
CA TYR F 458 -11.39 10.78 25.93
C TYR F 458 -11.80 9.48 26.62
N GLY F 459 -12.48 8.62 25.87
CA GLY F 459 -12.96 7.36 26.39
C GLY F 459 -13.69 6.56 25.34
N PRO F 460 -14.19 5.39 25.72
CA PRO F 460 -14.93 4.57 24.76
C PRO F 460 -16.14 5.30 24.24
N PRO F 461 -16.52 5.08 22.98
CA PRO F 461 -17.69 5.77 22.42
C PRO F 461 -18.96 5.43 23.17
N GLY F 462 -19.85 6.42 23.27
CA GLY F 462 -21.13 6.24 23.94
C GLY F 462 -21.01 6.02 25.43
N VAL F 463 -20.08 6.70 26.09
CA VAL F 463 -19.93 6.59 27.53
C VAL F 463 -20.56 7.77 28.27
N GLY F 464 -20.78 8.90 27.59
CA GLY F 464 -21.45 10.02 28.20
C GLY F 464 -20.67 11.32 28.20
N LYS F 465 -19.59 11.38 27.41
CA LYS F 465 -18.76 12.57 27.39
C LYS F 465 -19.53 13.79 26.89
N THR F 466 -20.31 13.61 25.82
CA THR F 466 -21.06 14.74 25.26
C THR F 466 -22.10 15.26 26.24
N SER F 467 -22.82 14.35 26.90
CA SER F 467 -23.86 14.76 27.83
C SER F 467 -23.31 15.43 29.07
N ILE F 468 -22.03 15.22 29.39
CA ILE F 468 -21.42 15.90 30.54
C ILE F 468 -21.41 17.40 30.33
N ALA F 469 -21.08 17.85 29.11
CA ALA F 469 -20.93 19.28 28.85
C ALA F 469 -22.23 20.03 29.11
N ARG F 470 -23.36 19.44 28.76
CA ARG F 470 -24.65 20.07 29.08
C ARG F 470 -24.83 20.19 30.59
N SER F 471 -24.44 19.15 31.33
CA SER F 471 -24.50 19.23 32.79
C SER F 471 -23.54 20.26 33.33
N ILE F 472 -22.36 20.39 32.70
CA ILE F 472 -21.39 21.38 33.17
C ILE F 472 -21.93 22.79 33.02
N ALA F 473 -22.58 23.07 31.88
CA ALA F 473 -23.11 24.41 31.65
C ALA F 473 -24.12 24.79 32.71
N ARG F 474 -24.98 23.85 33.11
CA ARG F 474 -25.93 24.10 34.18
C ARG F 474 -25.25 24.23 35.54
N ALA F 475 -24.05 23.67 35.70
CA ALA F 475 -23.38 23.70 37.00
C ALA F 475 -22.97 25.12 37.37
N LEU F 476 -22.32 25.84 36.45
CA LEU F 476 -21.85 27.19 36.71
C LEU F 476 -22.61 28.24 35.88
N ASN F 477 -23.80 27.89 35.41
CA ASN F 477 -24.71 28.84 34.75
C ASN F 477 -24.08 29.45 33.50
N ARG F 478 -23.78 28.59 32.54
CA ARG F 478 -23.32 28.99 31.22
C ARG F 478 -24.43 28.74 30.20
N GLU F 479 -24.11 28.99 28.93
CA GLU F 479 -25.02 28.72 27.82
C GLU F 479 -24.39 27.64 26.94
N TYR F 480 -24.99 26.46 26.94
CA TYR F 480 -24.44 25.33 26.21
C TYR F 480 -24.53 25.54 24.70
N PHE F 481 -23.55 25.03 23.99
CA PHE F 481 -23.54 25.06 22.52
C PHE F 481 -22.61 23.96 22.03
N ARG F 482 -23.16 23.00 21.29
CA ARG F 482 -22.37 21.90 20.76
C ARG F 482 -21.92 22.22 19.34
N PHE F 483 -20.63 22.04 19.08
CA PHE F 483 -20.03 22.29 17.77
C PHE F 483 -19.21 21.06 17.38
N SER F 484 -19.87 20.09 16.76
CA SER F 484 -19.23 18.85 16.35
C SER F 484 -18.82 18.91 14.89
N VAL F 485 -17.71 18.25 14.58
CA VAL F 485 -17.17 18.18 13.22
C VAL F 485 -16.96 16.72 12.85
N GLY F 486 -17.41 16.35 11.67
CA GLY F 486 -17.21 15.00 11.16
C GLY F 486 -16.05 14.91 10.21
N GLY F 487 -15.99 15.85 9.26
CA GLY F 487 -14.91 15.91 8.29
C GLY F 487 -14.15 17.21 8.42
N MET F 488 -12.87 17.17 8.05
CA MET F 488 -11.99 18.33 8.17
C MET F 488 -11.97 19.08 6.84
N THR F 489 -12.54 20.29 6.84
CA THR F 489 -12.53 21.17 5.67
C THR F 489 -12.27 22.58 6.15
N ASP F 490 -11.43 23.31 5.41
CA ASP F 490 -10.93 24.60 5.87
C ASP F 490 -12.07 25.63 5.98
N VAL F 491 -12.73 25.90 4.86
CA VAL F 491 -13.61 27.06 4.75
C VAL F 491 -15.06 26.65 5.05
N ALA F 492 -15.24 25.49 5.69
CA ALA F 492 -16.58 24.96 5.88
C ALA F 492 -17.25 25.44 7.16
N GLU F 493 -16.54 25.42 8.29
CA GLU F 493 -17.20 25.59 9.58
C GLU F 493 -16.81 26.86 10.32
N ILE F 494 -15.52 27.21 10.43
CA ILE F 494 -15.16 28.49 11.05
C ILE F 494 -15.04 29.60 10.02
N LYS F 495 -14.31 29.35 8.92
CA LYS F 495 -13.88 30.44 8.04
C LYS F 495 -15.06 31.17 7.41
N GLY F 496 -16.19 30.49 7.24
CA GLY F 496 -17.36 31.16 6.69
C GLY F 496 -17.16 31.58 5.25
N HIS F 497 -17.69 32.76 4.91
CA HIS F 497 -17.60 33.29 3.56
C HIS F 497 -17.47 34.80 3.61
N ARG F 498 -17.03 35.38 2.50
CA ARG F 498 -16.84 36.82 2.36
C ARG F 498 -15.90 37.37 3.43
N ALA F 504 -22.39 35.11 1.80
CA ALA F 504 -22.44 35.81 3.07
C ALA F 504 -22.96 34.91 4.18
N MET F 505 -22.10 33.99 4.64
CA MET F 505 -22.47 33.04 5.70
C MET F 505 -21.58 33.28 6.90
N PRO F 506 -22.10 33.89 7.97
CA PRO F 506 -21.26 34.20 9.14
C PRO F 506 -20.76 32.95 9.83
N GLY F 507 -19.59 33.08 10.46
CA GLY F 507 -18.99 31.94 11.13
C GLY F 507 -19.82 31.45 12.29
N LYS F 508 -19.71 30.14 12.57
CA LYS F 508 -20.55 29.52 13.57
C LYS F 508 -20.31 30.09 14.97
N ILE F 509 -19.08 30.54 15.24
CA ILE F 509 -18.79 31.17 16.53
C ILE F 509 -19.60 32.44 16.69
N ILE F 510 -19.70 33.24 15.63
CA ILE F 510 -20.52 34.45 15.67
C ILE F 510 -21.99 34.08 15.89
N GLN F 511 -22.47 33.05 15.19
CA GLN F 511 -23.84 32.61 15.37
C GLN F 511 -24.08 32.03 16.76
N CYS F 512 -23.04 31.48 17.38
CA CYS F 512 -23.18 30.92 18.72
C CYS F 512 -23.53 31.99 19.74
N LEU F 513 -22.87 33.15 19.67
CA LEU F 513 -23.13 34.21 20.63
C LEU F 513 -24.53 34.79 20.46
N LYS F 514 -25.00 34.91 19.21
CA LYS F 514 -26.31 35.51 18.97
C LYS F 514 -27.42 34.66 19.56
N LYS F 515 -27.38 33.34 19.36
CA LYS F 515 -28.45 32.49 19.83
C LYS F 515 -28.42 32.29 21.34
N THR F 516 -27.27 32.51 21.98
CA THR F 516 -27.17 32.40 23.42
C THR F 516 -27.39 33.73 24.15
N LYS F 517 -27.25 34.86 23.44
CA LYS F 517 -27.48 36.19 24.00
C LYS F 517 -26.63 36.44 25.23
N THR F 518 -25.37 35.98 25.18
CA THR F 518 -24.46 36.18 26.31
C THR F 518 -23.04 36.35 25.78
N GLU F 519 -22.21 37.02 26.57
CA GLU F 519 -20.80 37.18 26.26
C GLU F 519 -19.94 36.04 26.78
N ASN F 520 -20.48 35.17 27.64
CA ASN F 520 -19.73 34.06 28.22
C ASN F 520 -20.51 32.76 28.04
N PRO F 521 -20.61 32.26 26.80
CA PRO F 521 -21.27 30.97 26.60
C PRO F 521 -20.32 29.80 26.80
N LEU F 522 -20.83 28.59 26.60
CA LEU F 522 -20.00 27.38 26.66
C LEU F 522 -20.09 26.68 25.31
N ILE F 523 -18.95 26.54 24.64
CA ILE F 523 -18.87 25.90 23.34
C ILE F 523 -18.12 24.59 23.49
N LEU F 524 -18.76 23.50 23.10
CA LEU F 524 -18.17 22.17 23.15
C LEU F 524 -17.78 21.75 21.74
N ILE F 525 -16.50 21.45 21.54
CA ILE F 525 -16.04 20.86 20.29
C ILE F 525 -16.03 19.35 20.45
N ASP F 526 -16.73 18.66 19.56
CA ASP F 526 -16.98 17.24 19.69
C ASP F 526 -16.32 16.47 18.55
N GLU F 527 -15.68 15.35 18.90
CA GLU F 527 -14.99 14.49 17.95
C GLU F 527 -13.91 15.27 17.19
N VAL F 528 -12.95 15.78 17.95
CA VAL F 528 -11.85 16.54 17.36
C VAL F 528 -10.96 15.62 16.52
N ASP F 529 -10.77 14.38 16.98
CA ASP F 529 -9.91 13.45 16.23
C ASP F 529 -10.49 13.12 14.86
N LYS F 530 -11.80 12.94 14.78
CA LYS F 530 -12.45 12.64 13.51
C LYS F 530 -12.96 13.92 12.84
N ASP F 538 -6.09 19.23 7.25
CA ASP F 538 -7.10 19.61 8.23
C ASP F 538 -6.91 21.07 8.67
N PRO F 539 -8.02 21.77 8.95
CA PRO F 539 -7.96 23.16 9.41
C PRO F 539 -7.72 23.29 10.91
N SER F 540 -6.70 22.58 11.41
CA SER F 540 -6.35 22.68 12.81
C SER F 540 -5.87 24.08 13.17
N SER F 541 -5.24 24.78 12.22
CA SER F 541 -4.82 26.16 12.45
C SER F 541 -6.01 27.06 12.70
N ALA F 542 -7.11 26.84 11.99
CA ALA F 542 -8.33 27.60 12.21
C ALA F 542 -8.90 27.38 13.61
N LEU F 543 -8.61 26.23 14.23
CA LEU F 543 -9.02 25.98 15.60
C LEU F 543 -8.02 26.50 16.62
N LEU F 544 -6.76 26.72 16.22
CA LEU F 544 -5.77 27.24 17.15
C LEU F 544 -6.15 28.63 17.65
N GLU F 545 -6.61 29.50 16.75
CA GLU F 545 -7.00 30.84 17.16
C GLU F 545 -8.18 30.82 18.12
N LEU F 546 -9.04 29.81 18.03
CA LEU F 546 -10.16 29.69 18.97
C LEU F 546 -9.67 29.35 20.36
N LEU F 547 -8.62 28.54 20.47
CA LEU F 547 -8.06 28.13 21.75
C LEU F 547 -6.81 28.90 22.15
N ASP F 548 -6.37 29.85 21.34
CA ASP F 548 -5.21 30.67 21.69
C ASP F 548 -5.69 31.92 22.43
N PRO F 549 -5.27 32.14 23.68
CA PRO F 549 -5.76 33.31 24.42
C PRO F 549 -5.43 34.63 23.75
N GLU F 550 -4.29 34.73 23.06
CA GLU F 550 -3.95 35.98 22.38
C GLU F 550 -4.94 36.31 21.28
N GLN F 551 -5.34 35.30 20.49
CA GLN F 551 -6.28 35.51 19.41
C GLN F 551 -7.73 35.53 19.88
N ASN F 552 -8.01 35.13 21.10
CA ASN F 552 -9.38 35.17 21.61
C ASN F 552 -9.84 36.60 21.84
N ALA F 553 -8.94 37.47 22.29
CA ALA F 553 -9.30 38.86 22.54
C ALA F 553 -9.73 39.57 21.27
N ASN F 554 -9.02 39.33 20.17
CA ASN F 554 -9.32 39.93 18.87
C ASN F 554 -9.56 38.79 17.88
N PHE F 555 -10.81 38.32 17.81
CA PHE F 555 -11.19 37.25 16.90
C PHE F 555 -11.42 37.84 15.52
N LEU F 556 -10.43 37.69 14.64
CA LEU F 556 -10.51 38.26 13.29
C LEU F 556 -11.33 37.32 12.41
N ASP F 557 -12.64 37.56 12.38
CA ASP F 557 -13.52 36.78 11.52
C ASP F 557 -13.33 37.17 10.07
N HIS F 558 -13.36 36.16 9.18
CA HIS F 558 -13.30 36.45 7.76
C HIS F 558 -14.55 37.19 7.29
N TYR F 559 -15.72 36.79 7.78
CA TYR F 559 -16.96 37.46 7.42
C TYR F 559 -17.05 38.85 8.03
N LEU F 560 -16.76 38.96 9.33
CA LEU F 560 -16.93 40.20 10.08
C LEU F 560 -15.57 40.82 10.32
N ASP F 561 -15.37 42.04 9.80
CA ASP F 561 -14.09 42.72 9.97
C ASP F 561 -13.83 43.05 11.44
N VAL F 562 -14.86 43.51 12.15
CA VAL F 562 -14.67 43.90 13.56
C VAL F 562 -14.42 42.65 14.41
N PRO F 563 -13.40 42.66 15.26
CA PRO F 563 -13.16 41.51 16.14
C PRO F 563 -14.17 41.43 17.26
N VAL F 564 -14.27 40.24 17.84
CA VAL F 564 -15.12 40.00 19.00
C VAL F 564 -14.27 39.39 20.11
N ASP F 565 -14.73 39.57 21.34
CA ASP F 565 -13.99 39.14 22.52
C ASP F 565 -14.38 37.69 22.85
N LEU F 566 -13.42 36.78 22.70
CA LEU F 566 -13.61 35.39 23.06
C LEU F 566 -12.80 34.99 24.29
N SER F 567 -12.16 35.96 24.95
CA SER F 567 -11.40 35.64 26.15
C SER F 567 -12.31 35.14 27.27
N LYS F 568 -13.47 35.77 27.44
CA LYS F 568 -14.45 35.36 28.45
C LYS F 568 -15.37 34.26 27.92
N VAL F 569 -14.77 33.20 27.38
CA VAL F 569 -15.52 32.10 26.78
C VAL F 569 -14.86 30.79 27.20
N LEU F 570 -15.67 29.83 27.61
CA LEU F 570 -15.19 28.52 28.04
C LEU F 570 -15.29 27.52 26.89
N PHE F 571 -14.29 26.63 26.80
CA PHE F 571 -14.25 25.61 25.76
C PHE F 571 -14.09 24.24 26.39
N ILE F 572 -14.82 23.27 25.85
CA ILE F 572 -14.75 21.88 26.29
C ILE F 572 -14.55 21.01 25.05
N CYS F 573 -13.74 19.96 25.18
CA CYS F 573 -13.41 19.09 24.07
C CYS F 573 -13.72 17.64 24.44
N THR F 574 -13.91 16.82 23.41
CA THR F 574 -14.16 15.40 23.58
C THR F 574 -13.42 14.62 22.51
N ALA F 575 -13.13 13.35 22.83
CA ALA F 575 -12.42 12.47 21.90
C ALA F 575 -12.75 11.04 22.27
N ASN F 576 -12.37 10.11 21.39
CA ASN F 576 -12.68 8.69 21.57
C ASN F 576 -11.42 7.86 21.81
N VAL F 577 -10.44 7.91 20.92
CA VAL F 577 -9.24 7.10 21.02
C VAL F 577 -8.03 8.03 21.02
N THR F 578 -7.04 7.69 21.85
CA THR F 578 -5.91 8.57 22.13
C THR F 578 -4.74 8.40 21.17
N ASP F 579 -4.87 7.53 20.15
CA ASP F 579 -3.77 7.34 19.21
C ASP F 579 -3.81 8.31 18.05
N THR F 580 -5.00 8.66 17.56
CA THR F 580 -5.15 9.56 16.44
C THR F 580 -5.40 11.00 16.86
N ILE F 581 -5.36 11.30 18.15
CA ILE F 581 -5.54 12.66 18.65
C ILE F 581 -4.38 13.52 18.15
N PRO F 582 -4.60 14.82 17.91
CA PRO F 582 -3.49 15.67 17.45
C PRO F 582 -2.45 15.90 18.54
N GLU F 583 -1.30 15.24 18.40
CA GLU F 583 -0.22 15.44 19.36
C GLU F 583 0.27 16.89 19.43
N PRO F 584 0.46 17.61 18.32
CA PRO F 584 0.81 19.04 18.45
C PRO F 584 -0.24 19.84 19.21
N LEU F 585 -1.51 19.47 19.09
CA LEU F 585 -2.58 20.13 19.83
C LEU F 585 -2.86 19.46 21.18
N ARG F 586 -2.26 18.30 21.44
CA ARG F 586 -2.52 17.60 22.69
C ARG F 586 -2.03 18.37 23.90
N ASP F 587 -0.92 19.11 23.75
CA ASP F 587 -0.34 19.82 24.89
C ASP F 587 -1.26 20.92 25.39
N ARG F 588 -2.05 21.54 24.51
CA ARG F 588 -2.91 22.63 24.92
C ARG F 588 -4.05 22.15 25.82
N MET F 589 -4.59 20.97 25.53
CA MET F 589 -5.76 20.46 26.23
C MET F 589 -5.37 19.51 27.35
N GLU F 590 -6.15 19.53 28.43
CA GLU F 590 -5.89 18.69 29.59
C GLU F 590 -6.54 17.32 29.40
N MET F 591 -5.71 16.29 29.31
CA MET F 591 -6.21 14.95 29.00
C MET F 591 -6.94 14.37 30.21
N ILE F 592 -8.24 14.08 30.04
CA ILE F 592 -9.06 13.49 31.07
C ILE F 592 -9.66 12.20 30.53
N ASN F 593 -9.44 11.10 31.23
CA ASN F 593 -9.94 9.79 30.81
C ASN F 593 -11.33 9.56 31.41
N VAL F 594 -12.27 9.16 30.57
CA VAL F 594 -13.63 8.83 30.98
C VAL F 594 -13.78 7.32 30.84
N SER F 595 -13.70 6.60 31.96
CA SER F 595 -13.83 5.15 31.93
C SER F 595 -15.27 4.75 31.68
N GLY F 596 -15.44 3.48 31.28
CA GLY F 596 -16.76 2.93 31.01
C GLY F 596 -17.54 2.63 32.27
N TYR F 597 -18.43 1.65 32.17
CA TYR F 597 -19.27 1.25 33.29
C TYR F 597 -19.33 -0.27 33.37
N VAL F 598 -19.23 -0.80 34.58
CA VAL F 598 -19.51 -2.20 34.82
C VAL F 598 -21.03 -2.34 34.95
N ALA F 599 -21.51 -3.58 34.99
CA ALA F 599 -22.95 -3.83 34.90
C ALA F 599 -23.74 -3.15 36.01
N GLN F 600 -23.09 -2.80 37.13
CA GLN F 600 -23.82 -2.16 38.22
C GLN F 600 -24.30 -0.76 37.85
N GLU F 601 -23.44 0.05 37.23
CA GLU F 601 -23.88 1.38 36.80
C GLU F 601 -24.85 1.28 35.63
N LYS F 602 -24.72 0.27 34.78
CA LYS F 602 -25.62 0.14 33.64
C LYS F 602 -27.06 -0.08 34.11
N LEU F 603 -27.24 -0.87 35.17
CA LEU F 603 -28.58 -1.04 35.73
C LEU F 603 -29.11 0.29 36.28
N ALA F 604 -28.26 1.05 36.97
CA ALA F 604 -28.70 2.33 37.52
C ALA F 604 -28.96 3.35 36.43
N ILE F 605 -28.09 3.39 35.42
CA ILE F 605 -28.29 4.33 34.31
C ILE F 605 -29.56 4.01 33.54
N ALA F 606 -29.77 2.73 33.24
CA ALA F 606 -30.96 2.33 32.49
C ALA F 606 -32.23 2.60 33.30
N GLU F 607 -32.21 2.29 34.60
CA GLU F 607 -33.41 2.47 35.42
C GLU F 607 -33.78 3.94 35.54
N ARG F 608 -32.78 4.82 35.67
CA ARG F 608 -33.04 6.23 35.94
C ARG F 608 -33.14 7.06 34.67
N TYR F 609 -32.33 6.77 33.65
CA TYR F 609 -32.23 7.62 32.48
C TYR F 609 -32.69 6.93 31.20
N LEU F 610 -32.14 5.77 30.87
CA LEU F 610 -32.38 5.18 29.56
C LEU F 610 -33.83 4.76 29.38
N VAL F 611 -34.36 3.99 30.34
CA VAL F 611 -35.74 3.50 30.21
C VAL F 611 -36.76 4.64 30.22
N PRO F 612 -36.72 5.60 31.16
CA PRO F 612 -37.71 6.70 31.08
C PRO F 612 -37.62 7.50 29.80
N GLN F 613 -36.41 7.71 29.27
CA GLN F 613 -36.27 8.48 28.04
C GLN F 613 -36.75 7.68 26.83
N ALA F 614 -36.38 6.40 26.75
CA ALA F 614 -36.82 5.57 25.65
C ALA F 614 -38.33 5.39 25.65
N ARG F 615 -38.92 5.26 26.85
CA ARG F 615 -40.37 5.16 26.94
C ARG F 615 -41.05 6.44 26.47
N ALA F 616 -40.46 7.59 26.79
CA ALA F 616 -41.04 8.87 26.35
C ALA F 616 -41.03 9.00 24.85
N LEU F 617 -39.91 8.63 24.20
CA LEU F 617 -39.85 8.69 22.74
C LEU F 617 -40.82 7.71 22.10
N CYS F 618 -40.92 6.50 22.64
CA CYS F 618 -41.83 5.50 22.09
C CYS F 618 -43.30 5.80 22.38
N GLY F 619 -43.59 6.76 23.25
CA GLY F 619 -44.96 7.11 23.57
C GLY F 619 -45.66 6.15 24.50
N LEU F 620 -44.94 5.20 25.10
CA LEU F 620 -45.55 4.25 26.01
C LEU F 620 -45.74 4.86 27.39
N ASP F 621 -46.26 4.05 28.31
CA ASP F 621 -46.47 4.47 29.69
C ASP F 621 -46.00 3.35 30.61
N GLU F 622 -45.69 3.74 31.85
CA GLU F 622 -45.22 2.76 32.83
C GLU F 622 -46.27 1.69 33.09
N SER F 623 -47.55 2.09 33.14
CA SER F 623 -48.62 1.14 33.39
C SER F 623 -48.85 0.16 32.25
N LYS F 624 -48.38 0.49 31.04
CA LYS F 624 -48.56 -0.40 29.89
C LYS F 624 -47.38 -1.36 29.72
N ALA F 625 -46.16 -0.84 29.66
CA ALA F 625 -44.96 -1.64 29.54
C ALA F 625 -44.13 -1.47 30.80
N LYS F 626 -43.80 -2.58 31.45
CA LYS F 626 -43.07 -2.57 32.71
C LYS F 626 -41.77 -3.34 32.53
N LEU F 627 -40.64 -2.66 32.74
CA LEU F 627 -39.32 -3.27 32.69
C LEU F 627 -38.79 -3.36 34.12
N SER F 628 -38.73 -4.57 34.66
CA SER F 628 -38.30 -4.77 36.03
C SER F 628 -36.78 -4.70 36.12
N SER F 629 -36.28 -4.63 37.37
CA SER F 629 -34.85 -4.56 37.59
C SER F 629 -34.16 -5.86 37.18
N ASP F 630 -34.77 -7.01 37.49
CA ASP F 630 -34.12 -8.29 37.23
C ASP F 630 -33.95 -8.53 35.73
N VAL F 631 -34.97 -8.21 34.94
CA VAL F 631 -34.85 -8.41 33.49
C VAL F 631 -33.84 -7.45 32.89
N LEU F 632 -33.74 -6.23 33.42
CA LEU F 632 -32.73 -5.30 32.92
C LEU F 632 -31.32 -5.80 33.20
N THR F 633 -31.10 -6.39 34.38
CA THR F 633 -29.80 -6.98 34.67
C THR F 633 -29.49 -8.13 33.72
N LEU F 634 -30.48 -8.99 33.47
CA LEU F 634 -30.28 -10.10 32.55
C LEU F 634 -30.04 -9.60 31.13
N LEU F 635 -30.74 -8.54 30.73
CA LEU F 635 -30.51 -7.95 29.42
C LEU F 635 -29.09 -7.40 29.31
N ILE F 636 -28.62 -6.71 30.34
CA ILE F 636 -27.26 -6.17 30.32
C ILE F 636 -26.24 -7.29 30.35
N LYS F 637 -26.47 -8.31 31.18
CA LYS F 637 -25.50 -9.38 31.35
C LYS F 637 -25.29 -10.16 30.05
N GLN F 638 -26.37 -10.46 29.33
CA GLN F 638 -26.32 -11.37 28.19
C GLN F 638 -26.31 -10.68 26.84
N TYR F 639 -26.54 -9.37 26.78
CA TYR F 639 -26.64 -8.74 25.47
C TYR F 639 -25.71 -7.55 25.30
N CYS F 640 -25.48 -6.77 26.35
CA CYS F 640 -24.67 -5.55 26.26
C CYS F 640 -23.54 -5.62 27.29
N ARG F 641 -22.38 -6.10 26.86
CA ARG F 641 -21.20 -6.14 27.72
C ARG F 641 -20.15 -5.10 27.32
N GLU F 642 -20.46 -4.25 26.35
CA GLU F 642 -19.52 -3.22 25.96
C GLU F 642 -19.42 -2.14 27.04
N SER F 643 -18.31 -1.38 27.00
CA SER F 643 -18.08 -0.33 27.98
C SER F 643 -18.95 0.90 27.74
N GLY F 644 -19.60 1.01 26.58
CA GLY F 644 -20.44 2.14 26.26
C GLY F 644 -21.86 1.98 26.77
N VAL F 645 -22.70 2.94 26.36
CA VAL F 645 -24.10 2.95 26.75
C VAL F 645 -25.05 2.95 25.57
N ARG F 646 -24.59 3.32 24.36
CA ARG F 646 -25.49 3.44 23.21
C ARG F 646 -26.14 2.11 22.87
N ASN F 647 -25.38 1.01 22.97
CA ASN F 647 -25.94 -0.30 22.63
C ASN F 647 -27.08 -0.66 23.57
N LEU F 648 -26.95 -0.34 24.85
CA LEU F 648 -28.03 -0.59 25.80
C LEU F 648 -29.29 0.19 25.43
N GLN F 649 -29.13 1.40 24.88
CA GLN F 649 -30.29 2.17 24.43
C GLN F 649 -31.02 1.46 23.29
N LYS F 650 -30.27 0.83 22.40
CA LYS F 650 -30.89 0.14 21.27
C LYS F 650 -31.73 -1.05 21.73
N GLN F 651 -31.24 -1.77 22.75
CA GLN F 651 -31.96 -2.94 23.22
C GLN F 651 -33.27 -2.57 23.92
N VAL F 652 -33.23 -1.55 24.78
CA VAL F 652 -34.43 -1.17 25.53
C VAL F 652 -35.48 -0.59 24.59
N GLU F 653 -35.05 0.17 23.58
CA GLU F 653 -36.00 0.66 22.59
C GLU F 653 -36.62 -0.48 21.80
N LYS F 654 -35.84 -1.52 21.51
CA LYS F 654 -36.39 -2.68 20.79
C LYS F 654 -37.46 -3.37 21.61
N VAL F 655 -37.24 -3.52 22.92
CA VAL F 655 -38.24 -4.14 23.77
C VAL F 655 -39.50 -3.26 23.84
N LEU F 656 -39.32 -1.95 24.00
CA LEU F 656 -40.46 -1.05 24.05
C LEU F 656 -41.17 -0.98 22.71
N ARG F 657 -40.40 -1.02 21.61
CA ARG F 657 -41.01 -1.00 20.28
C ARG F 657 -41.86 -2.24 20.04
N LYS F 658 -41.36 -3.41 20.45
CA LYS F 658 -42.16 -4.63 20.34
C LYS F 658 -43.39 -4.58 21.23
N SER F 659 -43.23 -4.03 22.44
CA SER F 659 -44.36 -3.92 23.35
C SER F 659 -45.43 -2.97 22.80
N ALA F 660 -45.00 -1.89 22.14
CA ALA F 660 -45.96 -0.98 21.53
C ALA F 660 -46.77 -1.66 20.45
N TYR F 661 -46.15 -2.55 19.67
CA TYR F 661 -46.87 -3.27 18.64
C TYR F 661 -47.95 -4.16 19.23
N LYS F 662 -47.65 -4.82 20.35
CA LYS F 662 -48.64 -5.70 20.98
C LYS F 662 -49.84 -4.92 21.49
N ILE F 663 -49.59 -3.74 22.08
CA ILE F 663 -50.68 -2.93 22.60
C ILE F 663 -51.57 -2.43 21.47
N VAL F 664 -50.97 -1.93 20.40
CA VAL F 664 -51.74 -1.39 19.28
C VAL F 664 -52.51 -2.50 18.58
N SER F 665 -51.87 -3.64 18.35
CA SER F 665 -52.51 -4.76 17.67
C SER F 665 -53.55 -5.46 18.54
N GLY F 666 -53.63 -5.13 19.82
CA GLY F 666 -54.59 -5.79 20.69
C GLY F 666 -54.17 -7.15 21.18
N GLU F 667 -52.90 -7.51 21.03
CA GLU F 667 -52.43 -8.80 21.53
C GLU F 667 -52.59 -8.90 23.04
N ALA F 668 -52.26 -7.82 23.76
CA ALA F 668 -52.41 -7.78 25.20
C ALA F 668 -52.66 -6.35 25.63
N GLU F 669 -53.55 -6.18 26.61
CA GLU F 669 -53.84 -4.84 27.11
C GLU F 669 -52.61 -4.20 27.75
N SER F 670 -51.86 -4.97 28.53
CA SER F 670 -50.62 -4.52 29.13
C SER F 670 -49.53 -5.55 28.86
N VAL F 671 -48.34 -5.08 28.49
CA VAL F 671 -47.23 -5.94 28.13
C VAL F 671 -46.23 -5.92 29.28
N GLU F 672 -45.85 -7.12 29.75
CA GLU F 672 -44.88 -7.27 30.82
C GLU F 672 -43.77 -8.20 30.37
N VAL F 673 -42.55 -7.92 30.83
CA VAL F 673 -41.35 -8.60 30.37
C VAL F 673 -40.82 -9.47 31.50
N THR F 674 -40.47 -10.70 31.17
CA THR F 674 -39.90 -11.69 32.08
C THR F 674 -38.63 -12.23 31.45
N PRO F 675 -37.74 -12.83 32.26
CA PRO F 675 -36.51 -13.39 31.67
C PRO F 675 -36.75 -14.41 30.57
N GLU F 676 -37.82 -15.21 30.69
CA GLU F 676 -38.13 -16.16 29.63
C GLU F 676 -38.67 -15.46 28.39
N ASN F 677 -39.39 -14.34 28.57
CA ASN F 677 -39.94 -13.62 27.43
C ASN F 677 -38.92 -12.71 26.75
N LEU F 678 -37.80 -12.42 27.41
CA LEU F 678 -36.85 -11.46 26.86
C LEU F 678 -36.25 -11.92 25.54
N GLN F 679 -36.15 -13.23 25.34
CA GLN F 679 -35.63 -13.75 24.08
C GLN F 679 -36.52 -13.34 22.91
N ASP F 680 -37.84 -13.40 23.10
CA ASP F 680 -38.76 -13.02 22.04
C ASP F 680 -38.65 -11.52 21.73
N PHE F 681 -38.57 -10.68 22.76
CA PHE F 681 -38.53 -9.25 22.52
C PHE F 681 -37.19 -8.80 21.96
N VAL F 682 -36.09 -9.29 22.51
CA VAL F 682 -34.77 -8.82 22.10
C VAL F 682 -34.25 -9.64 20.93
N GLY F 683 -34.07 -10.94 21.15
CA GLY F 683 -33.53 -11.80 20.12
C GLY F 683 -32.52 -12.81 20.61
N LYS F 684 -31.32 -12.76 20.06
CA LYS F 684 -30.30 -13.77 20.33
C LYS F 684 -29.42 -13.34 21.49
N PRO F 685 -29.32 -14.13 22.57
CA PRO F 685 -28.31 -13.85 23.59
C PRO F 685 -26.91 -13.94 23.00
N VAL F 686 -26.03 -13.04 23.47
CA VAL F 686 -24.68 -12.97 22.92
C VAL F 686 -23.72 -13.67 23.87
N PHE F 687 -24.00 -13.61 25.16
CA PHE F 687 -23.17 -14.25 26.19
C PHE F 687 -24.07 -15.10 27.07
N THR F 688 -23.93 -16.42 26.96
CA THR F 688 -24.78 -17.35 27.71
C THR F 688 -24.04 -17.95 28.92
N VAL F 689 -22.89 -18.59 28.67
CA VAL F 689 -22.17 -19.31 29.71
C VAL F 689 -20.88 -18.55 30.04
N GLU F 690 -20.62 -18.35 31.32
CA GLU F 690 -19.45 -17.63 31.80
C GLU F 690 -18.36 -18.54 32.35
N ARG F 691 -18.71 -19.70 32.89
CA ARG F 691 -17.75 -20.66 33.39
C ARG F 691 -17.82 -21.93 32.55
N MET F 692 -16.76 -22.21 31.81
CA MET F 692 -16.72 -23.44 31.02
C MET F 692 -16.70 -24.67 31.93
N TYR F 693 -15.97 -24.59 33.04
CA TYR F 693 -15.93 -25.66 34.04
C TYR F 693 -16.57 -25.16 35.33
N ASP F 694 -17.61 -25.86 35.78
CA ASP F 694 -18.13 -25.61 37.12
C ASP F 694 -17.18 -26.15 38.18
N VAL F 695 -16.61 -27.33 37.94
CA VAL F 695 -15.60 -27.93 38.80
C VAL F 695 -14.38 -28.24 37.94
N THR F 696 -13.24 -27.69 38.32
CA THR F 696 -12.04 -27.85 37.51
C THR F 696 -11.39 -29.19 37.78
N PRO F 697 -11.19 -30.03 36.77
CA PRO F 697 -10.48 -31.29 36.96
C PRO F 697 -8.99 -31.04 37.14
N PRO F 698 -8.22 -32.06 37.53
CA PRO F 698 -6.77 -31.87 37.64
C PRO F 698 -6.16 -31.43 36.31
N GLY F 699 -5.23 -30.49 36.40
CA GLY F 699 -4.59 -29.94 35.21
C GLY F 699 -5.29 -28.75 34.58
N VAL F 700 -6.43 -28.34 35.11
CA VAL F 700 -7.19 -27.21 34.58
C VAL F 700 -7.24 -26.12 35.65
N VAL F 701 -6.77 -24.93 35.28
CA VAL F 701 -6.75 -23.78 36.19
C VAL F 701 -7.41 -22.60 35.50
N MET F 702 -8.29 -21.91 36.23
CA MET F 702 -8.93 -20.72 35.69
C MET F 702 -7.95 -19.55 35.64
N GLY F 703 -8.05 -18.76 34.57
CA GLY F 703 -7.30 -17.53 34.46
C GLY F 703 -8.23 -16.37 34.15
N LEU F 704 -7.62 -15.20 33.98
CA LEU F 704 -8.34 -13.98 33.66
C LEU F 704 -7.72 -13.31 32.45
N ALA F 705 -8.56 -12.69 31.62
CA ALA F 705 -8.11 -12.09 30.37
C ALA F 705 -8.77 -10.74 30.19
N TRP F 706 -8.15 -9.91 29.36
CA TRP F 706 -8.66 -8.61 28.99
C TRP F 706 -9.22 -8.67 27.57
N THR F 707 -10.44 -8.16 27.40
CA THR F 707 -11.07 -8.09 26.08
C THR F 707 -11.71 -6.73 25.89
N ALA F 708 -11.98 -6.39 24.63
CA ALA F 708 -12.61 -5.12 24.32
C ALA F 708 -14.04 -5.05 24.87
N MET F 709 -14.74 -6.17 24.92
CA MET F 709 -16.10 -6.23 25.44
C MET F 709 -16.13 -6.54 26.93
N GLY F 710 -15.10 -6.16 27.66
CA GLY F 710 -15.05 -6.41 29.10
C GLY F 710 -14.05 -7.47 29.46
N GLY F 711 -14.24 -8.11 30.61
CA GLY F 711 -13.35 -9.18 31.02
C GLY F 711 -13.71 -10.50 30.38
N SER F 712 -12.85 -11.49 30.63
CA SER F 712 -13.07 -12.84 30.15
C SER F 712 -12.22 -13.80 30.97
N THR F 713 -12.76 -14.96 31.27
CA THR F 713 -12.07 -15.98 32.04
C THR F 713 -11.58 -17.06 31.09
N LEU F 714 -10.26 -17.23 31.04
CA LEU F 714 -9.64 -18.28 30.22
C LEU F 714 -9.21 -19.42 31.12
N PHE F 715 -9.37 -20.64 30.62
CA PHE F 715 -8.88 -21.82 31.31
C PHE F 715 -7.60 -22.29 30.66
N VAL F 716 -6.75 -22.93 31.46
CA VAL F 716 -5.51 -23.53 30.97
C VAL F 716 -5.58 -25.02 31.25
N GLU F 717 -5.54 -25.82 30.19
CA GLU F 717 -5.71 -27.26 30.29
C GLU F 717 -4.44 -27.96 29.86
N THR F 718 -4.05 -28.98 30.62
CA THR F 718 -2.89 -29.80 30.31
C THR F 718 -3.27 -31.27 30.36
N SER F 719 -2.66 -32.06 29.48
CA SER F 719 -2.94 -33.49 29.44
C SER F 719 -1.73 -34.22 28.88
N LEU F 720 -1.70 -35.53 29.12
CA LEU F 720 -0.61 -36.37 28.65
C LEU F 720 -0.76 -36.65 27.16
N ARG F 721 0.20 -36.19 26.36
CA ARG F 721 0.18 -36.49 24.94
C ARG F 721 0.60 -37.92 24.66
N ARG F 722 1.44 -38.50 25.52
CA ARG F 722 1.94 -39.86 25.38
C ARG F 722 1.82 -40.58 26.72
N PRO F 723 1.70 -41.91 26.69
CA PRO F 723 1.63 -42.69 27.93
C PRO F 723 2.91 -42.60 28.75
N LYS F 732 15.87 -39.88 28.09
CA LYS F 732 14.81 -39.25 27.32
C LYS F 732 14.51 -37.85 27.85
N ASP F 733 13.92 -37.01 27.01
CA ASP F 733 13.63 -35.63 27.34
C ASP F 733 12.13 -35.38 27.20
N GLY F 734 11.56 -34.67 28.18
CA GLY F 734 10.17 -34.27 28.10
C GLY F 734 9.98 -33.12 27.12
N SER F 735 8.71 -32.89 26.77
CA SER F 735 8.37 -31.85 25.82
C SER F 735 7.01 -31.28 26.18
N LEU F 736 6.76 -30.06 25.70
CA LEU F 736 5.49 -29.36 25.92
C LEU F 736 5.01 -28.80 24.59
N GLU F 737 3.93 -29.38 24.06
CA GLU F 737 3.26 -28.83 22.90
C GLU F 737 2.18 -27.87 23.35
N VAL F 738 2.18 -26.68 22.77
CA VAL F 738 1.23 -25.62 23.12
C VAL F 738 0.38 -25.32 21.91
N THR F 739 -0.94 -25.48 22.06
CA THR F 739 -1.89 -25.18 21.01
C THR F 739 -2.76 -23.99 21.43
N GLY F 740 -3.69 -23.63 20.55
CA GLY F 740 -4.40 -22.37 20.67
C GLY F 740 -3.67 -21.24 19.96
N GLN F 741 -4.43 -20.20 19.61
CA GLN F 741 -3.89 -19.08 18.86
C GLN F 741 -3.09 -18.16 19.79
N LEU F 742 -2.05 -18.73 20.39
CA LEU F 742 -1.20 -18.01 21.31
C LEU F 742 -0.17 -17.18 20.55
N GLY F 743 0.05 -15.96 21.04
CA GLY F 743 1.03 -15.09 20.44
C GLY F 743 2.44 -15.45 20.83
N GLU F 744 3.40 -14.71 20.25
CA GLU F 744 4.80 -14.97 20.54
C GLU F 744 5.13 -14.68 21.99
N VAL F 745 4.58 -13.61 22.54
CA VAL F 745 4.85 -13.26 23.94
C VAL F 745 4.31 -14.34 24.87
N MET F 746 3.08 -14.80 24.62
CA MET F 746 2.47 -15.79 25.51
C MET F 746 3.06 -17.18 25.30
N LYS F 747 3.51 -17.48 24.08
CA LYS F 747 4.20 -18.76 23.84
C LYS F 747 5.50 -18.82 24.62
N GLU F 748 6.24 -17.71 24.67
CA GLU F 748 7.46 -17.68 25.47
C GLU F 748 7.17 -17.85 26.95
N SER F 749 6.10 -17.21 27.44
CA SER F 749 5.75 -17.34 28.85
C SER F 749 5.43 -18.78 29.22
N ALA F 750 4.86 -19.55 28.28
CA ALA F 750 4.65 -20.97 28.53
C ALA F 750 5.97 -21.71 28.69
N ARG F 751 6.96 -21.36 27.87
CA ARG F 751 8.28 -21.97 28.01
C ARG F 751 8.93 -21.59 29.33
N ILE F 752 8.81 -20.32 29.74
CA ILE F 752 9.34 -19.90 31.03
C ILE F 752 8.60 -20.61 32.16
N ALA F 753 7.28 -20.69 32.05
CA ALA F 753 6.49 -21.36 33.08
C ALA F 753 6.82 -22.85 33.13
N TYR F 754 7.07 -23.47 31.98
CA TYR F 754 7.43 -24.88 31.95
C TYR F 754 8.75 -25.12 32.67
N THR F 755 9.73 -24.24 32.47
CA THR F 755 11.02 -24.40 33.13
C THR F 755 10.89 -24.21 34.64
N PHE F 756 10.20 -23.17 35.07
CA PHE F 756 10.04 -22.92 36.50
C PHE F 756 9.24 -24.03 37.18
N ALA F 757 8.15 -24.47 36.54
CA ALA F 757 7.33 -25.53 37.13
C ALA F 757 8.12 -26.82 37.28
N ARG F 758 8.94 -27.15 36.27
CA ARG F 758 9.79 -28.32 36.37
C ARG F 758 10.81 -28.18 37.49
N ALA F 759 11.41 -26.99 37.62
CA ALA F 759 12.37 -26.77 38.68
C ALA F 759 11.69 -26.70 40.05
N PHE F 760 10.44 -26.23 40.10
CA PHE F 760 9.72 -26.15 41.37
C PHE F 760 9.52 -27.53 41.98
N LEU F 761 9.28 -28.54 41.14
CA LEU F 761 9.04 -29.89 41.66
C LEU F 761 10.31 -30.48 42.26
N MET F 762 11.49 -30.10 41.75
CA MET F 762 12.73 -30.64 42.30
C MET F 762 12.89 -30.26 43.76
N GLN F 763 12.63 -29.00 44.10
CA GLN F 763 12.77 -28.55 45.48
C GLN F 763 11.57 -28.92 46.35
N HIS F 764 10.43 -29.26 45.74
CA HIS F 764 9.23 -29.61 46.49
C HIS F 764 9.09 -31.12 46.66
N ALA F 765 9.02 -31.86 45.56
CA ALA F 765 8.88 -33.32 45.57
C ALA F 765 9.97 -33.92 44.69
N PRO F 766 11.15 -34.18 45.24
CA PRO F 766 12.24 -34.71 44.41
C PRO F 766 11.92 -36.04 43.75
N ALA F 767 11.12 -36.88 44.40
CA ALA F 767 10.78 -38.19 43.84
C ALA F 767 9.83 -38.10 42.66
N ASN F 768 9.24 -36.94 42.40
CA ASN F 768 8.27 -36.77 41.31
C ASN F 768 9.02 -36.47 40.02
N ASP F 769 9.03 -37.44 39.11
CA ASP F 769 9.69 -37.30 37.81
C ASP F 769 8.66 -37.11 36.69
N TYR F 770 7.59 -36.38 36.99
CA TYR F 770 6.50 -36.21 36.01
C TYR F 770 6.90 -35.27 34.90
N LEU F 771 7.22 -34.02 35.23
CA LEU F 771 7.48 -33.00 34.22
C LEU F 771 8.81 -33.19 33.49
N VAL F 772 9.67 -34.08 33.97
CA VAL F 772 10.98 -34.26 33.34
C VAL F 772 10.96 -35.37 32.30
N THR F 773 10.07 -36.35 32.43
CA THR F 773 10.04 -37.49 31.53
C THR F 773 8.79 -37.60 30.69
N SER F 774 7.68 -36.98 31.08
CA SER F 774 6.43 -37.10 30.36
C SER F 774 6.25 -35.96 29.37
N HIS F 775 5.47 -36.23 28.33
CA HIS F 775 5.16 -35.25 27.29
C HIS F 775 3.80 -34.64 27.59
N ILE F 776 3.75 -33.31 27.65
CA ILE F 776 2.57 -32.58 28.08
C ILE F 776 2.04 -31.76 26.91
N HIS F 777 0.72 -31.77 26.73
CA HIS F 777 0.04 -30.92 25.77
C HIS F 777 -0.73 -29.86 26.54
N LEU F 778 -0.47 -28.59 26.23
CA LEU F 778 -1.13 -27.47 26.89
C LEU F 778 -1.97 -26.72 25.87
N HIS F 779 -3.20 -26.40 26.25
CA HIS F 779 -4.14 -25.75 25.35
C HIS F 779 -5.04 -24.80 26.13
N VAL F 780 -5.34 -23.66 25.52
CA VAL F 780 -6.29 -22.70 26.07
C VAL F 780 -7.58 -22.82 25.27
N PRO F 781 -8.67 -23.32 25.86
CA PRO F 781 -9.84 -23.71 25.06
C PRO F 781 -10.60 -22.57 24.43
N GLU F 782 -9.92 -21.76 23.62
CA GLU F 782 -10.56 -20.81 22.71
C GLU F 782 -9.78 -20.88 21.41
N GLY F 783 -10.18 -21.79 20.53
CA GLY F 783 -9.38 -22.05 19.33
C GLY F 783 -9.36 -20.87 18.37
N ALA F 784 -10.51 -20.26 18.13
CA ALA F 784 -10.59 -19.21 17.11
C ALA F 784 -9.97 -17.92 17.60
N THR F 785 -10.24 -17.53 18.84
CA THR F 785 -9.83 -16.21 19.33
C THR F 785 -8.33 -16.19 19.61
N PRO F 786 -7.58 -15.26 19.02
CA PRO F 786 -6.15 -15.16 19.35
C PRO F 786 -5.93 -14.70 20.78
N LYS F 787 -4.83 -15.16 21.37
CA LYS F 787 -4.49 -14.85 22.74
C LYS F 787 -3.02 -14.46 22.83
N ASP F 788 -2.73 -13.48 23.68
CA ASP F 788 -1.35 -13.00 23.82
C ASP F 788 -1.20 -12.38 25.20
N GLY F 789 0.04 -12.04 25.54
CA GLY F 789 0.35 -11.44 26.81
C GLY F 789 0.88 -12.44 27.81
N PRO F 790 1.75 -11.99 28.71
CA PRO F 790 2.31 -12.87 29.75
C PRO F 790 1.46 -12.99 31.00
N SER F 791 0.20 -12.55 30.97
CA SER F 791 -0.63 -12.52 32.16
C SER F 791 -0.98 -13.92 32.67
N ALA F 792 -0.81 -14.95 31.84
CA ALA F 792 -1.19 -16.31 32.19
C ALA F 792 0.00 -17.14 32.65
N GLY F 793 1.12 -16.49 32.99
CA GLY F 793 2.31 -17.24 33.37
C GLY F 793 2.10 -18.07 34.62
N CYS F 794 1.52 -17.47 35.66
CA CYS F 794 1.29 -18.20 36.90
C CYS F 794 0.19 -19.25 36.74
N THR F 795 -0.79 -18.99 35.86
CA THR F 795 -1.83 -19.99 35.60
C THR F 795 -1.25 -21.23 34.96
N ILE F 796 -0.27 -21.06 34.05
CA ILE F 796 0.36 -22.20 33.40
C ILE F 796 1.14 -23.03 34.41
N VAL F 797 1.85 -22.37 35.33
CA VAL F 797 2.61 -23.10 36.34
C VAL F 797 1.68 -23.93 37.21
N THR F 798 0.54 -23.34 37.62
CA THR F 798 -0.42 -24.08 38.43
C THR F 798 -1.00 -25.25 37.67
N ALA F 799 -1.31 -25.07 36.38
CA ALA F 799 -1.84 -26.17 35.58
C ALA F 799 -0.82 -27.29 35.45
N LEU F 800 0.45 -26.95 35.22
CA LEU F 800 1.48 -27.98 35.10
C LEU F 800 1.68 -28.72 36.42
N LEU F 801 1.65 -27.99 37.54
CA LEU F 801 1.83 -28.62 38.84
C LEU F 801 0.61 -29.44 39.23
N SER F 802 -0.59 -28.96 38.89
CA SER F 802 -1.80 -29.70 39.21
C SER F 802 -1.85 -31.03 38.48
N LEU F 803 -1.48 -31.03 37.20
CA LEU F 803 -1.44 -32.28 36.44
C LEU F 803 -0.37 -33.22 36.97
N ALA F 804 0.80 -32.68 37.34
CA ALA F 804 1.89 -33.52 37.80
C ALA F 804 1.54 -34.22 39.11
N MET F 805 0.93 -33.50 40.04
CA MET F 805 0.56 -34.07 41.33
C MET F 805 -0.80 -34.74 41.32
N GLY F 806 -1.58 -34.57 40.25
CA GLY F 806 -2.91 -35.16 40.19
C GLY F 806 -3.89 -34.59 41.19
N ARG F 807 -3.65 -33.37 41.67
CA ARG F 807 -4.49 -32.73 42.67
C ARG F 807 -5.20 -31.54 42.04
N PRO F 808 -6.54 -31.53 42.01
CA PRO F 808 -7.25 -30.37 41.46
C PRO F 808 -7.04 -29.12 42.30
N VAL F 809 -7.09 -27.97 41.63
CA VAL F 809 -6.95 -26.68 42.30
C VAL F 809 -8.26 -26.33 42.97
N ARG F 810 -8.21 -25.31 43.85
CA ARG F 810 -9.41 -24.83 44.53
C ARG F 810 -10.47 -24.45 43.50
N GLN F 811 -11.71 -24.86 43.77
CA GLN F 811 -12.75 -24.87 42.75
C GLN F 811 -13.27 -23.48 42.39
N ASN F 812 -12.94 -22.46 43.16
CA ASN F 812 -13.38 -21.10 42.88
C ASN F 812 -12.21 -20.13 42.98
N LEU F 813 -11.08 -20.51 42.38
CA LEU F 813 -9.86 -19.72 42.42
C LEU F 813 -9.48 -19.28 41.01
N ALA F 814 -9.27 -17.97 40.84
CA ALA F 814 -8.76 -17.41 39.61
C ALA F 814 -7.49 -16.63 39.92
N MET F 815 -6.46 -16.81 39.09
CA MET F 815 -5.17 -16.20 39.34
C MET F 815 -4.66 -15.52 38.08
N THR F 816 -3.88 -14.46 38.29
CA THR F 816 -3.25 -13.72 37.20
C THR F 816 -1.88 -13.25 37.66
N GLY F 817 -0.96 -13.11 36.72
CA GLY F 817 0.37 -12.65 37.04
C GLY F 817 1.45 -13.24 36.17
N GLU F 818 2.35 -12.40 35.68
CA GLU F 818 3.47 -12.88 34.89
C GLU F 818 4.55 -13.44 35.81
N VAL F 819 5.05 -14.62 35.48
CA VAL F 819 6.05 -15.30 36.28
C VAL F 819 7.40 -15.15 35.59
N SER F 820 8.46 -15.09 36.40
CA SER F 820 9.82 -15.04 35.90
C SER F 820 10.47 -16.42 36.01
N LEU F 821 11.72 -16.51 35.56
CA LEU F 821 12.42 -17.79 35.60
C LEU F 821 12.64 -18.26 37.04
N THR F 822 13.00 -17.33 37.94
CA THR F 822 13.19 -17.69 39.33
C THR F 822 11.87 -18.06 40.01
N GLY F 823 10.79 -17.39 39.62
CA GLY F 823 9.49 -17.66 40.21
C GLY F 823 8.87 -16.46 40.88
N LYS F 824 9.25 -15.26 40.44
CA LYS F 824 8.74 -14.02 41.00
C LYS F 824 7.57 -13.53 40.16
N ILE F 825 6.49 -13.16 40.83
CA ILE F 825 5.29 -12.68 40.15
C ILE F 825 5.45 -11.19 39.86
N LEU F 826 5.23 -10.81 38.59
CA LEU F 826 5.39 -9.45 38.14
C LEU F 826 4.03 -8.80 37.88
N PRO F 827 3.93 -7.48 37.97
CA PRO F 827 2.63 -6.82 37.81
C PRO F 827 2.04 -7.02 36.42
N VAL F 828 0.71 -7.03 36.37
CA VAL F 828 -0.04 -7.21 35.13
C VAL F 828 -1.08 -6.11 35.03
N GLY F 829 -1.21 -5.51 33.85
CA GLY F 829 -2.19 -4.48 33.61
C GLY F 829 -3.58 -5.03 33.38
N GLY F 830 -4.53 -4.12 33.22
CA GLY F 830 -5.92 -4.50 33.01
C GLY F 830 -6.55 -5.20 34.19
N ILE F 831 -6.29 -4.72 35.40
CA ILE F 831 -6.82 -5.37 36.60
C ILE F 831 -8.33 -5.18 36.68
N LYS F 832 -8.83 -4.00 36.29
CA LYS F 832 -10.25 -3.72 36.41
C LYS F 832 -11.09 -4.68 35.58
N GLU F 833 -10.67 -4.97 34.35
CA GLU F 833 -11.43 -5.88 33.50
C GLU F 833 -11.31 -7.32 34.00
N LYS F 834 -10.15 -7.69 34.52
CA LYS F 834 -9.96 -9.07 34.96
C LYS F 834 -10.77 -9.38 36.22
N THR F 835 -10.89 -8.40 37.13
CA THR F 835 -11.56 -8.68 38.40
C THR F 835 -13.08 -8.72 38.26
N ILE F 836 -13.65 -7.93 37.35
CA ILE F 836 -15.11 -7.97 37.16
C ILE F 836 -15.51 -9.29 36.52
N ALA F 837 -14.69 -9.82 35.61
CA ALA F 837 -14.97 -11.13 35.03
C ALA F 837 -14.93 -12.22 36.09
N ALA F 838 -14.06 -12.07 37.10
CA ALA F 838 -14.04 -13.02 38.20
C ALA F 838 -15.36 -13.01 38.96
N LYS F 839 -15.92 -11.82 39.20
CA LYS F 839 -17.22 -11.74 39.85
C LYS F 839 -18.31 -12.37 38.99
N ARG F 840 -18.27 -12.14 37.68
CA ARG F 840 -19.24 -12.75 36.78
C ARG F 840 -19.12 -14.27 36.80
N ALA F 841 -17.89 -14.79 36.82
CA ALA F 841 -17.67 -16.22 36.90
C ALA F 841 -18.01 -16.79 38.27
N GLY F 842 -18.28 -15.94 39.25
CA GLY F 842 -18.66 -16.41 40.58
C GLY F 842 -17.56 -17.12 41.34
N VAL F 843 -16.36 -16.59 41.32
CA VAL F 843 -15.25 -17.14 42.10
C VAL F 843 -15.07 -16.28 43.35
N THR F 844 -14.66 -16.93 44.44
CA THR F 844 -14.53 -16.25 45.72
C THR F 844 -13.15 -15.64 45.93
N CYS F 845 -12.09 -16.39 45.67
CA CYS F 845 -10.73 -15.94 45.92
C CYS F 845 -10.02 -15.65 44.59
N ILE F 846 -9.35 -14.50 44.54
CA ILE F 846 -8.60 -14.08 43.36
C ILE F 846 -7.17 -13.79 43.78
N VAL F 847 -6.21 -14.32 43.04
CA VAL F 847 -4.79 -14.17 43.32
C VAL F 847 -4.19 -13.19 42.32
N LEU F 848 -3.55 -12.15 42.83
CA LEU F 848 -2.96 -11.10 42.03
C LEU F 848 -1.54 -10.82 42.51
N PRO F 849 -0.68 -10.29 41.65
CA PRO F 849 0.66 -9.88 42.10
C PRO F 849 0.58 -8.78 43.14
N ALA F 850 1.56 -8.78 44.05
CA ALA F 850 1.58 -7.76 45.10
C ALA F 850 1.77 -6.36 44.53
N GLU F 851 2.42 -6.25 43.37
CA GLU F 851 2.61 -4.95 42.74
C GLU F 851 1.31 -4.39 42.18
N ASN F 852 0.24 -5.19 42.11
CA ASN F 852 -1.05 -4.74 41.62
C ASN F 852 -1.99 -4.36 42.76
N LYS F 853 -1.46 -4.16 43.96
CA LYS F 853 -2.31 -3.79 45.10
C LYS F 853 -2.97 -2.45 44.88
N LYS F 854 -2.25 -1.48 44.31
CA LYS F 854 -2.83 -0.18 44.05
C LYS F 854 -3.99 -0.26 43.07
N ASP F 855 -3.83 -1.05 42.01
CA ASP F 855 -4.88 -1.17 41.00
C ASP F 855 -6.14 -1.82 41.58
N PHE F 856 -5.97 -2.86 42.40
CA PHE F 856 -7.13 -3.55 42.95
C PHE F 856 -7.91 -2.66 43.91
N TYR F 857 -7.21 -1.88 44.73
CA TYR F 857 -7.87 -0.99 45.67
C TYR F 857 -8.29 0.33 45.04
N ASP F 858 -7.99 0.53 43.76
CA ASP F 858 -8.49 1.68 43.00
C ASP F 858 -9.85 1.40 42.38
N LEU F 859 -10.59 0.44 42.92
CA LEU F 859 -11.88 0.02 42.39
C LEU F 859 -12.97 0.29 43.42
N ALA F 860 -14.21 0.31 42.95
CA ALA F 860 -15.34 0.59 43.81
C ALA F 860 -15.56 -0.56 44.80
N ALA F 861 -16.30 -0.24 45.87
CA ALA F 861 -16.51 -1.21 46.94
C ALA F 861 -17.32 -2.41 46.45
N PHE F 862 -18.37 -2.17 45.68
CA PHE F 862 -19.22 -3.27 45.22
C PHE F 862 -18.52 -4.18 44.21
N ILE F 863 -17.53 -3.66 43.47
CA ILE F 863 -16.81 -4.50 42.52
C ILE F 863 -15.99 -5.56 43.27
N THR F 864 -15.29 -5.15 44.32
CA THR F 864 -14.43 -6.04 45.10
C THR F 864 -15.03 -6.36 46.46
N GLU F 865 -16.36 -6.53 46.50
CA GLU F 865 -17.04 -6.75 47.77
C GLU F 865 -16.80 -8.17 48.28
N GLY F 866 -17.23 -9.17 47.52
CA GLY F 866 -17.17 -10.56 47.94
C GLY F 866 -15.90 -11.30 47.61
N LEU F 867 -14.87 -10.62 47.12
CA LEU F 867 -13.63 -11.27 46.70
C LEU F 867 -12.61 -11.22 47.83
N GLU F 868 -12.07 -12.39 48.18
CA GLU F 868 -10.99 -12.47 49.15
C GLU F 868 -9.66 -12.46 48.38
N VAL F 869 -9.24 -11.25 48.03
CA VAL F 869 -8.05 -11.09 47.19
C VAL F 869 -6.81 -11.53 47.94
N HIS F 870 -5.86 -12.13 47.21
CA HIS F 870 -4.57 -12.51 47.75
C HIS F 870 -3.48 -11.84 46.92
N PHE F 871 -2.58 -11.13 47.59
CA PHE F 871 -1.47 -10.46 46.93
C PHE F 871 -0.18 -11.21 47.22
N VAL F 872 0.55 -11.55 46.16
CA VAL F 872 1.72 -12.41 46.26
C VAL F 872 2.91 -11.75 45.59
N GLU F 873 4.10 -12.08 46.08
CA GLU F 873 5.35 -11.64 45.48
C GLU F 873 6.11 -12.77 44.78
N HIS F 874 6.01 -13.98 45.30
CA HIS F 874 6.65 -15.15 44.72
C HIS F 874 5.61 -16.25 44.56
N TYR F 875 5.87 -17.16 43.61
CA TYR F 875 4.90 -18.21 43.32
C TYR F 875 4.70 -19.16 44.50
N ARG F 876 5.67 -19.24 45.42
CA ARG F 876 5.52 -20.12 46.57
C ARG F 876 4.30 -19.77 47.40
N GLU F 877 3.92 -18.48 47.42
CA GLU F 877 2.68 -18.09 48.09
C GLU F 877 1.46 -18.59 47.33
N ILE F 878 1.51 -18.56 46.00
CA ILE F 878 0.39 -19.03 45.20
C ILE F 878 0.18 -20.53 45.38
N PHE F 879 1.27 -21.29 45.48
CA PHE F 879 1.16 -22.74 45.62
C PHE F 879 0.42 -23.12 46.88
N ASP F 880 0.70 -22.43 47.99
CA ASP F 880 0.00 -22.71 49.23
C ASP F 880 -1.48 -22.38 49.12
N ILE F 881 -1.81 -21.27 48.47
CA ILE F 881 -3.21 -20.87 48.31
C ILE F 881 -3.95 -21.88 47.43
N ALA F 882 -3.34 -22.28 46.32
CA ALA F 882 -4.00 -23.19 45.40
C ALA F 882 -4.08 -24.61 45.95
N PHE F 883 -3.16 -24.99 46.84
CA PHE F 883 -3.13 -26.33 47.43
C PHE F 883 -3.04 -26.18 48.94
N PRO F 884 -4.16 -25.89 49.60
CA PRO F 884 -4.12 -25.67 51.06
C PRO F 884 -3.62 -26.88 51.84
N ASP F 885 -3.94 -28.09 51.39
CA ASP F 885 -3.52 -29.30 52.11
C ASP F 885 -2.04 -29.56 51.91
N UNK G 1 -23.12 36.39 -13.26
CA UNK G 1 -22.15 35.43 -12.75
C UNK G 1 -22.50 34.01 -13.20
N UNK G 2 -21.48 33.24 -13.56
CA UNK G 2 -21.66 31.86 -14.00
C UNK G 2 -20.62 30.98 -13.33
N UNK G 3 -20.94 29.70 -13.20
CA UNK G 3 -20.10 28.72 -12.52
C UNK G 3 -19.51 27.77 -13.55
N UNK G 4 -18.20 27.55 -13.47
CA UNK G 4 -17.48 26.64 -14.36
C UNK G 4 -16.83 25.54 -13.52
N UNK G 5 -17.06 24.29 -13.90
CA UNK G 5 -16.48 23.17 -13.18
C UNK G 5 -14.99 23.06 -13.44
N UNK G 6 -14.25 22.66 -12.42
CA UNK G 6 -12.80 22.53 -12.49
C UNK G 6 -12.39 21.17 -11.94
N UNK G 7 -11.56 20.45 -12.69
CA UNK G 7 -11.07 19.16 -12.26
C UNK G 7 -9.87 19.31 -11.34
N UNK G 8 -9.47 18.21 -10.70
CA UNK G 8 -8.34 18.22 -9.79
C UNK G 8 -7.69 16.84 -9.79
N UNK G 9 -6.42 16.82 -9.39
CA UNK G 9 -5.64 15.58 -9.24
C UNK G 9 -4.96 15.63 -7.88
N UNK G 10 -5.65 15.17 -6.85
CA UNK G 10 -5.17 15.20 -5.48
C UNK G 10 -4.85 13.80 -5.01
N UNK G 11 -3.66 13.61 -4.45
CA UNK G 11 -3.20 12.33 -3.93
C UNK G 11 -3.29 11.22 -4.99
PG ATP H . -28.72 -4.81 -4.84
O1G ATP H . -27.90 -5.36 -5.95
O2G ATP H . -29.21 -3.43 -5.12
O3G ATP H . -28.02 -4.92 -3.53
PB ATP H . -31.36 -5.61 -3.94
O1B ATP H . -31.24 -6.44 -2.72
O2B ATP H . -31.64 -4.17 -3.83
O3B ATP H . -30.01 -5.74 -4.76
PA ATP H . -33.73 -5.74 -5.62
O1A ATP H . -33.42 -4.42 -6.23
O2A ATP H . -34.90 -5.83 -4.72
O3A ATP H . -32.44 -6.29 -4.88
O5' ATP H . -33.91 -6.81 -6.79
C5' ATP H . -34.29 -8.15 -6.43
C4' ATP H . -35.31 -8.64 -7.43
O4' ATP H . -35.93 -9.83 -6.90
C3' ATP H . -36.49 -7.71 -7.67
O3' ATP H . -37.24 -8.14 -8.79
C2' ATP H . -37.32 -8.02 -6.43
O2' ATP H . -38.65 -7.57 -6.55
C1' ATP H . -37.21 -9.53 -6.39
N9 ATP H . -37.28 -10.02 -5.05
C8 ATP H . -36.28 -10.03 -4.14
N7 ATP H . -36.64 -10.54 -2.98
C5 ATP H . -37.97 -10.89 -3.17
C6 ATP H . -38.91 -11.48 -2.32
N6 ATP H . -38.66 -11.82 -1.07
N1 ATP H . -40.15 -11.69 -2.83
C2 ATP H . -40.39 -11.34 -4.09
N3 ATP H . -39.58 -10.78 -4.98
C4 ATP H . -38.37 -10.58 -4.44
MG MG I . -30.88 -2.58 -4.79
PG ATP J . -10.34 -8.30 -26.50
O1G ATP J . -10.82 -9.08 -25.32
O2G ATP J . -11.07 -6.99 -26.65
O3G ATP J . -8.86 -8.15 -26.51
PB ATP J . -12.07 -9.59 -28.46
O1B ATP J . -12.46 -10.90 -27.92
O2B ATP J . -12.98 -8.45 -28.33
O3B ATP J . -10.70 -9.16 -27.80
PA ATP J . -12.34 -9.16 -31.30
O1A ATP J . -11.91 -7.75 -31.47
O2A ATP J . -13.79 -9.40 -31.25
O3A ATP J . -11.70 -9.78 -29.99
O5' ATP J . -11.70 -10.06 -32.43
C5' ATP J . -10.53 -9.62 -33.14
C4' ATP J . -10.60 -10.10 -34.57
O4' ATP J . -10.90 -11.52 -34.56
C3' ATP J . -11.69 -9.45 -35.44
O3' ATP J . -11.19 -9.22 -36.74
C2' ATP J . -12.77 -10.54 -35.52
O2' ATP J . -13.57 -10.46 -36.66
C1' ATP J . -11.91 -11.79 -35.50
N9 ATP J . -12.62 -12.96 -35.05
C8 ATP J . -12.72 -13.41 -33.77
N7 ATP J . -13.46 -14.48 -33.67
C5 ATP J . -13.89 -14.74 -34.95
C6 ATP J . -14.71 -15.74 -35.50
N6 ATP J . -15.27 -16.70 -34.79
N1 ATP J . -14.93 -15.68 -36.83
C2 ATP J . -14.37 -14.70 -37.54
N3 ATP J . -13.58 -13.72 -37.14
C4 ATP J . -13.38 -13.79 -35.82
MG MG K . -12.55 -6.59 -27.70
PG ATP L . 16.45 2.30 -24.39
O1G ATP L . 17.36 2.46 -23.22
O2G ATP L . 15.42 3.42 -24.53
O3G ATP L . 15.72 0.94 -24.41
PB ATP L . 17.15 1.82 -27.26
O1B ATP L . 17.26 0.36 -27.36
O2B ATP L . 15.87 2.44 -27.83
O3B ATP L . 17.27 2.32 -25.76
PA ATP L . 18.60 3.91 -28.76
O1A ATP L . 18.49 5.10 -27.88
O2A ATP L . 17.64 3.90 -29.93
O3A ATP L . 18.37 2.57 -27.95
O5' ATP L . 20.07 3.75 -29.32
C5' ATP L . 21.22 4.12 -28.53
C4' ATP L . 22.33 4.58 -29.45
O4' ATP L . 22.88 3.45 -30.14
C3' ATP L . 21.92 5.60 -30.51
O3' ATP L . 22.89 6.63 -30.63
C2' ATP L . 21.83 4.75 -31.79
O2' ATP L . 22.12 5.51 -32.95
C1' ATP L . 22.92 3.72 -31.53
N9 ATP L . 22.72 2.46 -32.24
C8 ATP L . 22.08 1.34 -31.78
N7 ATP L . 22.05 0.35 -32.64
C5 ATP L . 22.72 0.85 -33.75
C6 ATP L . 23.03 0.29 -35.00
N6 ATP L . 22.69 -0.94 -35.37
N1 ATP L . 23.71 1.07 -35.87
C2 ATP L . 24.05 2.31 -35.52
N3 ATP L . 23.81 2.94 -34.37
C4 ATP L . 23.14 2.15 -33.51
MG MG M . 15.05 3.68 -26.31
PB ADP N . 28.10 15.65 -0.49
O1B ADP N . 26.63 15.65 -0.12
O2B ADP N . 28.85 14.40 -0.07
O3B ADP N . 28.38 16.09 -1.90
PA ADP N . 30.24 17.32 0.12
O1A ADP N . 30.20 18.35 -0.97
O2A ADP N . 31.10 16.09 -0.05
O3A ADP N . 28.73 16.81 0.42
O5' ADP N . 30.69 18.03 1.49
C5' ADP N . 32.04 17.90 1.92
C4' ADP N . 32.59 19.25 2.36
O4' ADP N . 34.00 19.14 2.51
C3' ADP N . 32.31 20.33 1.32
O3' ADP N . 31.60 21.41 1.91
C2' ADP N . 33.66 20.79 0.83
O2' ADP N . 33.77 22.20 1.00
C1' ADP N . 34.69 20.08 1.69
N9 ADP N . 35.64 19.33 0.81
C8 ADP N . 35.54 18.03 0.50
N7 ADP N . 36.55 17.65 -0.30
C5 ADP N . 37.32 18.72 -0.53
C6 ADP N . 38.56 19.00 -1.30
N6 ADP N . 39.18 18.03 -2.01
N1 ADP N . 39.04 20.26 -1.27
C2 ADP N . 38.43 21.23 -0.56
N3 ADP N . 37.31 21.05 0.16
C4 ADP N . 36.72 19.83 0.21
PB ADP O . 10.11 17.20 26.24
O1B ADP O . 10.06 18.25 25.16
O2B ADP O . 11.45 17.10 26.95
O3B ADP O . 9.53 15.86 25.86
PA ADP O . 9.25 19.26 27.93
O1A ADP O . 8.39 20.18 27.10
O2A ADP O . 10.72 19.58 28.07
O3A ADP O . 9.12 17.75 27.38
O5' ADP O . 8.64 19.17 29.41
C5' ADP O . 9.50 19.31 30.54
C4' ADP O . 8.85 20.18 31.59
O4' ADP O . 9.60 20.04 32.81
C3' ADP O . 8.88 21.63 31.19
O3' ADP O . 7.57 22.19 31.24
C2' ADP O . 9.77 22.33 32.20
O2' ADP O . 9.06 23.43 32.79
C1' ADP O . 10.11 21.29 33.26
N9 ADP O . 11.58 21.18 33.39
C8 ADP O . 12.30 20.13 32.97
N7 ADP O . 13.62 20.31 33.23
C5 ADP O . 13.75 21.50 33.84
C6 ADP O . 14.88 22.30 34.38
N6 ADP O . 16.15 21.84 34.31
N1 ADP O . 14.58 23.49 34.93
C2 ADP O . 13.32 23.95 34.99
N3 ADP O . 12.25 23.28 34.51
C4 ADP O . 12.40 22.07 33.94
PG ATP P . -19.75 9.60 21.02
O1G ATP P . -18.50 8.79 21.18
O2G ATP P . -19.51 11.06 20.67
O3G ATP P . -20.74 9.00 19.99
PB ATP P . -20.54 10.34 23.80
O1B ATP P . -19.39 9.93 24.61
O2B ATP P . -20.67 11.85 23.55
O3B ATP P . -20.57 9.62 22.38
PA ATP P . -23.28 10.53 24.91
O1A ATP P . -24.14 10.84 23.76
O2A ATP P . -22.91 11.72 25.79
O3A ATP P . -21.92 9.86 24.45
O5' ATP P . -23.92 9.41 25.83
C5' ATP P . -25.08 8.67 25.41
C4' ATP P . -26.21 8.94 26.38
O4' ATP P . -26.16 7.98 27.45
C3' ATP P . -26.15 10.30 27.07
O3' ATP P . -26.76 11.31 26.26
C2' ATP P . -26.96 10.05 28.35
O2' ATP P . -28.35 10.20 28.14
C1' ATP P . -26.62 8.57 28.65
N9 ATP P . -25.59 8.40 29.68
C8 ATP P . -24.31 7.96 29.50
N7 ATP P . -23.60 7.90 30.59
C5 ATP P . -24.48 8.34 31.58
C6 ATP P . -24.35 8.51 32.96
N6 ATP P . -23.23 8.25 33.64
N1 ATP P . -25.42 8.97 33.65
C2 ATP P . -26.55 9.23 32.98
N3 ATP P . -26.79 9.10 31.67
C4 ATP P . -25.71 8.65 31.03
MG MG Q . -20.80 12.85 21.30
#